data_2L29
#
_entry.id   2L29
#
loop_
_entity.id
_entity.type
_entity.pdbx_description
1 polymer 'Insulin-like growth factor 2 receptor variant'
2 polymer 'Insulin-like growth factor II'
#
loop_
_entity_poly.entity_id
_entity_poly.type
_entity_poly.pdbx_seq_one_letter_code
_entity_poly.pdbx_strand_id
1 'polypeptide(L)'
;MKSNEHDDCQVTNPSTGHLFDLSSLSGRAGFTAAYSKSGVVYMSICGENENCPPGVGACFGQTRISVGKANKRLRYVDQV
LQLVYKDGSPCPSKSGLSYKSVISFVCRPEAGPTNRPMLISLDKQTCTLFFSWHTPLACEPE
;
A
2 'polypeptide(L)' AYRPSETLCGGELVDTLQFVCGDRGFYFSRPASRVSRRSRGIVEECCFRSCDLALLETYCATPAKSE B
#
# COMPACT_ATOMS: atom_id res chain seq x y z
N MET A 1 -11.42 -33.30 -3.89
CA MET A 1 -10.74 -32.41 -4.84
C MET A 1 -9.39 -32.06 -4.27
N LYS A 2 -8.46 -31.79 -5.16
CA LYS A 2 -7.10 -31.54 -4.80
C LYS A 2 -6.91 -30.15 -4.21
N SER A 3 -6.59 -30.09 -2.91
CA SER A 3 -6.27 -28.88 -2.18
C SER A 3 -7.49 -27.97 -1.93
N ASN A 4 -7.67 -27.54 -0.68
CA ASN A 4 -8.73 -26.62 -0.30
C ASN A 4 -8.33 -25.19 -0.70
N GLU A 5 -7.08 -25.05 -1.05
CA GLU A 5 -6.51 -23.82 -1.53
C GLU A 5 -6.61 -23.80 -3.02
N HIS A 6 -6.77 -22.63 -3.56
CA HIS A 6 -7.01 -22.42 -4.96
C HIS A 6 -6.55 -21.03 -5.23
N ASP A 7 -5.96 -20.81 -6.35
CA ASP A 7 -5.48 -19.49 -6.73
C ASP A 7 -6.64 -18.76 -7.44
N ASP A 8 -7.82 -18.84 -6.82
CA ASP A 8 -9.04 -18.22 -7.35
C ASP A 8 -9.77 -17.44 -6.26
N CYS A 9 -9.04 -17.01 -5.23
CA CYS A 9 -9.62 -16.31 -4.07
C CYS A 9 -10.76 -17.06 -3.38
N GLN A 10 -10.65 -18.36 -3.34
CA GLN A 10 -11.64 -19.14 -2.66
C GLN A 10 -10.99 -20.31 -1.97
N VAL A 11 -11.29 -20.46 -0.71
CA VAL A 11 -10.68 -21.46 0.12
C VAL A 11 -11.70 -22.11 1.01
N THR A 12 -11.59 -23.38 1.13
CA THR A 12 -12.48 -24.10 1.96
C THR A 12 -11.82 -24.37 3.31
N ASN A 13 -12.57 -24.19 4.37
CA ASN A 13 -12.14 -24.46 5.70
C ASN A 13 -12.17 -25.97 5.92
N PRO A 14 -11.03 -26.61 6.20
CA PRO A 14 -10.96 -28.07 6.39
C PRO A 14 -11.64 -28.56 7.68
N SER A 15 -11.94 -27.64 8.58
CA SER A 15 -12.54 -27.99 9.84
C SER A 15 -14.07 -28.19 9.75
N THR A 16 -14.74 -27.38 8.93
CA THR A 16 -16.19 -27.47 8.87
C THR A 16 -16.72 -27.41 7.42
N GLY A 17 -15.81 -27.36 6.46
CA GLY A 17 -16.21 -27.36 5.06
C GLY A 17 -16.83 -26.04 4.65
N HIS A 18 -16.43 -24.97 5.29
CA HIS A 18 -16.96 -23.67 4.94
C HIS A 18 -16.17 -23.10 3.79
N LEU A 19 -16.82 -22.85 2.72
CA LEU A 19 -16.22 -22.35 1.53
C LEU A 19 -16.17 -20.81 1.61
N PHE A 20 -14.99 -20.26 1.70
CA PHE A 20 -14.83 -18.83 1.69
C PHE A 20 -14.59 -18.35 0.28
N ASP A 21 -15.52 -17.60 -0.23
CA ASP A 21 -15.38 -17.01 -1.54
C ASP A 21 -15.21 -15.53 -1.38
N LEU A 22 -14.07 -15.04 -1.78
CA LEU A 22 -13.78 -13.66 -1.64
C LEU A 22 -14.07 -12.93 -2.93
N SER A 23 -14.53 -13.68 -3.92
CA SER A 23 -14.86 -13.11 -5.24
C SER A 23 -16.12 -12.24 -5.12
N SER A 24 -16.84 -12.48 -4.05
CA SER A 24 -18.00 -11.71 -3.71
C SER A 24 -17.58 -10.27 -3.30
N LEU A 25 -16.31 -10.08 -2.96
CA LEU A 25 -15.79 -8.79 -2.58
C LEU A 25 -14.97 -8.17 -3.72
N SER A 26 -14.76 -8.95 -4.78
CA SER A 26 -14.00 -8.51 -5.94
C SER A 26 -14.66 -7.30 -6.60
N GLY A 27 -13.91 -6.62 -7.41
CA GLY A 27 -14.44 -5.48 -8.10
C GLY A 27 -13.36 -4.72 -8.79
N ARG A 28 -13.72 -4.06 -9.87
CA ARG A 28 -12.79 -3.28 -10.66
C ARG A 28 -12.66 -1.85 -10.12
N ALA A 29 -13.73 -1.34 -9.54
CA ALA A 29 -13.68 -0.03 -8.95
C ALA A 29 -12.99 -0.12 -7.61
N GLY A 30 -13.24 -1.23 -6.95
CA GLY A 30 -12.57 -1.54 -5.74
C GLY A 30 -13.17 -0.84 -4.57
N PHE A 31 -12.32 -0.40 -3.71
CA PHE A 31 -12.67 0.29 -2.50
C PHE A 31 -11.64 1.36 -2.31
N THR A 32 -12.03 2.50 -1.83
CA THR A 32 -11.13 3.57 -1.61
C THR A 32 -10.93 3.74 -0.10
N ALA A 33 -9.70 3.82 0.31
CA ALA A 33 -9.37 3.99 1.72
C ALA A 33 -8.48 5.19 1.87
N ALA A 34 -8.62 5.88 2.97
CA ALA A 34 -7.86 7.08 3.22
C ALA A 34 -6.56 6.74 3.94
N TYR A 35 -5.47 7.22 3.40
CA TYR A 35 -4.18 6.96 4.00
C TYR A 35 -3.63 8.28 4.49
N SER A 36 -2.77 8.89 3.71
CA SER A 36 -2.19 10.15 4.03
C SER A 36 -3.29 11.22 3.91
N LYS A 37 -3.14 12.37 4.54
CA LYS A 37 -4.18 13.41 4.49
C LYS A 37 -4.67 13.72 3.07
N SER A 38 -3.74 13.83 2.14
CA SER A 38 -4.06 14.16 0.80
C SER A 38 -3.94 12.93 -0.12
N GLY A 39 -4.15 11.74 0.41
CA GLY A 39 -4.00 10.56 -0.41
C GLY A 39 -4.99 9.47 -0.09
N VAL A 40 -5.34 8.70 -1.11
CA VAL A 40 -6.24 7.57 -0.97
C VAL A 40 -5.61 6.39 -1.65
N VAL A 41 -5.94 5.23 -1.19
CA VAL A 41 -5.41 4.04 -1.78
C VAL A 41 -6.53 3.33 -2.54
N TYR A 42 -6.20 2.90 -3.73
CA TYR A 42 -7.08 2.15 -4.55
C TYR A 42 -6.79 0.71 -4.31
N MET A 43 -7.81 -0.04 -4.13
CA MET A 43 -7.64 -1.45 -3.89
C MET A 43 -8.81 -2.20 -4.46
N SER A 44 -8.50 -3.16 -5.24
CA SER A 44 -9.47 -4.02 -5.82
C SER A 44 -9.23 -5.45 -5.36
N ILE A 45 -10.28 -6.13 -4.97
CA ILE A 45 -10.16 -7.48 -4.46
C ILE A 45 -10.09 -8.46 -5.62
N CYS A 46 -8.96 -9.16 -5.74
CA CYS A 46 -8.73 -10.24 -6.71
C CYS A 46 -8.79 -9.79 -8.17
N GLY A 47 -8.80 -8.52 -8.37
CA GLY A 47 -8.89 -7.95 -9.67
C GLY A 47 -8.11 -6.70 -9.71
N GLU A 48 -8.04 -6.09 -10.86
CA GLU A 48 -7.27 -4.88 -11.00
C GLU A 48 -8.16 -3.67 -10.95
N ASN A 49 -7.64 -2.62 -10.37
CA ASN A 49 -8.35 -1.41 -10.17
C ASN A 49 -8.12 -0.52 -11.39
N GLU A 50 -9.17 0.05 -11.96
CA GLU A 50 -9.02 0.83 -13.18
C GLU A 50 -8.56 2.26 -12.94
N ASN A 51 -8.40 2.66 -11.70
CA ASN A 51 -7.98 4.03 -11.40
C ASN A 51 -6.48 4.16 -11.47
N CYS A 52 -5.81 3.06 -11.64
CA CYS A 52 -4.38 3.04 -11.69
C CYS A 52 -3.98 2.11 -12.85
N PRO A 53 -2.77 2.32 -13.46
CA PRO A 53 -2.20 1.46 -14.54
C PRO A 53 -2.64 -0.03 -14.51
N PRO A 54 -3.00 -0.57 -15.70
CA PRO A 54 -3.49 -1.95 -15.89
C PRO A 54 -2.63 -3.03 -15.19
N GLY A 55 -3.29 -3.84 -14.39
CA GLY A 55 -2.62 -4.90 -13.66
C GLY A 55 -2.46 -4.59 -12.19
N VAL A 56 -2.73 -3.37 -11.83
CA VAL A 56 -2.59 -2.92 -10.48
C VAL A 56 -3.77 -3.30 -9.60
N GLY A 57 -3.48 -3.98 -8.51
CA GLY A 57 -4.49 -4.35 -7.54
C GLY A 57 -4.55 -3.37 -6.39
N ALA A 58 -3.40 -2.82 -6.02
CA ALA A 58 -3.31 -1.83 -4.97
C ALA A 58 -2.42 -0.69 -5.43
N CYS A 59 -2.86 0.52 -5.22
CA CYS A 59 -2.15 1.70 -5.72
C CYS A 59 -2.57 2.94 -4.93
N PHE A 60 -1.62 3.79 -4.57
CA PHE A 60 -1.98 5.06 -3.95
C PHE A 60 -2.29 6.07 -5.06
N GLY A 61 -3.34 6.86 -4.90
CA GLY A 61 -3.83 7.66 -5.99
C GLY A 61 -3.24 9.03 -6.15
N GLN A 62 -2.16 9.35 -5.47
CA GLN A 62 -1.57 10.64 -5.69
C GLN A 62 -0.81 10.65 -7.01
N THR A 63 0.31 9.95 -7.08
CA THR A 63 1.04 9.86 -8.35
C THR A 63 0.78 8.53 -9.10
N ARG A 64 0.02 7.64 -8.46
CA ARG A 64 -0.31 6.29 -8.97
C ARG A 64 0.85 5.32 -8.90
N ILE A 65 1.33 5.14 -7.68
CA ILE A 65 2.39 4.21 -7.36
C ILE A 65 1.75 2.87 -7.01
N SER A 66 2.25 1.81 -7.59
CA SER A 66 1.69 0.49 -7.42
C SER A 66 2.25 -0.18 -6.19
N VAL A 67 1.40 -0.71 -5.36
CA VAL A 67 1.86 -1.38 -4.18
C VAL A 67 1.47 -2.85 -4.19
N GLY A 68 1.09 -3.32 -5.37
CA GLY A 68 0.77 -4.71 -5.54
C GLY A 68 0.06 -4.97 -6.84
N LYS A 69 0.54 -5.94 -7.59
CA LYS A 69 -0.10 -6.33 -8.82
C LYS A 69 -1.29 -7.20 -8.46
N ALA A 70 -2.35 -7.09 -9.23
CA ALA A 70 -3.62 -7.77 -9.00
C ALA A 70 -3.51 -9.27 -9.15
N ASN A 71 -3.00 -9.89 -8.13
CA ASN A 71 -2.88 -11.33 -8.07
C ASN A 71 -4.06 -11.87 -7.34
N LYS A 72 -4.09 -13.14 -7.04
CA LYS A 72 -5.23 -13.68 -6.34
C LYS A 72 -4.81 -14.85 -5.48
N ARG A 73 -3.72 -14.65 -4.74
CA ARG A 73 -3.17 -15.69 -3.96
C ARG A 73 -3.71 -15.60 -2.57
N LEU A 74 -4.85 -16.18 -2.40
CA LEU A 74 -5.51 -16.18 -1.13
C LEU A 74 -5.13 -17.41 -0.36
N ARG A 75 -4.75 -17.22 0.86
CA ARG A 75 -4.37 -18.30 1.74
C ARG A 75 -5.18 -18.24 3.03
N TYR A 76 -5.58 -19.38 3.54
CA TYR A 76 -6.36 -19.46 4.76
C TYR A 76 -5.45 -19.89 5.89
N VAL A 77 -5.11 -18.97 6.71
CA VAL A 77 -4.16 -19.22 7.78
C VAL A 77 -4.74 -18.88 9.16
N ASP A 78 -5.35 -19.88 9.78
CA ASP A 78 -5.89 -19.78 11.16
C ASP A 78 -6.92 -18.65 11.28
N GLN A 79 -8.04 -18.86 10.58
CA GLN A 79 -9.26 -17.99 10.50
C GLN A 79 -8.98 -16.72 9.72
N VAL A 80 -7.76 -16.57 9.33
CA VAL A 80 -7.33 -15.43 8.62
C VAL A 80 -7.30 -15.69 7.12
N LEU A 81 -8.06 -14.89 6.40
CA LEU A 81 -8.07 -14.97 4.96
C LEU A 81 -7.03 -13.99 4.46
N GLN A 82 -5.96 -14.51 3.98
CA GLN A 82 -4.86 -13.70 3.53
C GLN A 82 -4.92 -13.56 2.04
N LEU A 83 -4.90 -12.37 1.59
CA LEU A 83 -4.86 -12.10 0.19
C LEU A 83 -3.58 -11.27 -0.01
N VAL A 84 -2.54 -11.91 -0.47
CA VAL A 84 -1.27 -11.24 -0.58
C VAL A 84 -1.00 -10.72 -2.02
N TYR A 85 -0.60 -9.47 -2.13
CA TYR A 85 -0.24 -8.86 -3.40
C TYR A 85 1.22 -8.51 -3.35
N LYS A 86 1.88 -8.67 -4.44
CA LYS A 86 3.29 -8.48 -4.57
C LYS A 86 3.51 -7.99 -5.97
N ASP A 87 4.77 -7.77 -6.34
CA ASP A 87 5.12 -7.30 -7.68
C ASP A 87 4.51 -5.95 -7.95
N GLY A 88 4.63 -5.06 -7.00
CA GLY A 88 4.11 -3.73 -7.17
C GLY A 88 5.10 -2.90 -7.94
N SER A 89 5.24 -1.68 -7.56
CA SER A 89 6.22 -0.85 -8.19
C SER A 89 7.41 -0.74 -7.25
N PRO A 90 8.60 -0.46 -7.79
CA PRO A 90 9.79 -0.30 -6.98
C PRO A 90 9.58 0.74 -5.88
N CYS A 91 9.80 0.34 -4.66
CA CYS A 91 9.61 1.18 -3.51
C CYS A 91 10.77 2.20 -3.45
N PRO A 92 10.48 3.51 -3.49
CA PRO A 92 11.50 4.58 -3.53
C PRO A 92 12.37 4.61 -2.27
N SER A 93 11.86 4.00 -1.23
CA SER A 93 12.51 3.88 0.06
C SER A 93 13.88 3.16 -0.05
N LYS A 94 13.93 2.16 -0.91
CA LYS A 94 15.12 1.39 -1.12
C LYS A 94 15.05 0.98 -2.58
N SER A 95 15.89 1.56 -3.39
CA SER A 95 15.86 1.37 -4.82
C SER A 95 15.99 -0.12 -5.19
N GLY A 96 14.97 -0.67 -5.81
CA GLY A 96 14.99 -2.06 -6.17
C GLY A 96 14.10 -2.89 -5.30
N LEU A 97 13.55 -2.29 -4.27
CA LEU A 97 12.64 -2.98 -3.38
C LEU A 97 11.24 -2.89 -4.02
N SER A 98 10.32 -3.71 -3.59
CA SER A 98 8.98 -3.68 -4.16
C SER A 98 7.98 -3.55 -3.02
N TYR A 99 6.82 -2.99 -3.31
CA TYR A 99 5.76 -2.85 -2.36
C TYR A 99 5.00 -4.18 -2.24
N LYS A 100 4.19 -4.30 -1.21
CA LYS A 100 3.41 -5.50 -0.98
C LYS A 100 2.26 -5.20 -0.05
N SER A 101 1.10 -5.62 -0.43
CA SER A 101 -0.09 -5.40 0.32
C SER A 101 -0.59 -6.74 0.85
N VAL A 102 -0.74 -6.84 2.13
CA VAL A 102 -1.23 -8.04 2.75
C VAL A 102 -2.65 -7.81 3.24
N ILE A 103 -3.60 -8.43 2.59
CA ILE A 103 -4.97 -8.30 2.96
C ILE A 103 -5.26 -9.38 3.97
N SER A 104 -5.81 -9.01 5.07
CA SER A 104 -6.08 -9.92 6.14
C SER A 104 -7.56 -9.82 6.53
N PHE A 105 -8.34 -10.77 6.07
CA PHE A 105 -9.76 -10.82 6.35
C PHE A 105 -10.03 -11.55 7.66
N VAL A 106 -10.82 -10.93 8.52
CA VAL A 106 -11.15 -11.46 9.83
C VAL A 106 -12.68 -11.52 10.03
N CYS A 107 -13.13 -12.60 10.64
CA CYS A 107 -14.52 -12.86 11.00
C CYS A 107 -15.08 -11.81 11.96
N ARG A 108 -16.00 -11.00 11.49
CA ARG A 108 -16.73 -10.08 12.35
C ARG A 108 -18.24 -10.27 12.10
N PRO A 109 -18.89 -11.21 12.80
CA PRO A 109 -20.30 -11.55 12.56
C PRO A 109 -21.27 -10.42 12.93
N GLU A 110 -20.84 -9.54 13.83
CA GLU A 110 -21.68 -8.44 14.25
C GLU A 110 -21.54 -7.26 13.31
N ALA A 111 -20.60 -7.37 12.34
CA ALA A 111 -20.29 -6.28 11.40
C ALA A 111 -19.84 -5.02 12.18
N GLY A 112 -19.84 -3.86 11.57
CA GLY A 112 -19.46 -2.70 12.27
C GLY A 112 -18.62 -1.80 11.41
N PRO A 113 -17.90 -0.87 12.02
CA PRO A 113 -17.07 0.10 11.31
C PRO A 113 -15.69 -0.46 10.95
N THR A 114 -15.58 -1.75 11.03
CA THR A 114 -14.36 -2.43 10.75
C THR A 114 -14.46 -3.15 9.41
N ASN A 115 -15.59 -2.98 8.75
CA ASN A 115 -15.81 -3.54 7.42
C ASN A 115 -15.28 -2.53 6.41
N ARG A 116 -14.00 -2.36 6.46
CA ARG A 116 -13.31 -1.39 5.66
C ARG A 116 -11.84 -1.68 5.83
N PRO A 117 -11.06 -1.57 4.76
CA PRO A 117 -9.63 -1.85 4.79
C PRO A 117 -8.91 -1.01 5.87
N MET A 118 -8.54 -1.65 6.92
CA MET A 118 -7.92 -1.01 8.05
C MET A 118 -6.41 -1.20 7.95
N LEU A 119 -5.69 -0.15 7.66
CA LEU A 119 -4.24 -0.24 7.53
C LEU A 119 -3.69 -0.43 8.94
N ILE A 120 -3.08 -1.58 9.19
CA ILE A 120 -2.54 -1.90 10.49
C ILE A 120 -1.33 -1.05 10.73
N SER A 121 -0.42 -1.11 9.78
CA SER A 121 0.83 -0.44 9.85
C SER A 121 1.58 -0.75 8.57
N LEU A 122 2.57 0.05 8.31
CA LEU A 122 3.45 -0.12 7.20
C LEU A 122 4.80 -0.46 7.74
N ASP A 123 5.29 -1.65 7.46
CA ASP A 123 6.65 -2.01 7.86
C ASP A 123 7.60 -1.18 7.04
N LYS A 124 8.20 -0.23 7.71
CA LYS A 124 9.00 0.84 7.13
C LYS A 124 10.17 0.35 6.26
N GLN A 125 10.83 -0.72 6.65
CA GLN A 125 12.01 -1.14 5.93
C GLN A 125 11.69 -2.08 4.79
N THR A 126 10.63 -2.83 4.92
CA THR A 126 10.34 -3.84 3.94
C THR A 126 9.24 -3.40 2.92
N CYS A 127 8.66 -2.19 3.12
CA CYS A 127 7.62 -1.61 2.25
C CYS A 127 6.40 -2.52 2.17
N THR A 128 6.07 -3.11 3.28
CA THR A 128 4.98 -4.03 3.40
C THR A 128 3.81 -3.37 4.13
N LEU A 129 2.66 -3.35 3.50
CA LEU A 129 1.49 -2.71 4.06
C LEU A 129 0.57 -3.80 4.56
N PHE A 130 0.06 -3.65 5.75
CA PHE A 130 -0.85 -4.64 6.30
C PHE A 130 -2.26 -4.06 6.34
N PHE A 131 -3.22 -4.86 5.96
CA PHE A 131 -4.62 -4.43 5.87
C PHE A 131 -5.50 -5.41 6.60
N SER A 132 -6.36 -4.89 7.44
CA SER A 132 -7.32 -5.66 8.17
C SER A 132 -8.67 -5.40 7.54
N TRP A 133 -9.59 -6.32 7.67
CA TRP A 133 -10.90 -6.15 7.15
C TRP A 133 -11.79 -7.06 7.95
N HIS A 134 -12.69 -6.50 8.69
CA HIS A 134 -13.53 -7.31 9.51
C HIS A 134 -14.93 -7.41 8.90
N THR A 135 -15.27 -8.59 8.47
CA THR A 135 -16.52 -8.84 7.76
C THR A 135 -17.10 -10.23 8.17
N PRO A 136 -18.46 -10.39 8.17
CA PRO A 136 -19.10 -11.66 8.48
C PRO A 136 -19.10 -12.62 7.26
N LEU A 137 -18.63 -12.15 6.12
CA LEU A 137 -18.53 -12.98 4.92
C LEU A 137 -17.32 -13.93 5.06
N ALA A 138 -16.40 -13.53 5.89
CA ALA A 138 -15.15 -14.23 6.06
C ALA A 138 -15.15 -15.04 7.34
N CYS A 139 -16.29 -15.47 7.76
CA CYS A 139 -16.39 -16.14 9.01
C CYS A 139 -16.95 -17.53 8.82
N GLU A 140 -16.55 -18.43 9.67
CA GLU A 140 -17.12 -19.73 9.71
C GLU A 140 -17.80 -19.90 11.08
N PRO A 141 -19.11 -20.14 11.08
CA PRO A 141 -19.92 -20.14 12.31
C PRO A 141 -19.65 -21.33 13.25
N GLU A 142 -19.03 -21.04 14.36
CA GLU A 142 -18.84 -22.02 15.40
C GLU A 142 -19.79 -21.67 16.51
N ALA B 1 8.30 -4.88 -16.53
CA ALA B 1 7.93 -3.48 -16.66
C ALA B 1 9.18 -2.63 -16.55
N TYR B 2 9.36 -1.70 -17.46
CA TYR B 2 10.53 -0.87 -17.45
C TYR B 2 10.09 0.57 -17.53
N ARG B 3 10.67 1.40 -16.73
CA ARG B 3 10.36 2.80 -16.68
C ARG B 3 11.64 3.60 -16.91
N PRO B 4 11.54 4.74 -17.61
CA PRO B 4 12.69 5.59 -17.94
C PRO B 4 13.36 6.27 -16.73
N SER B 5 12.70 6.28 -15.59
CA SER B 5 13.22 6.91 -14.39
C SER B 5 13.01 6.03 -13.16
N GLU B 6 14.10 5.61 -12.52
CA GLU B 6 14.01 4.89 -11.26
C GLU B 6 13.75 5.86 -10.14
N THR B 7 14.08 7.09 -10.39
CA THR B 7 13.77 8.15 -9.50
C THR B 7 12.95 9.19 -10.27
N LEU B 8 11.64 9.14 -10.12
CA LEU B 8 10.76 10.05 -10.80
C LEU B 8 10.84 11.42 -10.13
N CYS B 9 11.68 12.29 -10.67
CA CYS B 9 11.83 13.66 -10.22
C CYS B 9 10.47 14.33 -10.23
N GLY B 10 10.04 14.77 -9.08
CA GLY B 10 8.74 15.31 -8.96
C GLY B 10 7.83 14.30 -8.33
N GLY B 11 7.30 13.40 -9.16
CA GLY B 11 6.34 12.38 -8.76
C GLY B 11 6.70 11.61 -7.50
N GLU B 12 7.73 10.76 -7.56
CA GLU B 12 8.10 9.95 -6.40
C GLU B 12 8.60 10.81 -5.27
N LEU B 13 9.29 11.87 -5.64
CA LEU B 13 9.83 12.81 -4.68
C LEU B 13 8.75 13.45 -3.80
N VAL B 14 7.84 14.15 -4.40
CA VAL B 14 6.86 14.84 -3.62
C VAL B 14 5.81 13.90 -3.04
N ASP B 15 5.53 12.78 -3.73
CA ASP B 15 4.53 11.85 -3.22
C ASP B 15 5.03 11.16 -1.94
N THR B 16 6.31 10.75 -1.90
CA THR B 16 6.85 10.13 -0.69
C THR B 16 6.80 11.12 0.49
N LEU B 17 7.12 12.40 0.20
CA LEU B 17 7.01 13.46 1.19
C LEU B 17 5.58 13.58 1.70
N GLN B 18 4.65 13.67 0.80
CA GLN B 18 3.24 13.85 1.15
C GLN B 18 2.67 12.58 1.81
N PHE B 19 3.22 11.45 1.45
CA PHE B 19 2.79 10.16 1.96
C PHE B 19 2.97 10.04 3.47
N VAL B 20 4.18 10.16 3.97
CA VAL B 20 4.37 9.99 5.38
C VAL B 20 4.43 11.33 6.11
N CYS B 21 4.58 12.41 5.38
CA CYS B 21 4.61 13.73 6.01
C CYS B 21 3.34 14.52 5.78
N GLY B 22 2.28 13.84 5.33
CA GLY B 22 0.98 14.50 5.15
C GLY B 22 0.51 15.24 6.41
N ASP B 23 0.64 14.60 7.56
CA ASP B 23 0.27 15.23 8.84
C ASP B 23 1.35 16.18 9.35
N ARG B 24 2.60 15.76 9.25
CA ARG B 24 3.73 16.51 9.79
C ARG B 24 4.04 17.79 9.02
N GLY B 25 3.82 17.75 7.74
CA GLY B 25 4.15 18.83 6.88
C GLY B 25 5.29 18.42 6.00
N PHE B 26 5.25 18.77 4.76
CA PHE B 26 6.31 18.42 3.86
C PHE B 26 6.83 19.65 3.13
N TYR B 27 8.11 19.93 3.24
CA TYR B 27 8.72 21.04 2.56
C TYR B 27 10.24 20.90 2.52
N PHE B 28 10.75 20.39 1.42
CA PHE B 28 12.17 20.21 1.24
C PHE B 28 12.77 21.40 0.51
N SER B 29 11.91 22.22 -0.01
CA SER B 29 12.31 23.41 -0.68
C SER B 29 11.94 24.59 0.20
N ARG B 30 12.94 25.23 0.79
CA ARG B 30 12.68 26.37 1.65
C ARG B 30 13.45 27.57 1.16
N PRO B 31 12.72 28.54 0.58
CA PRO B 31 13.30 29.78 0.09
C PRO B 31 13.88 30.66 1.20
N ALA B 32 13.11 30.88 2.27
CA ALA B 32 13.56 31.66 3.37
C ALA B 32 12.75 31.33 4.62
N SER B 33 13.06 32.03 5.69
CA SER B 33 12.49 31.91 6.98
C SER B 33 13.34 32.72 7.87
N ARG B 34 12.74 33.24 8.88
CA ARG B 34 13.42 34.11 9.83
C ARG B 34 14.20 33.24 10.83
N VAL B 35 14.06 31.95 10.65
CA VAL B 35 14.77 30.94 11.44
C VAL B 35 16.09 30.58 10.72
N SER B 36 16.27 31.19 9.53
CA SER B 36 17.45 30.99 8.70
C SER B 36 17.52 29.52 8.27
N ARG B 37 16.35 28.91 8.13
CA ARG B 37 16.24 27.47 7.81
C ARG B 37 16.14 27.24 6.31
N ARG B 38 16.42 28.29 5.57
CA ARG B 38 16.43 28.31 4.14
C ARG B 38 17.55 27.44 3.54
N SER B 39 17.27 26.18 3.50
CA SER B 39 18.12 25.20 2.89
C SER B 39 17.23 24.19 2.20
N ARG B 40 17.34 24.14 0.90
CA ARG B 40 16.62 23.16 0.11
C ARG B 40 17.38 21.85 0.15
N GLY B 41 16.69 20.77 0.07
CA GLY B 41 17.35 19.52 0.07
C GLY B 41 16.62 18.52 -0.75
N ILE B 42 17.30 17.40 -1.03
CA ILE B 42 16.81 16.17 -1.72
C ILE B 42 16.32 16.34 -3.16
N VAL B 43 15.90 17.53 -3.53
CA VAL B 43 15.39 17.82 -4.86
C VAL B 43 16.32 17.38 -6.02
N GLU B 44 17.57 17.75 -5.98
CA GLU B 44 18.47 17.45 -7.06
C GLU B 44 19.16 16.14 -6.74
N GLU B 45 19.32 15.88 -5.45
CA GLU B 45 19.89 14.67 -4.97
C GLU B 45 19.03 13.49 -5.44
N CYS B 46 17.84 13.40 -4.95
CA CYS B 46 16.96 12.26 -5.24
C CYS B 46 16.34 12.33 -6.62
N CYS B 47 16.68 13.34 -7.37
CA CYS B 47 16.29 13.37 -8.74
C CYS B 47 17.27 12.54 -9.57
N PHE B 48 18.56 12.80 -9.39
CA PHE B 48 19.57 12.16 -10.22
C PHE B 48 20.31 11.01 -9.54
N ARG B 49 20.31 10.96 -8.23
CA ARG B 49 20.98 9.89 -7.53
C ARG B 49 19.92 9.04 -6.83
N SER B 50 20.31 7.89 -6.39
CA SER B 50 19.43 6.99 -5.71
C SER B 50 19.43 7.36 -4.22
N CYS B 51 18.27 7.31 -3.60
CA CYS B 51 18.12 7.73 -2.24
C CYS B 51 17.53 6.64 -1.39
N ASP B 52 17.74 6.78 -0.12
CA ASP B 52 17.20 5.92 0.90
C ASP B 52 16.10 6.69 1.59
N LEU B 53 15.11 5.95 2.06
CA LEU B 53 13.94 6.47 2.78
C LEU B 53 14.33 7.28 4.01
N ALA B 54 15.49 6.96 4.59
CA ALA B 54 15.96 7.63 5.80
C ALA B 54 16.09 9.12 5.57
N LEU B 55 16.73 9.48 4.45
CA LEU B 55 16.98 10.86 4.07
C LEU B 55 15.71 11.68 4.05
N LEU B 56 14.71 11.16 3.36
CA LEU B 56 13.49 11.88 3.17
C LEU B 56 12.66 11.90 4.44
N GLU B 57 12.70 10.81 5.18
CA GLU B 57 11.93 10.69 6.40
C GLU B 57 12.48 11.62 7.49
N THR B 58 13.79 11.61 7.71
CA THR B 58 14.37 12.48 8.72
C THR B 58 14.40 13.94 8.26
N TYR B 59 14.22 14.18 6.96
CA TYR B 59 14.13 15.52 6.47
C TYR B 59 12.71 15.96 6.74
N CYS B 60 11.79 15.46 5.92
CA CYS B 60 10.35 15.68 6.03
C CYS B 60 9.96 17.18 5.98
N ALA B 61 10.15 17.86 7.09
CA ALA B 61 9.87 19.25 7.21
C ALA B 61 10.99 19.87 8.03
N THR B 62 10.98 19.64 9.31
CA THR B 62 12.03 20.08 10.18
C THR B 62 12.39 18.96 11.17
N PRO B 63 13.69 18.66 11.32
CA PRO B 63 14.16 17.45 12.02
C PRO B 63 13.86 17.33 13.50
N ALA B 64 13.65 18.42 14.16
CA ALA B 64 13.40 18.38 15.60
C ALA B 64 12.09 19.06 15.98
N LYS B 65 11.15 19.13 15.06
CA LYS B 65 9.89 19.79 15.32
C LYS B 65 8.78 18.88 15.80
N SER B 66 9.08 17.63 16.01
CA SER B 66 8.11 16.72 16.59
C SER B 66 8.43 16.53 18.06
N GLU B 67 9.38 17.32 18.53
CA GLU B 67 9.87 17.28 19.86
C GLU B 67 9.38 18.50 20.61
N MET A 1 -10.96 -29.97 -5.35
CA MET A 1 -9.76 -29.25 -4.91
C MET A 1 -8.78 -30.23 -4.29
N LYS A 2 -7.51 -30.07 -4.61
CA LYS A 2 -6.46 -30.98 -4.19
C LYS A 2 -5.77 -30.46 -2.95
N SER A 3 -6.06 -29.27 -2.65
CA SER A 3 -5.55 -28.61 -1.50
C SER A 3 -6.68 -27.77 -0.91
N ASN A 4 -6.40 -26.92 0.04
CA ASN A 4 -7.43 -26.08 0.61
C ASN A 4 -7.75 -24.91 -0.33
N GLU A 5 -6.76 -24.52 -1.10
CA GLU A 5 -6.90 -23.40 -2.00
C GLU A 5 -7.47 -23.82 -3.35
N HIS A 6 -8.01 -22.87 -4.05
CA HIS A 6 -8.59 -23.09 -5.35
C HIS A 6 -7.83 -22.21 -6.33
N ASP A 7 -8.21 -22.15 -7.58
CA ASP A 7 -7.43 -21.38 -8.56
C ASP A 7 -7.52 -19.85 -8.32
N ASP A 8 -8.65 -19.38 -7.84
CA ASP A 8 -8.82 -17.97 -7.52
C ASP A 8 -8.81 -17.73 -6.03
N CYS A 9 -9.28 -16.56 -5.65
CA CYS A 9 -9.32 -16.11 -4.26
C CYS A 9 -10.46 -16.79 -3.47
N GLN A 10 -10.33 -18.07 -3.29
CA GLN A 10 -11.30 -18.84 -2.59
C GLN A 10 -10.63 -20.09 -2.01
N VAL A 11 -10.85 -20.34 -0.74
CA VAL A 11 -10.24 -21.45 -0.04
C VAL A 11 -11.26 -22.18 0.82
N THR A 12 -11.12 -23.48 0.91
CA THR A 12 -12.00 -24.29 1.70
C THR A 12 -11.22 -24.85 2.90
N ASN A 13 -11.80 -24.76 4.08
CA ASN A 13 -11.19 -25.33 5.26
C ASN A 13 -11.73 -26.72 5.49
N PRO A 14 -10.86 -27.74 5.57
CA PRO A 14 -11.26 -29.15 5.71
C PRO A 14 -11.96 -29.48 7.04
N SER A 15 -11.84 -28.61 8.02
CA SER A 15 -12.44 -28.86 9.31
C SER A 15 -13.92 -28.49 9.34
N THR A 16 -14.26 -27.30 8.90
CA THR A 16 -15.64 -26.85 8.95
C THR A 16 -16.32 -26.97 7.57
N GLY A 17 -15.50 -27.26 6.55
CA GLY A 17 -15.98 -27.43 5.19
C GLY A 17 -16.53 -26.16 4.64
N HIS A 18 -15.95 -25.08 5.03
CA HIS A 18 -16.44 -23.81 4.60
C HIS A 18 -15.62 -23.31 3.45
N LEU A 19 -16.30 -23.05 2.39
CA LEU A 19 -15.74 -22.50 1.20
C LEU A 19 -15.78 -20.97 1.31
N PHE A 20 -14.64 -20.36 1.52
CA PHE A 20 -14.55 -18.93 1.57
C PHE A 20 -14.29 -18.42 0.19
N ASP A 21 -15.23 -17.74 -0.36
CA ASP A 21 -15.05 -17.15 -1.66
C ASP A 21 -14.97 -15.65 -1.53
N LEU A 22 -13.83 -15.11 -1.83
CA LEU A 22 -13.59 -13.70 -1.63
C LEU A 22 -13.97 -12.92 -2.87
N SER A 23 -14.35 -13.67 -3.90
CA SER A 23 -14.79 -13.10 -5.17
C SER A 23 -16.03 -12.22 -4.98
N SER A 24 -16.74 -12.44 -3.89
CA SER A 24 -17.93 -11.68 -3.57
C SER A 24 -17.60 -10.21 -3.29
N LEU A 25 -16.35 -9.92 -2.98
CA LEU A 25 -15.91 -8.57 -2.66
C LEU A 25 -15.26 -7.89 -3.85
N SER A 26 -15.40 -8.49 -5.00
CA SER A 26 -14.83 -7.93 -6.21
C SER A 26 -15.48 -6.61 -6.61
N GLY A 27 -14.75 -5.83 -7.34
CA GLY A 27 -15.22 -4.57 -7.83
C GLY A 27 -14.18 -3.97 -8.72
N ARG A 28 -14.63 -3.32 -9.75
CA ARG A 28 -13.73 -2.72 -10.72
C ARG A 28 -13.39 -1.28 -10.32
N ALA A 29 -14.37 -0.56 -9.78
CA ALA A 29 -14.13 0.81 -9.33
C ALA A 29 -13.26 0.80 -8.09
N GLY A 30 -13.48 -0.23 -7.29
CA GLY A 30 -12.63 -0.48 -6.17
C GLY A 30 -13.20 0.07 -4.90
N PHE A 31 -12.41 0.01 -3.90
CA PHE A 31 -12.76 0.50 -2.60
C PHE A 31 -11.72 1.49 -2.17
N THR A 32 -12.15 2.50 -1.48
CA THR A 32 -11.28 3.54 -1.02
C THR A 32 -11.04 3.40 0.47
N ALA A 33 -9.82 3.46 0.86
CA ALA A 33 -9.46 3.40 2.24
C ALA A 33 -8.73 4.68 2.58
N ALA A 34 -9.01 5.20 3.76
CA ALA A 34 -8.41 6.45 4.20
C ALA A 34 -7.02 6.21 4.69
N TYR A 35 -6.12 7.11 4.37
CA TYR A 35 -4.75 6.98 4.75
C TYR A 35 -4.15 8.37 4.93
N SER A 36 -3.38 8.80 3.95
CA SER A 36 -2.72 10.06 3.94
C SER A 36 -3.77 11.19 3.84
N LYS A 37 -3.41 12.36 4.37
CA LYS A 37 -4.32 13.47 4.52
C LYS A 37 -4.82 13.99 3.19
N SER A 38 -4.04 13.83 2.16
CA SER A 38 -4.45 14.19 0.87
C SER A 38 -4.37 12.97 -0.06
N GLY A 39 -4.62 11.79 0.47
CA GLY A 39 -4.51 10.62 -0.37
C GLY A 39 -5.20 9.38 0.14
N VAL A 40 -5.97 8.78 -0.71
CA VAL A 40 -6.66 7.55 -0.40
C VAL A 40 -6.06 6.44 -1.24
N VAL A 41 -6.28 5.23 -0.84
CA VAL A 41 -5.76 4.11 -1.57
C VAL A 41 -6.90 3.39 -2.31
N TYR A 42 -6.64 3.08 -3.56
CA TYR A 42 -7.55 2.32 -4.38
C TYR A 42 -7.19 0.90 -4.28
N MET A 43 -8.17 0.09 -4.04
CA MET A 43 -7.98 -1.32 -4.02
C MET A 43 -9.10 -2.04 -4.72
N SER A 44 -8.74 -3.01 -5.49
CA SER A 44 -9.66 -3.85 -6.18
C SER A 44 -9.49 -5.29 -5.68
N ILE A 45 -10.50 -5.81 -5.02
CA ILE A 45 -10.44 -7.15 -4.47
C ILE A 45 -10.64 -8.18 -5.56
N CYS A 46 -9.62 -9.04 -5.76
CA CYS A 46 -9.66 -10.12 -6.75
C CYS A 46 -9.76 -9.57 -8.16
N GLY A 47 -8.98 -8.57 -8.45
CA GLY A 47 -9.02 -7.98 -9.75
C GLY A 47 -8.13 -6.77 -9.82
N GLU A 48 -8.09 -6.13 -10.96
CA GLU A 48 -7.26 -4.97 -11.15
C GLU A 48 -8.10 -3.69 -11.14
N ASN A 49 -7.46 -2.59 -10.88
CA ASN A 49 -8.12 -1.30 -10.85
C ASN A 49 -7.45 -0.41 -11.92
N GLU A 50 -8.19 -0.09 -13.00
CA GLU A 50 -7.64 0.64 -14.16
C GLU A 50 -7.29 2.11 -13.86
N ASN A 51 -7.46 2.55 -12.63
CA ASN A 51 -7.13 3.95 -12.30
C ASN A 51 -5.62 4.11 -12.19
N CYS A 52 -4.94 3.00 -12.08
CA CYS A 52 -3.51 2.99 -11.93
C CYS A 52 -2.88 1.97 -12.90
N PRO A 53 -1.49 1.89 -12.99
CA PRO A 53 -0.74 0.94 -13.86
C PRO A 53 -1.47 -0.40 -14.14
N PRO A 54 -1.57 -0.76 -15.44
CA PRO A 54 -2.27 -1.97 -15.92
C PRO A 54 -2.00 -3.23 -15.08
N GLY A 55 -3.06 -3.77 -14.52
CA GLY A 55 -2.96 -4.99 -13.76
C GLY A 55 -2.62 -4.77 -12.30
N VAL A 56 -2.92 -3.60 -11.78
CA VAL A 56 -2.59 -3.33 -10.39
C VAL A 56 -3.84 -3.48 -9.52
N GLY A 57 -3.66 -3.97 -8.32
CA GLY A 57 -4.77 -4.16 -7.41
C GLY A 57 -4.80 -3.14 -6.28
N ALA A 58 -3.63 -2.65 -5.86
CA ALA A 58 -3.53 -1.65 -4.81
C ALA A 58 -2.68 -0.49 -5.29
N CYS A 59 -3.19 0.71 -5.12
CA CYS A 59 -2.52 1.91 -5.59
C CYS A 59 -3.00 3.15 -4.83
N PHE A 60 -2.09 4.07 -4.52
CA PHE A 60 -2.50 5.32 -3.88
C PHE A 60 -2.85 6.34 -4.98
N GLY A 61 -3.92 7.11 -4.80
CA GLY A 61 -4.46 7.91 -5.88
C GLY A 61 -3.68 9.16 -6.31
N GLN A 62 -2.65 9.57 -5.59
CA GLN A 62 -1.99 10.81 -5.99
C GLN A 62 -1.02 10.60 -7.15
N THR A 63 0.09 9.94 -6.91
CA THR A 63 1.04 9.71 -7.98
C THR A 63 0.82 8.38 -8.72
N ARG A 64 -0.16 7.62 -8.21
CA ARG A 64 -0.61 6.34 -8.79
C ARG A 64 0.51 5.28 -8.70
N ILE A 65 1.15 5.22 -7.55
CA ILE A 65 2.21 4.24 -7.27
C ILE A 65 1.57 2.86 -7.05
N SER A 66 2.18 1.85 -7.62
CA SER A 66 1.70 0.49 -7.51
C SER A 66 2.21 -0.12 -6.21
N VAL A 67 1.32 -0.54 -5.36
CA VAL A 67 1.75 -1.14 -4.10
C VAL A 67 1.30 -2.58 -3.98
N GLY A 68 0.80 -3.09 -5.07
CA GLY A 68 0.36 -4.43 -5.11
C GLY A 68 -0.31 -4.72 -6.42
N LYS A 69 0.30 -5.56 -7.21
CA LYS A 69 -0.24 -5.92 -8.50
C LYS A 69 -1.44 -6.85 -8.26
N ALA A 70 -2.36 -6.90 -9.22
CA ALA A 70 -3.60 -7.70 -9.11
C ALA A 70 -3.30 -9.19 -9.10
N ASN A 71 -2.86 -9.64 -7.98
CA ASN A 71 -2.48 -11.00 -7.71
C ASN A 71 -3.72 -11.74 -7.18
N LYS A 72 -3.59 -12.98 -6.78
CA LYS A 72 -4.70 -13.70 -6.20
C LYS A 72 -4.20 -14.86 -5.39
N ARG A 73 -3.30 -14.56 -4.49
CA ARG A 73 -2.70 -15.58 -3.72
C ARG A 73 -3.41 -15.64 -2.38
N LEU A 74 -4.47 -16.43 -2.35
CA LEU A 74 -5.32 -16.56 -1.16
C LEU A 74 -4.74 -17.64 -0.26
N ARG A 75 -4.51 -17.30 0.97
CA ARG A 75 -4.05 -18.25 1.96
C ARG A 75 -5.01 -18.24 3.15
N TYR A 76 -5.29 -19.39 3.71
CA TYR A 76 -6.11 -19.48 4.89
C TYR A 76 -5.21 -19.78 6.04
N VAL A 77 -4.86 -18.76 6.74
CA VAL A 77 -3.89 -18.86 7.80
C VAL A 77 -4.50 -18.65 9.16
N ASP A 78 -4.96 -19.74 9.76
CA ASP A 78 -5.58 -19.76 11.10
C ASP A 78 -6.77 -18.81 11.14
N GLN A 79 -7.77 -19.16 10.33
CA GLN A 79 -9.08 -18.48 10.18
C GLN A 79 -8.95 -17.07 9.64
N VAL A 80 -7.80 -16.80 9.11
CA VAL A 80 -7.50 -15.57 8.49
C VAL A 80 -7.38 -15.78 6.99
N LEU A 81 -8.07 -14.97 6.25
CA LEU A 81 -8.08 -15.05 4.80
C LEU A 81 -7.10 -14.04 4.26
N GLN A 82 -6.03 -14.51 3.76
CA GLN A 82 -4.99 -13.66 3.26
C GLN A 82 -5.03 -13.54 1.76
N LEU A 83 -5.26 -12.36 1.29
CA LEU A 83 -5.13 -12.06 -0.11
C LEU A 83 -3.88 -11.21 -0.25
N VAL A 84 -2.79 -11.83 -0.60
CA VAL A 84 -1.53 -11.13 -0.72
C VAL A 84 -1.31 -10.68 -2.17
N TYR A 85 -0.91 -9.44 -2.34
CA TYR A 85 -0.62 -8.87 -3.65
C TYR A 85 0.82 -8.46 -3.69
N LYS A 86 1.59 -9.10 -4.50
CA LYS A 86 3.00 -8.78 -4.60
C LYS A 86 3.30 -8.25 -6.00
N ASP A 87 4.56 -7.89 -6.22
CA ASP A 87 5.06 -7.36 -7.49
C ASP A 87 4.50 -6.00 -7.80
N GLY A 88 4.36 -5.20 -6.75
CA GLY A 88 3.98 -3.82 -6.92
C GLY A 88 5.15 -3.03 -7.49
N SER A 89 5.16 -1.77 -7.32
CA SER A 89 6.27 -1.03 -7.86
C SER A 89 7.39 -0.98 -6.83
N PRO A 90 8.64 -0.93 -7.30
CA PRO A 90 9.82 -0.82 -6.44
C PRO A 90 9.66 0.28 -5.42
N CYS A 91 9.95 -0.06 -4.20
CA CYS A 91 9.77 0.80 -3.08
C CYS A 91 10.91 1.85 -3.04
N PRO A 92 10.54 3.15 -2.96
CA PRO A 92 11.51 4.24 -2.83
C PRO A 92 12.18 4.23 -1.47
N SER A 93 11.44 3.82 -0.46
CA SER A 93 11.90 3.70 0.90
C SER A 93 13.11 2.74 0.98
N LYS A 94 13.03 1.63 0.30
CA LYS A 94 14.11 0.69 0.29
C LYS A 94 14.17 0.03 -1.08
N SER A 95 15.33 0.13 -1.70
CA SER A 95 15.53 -0.33 -3.01
C SER A 95 15.73 -1.85 -3.01
N GLY A 96 15.31 -2.49 -4.08
CA GLY A 96 15.51 -3.90 -4.23
C GLY A 96 14.23 -4.70 -4.05
N LEU A 97 13.22 -4.10 -3.48
CA LEU A 97 12.00 -4.75 -3.26
C LEU A 97 10.79 -3.89 -3.65
N SER A 98 9.76 -4.54 -4.11
CA SER A 98 8.52 -3.93 -4.54
C SER A 98 7.50 -3.94 -3.41
N TYR A 99 6.57 -2.98 -3.43
CA TYR A 99 5.50 -2.93 -2.46
C TYR A 99 4.63 -4.19 -2.53
N LYS A 100 4.00 -4.51 -1.43
CA LYS A 100 3.19 -5.71 -1.32
C LYS A 100 2.10 -5.49 -0.31
N SER A 101 0.90 -5.73 -0.70
CA SER A 101 -0.23 -5.51 0.15
C SER A 101 -0.78 -6.84 0.66
N VAL A 102 -0.97 -6.92 1.96
CA VAL A 102 -1.53 -8.06 2.58
C VAL A 102 -2.92 -7.72 3.04
N ILE A 103 -3.90 -8.25 2.38
CA ILE A 103 -5.26 -8.02 2.72
C ILE A 103 -5.73 -9.19 3.55
N SER A 104 -5.81 -8.94 4.82
CA SER A 104 -6.12 -9.91 5.80
C SER A 104 -7.61 -9.81 6.19
N PHE A 105 -8.37 -10.78 5.76
CA PHE A 105 -9.77 -10.87 6.07
C PHE A 105 -9.97 -11.66 7.34
N VAL A 106 -10.53 -11.01 8.33
CA VAL A 106 -10.74 -11.60 9.61
C VAL A 106 -12.23 -11.53 9.94
N CYS A 107 -12.74 -12.60 10.52
CA CYS A 107 -14.14 -12.74 10.87
C CYS A 107 -14.57 -11.78 11.97
N ARG A 108 -15.50 -10.89 11.68
CA ARG A 108 -16.08 -10.05 12.70
C ARG A 108 -17.60 -9.97 12.45
N PRO A 109 -18.40 -10.88 13.04
CA PRO A 109 -19.87 -10.96 12.77
C PRO A 109 -20.65 -9.74 13.28
N GLU A 110 -20.01 -8.97 14.14
CA GLU A 110 -20.54 -7.75 14.72
C GLU A 110 -20.91 -6.74 13.63
N ALA A 111 -20.07 -6.67 12.59
CA ALA A 111 -20.25 -5.79 11.43
C ALA A 111 -20.53 -4.33 11.81
N GLY A 112 -19.50 -3.54 11.80
CA GLY A 112 -19.61 -2.17 12.15
C GLY A 112 -18.58 -1.36 11.43
N PRO A 113 -18.02 -0.34 12.08
CA PRO A 113 -17.00 0.55 11.45
C PRO A 113 -15.66 -0.12 11.14
N THR A 114 -15.56 -1.39 11.39
CA THR A 114 -14.37 -2.14 11.18
C THR A 114 -14.54 -2.96 9.88
N ASN A 115 -15.73 -2.87 9.30
CA ASN A 115 -16.05 -3.56 8.06
C ASN A 115 -15.64 -2.65 6.90
N ARG A 116 -14.37 -2.41 6.85
CA ARG A 116 -13.70 -1.61 5.86
C ARG A 116 -12.22 -1.88 5.98
N PRO A 117 -11.51 -2.00 4.86
CA PRO A 117 -10.08 -2.26 4.86
C PRO A 117 -9.30 -1.09 5.47
N MET A 118 -8.72 -1.30 6.62
CA MET A 118 -7.99 -0.26 7.32
C MET A 118 -6.51 -0.63 7.42
N LEU A 119 -5.66 0.38 7.31
CA LEU A 119 -4.21 0.22 7.35
C LEU A 119 -3.78 0.10 8.81
N ILE A 120 -3.22 -1.04 9.16
CA ILE A 120 -2.73 -1.31 10.50
C ILE A 120 -1.39 -0.62 10.71
N SER A 121 -0.47 -0.96 9.86
CA SER A 121 0.88 -0.46 9.89
C SER A 121 1.53 -0.76 8.56
N LEU A 122 2.43 0.07 8.17
CA LEU A 122 3.20 -0.12 6.99
C LEU A 122 4.62 -0.39 7.41
N ASP A 123 5.09 -1.59 7.24
CA ASP A 123 6.50 -1.86 7.54
C ASP A 123 7.32 -1.16 6.49
N LYS A 124 8.11 -0.22 6.92
CA LYS A 124 8.81 0.68 6.02
C LYS A 124 10.07 0.08 5.46
N GLN A 125 10.47 -1.04 6.01
CA GLN A 125 11.69 -1.64 5.62
C GLN A 125 11.46 -2.71 4.57
N THR A 126 10.46 -3.52 4.77
CA THR A 126 10.11 -4.56 3.84
C THR A 126 8.98 -4.08 2.89
N CYS A 127 8.51 -2.81 3.11
CA CYS A 127 7.50 -2.13 2.28
C CYS A 127 6.25 -2.97 2.09
N THR A 128 5.89 -3.63 3.15
CA THR A 128 4.75 -4.50 3.20
C THR A 128 3.60 -3.74 3.88
N LEU A 129 2.45 -3.72 3.24
CA LEU A 129 1.32 -2.93 3.73
C LEU A 129 0.29 -3.86 4.35
N PHE A 130 -0.03 -3.65 5.61
CA PHE A 130 -0.98 -4.49 6.31
C PHE A 130 -2.35 -3.85 6.37
N PHE A 131 -3.29 -4.50 5.77
CA PHE A 131 -4.67 -4.06 5.75
C PHE A 131 -5.55 -5.10 6.45
N SER A 132 -6.42 -4.64 7.30
CA SER A 132 -7.37 -5.49 7.98
C SER A 132 -8.79 -5.08 7.63
N TRP A 133 -9.64 -6.05 7.42
CA TRP A 133 -11.00 -5.85 7.07
C TRP A 133 -11.75 -6.86 7.89
N HIS A 134 -12.37 -6.42 8.94
CA HIS A 134 -13.03 -7.35 9.80
C HIS A 134 -14.51 -7.43 9.42
N THR A 135 -14.80 -8.46 8.68
CA THR A 135 -16.07 -8.67 8.03
C THR A 135 -16.65 -10.04 8.44
N PRO A 136 -18.01 -10.18 8.47
CA PRO A 136 -18.67 -11.45 8.75
C PRO A 136 -18.64 -12.42 7.56
N LEU A 137 -18.14 -11.96 6.40
CA LEU A 137 -18.02 -12.83 5.22
C LEU A 137 -16.94 -13.87 5.47
N ALA A 138 -15.99 -13.51 6.30
CA ALA A 138 -14.86 -14.37 6.62
C ALA A 138 -15.16 -15.24 7.82
N CYS A 139 -16.40 -15.33 8.16
CA CYS A 139 -16.84 -16.15 9.25
C CYS A 139 -17.39 -17.45 8.72
N GLU A 140 -17.37 -18.44 9.55
CA GLU A 140 -17.92 -19.72 9.25
C GLU A 140 -19.21 -19.84 10.06
N PRO A 141 -20.23 -20.53 9.53
CA PRO A 141 -21.46 -20.73 10.26
C PRO A 141 -21.26 -21.76 11.37
N GLU A 142 -20.98 -21.26 12.55
CA GLU A 142 -20.79 -22.09 13.71
C GLU A 142 -22.13 -22.51 14.22
N ALA B 1 4.49 8.25 -17.29
CA ALA B 1 5.37 7.10 -17.43
C ALA B 1 5.47 6.37 -16.11
N TYR B 2 5.46 5.07 -16.18
CA TYR B 2 5.59 4.23 -15.01
C TYR B 2 7.07 4.08 -14.70
N ARG B 3 7.51 4.71 -13.66
CA ARG B 3 8.88 4.68 -13.27
C ARG B 3 9.04 3.85 -12.02
N PRO B 4 9.96 2.88 -12.02
CA PRO B 4 10.17 1.98 -10.90
C PRO B 4 10.98 2.58 -9.74
N SER B 5 10.59 3.78 -9.37
CA SER B 5 11.14 4.54 -8.24
C SER B 5 12.67 4.55 -8.20
N GLU B 6 13.29 4.96 -9.28
CA GLU B 6 14.74 5.02 -9.30
C GLU B 6 15.17 6.41 -8.81
N THR B 7 14.53 7.43 -9.34
CA THR B 7 14.75 8.79 -8.93
C THR B 7 13.37 9.44 -8.76
N LEU B 8 13.19 10.23 -7.72
CA LEU B 8 11.91 10.85 -7.48
C LEU B 8 12.05 12.36 -7.57
N CYS B 9 11.81 12.92 -8.72
CA CYS B 9 11.96 14.33 -8.87
C CYS B 9 10.62 14.97 -9.18
N GLY B 10 10.12 15.70 -8.22
CA GLY B 10 8.89 16.41 -8.38
C GLY B 10 7.73 15.77 -7.62
N GLY B 11 6.69 15.40 -8.37
CA GLY B 11 5.47 14.85 -7.82
C GLY B 11 5.67 13.71 -6.86
N GLU B 12 6.40 12.70 -7.29
CA GLU B 12 6.66 11.49 -6.48
C GLU B 12 7.29 11.86 -5.16
N LEU B 13 8.24 12.77 -5.21
CA LEU B 13 8.97 13.20 -4.06
C LEU B 13 8.01 13.83 -3.06
N VAL B 14 7.23 14.78 -3.51
CA VAL B 14 6.35 15.47 -2.60
C VAL B 14 5.18 14.59 -2.17
N ASP B 15 4.76 13.70 -3.05
CA ASP B 15 3.70 12.78 -2.70
C ASP B 15 4.13 11.76 -1.66
N THR B 16 5.34 11.19 -1.79
CA THR B 16 5.85 10.28 -0.76
C THR B 16 6.01 11.02 0.60
N LEU B 17 6.45 12.28 0.51
CA LEU B 17 6.49 13.17 1.65
C LEU B 17 5.10 13.33 2.27
N GLN B 18 4.14 13.61 1.43
CA GLN B 18 2.72 13.80 1.82
C GLN B 18 2.15 12.47 2.32
N PHE B 19 2.62 11.39 1.78
CA PHE B 19 2.19 10.06 2.15
C PHE B 19 2.31 9.83 3.65
N VAL B 20 3.50 10.00 4.22
CA VAL B 20 3.62 9.78 5.64
C VAL B 20 3.59 11.10 6.44
N CYS B 21 3.99 12.20 5.84
CA CYS B 21 4.05 13.48 6.57
C CYS B 21 2.93 14.48 6.19
N GLY B 22 2.05 14.08 5.27
CA GLY B 22 1.01 14.97 4.70
C GLY B 22 0.07 15.65 5.68
N ASP B 23 -0.11 15.08 6.87
CA ASP B 23 -0.93 15.72 7.91
C ASP B 23 -0.35 17.08 8.23
N ARG B 24 0.96 17.15 8.30
CA ARG B 24 1.66 18.38 8.54
C ARG B 24 1.97 19.02 7.20
N GLY B 25 2.49 18.22 6.31
CA GLY B 25 2.85 18.66 5.00
C GLY B 25 4.25 18.24 4.69
N PHE B 26 4.90 18.98 3.85
CA PHE B 26 6.28 18.75 3.52
C PHE B 26 7.00 20.07 3.47
N TYR B 27 8.20 20.11 3.98
CA TYR B 27 8.94 21.35 4.05
C TYR B 27 10.30 21.27 3.40
N PHE B 28 11.19 20.48 4.04
CA PHE B 28 12.55 20.08 3.51
C PHE B 28 13.41 21.18 2.85
N SER B 29 13.10 22.41 3.09
CA SER B 29 13.80 23.49 2.48
C SER B 29 13.62 24.73 3.32
N ARG B 30 14.70 25.42 3.56
CA ARG B 30 14.67 26.65 4.30
C ARG B 30 15.29 27.71 3.41
N PRO B 31 14.50 28.63 2.85
CA PRO B 31 15.01 29.71 1.97
C PRO B 31 15.88 30.72 2.71
N ALA B 32 15.48 31.07 3.92
CA ALA B 32 16.18 32.01 4.73
C ALA B 32 15.72 31.87 6.15
N SER B 33 16.33 32.63 7.01
CA SER B 33 16.09 32.68 8.40
C SER B 33 17.16 33.53 8.99
N ARG B 34 16.85 34.13 10.08
CA ARG B 34 17.73 35.03 10.78
C ARG B 34 18.70 34.21 11.65
N VAL B 35 18.56 32.91 11.54
CA VAL B 35 19.43 31.95 12.19
C VAL B 35 20.47 31.45 11.17
N SER B 36 20.30 31.93 9.93
CA SER B 36 21.15 31.56 8.79
C SER B 36 21.01 30.05 8.52
N ARG B 37 19.84 29.53 8.83
CA ARG B 37 19.57 28.10 8.76
C ARG B 37 19.16 27.64 7.37
N ARG B 38 19.33 28.53 6.38
CA ARG B 38 19.02 28.23 4.97
C ARG B 38 19.60 26.88 4.60
N SER B 39 18.75 25.92 4.36
CA SER B 39 19.15 24.60 4.02
C SER B 39 18.05 23.91 3.24
N ARG B 40 18.19 23.91 1.96
CA ARG B 40 17.31 23.15 1.12
C ARG B 40 17.88 21.76 1.03
N GLY B 41 17.04 20.79 0.97
CA GLY B 41 17.52 19.46 0.92
C GLY B 41 16.58 18.57 0.22
N ILE B 42 17.09 17.40 -0.17
CA ILE B 42 16.41 16.28 -0.84
C ILE B 42 15.88 16.59 -2.22
N VAL B 43 15.43 17.81 -2.45
CA VAL B 43 14.91 18.26 -3.72
C VAL B 43 15.80 17.89 -4.90
N GLU B 44 17.07 18.10 -4.73
CA GLU B 44 18.00 17.93 -5.78
C GLU B 44 18.65 16.55 -5.69
N GLU B 45 18.91 16.11 -4.46
CA GLU B 45 19.48 14.80 -4.20
C GLU B 45 18.55 13.70 -4.69
N CYS B 46 17.29 13.79 -4.37
CA CYS B 46 16.31 12.78 -4.76
C CYS B 46 15.93 12.96 -6.23
N CYS B 47 16.23 14.12 -6.78
CA CYS B 47 15.97 14.37 -8.18
C CYS B 47 17.03 13.73 -9.08
N PHE B 48 18.29 13.93 -8.74
CA PHE B 48 19.39 13.42 -9.58
C PHE B 48 19.98 12.11 -9.08
N ARG B 49 19.88 11.85 -7.80
CA ARG B 49 20.40 10.62 -7.23
C ARG B 49 19.22 9.75 -6.81
N SER B 50 19.51 8.60 -6.25
CA SER B 50 18.46 7.75 -5.76
C SER B 50 18.29 8.09 -4.28
N CYS B 51 17.08 8.27 -3.88
CA CYS B 51 16.75 8.67 -2.55
C CYS B 51 16.05 7.56 -1.80
N ASP B 52 16.43 7.37 -0.55
CA ASP B 52 15.87 6.31 0.27
C ASP B 52 15.01 6.86 1.42
N LEU B 53 14.43 5.94 2.18
CA LEU B 53 13.52 6.22 3.32
C LEU B 53 14.12 7.22 4.33
N ALA B 54 15.30 6.91 4.81
CA ALA B 54 15.95 7.62 5.93
C ALA B 54 16.06 9.10 5.68
N LEU B 55 16.40 9.44 4.47
CA LEU B 55 16.58 10.80 4.06
C LEU B 55 15.30 11.61 4.17
N LEU B 56 14.22 11.05 3.68
CA LEU B 56 13.01 11.77 3.67
C LEU B 56 12.35 11.74 5.03
N GLU B 57 12.67 10.73 5.80
CA GLU B 57 12.13 10.61 7.12
C GLU B 57 12.74 11.67 8.07
N THR B 58 14.06 11.85 7.96
CA THR B 58 14.77 12.84 8.77
C THR B 58 14.30 14.28 8.46
N TYR B 59 14.13 14.59 7.18
CA TYR B 59 13.67 15.90 6.77
C TYR B 59 12.18 16.07 7.07
N CYS B 60 11.36 15.20 6.49
CA CYS B 60 9.90 15.15 6.66
C CYS B 60 9.21 16.55 6.54
N ALA B 61 8.93 17.16 7.67
CA ALA B 61 8.23 18.39 7.73
C ALA B 61 8.63 19.08 9.00
N THR B 62 8.11 20.24 9.23
CA THR B 62 8.33 21.02 10.41
C THR B 62 7.05 21.76 10.73
N PRO B 63 6.84 22.13 12.01
CA PRO B 63 5.66 22.91 12.44
C PRO B 63 5.75 24.37 12.01
N ALA B 64 6.84 24.66 11.32
CA ALA B 64 7.14 25.94 10.66
C ALA B 64 7.46 27.07 11.62
N LYS B 65 7.54 26.76 12.88
CA LYS B 65 7.87 27.73 13.89
C LYS B 65 8.70 27.04 14.95
N SER B 66 9.55 26.22 14.47
CA SER B 66 10.42 25.47 15.33
C SER B 66 11.81 26.04 15.23
N GLU B 67 12.18 26.86 16.19
CA GLU B 67 13.51 27.42 16.29
C GLU B 67 13.66 28.02 17.65
N MET A 1 -10.83 -31.49 -7.70
CA MET A 1 -11.77 -30.72 -6.88
C MET A 1 -11.60 -29.26 -7.18
N LYS A 2 -12.60 -28.48 -6.82
CA LYS A 2 -12.58 -27.05 -7.05
C LYS A 2 -13.05 -26.34 -5.77
N SER A 3 -12.69 -26.91 -4.65
CA SER A 3 -12.98 -26.32 -3.39
C SER A 3 -11.86 -25.33 -3.07
N ASN A 4 -10.67 -25.70 -3.49
CA ASN A 4 -9.51 -24.87 -3.37
C ASN A 4 -8.99 -24.60 -4.75
N GLU A 5 -9.23 -23.42 -5.26
CA GLU A 5 -8.63 -23.02 -6.53
C GLU A 5 -7.21 -22.62 -6.27
N HIS A 6 -7.01 -22.13 -5.04
CA HIS A 6 -5.70 -21.72 -4.49
C HIS A 6 -5.23 -20.42 -5.10
N ASP A 7 -5.23 -20.34 -6.38
CA ASP A 7 -4.77 -19.18 -7.09
C ASP A 7 -5.94 -18.35 -7.60
N ASP A 8 -7.00 -18.38 -6.82
CA ASP A 8 -8.20 -17.60 -7.04
C ASP A 8 -8.74 -17.36 -5.65
N CYS A 9 -9.62 -16.43 -5.52
CA CYS A 9 -10.14 -15.99 -4.22
C CYS A 9 -11.20 -16.94 -3.69
N GLN A 10 -10.82 -18.17 -3.48
CA GLN A 10 -11.72 -19.16 -2.97
C GLN A 10 -10.97 -20.38 -2.47
N VAL A 11 -11.29 -20.75 -1.25
CA VAL A 11 -10.71 -21.87 -0.57
C VAL A 11 -11.74 -22.50 0.35
N THR A 12 -11.69 -23.79 0.47
CA THR A 12 -12.52 -24.52 1.37
C THR A 12 -11.63 -25.15 2.41
N ASN A 13 -11.86 -24.83 3.64
CA ASN A 13 -11.11 -25.42 4.72
C ASN A 13 -11.65 -26.79 5.02
N PRO A 14 -10.82 -27.83 4.93
CA PRO A 14 -11.26 -29.22 5.11
C PRO A 14 -11.65 -29.55 6.55
N SER A 15 -11.19 -28.76 7.49
CA SER A 15 -11.48 -28.99 8.89
C SER A 15 -12.94 -28.66 9.21
N THR A 16 -13.50 -27.69 8.52
CA THR A 16 -14.87 -27.29 8.82
C THR A 16 -15.77 -27.35 7.58
N GLY A 17 -15.16 -27.54 6.43
CA GLY A 17 -15.89 -27.71 5.19
C GLY A 17 -16.56 -26.45 4.73
N HIS A 18 -15.96 -25.31 4.98
CA HIS A 18 -16.56 -24.07 4.53
C HIS A 18 -15.82 -23.49 3.35
N LEU A 19 -16.54 -23.33 2.27
CA LEU A 19 -16.06 -22.72 1.06
C LEU A 19 -16.16 -21.19 1.20
N PHE A 20 -15.04 -20.52 1.18
CA PHE A 20 -15.04 -19.08 1.19
C PHE A 20 -14.91 -18.55 -0.22
N ASP A 21 -15.88 -17.78 -0.61
CA ASP A 21 -15.86 -17.11 -1.89
C ASP A 21 -15.57 -15.65 -1.61
N LEU A 22 -14.40 -15.22 -1.99
CA LEU A 22 -13.99 -13.86 -1.73
C LEU A 22 -14.37 -12.97 -2.89
N SER A 23 -14.92 -13.59 -3.92
CA SER A 23 -15.37 -12.85 -5.09
C SER A 23 -16.65 -12.08 -4.75
N SER A 24 -17.28 -12.44 -3.63
CA SER A 24 -18.42 -11.71 -3.11
C SER A 24 -17.96 -10.30 -2.65
N LEU A 25 -16.68 -10.17 -2.36
CA LEU A 25 -16.08 -8.90 -1.95
C LEU A 25 -15.35 -8.23 -3.10
N SER A 26 -15.41 -8.85 -4.28
CA SER A 26 -14.71 -8.34 -5.46
C SER A 26 -15.16 -6.93 -5.82
N GLY A 27 -14.33 -6.28 -6.53
CA GLY A 27 -14.52 -4.91 -6.90
C GLY A 27 -13.39 -4.43 -7.77
N ARG A 28 -13.69 -4.09 -9.00
CA ARG A 28 -12.68 -3.68 -9.98
C ARG A 28 -12.48 -2.16 -10.01
N ALA A 29 -13.57 -1.41 -9.83
CA ALA A 29 -13.52 0.05 -9.90
C ALA A 29 -12.58 0.59 -8.86
N GLY A 30 -12.80 0.22 -7.63
CA GLY A 30 -11.90 0.55 -6.60
C GLY A 30 -12.57 1.02 -5.35
N PHE A 31 -11.90 0.81 -4.27
CA PHE A 31 -12.30 1.28 -2.97
C PHE A 31 -11.25 2.29 -2.56
N THR A 32 -11.66 3.37 -1.95
CA THR A 32 -10.75 4.39 -1.52
C THR A 32 -10.58 4.39 -0.01
N ALA A 33 -9.35 4.35 0.42
CA ALA A 33 -9.02 4.43 1.82
C ALA A 33 -8.09 5.60 2.02
N ALA A 34 -8.26 6.31 3.10
CA ALA A 34 -7.48 7.48 3.37
C ALA A 34 -6.16 7.10 4.01
N TYR A 35 -5.09 7.61 3.45
CA TYR A 35 -3.78 7.34 3.94
C TYR A 35 -3.15 8.68 4.31
N SER A 36 -2.30 9.18 3.44
CA SER A 36 -1.60 10.42 3.65
C SER A 36 -2.58 11.60 3.65
N LYS A 37 -2.17 12.75 4.14
CA LYS A 37 -3.07 13.89 4.24
C LYS A 37 -3.67 14.25 2.87
N SER A 38 -2.86 14.21 1.84
CA SER A 38 -3.29 14.49 0.52
C SER A 38 -3.25 13.19 -0.31
N GLY A 39 -3.54 12.06 0.32
CA GLY A 39 -3.43 10.81 -0.40
C GLY A 39 -4.47 9.77 -0.04
N VAL A 40 -5.04 9.16 -1.06
CA VAL A 40 -5.96 8.06 -0.91
C VAL A 40 -5.41 6.86 -1.67
N VAL A 41 -5.69 5.69 -1.18
CA VAL A 41 -5.22 4.50 -1.83
C VAL A 41 -6.37 3.84 -2.57
N TYR A 42 -6.07 3.39 -3.77
CA TYR A 42 -6.99 2.66 -4.58
C TYR A 42 -6.72 1.20 -4.42
N MET A 43 -7.72 0.48 -4.07
CA MET A 43 -7.60 -0.95 -3.88
C MET A 43 -8.76 -1.67 -4.50
N SER A 44 -8.46 -2.70 -5.22
CA SER A 44 -9.45 -3.56 -5.82
C SER A 44 -9.32 -4.97 -5.25
N ILE A 45 -10.44 -5.61 -4.95
CA ILE A 45 -10.43 -6.94 -4.36
C ILE A 45 -10.62 -7.99 -5.44
N CYS A 46 -9.61 -8.87 -5.58
CA CYS A 46 -9.65 -10.01 -6.52
C CYS A 46 -9.70 -9.58 -7.96
N GLY A 47 -9.21 -8.41 -8.17
CA GLY A 47 -9.20 -7.82 -9.45
C GLY A 47 -8.27 -6.68 -9.48
N GLU A 48 -8.21 -6.03 -10.59
CA GLU A 48 -7.29 -4.94 -10.80
C GLU A 48 -8.03 -3.61 -10.86
N ASN A 49 -7.38 -2.59 -10.35
CA ASN A 49 -7.99 -1.29 -10.17
C ASN A 49 -7.99 -0.48 -11.47
N GLU A 50 -9.04 0.30 -11.66
CA GLU A 50 -9.31 1.01 -12.91
C GLU A 50 -8.59 2.35 -13.01
N ASN A 51 -7.67 2.62 -12.11
CA ASN A 51 -7.00 3.92 -12.13
C ASN A 51 -5.51 3.79 -12.32
N CYS A 52 -4.99 2.62 -12.23
CA CYS A 52 -3.56 2.44 -12.35
C CYS A 52 -3.26 1.28 -13.32
N PRO A 53 -1.98 1.16 -13.81
CA PRO A 53 -1.52 0.12 -14.77
C PRO A 53 -2.24 -1.25 -14.66
N PRO A 54 -2.70 -1.79 -15.81
CA PRO A 54 -3.38 -3.08 -15.90
C PRO A 54 -2.62 -4.18 -15.14
N GLY A 55 -3.31 -4.87 -14.28
CA GLY A 55 -2.72 -5.90 -13.49
C GLY A 55 -2.42 -5.48 -12.06
N VAL A 56 -2.67 -4.24 -11.70
CA VAL A 56 -2.36 -3.80 -10.35
C VAL A 56 -3.62 -3.80 -9.46
N GLY A 57 -3.46 -4.27 -8.23
CA GLY A 57 -4.55 -4.35 -7.30
C GLY A 57 -4.55 -3.23 -6.26
N ALA A 58 -3.37 -2.75 -5.91
CA ALA A 58 -3.23 -1.70 -4.94
C ALA A 58 -2.35 -0.60 -5.48
N CYS A 59 -2.80 0.63 -5.38
CA CYS A 59 -2.10 1.77 -5.94
C CYS A 59 -2.51 3.05 -5.21
N PHE A 60 -1.57 3.94 -4.90
CA PHE A 60 -1.95 5.23 -4.31
C PHE A 60 -2.31 6.21 -5.44
N GLY A 61 -3.39 6.98 -5.26
CA GLY A 61 -3.96 7.74 -6.35
C GLY A 61 -3.17 8.95 -6.83
N GLN A 62 -2.26 9.46 -6.03
CA GLN A 62 -1.56 10.67 -6.43
C GLN A 62 -0.57 10.41 -7.54
N THR A 63 0.48 9.71 -7.20
CA THR A 63 1.56 9.43 -8.10
C THR A 63 1.36 8.12 -8.86
N ARG A 64 0.26 7.45 -8.55
CA ARG A 64 -0.14 6.19 -9.19
C ARG A 64 0.93 5.11 -8.97
N ILE A 65 1.55 5.13 -7.79
CA ILE A 65 2.57 4.17 -7.44
C ILE A 65 1.93 2.81 -7.12
N SER A 66 2.39 1.81 -7.81
CA SER A 66 1.91 0.46 -7.66
C SER A 66 2.44 -0.14 -6.37
N VAL A 67 1.56 -0.63 -5.52
CA VAL A 67 2.00 -1.22 -4.27
C VAL A 67 1.54 -2.66 -4.13
N GLY A 68 1.14 -3.26 -5.24
CA GLY A 68 0.77 -4.64 -5.23
C GLY A 68 0.07 -5.07 -6.48
N LYS A 69 0.61 -6.06 -7.15
CA LYS A 69 0.01 -6.61 -8.35
C LYS A 69 -1.23 -7.41 -7.94
N ALA A 70 -2.27 -7.31 -8.75
CA ALA A 70 -3.54 -7.96 -8.49
C ALA A 70 -3.44 -9.46 -8.69
N ASN A 71 -3.07 -10.13 -7.66
CA ASN A 71 -2.94 -11.57 -7.67
C ASN A 71 -4.05 -12.12 -6.84
N LYS A 72 -4.49 -13.29 -7.15
CA LYS A 72 -5.59 -13.89 -6.45
C LYS A 72 -5.00 -14.93 -5.58
N ARG A 73 -3.95 -14.54 -4.93
CA ARG A 73 -3.17 -15.42 -4.15
C ARG A 73 -3.79 -15.54 -2.77
N LEU A 74 -4.86 -16.30 -2.74
CA LEU A 74 -5.64 -16.54 -1.54
C LEU A 74 -4.97 -17.62 -0.72
N ARG A 75 -4.74 -17.34 0.51
CA ARG A 75 -4.26 -18.33 1.43
C ARG A 75 -5.16 -18.40 2.66
N TYR A 76 -5.41 -19.59 3.16
CA TYR A 76 -6.16 -19.76 4.38
C TYR A 76 -5.18 -19.99 5.48
N VAL A 77 -4.98 -18.99 6.28
CA VAL A 77 -4.00 -19.07 7.30
C VAL A 77 -4.59 -18.66 8.67
N ASP A 78 -4.96 -19.68 9.44
CA ASP A 78 -5.56 -19.51 10.79
C ASP A 78 -6.91 -18.79 10.71
N GLN A 79 -7.74 -19.30 9.80
CA GLN A 79 -9.12 -18.84 9.47
C GLN A 79 -9.11 -17.45 8.89
N VAL A 80 -7.94 -17.01 8.59
CA VAL A 80 -7.70 -15.76 8.02
C VAL A 80 -7.56 -15.94 6.53
N LEU A 81 -8.38 -15.25 5.82
CA LEU A 81 -8.41 -15.28 4.39
C LEU A 81 -7.54 -14.16 3.92
N GLN A 82 -6.39 -14.49 3.41
CA GLN A 82 -5.45 -13.48 3.09
C GLN A 82 -5.07 -13.46 1.63
N LEU A 83 -5.24 -12.31 1.06
CA LEU A 83 -4.87 -11.98 -0.31
C LEU A 83 -3.58 -11.22 -0.26
N VAL A 84 -2.60 -11.66 -0.97
CA VAL A 84 -1.35 -10.96 -0.96
C VAL A 84 -1.07 -10.31 -2.28
N TYR A 85 -0.92 -9.01 -2.24
CA TYR A 85 -0.64 -8.26 -3.46
C TYR A 85 0.80 -7.88 -3.42
N LYS A 86 1.59 -8.66 -4.06
CA LYS A 86 3.01 -8.50 -4.04
C LYS A 86 3.52 -7.98 -5.37
N ASP A 87 4.79 -7.61 -5.36
CA ASP A 87 5.54 -7.13 -6.53
C ASP A 87 4.88 -5.91 -7.15
N GLY A 88 4.69 -4.88 -6.36
CA GLY A 88 4.21 -3.63 -6.90
C GLY A 88 5.32 -2.90 -7.65
N SER A 89 5.71 -1.75 -7.17
CA SER A 89 6.80 -1.03 -7.77
C SER A 89 7.97 -0.95 -6.77
N PRO A 90 9.18 -0.50 -7.21
CA PRO A 90 10.34 -0.35 -6.33
C PRO A 90 10.17 0.80 -5.33
N CYS A 91 10.28 0.46 -4.09
CA CYS A 91 10.14 1.37 -2.99
C CYS A 91 11.46 2.22 -2.86
N PRO A 92 11.35 3.54 -2.53
CA PRO A 92 12.50 4.46 -2.47
C PRO A 92 13.41 4.21 -1.25
N SER A 93 12.97 3.35 -0.38
CA SER A 93 13.75 2.92 0.75
C SER A 93 15.03 2.23 0.26
N LYS A 94 14.85 1.29 -0.63
CA LYS A 94 15.89 0.55 -1.19
C LYS A 94 15.39 0.06 -2.53
N SER A 95 16.04 0.46 -3.60
CA SER A 95 15.67 0.08 -4.90
C SER A 95 15.76 -1.45 -5.01
N GLY A 96 14.74 -2.05 -5.53
CA GLY A 96 14.68 -3.49 -5.59
C GLY A 96 13.68 -4.04 -4.59
N LEU A 97 13.34 -3.27 -3.56
CA LEU A 97 12.29 -3.67 -2.64
C LEU A 97 10.98 -3.31 -3.27
N SER A 98 10.11 -4.25 -3.41
CA SER A 98 8.85 -4.00 -4.00
C SER A 98 7.78 -3.88 -2.92
N TYR A 99 6.82 -2.98 -3.15
CA TYR A 99 5.71 -2.79 -2.23
C TYR A 99 4.81 -4.02 -2.26
N LYS A 100 4.11 -4.27 -1.17
CA LYS A 100 3.25 -5.40 -1.05
C LYS A 100 2.13 -5.09 -0.10
N SER A 101 0.95 -5.31 -0.55
CA SER A 101 -0.23 -5.06 0.21
C SER A 101 -0.78 -6.38 0.70
N VAL A 102 -0.91 -6.50 1.99
CA VAL A 102 -1.38 -7.71 2.61
C VAL A 102 -2.82 -7.51 3.06
N ILE A 103 -3.72 -8.14 2.36
CA ILE A 103 -5.14 -8.03 2.65
C ILE A 103 -5.56 -9.22 3.49
N SER A 104 -5.87 -8.94 4.71
CA SER A 104 -6.18 -9.93 5.68
C SER A 104 -7.66 -9.80 6.09
N PHE A 105 -8.46 -10.76 5.66
CA PHE A 105 -9.87 -10.79 6.03
C PHE A 105 -10.01 -11.49 7.36
N VAL A 106 -10.53 -10.76 8.32
CA VAL A 106 -10.63 -11.25 9.66
C VAL A 106 -12.09 -11.50 10.02
N CYS A 107 -12.35 -12.69 10.43
CA CYS A 107 -13.65 -13.14 10.87
C CYS A 107 -14.16 -12.31 12.04
N ARG A 108 -15.19 -11.52 11.81
CA ARG A 108 -15.87 -10.85 12.89
C ARG A 108 -17.38 -10.90 12.68
N PRO A 109 -18.10 -11.85 13.34
CA PRO A 109 -19.57 -11.93 13.25
C PRO A 109 -20.25 -10.64 13.77
N GLU A 110 -19.61 -10.00 14.74
CA GLU A 110 -20.05 -8.74 15.35
C GLU A 110 -19.80 -7.50 14.49
N ALA A 111 -20.11 -7.66 13.23
CA ALA A 111 -20.03 -6.65 12.18
C ALA A 111 -20.33 -5.23 12.69
N GLY A 112 -19.45 -4.31 12.34
CA GLY A 112 -19.61 -2.94 12.73
C GLY A 112 -18.72 -2.06 11.88
N PRO A 113 -18.11 -1.03 12.46
CA PRO A 113 -17.25 -0.09 11.72
C PRO A 113 -15.82 -0.63 11.52
N THR A 114 -15.69 -1.91 11.74
CA THR A 114 -14.47 -2.64 11.60
C THR A 114 -14.52 -3.41 10.28
N ASN A 115 -15.68 -3.36 9.65
CA ASN A 115 -15.98 -4.07 8.43
C ASN A 115 -15.72 -3.15 7.26
N ARG A 116 -14.48 -2.75 7.16
CA ARG A 116 -13.99 -1.86 6.16
C ARG A 116 -12.48 -2.01 6.12
N PRO A 117 -11.88 -2.02 4.93
CA PRO A 117 -10.44 -2.21 4.78
C PRO A 117 -9.64 -1.03 5.35
N MET A 118 -8.98 -1.26 6.46
CA MET A 118 -8.19 -0.21 7.10
C MET A 118 -6.72 -0.58 7.11
N LEU A 119 -5.87 0.43 7.02
CA LEU A 119 -4.43 0.25 6.98
C LEU A 119 -3.94 0.15 8.42
N ILE A 120 -3.42 -0.99 8.80
CA ILE A 120 -2.94 -1.22 10.16
C ILE A 120 -1.68 -0.47 10.37
N SER A 121 -0.74 -0.72 9.50
CA SER A 121 0.57 -0.19 9.62
C SER A 121 1.37 -0.52 8.40
N LEU A 122 2.33 0.29 8.13
CA LEU A 122 3.26 0.08 7.08
C LEU A 122 4.57 -0.34 7.68
N ASP A 123 5.01 -1.54 7.36
CA ASP A 123 6.40 -1.91 7.68
C ASP A 123 7.20 -1.15 6.68
N LYS A 124 7.71 -0.06 7.13
CA LYS A 124 8.26 0.98 6.30
C LYS A 124 9.69 0.61 5.89
N GLN A 125 10.20 -0.41 6.50
CA GLN A 125 11.52 -0.87 6.20
C GLN A 125 11.50 -1.84 5.01
N THR A 126 10.58 -2.79 5.03
CA THR A 126 10.47 -3.75 3.94
C THR A 126 9.41 -3.33 2.90
N CYS A 127 8.72 -2.19 3.20
CA CYS A 127 7.66 -1.61 2.35
C CYS A 127 6.46 -2.54 2.21
N THR A 128 6.00 -2.98 3.35
CA THR A 128 4.91 -3.93 3.45
C THR A 128 3.70 -3.23 4.09
N LEU A 129 2.58 -3.24 3.42
CA LEU A 129 1.40 -2.52 3.88
C LEU A 129 0.41 -3.54 4.41
N PHE A 130 -0.11 -3.33 5.61
CA PHE A 130 -1.06 -4.26 6.18
C PHE A 130 -2.48 -3.69 6.15
N PHE A 131 -3.43 -4.51 5.76
CA PHE A 131 -4.84 -4.14 5.64
C PHE A 131 -5.68 -5.16 6.40
N SER A 132 -6.67 -4.69 7.14
CA SER A 132 -7.57 -5.56 7.86
C SER A 132 -8.97 -5.23 7.45
N TRP A 133 -9.86 -6.18 7.58
CA TRP A 133 -11.22 -6.05 7.22
C TRP A 133 -11.95 -7.07 8.07
N HIS A 134 -12.61 -6.61 9.09
CA HIS A 134 -13.29 -7.50 10.01
C HIS A 134 -14.72 -7.69 9.59
N THR A 135 -14.96 -8.79 8.95
CA THR A 135 -16.23 -9.11 8.35
C THR A 135 -16.63 -10.55 8.72
N PRO A 136 -17.94 -10.84 8.87
CA PRO A 136 -18.41 -12.20 9.13
C PRO A 136 -18.39 -13.08 7.89
N LEU A 137 -18.02 -12.51 6.74
CA LEU A 137 -17.93 -13.31 5.53
C LEU A 137 -16.73 -14.27 5.65
N ALA A 138 -15.74 -13.84 6.41
CA ALA A 138 -14.51 -14.61 6.62
C ALA A 138 -14.67 -15.57 7.81
N CYS A 139 -15.89 -15.88 8.14
CA CYS A 139 -16.20 -16.76 9.22
C CYS A 139 -16.81 -18.04 8.71
N GLU A 140 -16.62 -19.08 9.44
CA GLU A 140 -17.24 -20.33 9.14
C GLU A 140 -18.32 -20.58 10.21
N PRO A 141 -19.56 -20.85 9.77
CA PRO A 141 -20.69 -21.02 10.70
C PRO A 141 -20.58 -22.27 11.57
N GLU A 142 -20.15 -22.08 12.78
CA GLU A 142 -20.03 -23.13 13.74
C GLU A 142 -20.26 -22.50 15.12
N ALA B 1 6.95 -4.24 -15.85
CA ALA B 1 7.25 -2.82 -15.97
C ALA B 1 8.44 -2.49 -15.11
N TYR B 2 9.62 -2.66 -15.64
CA TYR B 2 10.81 -2.39 -14.89
C TYR B 2 11.52 -1.24 -15.56
N ARG B 3 11.90 -0.28 -14.79
CA ARG B 3 12.64 0.83 -15.31
C ARG B 3 14.07 0.79 -14.78
N PRO B 4 15.08 0.91 -15.70
CA PRO B 4 16.51 0.87 -15.35
C PRO B 4 16.92 1.95 -14.33
N SER B 5 16.18 3.03 -14.29
CA SER B 5 16.34 4.00 -13.26
C SER B 5 15.46 3.54 -12.11
N GLU B 6 16.07 2.91 -11.12
CA GLU B 6 15.32 2.22 -10.07
C GLU B 6 14.74 3.17 -9.05
N THR B 7 15.28 4.33 -8.98
CA THR B 7 14.76 5.31 -8.07
C THR B 7 13.84 6.30 -8.82
N LEU B 8 12.82 6.75 -8.12
CA LEU B 8 11.79 7.63 -8.67
C LEU B 8 12.26 9.07 -8.85
N CYS B 9 11.54 9.84 -9.65
CA CYS B 9 11.97 11.20 -9.97
C CYS B 9 10.77 12.12 -10.25
N GLY B 10 10.96 13.42 -10.07
CA GLY B 10 9.94 14.41 -10.40
C GLY B 10 8.82 14.45 -9.39
N GLY B 11 7.61 14.27 -9.88
CA GLY B 11 6.42 14.26 -9.02
C GLY B 11 6.49 13.15 -7.99
N GLU B 12 7.18 12.09 -8.32
CA GLU B 12 7.36 10.95 -7.44
C GLU B 12 8.17 11.36 -6.21
N LEU B 13 9.03 12.33 -6.39
CA LEU B 13 9.87 12.82 -5.31
C LEU B 13 9.02 13.63 -4.35
N VAL B 14 8.28 14.56 -4.88
CA VAL B 14 7.49 15.44 -4.06
C VAL B 14 6.33 14.71 -3.37
N ASP B 15 5.72 13.76 -4.05
CA ASP B 15 4.60 13.03 -3.43
C ASP B 15 5.06 11.98 -2.40
N THR B 16 6.31 11.48 -2.46
CA THR B 16 6.78 10.58 -1.41
C THR B 16 7.01 11.38 -0.11
N LEU B 17 7.54 12.60 -0.29
CA LEU B 17 7.62 13.60 0.78
C LEU B 17 6.22 13.80 1.39
N GLN B 18 5.24 13.95 0.53
CA GLN B 18 3.81 14.12 0.89
C GLN B 18 3.29 12.86 1.60
N PHE B 19 3.66 11.71 1.08
CA PHE B 19 3.21 10.41 1.60
C PHE B 19 3.36 10.28 3.11
N VAL B 20 4.55 10.50 3.63
CA VAL B 20 4.68 10.39 5.07
C VAL B 20 4.64 11.76 5.77
N CYS B 21 5.02 12.80 5.06
CA CYS B 21 5.11 14.11 5.70
C CYS B 21 3.93 15.01 5.35
N GLY B 22 2.85 14.41 4.89
CA GLY B 22 1.65 15.19 4.58
C GLY B 22 1.11 15.99 5.76
N ASP B 23 1.01 15.36 6.91
CA ASP B 23 0.50 16.02 8.11
C ASP B 23 1.51 17.02 8.67
N ARG B 24 2.78 16.66 8.64
CA ARG B 24 3.83 17.51 9.19
C ARG B 24 4.14 18.69 8.28
N GLY B 25 4.13 18.43 7.01
CA GLY B 25 4.50 19.39 6.03
C GLY B 25 5.71 18.87 5.32
N PHE B 26 5.90 19.24 4.09
CA PHE B 26 7.03 18.76 3.34
C PHE B 26 7.63 19.89 2.53
N TYR B 27 8.94 19.86 2.35
CA TYR B 27 9.60 20.82 1.50
C TYR B 27 11.05 20.42 1.29
N PHE B 28 11.53 20.53 0.07
CA PHE B 28 12.92 20.30 -0.22
C PHE B 28 13.61 21.56 -0.80
N SER B 29 12.85 22.43 -1.44
CA SER B 29 13.39 23.65 -1.95
C SER B 29 13.52 24.64 -0.82
N ARG B 30 14.61 25.34 -0.79
CA ARG B 30 14.93 26.24 0.30
C ARG B 30 15.12 27.65 -0.25
N PRO B 31 15.20 28.69 0.62
CA PRO B 31 15.28 30.10 0.21
C PRO B 31 16.68 30.55 -0.22
N ALA B 32 17.58 29.63 -0.46
CA ALA B 32 18.91 30.00 -0.96
C ALA B 32 18.80 30.52 -2.36
N SER B 33 18.14 29.77 -3.17
CA SER B 33 17.86 30.10 -4.49
C SER B 33 16.85 29.13 -4.97
N ARG B 34 16.07 29.57 -5.87
CA ARG B 34 15.00 28.79 -6.41
C ARG B 34 15.53 28.05 -7.65
N VAL B 35 16.83 28.23 -7.88
CA VAL B 35 17.56 27.54 -8.94
C VAL B 35 18.11 26.24 -8.35
N SER B 36 17.93 26.11 -7.05
CA SER B 36 18.27 24.98 -6.29
C SER B 36 19.78 24.75 -6.24
N ARG B 37 20.54 25.85 -6.29
CA ARG B 37 21.98 25.80 -6.14
C ARG B 37 22.38 25.30 -4.77
N ARG B 38 22.18 26.13 -3.75
CA ARG B 38 22.44 25.71 -2.40
C ARG B 38 21.26 24.93 -1.85
N SER B 39 20.15 25.16 -2.46
CA SER B 39 18.92 24.50 -2.09
C SER B 39 18.72 23.29 -2.95
N ARG B 40 19.65 22.40 -2.86
CA ARG B 40 19.68 21.17 -3.64
C ARG B 40 18.42 20.37 -3.42
N GLY B 41 18.07 20.20 -2.19
CA GLY B 41 16.83 19.58 -1.80
C GLY B 41 16.53 18.26 -2.45
N ILE B 42 17.49 17.30 -2.33
CA ILE B 42 17.37 15.83 -2.71
C ILE B 42 16.89 15.47 -4.14
N VAL B 43 16.26 16.39 -4.80
CA VAL B 43 15.64 16.20 -6.11
C VAL B 43 16.54 15.54 -7.16
N GLU B 44 17.80 15.91 -7.18
CA GLU B 44 18.67 15.44 -8.21
C GLU B 44 19.35 14.14 -7.76
N GLU B 45 19.62 14.05 -6.47
CA GLU B 45 20.23 12.87 -5.86
C GLU B 45 19.31 11.70 -5.98
N CYS B 46 18.09 11.86 -5.58
CA CYS B 46 17.18 10.74 -5.58
C CYS B 46 16.75 10.40 -7.03
N CYS B 47 16.85 11.37 -7.92
CA CYS B 47 16.47 11.16 -9.31
C CYS B 47 17.53 10.38 -10.09
N PHE B 48 18.82 10.66 -9.85
CA PHE B 48 19.89 9.99 -10.63
C PHE B 48 20.85 9.15 -9.77
N ARG B 49 20.56 9.02 -8.51
CA ARG B 49 21.34 8.19 -7.62
C ARG B 49 20.36 7.32 -6.87
N SER B 50 20.88 6.36 -6.17
CA SER B 50 20.07 5.50 -5.39
C SER B 50 19.89 6.12 -4.01
N CYS B 51 18.76 6.73 -3.83
CA CYS B 51 18.40 7.37 -2.61
C CYS B 51 17.82 6.33 -1.69
N ASP B 52 18.11 6.44 -0.43
CA ASP B 52 17.53 5.53 0.50
C ASP B 52 16.45 6.22 1.33
N LEU B 53 15.71 5.47 2.11
CA LEU B 53 14.60 6.04 2.87
C LEU B 53 15.03 7.08 3.90
N ALA B 54 16.20 6.88 4.54
CA ALA B 54 16.66 7.72 5.65
C ALA B 54 16.77 9.16 5.24
N LEU B 55 17.19 9.37 4.00
CA LEU B 55 17.41 10.69 3.46
C LEU B 55 16.13 11.49 3.45
N LEU B 56 15.10 10.96 2.82
CA LEU B 56 13.87 11.67 2.71
C LEU B 56 13.14 11.69 4.04
N GLU B 57 13.41 10.69 4.85
CA GLU B 57 12.82 10.58 6.15
C GLU B 57 13.34 11.67 7.11
N THR B 58 14.66 11.75 7.27
CA THR B 58 15.21 12.74 8.19
C THR B 58 15.22 14.16 7.57
N TYR B 59 15.08 14.25 6.24
CA TYR B 59 15.00 15.54 5.60
C TYR B 59 13.59 16.04 5.83
N CYS B 60 12.63 15.45 5.10
CA CYS B 60 11.18 15.70 5.22
C CYS B 60 10.77 17.19 5.16
N ALA B 61 11.00 17.86 6.25
CA ALA B 61 10.67 19.23 6.47
C ALA B 61 11.52 19.63 7.63
N THR B 62 11.41 18.80 8.63
CA THR B 62 12.11 18.89 9.85
C THR B 62 12.37 17.45 10.32
N PRO B 63 13.46 17.25 11.04
CA PRO B 63 13.82 15.93 11.57
C PRO B 63 13.00 15.52 12.79
N ALA B 64 12.37 16.49 13.43
CA ALA B 64 11.57 16.24 14.63
C ALA B 64 10.32 17.12 14.67
N LYS B 65 9.57 17.10 13.56
CA LYS B 65 8.32 17.84 13.36
C LYS B 65 8.54 19.37 13.28
N SER B 66 7.77 20.04 12.43
CA SER B 66 7.95 21.46 12.16
C SER B 66 7.24 22.33 13.18
N GLU B 67 7.22 21.89 14.40
CA GLU B 67 6.62 22.59 15.47
C GLU B 67 7.21 22.02 16.74
N MET A 1 -3.24 -27.93 3.93
CA MET A 1 -2.04 -27.73 3.12
C MET A 1 -2.29 -28.26 1.75
N LYS A 2 -1.22 -28.43 0.96
CA LYS A 2 -1.30 -28.99 -0.38
C LYS A 2 -2.12 -28.11 -1.31
N SER A 3 -1.60 -26.91 -1.56
CA SER A 3 -2.24 -25.93 -2.44
C SER A 3 -3.68 -25.62 -2.01
N ASN A 4 -3.82 -24.68 -1.08
CA ASN A 4 -5.14 -24.35 -0.57
C ASN A 4 -5.94 -23.55 -1.57
N GLU A 5 -5.26 -22.97 -2.53
CA GLU A 5 -5.88 -22.09 -3.46
C GLU A 5 -6.32 -22.80 -4.74
N HIS A 6 -7.42 -22.33 -5.27
CA HIS A 6 -8.04 -22.77 -6.51
C HIS A 6 -9.11 -21.74 -6.73
N ASP A 7 -9.40 -21.38 -7.99
CA ASP A 7 -10.35 -20.35 -8.34
C ASP A 7 -9.81 -18.95 -7.89
N ASP A 8 -10.21 -17.85 -8.60
CA ASP A 8 -9.85 -16.43 -8.22
C ASP A 8 -9.67 -16.23 -6.72
N CYS A 9 -10.75 -16.20 -5.97
CA CYS A 9 -10.66 -16.00 -4.54
C CYS A 9 -11.72 -16.79 -3.82
N GLN A 10 -11.49 -18.06 -3.66
CA GLN A 10 -12.39 -18.86 -2.90
C GLN A 10 -11.67 -20.08 -2.41
N VAL A 11 -11.79 -20.34 -1.15
CA VAL A 11 -11.13 -21.45 -0.56
C VAL A 11 -12.07 -22.26 0.27
N THR A 12 -12.00 -23.53 0.13
CA THR A 12 -12.78 -24.40 0.91
C THR A 12 -11.87 -25.05 1.90
N ASN A 13 -12.25 -25.03 3.13
CA ASN A 13 -11.49 -25.67 4.15
C ASN A 13 -11.97 -27.09 4.27
N PRO A 14 -11.15 -28.07 3.89
CA PRO A 14 -11.54 -29.48 3.86
C PRO A 14 -11.70 -30.09 5.26
N SER A 15 -11.28 -29.36 6.26
CA SER A 15 -11.41 -29.80 7.61
C SER A 15 -12.88 -29.71 8.08
N THR A 16 -13.56 -28.65 7.68
CA THR A 16 -14.94 -28.48 8.08
C THR A 16 -15.91 -28.36 6.87
N GLY A 17 -15.34 -28.22 5.68
CA GLY A 17 -16.13 -28.16 4.46
C GLY A 17 -16.73 -26.80 4.18
N HIS A 18 -16.14 -25.77 4.75
CA HIS A 18 -16.68 -24.43 4.58
C HIS A 18 -15.99 -23.73 3.42
N LEU A 19 -16.79 -23.26 2.50
CA LEU A 19 -16.37 -22.57 1.31
C LEU A 19 -16.40 -21.04 1.57
N PHE A 20 -15.24 -20.40 1.51
CA PHE A 20 -15.18 -18.95 1.59
C PHE A 20 -15.19 -18.35 0.21
N ASP A 21 -16.19 -17.55 -0.06
CA ASP A 21 -16.32 -16.87 -1.33
C ASP A 21 -15.94 -15.42 -1.16
N LEU A 22 -14.82 -15.03 -1.73
CA LEU A 22 -14.38 -13.66 -1.62
C LEU A 22 -14.75 -12.90 -2.87
N SER A 23 -15.45 -13.58 -3.76
CA SER A 23 -15.89 -13.02 -5.03
C SER A 23 -16.89 -11.89 -4.76
N SER A 24 -17.61 -12.02 -3.65
CA SER A 24 -18.58 -11.04 -3.21
C SER A 24 -17.89 -9.70 -2.93
N LEU A 25 -16.65 -9.76 -2.47
CA LEU A 25 -15.92 -8.56 -2.09
C LEU A 25 -15.04 -8.08 -3.22
N SER A 26 -15.09 -8.76 -4.33
CA SER A 26 -14.26 -8.43 -5.46
C SER A 26 -14.78 -7.18 -6.19
N GLY A 27 -13.90 -6.58 -6.97
CA GLY A 27 -14.26 -5.44 -7.74
C GLY A 27 -13.11 -4.97 -8.59
N ARG A 28 -13.42 -4.57 -9.80
CA ARG A 28 -12.45 -4.07 -10.76
C ARG A 28 -12.34 -2.54 -10.66
N ALA A 29 -13.45 -1.89 -10.28
CA ALA A 29 -13.46 -0.43 -10.13
C ALA A 29 -12.70 -0.04 -8.87
N GLY A 30 -12.80 -0.87 -7.88
CA GLY A 30 -12.00 -0.70 -6.72
C GLY A 30 -12.78 -0.21 -5.54
N PHE A 31 -12.07 0.00 -4.46
CA PHE A 31 -12.61 0.50 -3.23
C PHE A 31 -11.62 1.52 -2.70
N THR A 32 -12.11 2.54 -2.05
CA THR A 32 -11.26 3.56 -1.48
C THR A 32 -11.13 3.38 0.01
N ALA A 33 -9.92 3.27 0.47
CA ALA A 33 -9.66 3.12 1.88
C ALA A 33 -8.86 4.31 2.36
N ALA A 34 -9.26 4.86 3.49
CA ALA A 34 -8.61 6.01 4.04
C ALA A 34 -7.46 5.60 4.93
N TYR A 35 -6.31 6.12 4.62
CA TYR A 35 -5.11 5.85 5.34
C TYR A 35 -4.49 7.16 5.83
N SER A 36 -3.47 7.65 5.15
CA SER A 36 -2.83 8.90 5.49
C SER A 36 -3.85 10.05 5.34
N LYS A 37 -3.60 11.19 5.98
CA LYS A 37 -4.57 12.30 5.96
C LYS A 37 -5.04 12.65 4.52
N SER A 38 -4.13 12.66 3.58
CA SER A 38 -4.46 12.93 2.21
C SER A 38 -4.14 11.68 1.37
N GLY A 39 -4.33 10.50 1.96
CA GLY A 39 -3.97 9.29 1.28
C GLY A 39 -5.07 8.25 1.22
N VAL A 40 -5.46 7.90 0.01
CA VAL A 40 -6.46 6.87 -0.19
C VAL A 40 -5.91 5.80 -1.13
N VAL A 41 -6.16 4.56 -0.79
CA VAL A 41 -5.78 3.46 -1.64
C VAL A 41 -6.92 3.03 -2.52
N TYR A 42 -6.61 2.87 -3.77
CA TYR A 42 -7.51 2.30 -4.71
C TYR A 42 -7.16 0.85 -4.82
N MET A 43 -7.92 0.05 -4.14
CA MET A 43 -7.68 -1.38 -4.15
C MET A 43 -8.73 -2.12 -4.88
N SER A 44 -8.34 -3.13 -5.58
CA SER A 44 -9.22 -3.98 -6.28
C SER A 44 -9.10 -5.41 -5.74
N ILE A 45 -10.11 -5.86 -5.06
CA ILE A 45 -10.11 -7.19 -4.51
C ILE A 45 -10.34 -8.21 -5.62
N CYS A 46 -9.37 -9.10 -5.81
CA CYS A 46 -9.47 -10.21 -6.76
C CYS A 46 -9.58 -9.74 -8.19
N GLY A 47 -8.80 -8.75 -8.50
CA GLY A 47 -8.76 -8.18 -9.80
C GLY A 47 -7.87 -7.00 -9.81
N GLU A 48 -7.76 -6.35 -10.91
CA GLU A 48 -6.93 -5.19 -11.03
C GLU A 48 -7.79 -3.94 -11.18
N ASN A 49 -7.31 -2.86 -10.62
CA ASN A 49 -8.03 -1.62 -10.60
C ASN A 49 -7.60 -0.76 -11.78
N GLU A 50 -8.57 -0.09 -12.41
CA GLU A 50 -8.33 0.72 -13.59
C GLU A 50 -7.71 2.08 -13.25
N ASN A 51 -7.72 2.43 -11.99
CA ASN A 51 -7.21 3.74 -11.54
C ASN A 51 -5.70 3.80 -11.55
N CYS A 52 -5.08 2.70 -11.79
CA CYS A 52 -3.65 2.65 -11.83
C CYS A 52 -3.27 1.76 -13.04
N PRO A 53 -1.97 1.69 -13.46
CA PRO A 53 -1.48 0.78 -14.53
C PRO A 53 -2.14 -0.63 -14.52
N PRO A 54 -2.26 -1.25 -15.71
CA PRO A 54 -2.83 -2.59 -15.87
C PRO A 54 -2.03 -3.61 -15.05
N GLY A 55 -2.74 -4.33 -14.20
CA GLY A 55 -2.11 -5.30 -13.36
C GLY A 55 -2.04 -4.87 -11.93
N VAL A 56 -2.41 -3.65 -11.66
CA VAL A 56 -2.37 -3.12 -10.34
C VAL A 56 -3.56 -3.57 -9.50
N GLY A 57 -3.25 -4.21 -8.41
CA GLY A 57 -4.26 -4.61 -7.47
C GLY A 57 -4.38 -3.61 -6.32
N ALA A 58 -3.26 -3.03 -5.94
CA ALA A 58 -3.23 -2.04 -4.89
C ALA A 58 -2.44 -0.83 -5.34
N CYS A 59 -3.04 0.33 -5.28
CA CYS A 59 -2.37 1.54 -5.71
C CYS A 59 -2.91 2.72 -4.93
N PHE A 60 -2.04 3.61 -4.51
CA PHE A 60 -2.47 4.85 -3.92
C PHE A 60 -2.74 5.86 -5.02
N GLY A 61 -3.80 6.64 -4.87
CA GLY A 61 -4.14 7.61 -5.89
C GLY A 61 -3.42 8.91 -5.67
N GLN A 62 -2.31 8.85 -4.95
CA GLN A 62 -1.53 10.00 -4.59
C GLN A 62 -0.88 10.62 -5.83
N THR A 63 0.10 9.92 -6.38
CA THR A 63 0.71 10.30 -7.63
C THR A 63 0.79 9.04 -8.54
N ARG A 64 -0.25 8.20 -8.38
CA ARG A 64 -0.41 6.91 -9.08
C ARG A 64 0.72 5.94 -8.68
N ILE A 65 0.80 5.63 -7.40
CA ILE A 65 1.86 4.76 -6.87
C ILE A 65 1.32 3.35 -6.58
N SER A 66 1.81 2.38 -7.31
CA SER A 66 1.39 0.98 -7.15
C SER A 66 2.08 0.34 -5.96
N VAL A 67 1.37 -0.49 -5.22
CA VAL A 67 1.96 -1.19 -4.08
C VAL A 67 1.62 -2.67 -4.09
N GLY A 68 1.19 -3.16 -5.22
CA GLY A 68 0.88 -4.55 -5.30
C GLY A 68 0.24 -4.91 -6.60
N LYS A 69 0.75 -5.94 -7.22
CA LYS A 69 0.21 -6.42 -8.46
C LYS A 69 -0.94 -7.36 -8.15
N ALA A 70 -1.95 -7.30 -8.97
CA ALA A 70 -3.16 -8.07 -8.82
C ALA A 70 -2.91 -9.54 -9.02
N ASN A 71 -2.64 -10.20 -7.95
CA ASN A 71 -2.54 -11.64 -7.91
C ASN A 71 -3.82 -12.16 -7.35
N LYS A 72 -3.99 -13.45 -7.34
CA LYS A 72 -5.20 -14.03 -6.84
C LYS A 72 -4.88 -15.31 -6.12
N ARG A 73 -3.99 -15.19 -5.16
CA ARG A 73 -3.60 -16.33 -4.42
C ARG A 73 -4.21 -16.27 -3.03
N LEU A 74 -5.49 -16.60 -2.96
CA LEU A 74 -6.24 -16.65 -1.71
C LEU A 74 -5.64 -17.75 -0.80
N ARG A 75 -5.30 -17.37 0.40
CA ARG A 75 -4.78 -18.30 1.39
C ARG A 75 -5.66 -18.29 2.64
N TYR A 76 -5.82 -19.43 3.28
CA TYR A 76 -6.61 -19.52 4.48
C TYR A 76 -5.72 -19.90 5.66
N VAL A 77 -5.50 -18.94 6.54
CA VAL A 77 -4.65 -19.14 7.71
C VAL A 77 -5.38 -18.81 9.02
N ASP A 78 -6.03 -19.81 9.59
CA ASP A 78 -6.77 -19.74 10.90
C ASP A 78 -7.83 -18.62 10.85
N GLN A 79 -8.71 -18.78 9.89
CA GLN A 79 -9.86 -17.92 9.57
C GLN A 79 -9.44 -16.54 9.14
N VAL A 80 -8.21 -16.44 8.77
CA VAL A 80 -7.67 -15.29 8.15
C VAL A 80 -7.58 -15.58 6.68
N LEU A 81 -8.25 -14.80 5.92
CA LEU A 81 -8.30 -14.94 4.48
C LEU A 81 -7.27 -13.99 3.90
N GLN A 82 -6.20 -14.54 3.42
CA GLN A 82 -5.09 -13.76 2.95
C GLN A 82 -5.09 -13.59 1.45
N LEU A 83 -4.93 -12.37 1.04
CA LEU A 83 -4.70 -11.99 -0.33
C LEU A 83 -3.44 -11.16 -0.35
N VAL A 84 -2.37 -11.77 -0.76
CA VAL A 84 -1.10 -11.08 -0.75
C VAL A 84 -0.82 -10.49 -2.15
N TYR A 85 -0.54 -9.21 -2.19
CA TYR A 85 -0.29 -8.49 -3.42
C TYR A 85 1.12 -7.98 -3.37
N LYS A 86 1.94 -8.54 -4.17
CA LYS A 86 3.33 -8.20 -4.20
C LYS A 86 3.75 -7.93 -5.62
N ASP A 87 5.03 -7.62 -5.80
CA ASP A 87 5.62 -7.35 -7.10
C ASP A 87 4.97 -6.15 -7.75
N GLY A 88 4.76 -5.14 -6.92
CA GLY A 88 4.16 -3.92 -7.38
C GLY A 88 5.22 -2.95 -7.84
N SER A 89 5.09 -1.71 -7.44
CA SER A 89 6.02 -0.71 -7.85
C SER A 89 7.20 -0.72 -6.89
N PRO A 90 8.40 -0.39 -7.39
CA PRO A 90 9.58 -0.25 -6.57
C PRO A 90 9.37 0.88 -5.57
N CYS A 91 9.83 0.67 -4.37
CA CYS A 91 9.71 1.60 -3.28
C CYS A 91 10.79 2.67 -3.44
N PRO A 92 10.39 3.92 -3.78
CA PRO A 92 11.34 5.03 -4.04
C PRO A 92 12.24 5.30 -2.85
N SER A 93 11.68 5.12 -1.67
CA SER A 93 12.34 5.31 -0.40
C SER A 93 13.58 4.39 -0.22
N LYS A 94 13.65 3.28 -0.94
CA LYS A 94 14.80 2.39 -0.84
C LYS A 94 14.91 1.54 -2.11
N SER A 95 16.03 1.65 -2.80
CA SER A 95 16.23 0.94 -4.00
C SER A 95 16.41 -0.56 -3.70
N GLY A 96 15.74 -1.37 -4.46
CA GLY A 96 15.79 -2.79 -4.27
C GLY A 96 14.54 -3.34 -3.63
N LEU A 97 13.75 -2.48 -3.05
CA LEU A 97 12.54 -2.91 -2.40
C LEU A 97 11.34 -2.59 -3.26
N SER A 98 10.43 -3.50 -3.32
CA SER A 98 9.18 -3.32 -4.01
C SER A 98 8.05 -3.38 -2.99
N TYR A 99 7.00 -2.61 -3.22
CA TYR A 99 5.88 -2.54 -2.31
C TYR A 99 5.09 -3.85 -2.31
N LYS A 100 4.49 -4.15 -1.18
CA LYS A 100 3.65 -5.32 -1.02
C LYS A 100 2.57 -5.01 -0.03
N SER A 101 1.39 -5.40 -0.36
CA SER A 101 0.25 -5.18 0.44
C SER A 101 -0.37 -6.52 0.84
N VAL A 102 -0.55 -6.72 2.12
CA VAL A 102 -1.10 -7.95 2.62
C VAL A 102 -2.53 -7.72 3.10
N ILE A 103 -3.46 -8.18 2.32
CA ILE A 103 -4.86 -8.05 2.60
C ILE A 103 -5.29 -9.25 3.41
N SER A 104 -5.75 -9.01 4.58
CA SER A 104 -6.14 -10.05 5.48
C SER A 104 -7.58 -9.84 5.92
N PHE A 105 -8.43 -10.78 5.56
CA PHE A 105 -9.81 -10.75 5.97
C PHE A 105 -9.92 -11.40 7.31
N VAL A 106 -10.43 -10.66 8.25
CA VAL A 106 -10.51 -11.07 9.62
C VAL A 106 -11.95 -11.31 10.01
N CYS A 107 -12.17 -12.40 10.69
CA CYS A 107 -13.47 -12.80 11.15
C CYS A 107 -13.97 -11.83 12.23
N ARG A 108 -14.93 -11.00 11.89
CA ARG A 108 -15.53 -10.11 12.84
C ARG A 108 -17.05 -10.20 12.72
N PRO A 109 -17.72 -11.03 13.53
CA PRO A 109 -19.18 -11.22 13.44
C PRO A 109 -19.94 -9.95 13.85
N GLU A 110 -19.32 -9.14 14.68
CA GLU A 110 -19.83 -7.87 15.17
C GLU A 110 -19.70 -6.74 14.15
N ALA A 111 -20.04 -7.05 12.90
CA ALA A 111 -20.01 -6.13 11.75
C ALA A 111 -20.32 -4.67 12.13
N GLY A 112 -19.44 -3.79 11.76
CA GLY A 112 -19.60 -2.42 12.06
C GLY A 112 -18.62 -1.63 11.25
N PRO A 113 -18.02 -0.58 11.82
CA PRO A 113 -17.10 0.30 11.08
C PRO A 113 -15.72 -0.32 10.85
N THR A 114 -15.60 -1.57 11.17
CA THR A 114 -14.41 -2.32 11.03
C THR A 114 -14.42 -3.09 9.71
N ASN A 115 -15.58 -3.10 9.07
CA ASN A 115 -15.81 -3.81 7.81
C ASN A 115 -15.40 -2.91 6.64
N ARG A 116 -14.12 -2.63 6.59
CA ARG A 116 -13.51 -1.74 5.63
C ARG A 116 -12.02 -1.97 5.66
N PRO A 117 -11.34 -1.93 4.49
CA PRO A 117 -9.89 -2.12 4.42
C PRO A 117 -9.15 -1.11 5.31
N MET A 118 -8.61 -1.58 6.40
CA MET A 118 -7.94 -0.74 7.37
C MET A 118 -6.43 -0.98 7.28
N LEU A 119 -5.66 0.09 7.23
CA LEU A 119 -4.21 -0.02 7.15
C LEU A 119 -3.71 -0.17 8.57
N ILE A 120 -3.14 -1.32 8.88
CA ILE A 120 -2.64 -1.58 10.22
C ILE A 120 -1.44 -0.74 10.47
N SER A 121 -0.47 -0.85 9.58
CA SER A 121 0.77 -0.16 9.73
C SER A 121 1.63 -0.44 8.50
N LEU A 122 2.48 0.49 8.21
CA LEU A 122 3.44 0.37 7.15
C LEU A 122 4.78 -0.01 7.73
N ASP A 123 5.20 -1.23 7.49
CA ASP A 123 6.56 -1.62 7.82
C ASP A 123 7.46 -0.95 6.82
N LYS A 124 8.01 0.14 7.23
CA LYS A 124 8.78 1.00 6.37
C LYS A 124 10.15 0.43 6.00
N GLN A 125 10.62 -0.57 6.74
CA GLN A 125 11.89 -1.18 6.42
C GLN A 125 11.79 -2.04 5.20
N THR A 126 10.67 -2.70 5.05
CA THR A 126 10.48 -3.62 3.98
C THR A 126 9.50 -3.08 2.90
N CYS A 127 8.88 -1.91 3.20
CA CYS A 127 7.89 -1.25 2.33
C CYS A 127 6.65 -2.15 2.19
N THR A 128 6.19 -2.64 3.32
CA THR A 128 5.08 -3.59 3.37
C THR A 128 3.88 -2.97 4.09
N LEU A 129 2.71 -3.11 3.51
CA LEU A 129 1.50 -2.58 4.07
C LEU A 129 0.64 -3.72 4.55
N PHE A 130 0.10 -3.59 5.70
CA PHE A 130 -0.79 -4.58 6.22
C PHE A 130 -2.21 -4.04 6.24
N PHE A 131 -3.14 -4.82 5.75
CA PHE A 131 -4.53 -4.43 5.66
C PHE A 131 -5.40 -5.42 6.39
N SER A 132 -6.31 -4.91 7.15
CA SER A 132 -7.27 -5.70 7.86
C SER A 132 -8.63 -5.34 7.29
N TRP A 133 -9.55 -6.24 7.42
CA TRP A 133 -10.89 -6.05 6.99
C TRP A 133 -11.70 -6.91 7.93
N HIS A 134 -12.39 -6.30 8.84
CA HIS A 134 -13.08 -7.04 9.88
C HIS A 134 -14.51 -7.27 9.42
N THR A 135 -14.80 -8.48 8.98
CA THR A 135 -16.08 -8.76 8.39
C THR A 135 -16.58 -10.17 8.80
N PRO A 136 -17.93 -10.37 9.00
CA PRO A 136 -18.48 -11.67 9.39
C PRO A 136 -18.57 -12.64 8.21
N LEU A 137 -18.26 -12.14 7.03
CA LEU A 137 -18.24 -12.96 5.82
C LEU A 137 -17.11 -13.99 5.93
N ALA A 138 -16.12 -13.66 6.74
CA ALA A 138 -14.97 -14.50 6.95
C ALA A 138 -15.19 -15.41 8.16
N CYS A 139 -16.42 -15.54 8.59
CA CYS A 139 -16.73 -16.35 9.72
C CYS A 139 -17.72 -17.44 9.35
N GLU A 140 -17.59 -18.58 9.96
CA GLU A 140 -18.62 -19.58 9.89
C GLU A 140 -19.18 -19.79 11.29
N PRO A 141 -20.50 -19.70 11.45
CA PRO A 141 -21.14 -19.87 12.73
C PRO A 141 -21.08 -21.32 13.17
N GLU A 142 -20.53 -21.56 14.33
CA GLU A 142 -20.40 -22.88 14.83
C GLU A 142 -21.61 -23.21 15.67
N ALA B 1 6.83 2.57 -17.50
CA ALA B 1 8.04 3.19 -18.01
C ALA B 1 9.13 3.05 -16.99
N TYR B 2 10.32 2.81 -17.48
CA TYR B 2 11.49 2.70 -16.65
C TYR B 2 11.85 4.11 -16.21
N ARG B 3 12.04 4.30 -14.94
CA ARG B 3 12.31 5.62 -14.45
C ARG B 3 13.82 5.84 -14.26
N PRO B 4 14.37 6.95 -14.82
CA PRO B 4 15.82 7.28 -14.75
C PRO B 4 16.28 7.74 -13.36
N SER B 5 15.36 7.80 -12.45
CA SER B 5 15.61 8.18 -11.11
C SER B 5 14.70 7.33 -10.27
N GLU B 6 15.18 6.89 -9.13
CA GLU B 6 14.40 6.02 -8.25
C GLU B 6 13.40 6.83 -7.46
N THR B 7 13.63 8.10 -7.44
CA THR B 7 12.77 9.06 -6.81
C THR B 7 12.49 10.21 -7.79
N LEU B 8 11.25 10.37 -8.24
CA LEU B 8 10.90 11.45 -9.16
C LEU B 8 10.94 12.82 -8.46
N CYS B 9 11.51 13.81 -9.14
CA CYS B 9 11.76 15.11 -8.60
C CYS B 9 10.54 15.98 -8.68
N GLY B 10 9.71 15.86 -7.70
CA GLY B 10 8.54 16.64 -7.63
C GLY B 10 7.41 15.83 -7.15
N GLY B 11 6.88 15.03 -8.04
CA GLY B 11 5.71 14.22 -7.77
C GLY B 11 5.89 13.32 -6.58
N GLU B 12 6.84 12.39 -6.67
CA GLU B 12 7.04 11.42 -5.61
C GLU B 12 7.70 12.07 -4.40
N LEU B 13 8.51 13.09 -4.64
CA LEU B 13 9.20 13.81 -3.57
C LEU B 13 8.21 14.37 -2.55
N VAL B 14 7.38 15.29 -2.99
CA VAL B 14 6.41 15.91 -2.10
C VAL B 14 5.38 14.87 -1.61
N ASP B 15 5.14 13.89 -2.46
CA ASP B 15 4.17 12.85 -2.18
C ASP B 15 4.59 11.97 -1.01
N THR B 16 5.83 11.47 -1.01
CA THR B 16 6.30 10.62 0.07
C THR B 16 6.36 11.40 1.40
N LEU B 17 6.66 12.70 1.30
CA LEU B 17 6.64 13.58 2.46
C LEU B 17 5.26 13.58 3.10
N GLN B 18 4.25 13.76 2.27
CA GLN B 18 2.88 13.81 2.74
C GLN B 18 2.32 12.40 2.99
N PHE B 19 3.01 11.41 2.46
CA PHE B 19 2.60 10.03 2.60
C PHE B 19 2.67 9.59 4.05
N VAL B 20 3.80 9.78 4.71
CA VAL B 20 3.89 9.38 6.10
C VAL B 20 3.68 10.53 7.05
N CYS B 21 3.95 11.72 6.59
CA CYS B 21 3.81 12.89 7.44
C CYS B 21 2.57 13.69 7.10
N GLY B 22 1.62 13.06 6.42
CA GLY B 22 0.37 13.72 6.01
C GLY B 22 -0.34 14.50 7.09
N ASP B 23 -0.39 13.96 8.28
CA ASP B 23 -1.04 14.62 9.41
C ASP B 23 -0.25 15.84 9.90
N ARG B 24 1.06 15.78 9.82
CA ARG B 24 1.89 16.86 10.36
C ARG B 24 2.22 17.91 9.30
N GLY B 25 2.52 17.45 8.12
CA GLY B 25 2.89 18.33 7.04
C GLY B 25 4.27 17.99 6.55
N PHE B 26 4.78 18.76 5.62
CA PHE B 26 6.10 18.55 5.08
C PHE B 26 6.87 19.86 5.04
N TYR B 27 8.07 19.88 5.59
CA TYR B 27 8.84 21.11 5.69
C TYR B 27 10.25 20.93 5.20
N PHE B 28 10.44 21.03 3.91
CA PHE B 28 11.74 20.95 3.31
C PHE B 28 12.03 22.24 2.57
N SER B 29 11.32 23.26 2.99
CA SER B 29 11.38 24.59 2.45
C SER B 29 12.60 25.38 2.99
N ARG B 30 13.72 24.72 3.09
CA ARG B 30 14.94 25.32 3.57
C ARG B 30 15.85 25.55 2.38
N PRO B 31 16.42 26.75 2.24
CA PRO B 31 17.20 27.14 1.06
C PRO B 31 18.66 26.74 1.13
N ALA B 32 18.96 25.86 2.10
CA ALA B 32 20.29 25.29 2.34
C ALA B 32 21.23 26.32 2.94
N SER B 33 21.29 26.36 4.25
CA SER B 33 22.06 27.27 4.92
C SER B 33 23.17 26.42 5.55
N ARG B 34 23.65 26.78 6.67
CA ARG B 34 24.64 25.99 7.36
C ARG B 34 23.94 24.86 8.10
N VAL B 35 22.65 25.06 8.34
CA VAL B 35 21.82 24.09 9.07
C VAL B 35 21.22 23.12 8.04
N SER B 36 21.52 23.38 6.81
CA SER B 36 21.00 22.64 5.73
C SER B 36 22.09 22.51 4.67
N ARG B 37 23.30 22.23 5.13
CA ARG B 37 24.42 21.96 4.22
C ARG B 37 24.47 20.45 3.94
N ARG B 38 23.63 19.74 4.67
CA ARG B 38 23.42 18.34 4.56
C ARG B 38 21.94 18.28 4.77
N SER B 39 21.24 17.52 3.95
CA SER B 39 19.79 17.55 3.94
C SER B 39 19.36 18.97 3.58
N ARG B 40 19.83 19.41 2.45
CA ARG B 40 19.59 20.74 1.97
C ARG B 40 18.23 20.82 1.31
N GLY B 41 17.21 20.86 2.14
CA GLY B 41 15.86 20.77 1.66
C GLY B 41 15.51 19.38 1.11
N ILE B 42 16.44 18.38 1.27
CA ILE B 42 16.30 16.96 0.83
C ILE B 42 15.92 16.84 -0.62
N VAL B 43 16.30 17.81 -1.33
CA VAL B 43 15.94 17.93 -2.69
C VAL B 43 17.04 17.56 -3.63
N GLU B 44 18.24 18.01 -3.37
CA GLU B 44 19.32 17.70 -4.27
C GLU B 44 19.85 16.33 -3.91
N GLU B 45 19.59 15.96 -2.68
CA GLU B 45 19.88 14.64 -2.16
C GLU B 45 18.87 13.60 -2.63
N CYS B 46 17.64 14.00 -2.89
CA CYS B 46 16.64 13.00 -3.28
C CYS B 46 16.19 13.15 -4.75
N CYS B 47 16.67 14.17 -5.44
CA CYS B 47 16.33 14.30 -6.86
C CYS B 47 17.32 13.51 -7.73
N PHE B 48 18.60 13.75 -7.55
CA PHE B 48 19.60 13.11 -8.39
C PHE B 48 20.11 11.82 -7.77
N ARG B 49 19.65 11.55 -6.58
CA ARG B 49 20.00 10.36 -5.84
C ARG B 49 18.74 9.91 -5.17
N SER B 50 18.63 8.65 -4.93
CA SER B 50 17.51 8.14 -4.20
C SER B 50 17.81 8.39 -2.72
N CYS B 51 16.83 8.80 -1.98
CA CYS B 51 17.03 9.15 -0.62
C CYS B 51 16.48 8.06 0.24
N ASP B 52 17.20 7.72 1.28
CA ASP B 52 16.76 6.72 2.21
C ASP B 52 15.55 7.24 2.93
N LEU B 53 14.60 6.33 3.11
CA LEU B 53 13.35 6.58 3.83
C LEU B 53 13.63 7.12 5.22
N ALA B 54 14.75 6.70 5.78
CA ALA B 54 15.20 7.15 7.08
C ALA B 54 15.36 8.67 7.10
N LEU B 55 15.97 9.20 6.05
CA LEU B 55 16.23 10.62 5.88
C LEU B 55 14.93 11.40 5.91
N LEU B 56 13.96 10.98 5.12
CA LEU B 56 12.74 11.70 5.01
C LEU B 56 11.87 11.53 6.23
N GLU B 57 11.93 10.36 6.83
CA GLU B 57 11.16 10.07 8.02
C GLU B 57 11.64 10.93 9.21
N THR B 58 12.94 10.95 9.43
CA THR B 58 13.48 11.69 10.55
C THR B 58 13.43 13.22 10.27
N TYR B 59 13.42 13.63 8.99
CA TYR B 59 13.30 15.03 8.64
C TYR B 59 11.84 15.43 8.83
N CYS B 60 10.98 14.87 7.97
CA CYS B 60 9.53 15.01 8.00
C CYS B 60 9.05 16.48 7.85
N ALA B 61 8.99 17.17 8.95
CA ALA B 61 8.47 18.50 8.99
C ALA B 61 9.32 19.34 9.93
N THR B 62 8.97 19.34 11.17
CA THR B 62 9.65 20.06 12.18
C THR B 62 9.56 19.26 13.46
N PRO B 63 10.65 19.19 14.22
CA PRO B 63 10.69 18.43 15.48
C PRO B 63 10.16 19.23 16.65
N ALA B 64 9.79 20.45 16.39
CA ALA B 64 9.27 21.34 17.39
C ALA B 64 7.98 21.96 16.91
N LYS B 65 7.07 21.13 16.45
CA LYS B 65 5.80 21.62 15.98
C LYS B 65 4.80 21.58 17.13
N SER B 66 5.06 20.69 18.03
CA SER B 66 4.32 20.52 19.25
C SER B 66 5.34 20.29 20.37
N GLU B 67 6.23 21.24 20.50
CA GLU B 67 7.33 21.17 21.42
C GLU B 67 6.87 21.70 22.77
N MET A 1 0.43 -26.94 3.04
CA MET A 1 -0.68 -27.89 3.00
C MET A 1 -1.56 -27.53 1.84
N LYS A 2 -1.61 -28.41 0.87
CA LYS A 2 -2.37 -28.14 -0.33
C LYS A 2 -3.38 -29.25 -0.61
N SER A 3 -4.01 -29.73 0.45
CA SER A 3 -5.07 -30.70 0.33
C SER A 3 -6.35 -29.95 -0.10
N ASN A 4 -6.34 -28.67 0.16
CA ASN A 4 -7.34 -27.73 -0.24
C ASN A 4 -6.58 -26.54 -0.78
N GLU A 5 -6.91 -26.10 -1.96
CA GLU A 5 -6.21 -24.98 -2.53
C GLU A 5 -7.16 -23.86 -2.89
N HIS A 6 -6.64 -22.72 -3.19
CA HIS A 6 -7.49 -21.58 -3.47
C HIS A 6 -8.16 -21.66 -4.85
N ASP A 7 -7.34 -22.04 -5.84
CA ASP A 7 -7.67 -22.03 -7.26
C ASP A 7 -7.89 -20.61 -7.76
N ASP A 8 -8.95 -20.00 -7.32
CA ASP A 8 -9.29 -18.64 -7.66
C ASP A 8 -9.09 -17.82 -6.39
N CYS A 9 -9.70 -16.68 -6.29
CA CYS A 9 -9.59 -15.87 -5.13
C CYS A 9 -10.71 -16.27 -4.18
N GLN A 10 -10.53 -17.43 -3.60
CA GLN A 10 -11.49 -18.07 -2.77
C GLN A 10 -10.73 -19.17 -2.07
N VAL A 11 -11.33 -19.85 -1.13
CA VAL A 11 -10.67 -20.94 -0.48
C VAL A 11 -11.65 -21.74 0.37
N THR A 12 -11.55 -23.03 0.30
CA THR A 12 -12.42 -23.90 1.03
C THR A 12 -11.77 -24.26 2.36
N ASN A 13 -12.55 -24.22 3.41
CA ASN A 13 -12.11 -24.61 4.70
C ASN A 13 -12.27 -26.11 4.89
N PRO A 14 -11.18 -26.81 5.24
CA PRO A 14 -11.17 -28.28 5.35
C PRO A 14 -11.90 -28.80 6.58
N SER A 15 -12.20 -27.93 7.51
CA SER A 15 -12.85 -28.31 8.73
C SER A 15 -14.37 -28.47 8.54
N THR A 16 -14.99 -27.58 7.79
CA THR A 16 -16.44 -27.65 7.66
C THR A 16 -16.89 -27.69 6.17
N GLY A 17 -15.93 -27.73 5.26
CA GLY A 17 -16.26 -27.81 3.83
C GLY A 17 -16.97 -26.58 3.33
N HIS A 18 -16.70 -25.48 3.98
CA HIS A 18 -17.32 -24.24 3.62
C HIS A 18 -16.39 -23.44 2.74
N LEU A 19 -16.92 -23.03 1.64
CA LEU A 19 -16.22 -22.28 0.64
C LEU A 19 -16.26 -20.81 0.97
N PHE A 20 -15.11 -20.20 1.17
CA PHE A 20 -15.05 -18.77 1.28
C PHE A 20 -14.83 -18.17 -0.08
N ASP A 21 -15.66 -17.23 -0.43
CA ASP A 21 -15.54 -16.54 -1.69
C ASP A 21 -15.24 -15.09 -1.45
N LEU A 22 -14.16 -14.63 -2.02
CA LEU A 22 -13.75 -13.28 -1.83
C LEU A 22 -14.15 -12.45 -3.05
N SER A 23 -14.68 -13.13 -4.06
CA SER A 23 -15.07 -12.50 -5.32
C SER A 23 -16.31 -11.64 -5.11
N SER A 24 -17.00 -11.90 -4.00
CA SER A 24 -18.15 -11.14 -3.59
C SER A 24 -17.75 -9.68 -3.32
N LEU A 25 -16.45 -9.43 -3.11
CA LEU A 25 -15.95 -8.09 -2.89
C LEU A 25 -15.19 -7.58 -4.12
N SER A 26 -15.18 -8.35 -5.17
CA SER A 26 -14.50 -7.94 -6.39
C SER A 26 -15.19 -6.77 -7.06
N GLY A 27 -14.43 -6.05 -7.81
CA GLY A 27 -14.90 -4.89 -8.47
C GLY A 27 -13.76 -4.19 -9.13
N ARG A 28 -14.04 -3.53 -10.23
CA ARG A 28 -13.01 -2.86 -10.99
C ARG A 28 -12.83 -1.42 -10.48
N ALA A 29 -13.87 -0.92 -9.81
CA ALA A 29 -13.82 0.41 -9.20
C ALA A 29 -13.09 0.32 -7.88
N GLY A 30 -13.37 -0.74 -7.14
CA GLY A 30 -12.62 -1.04 -5.97
C GLY A 30 -13.20 -0.46 -4.71
N PHE A 31 -12.33 -0.19 -3.79
CA PHE A 31 -12.67 0.34 -2.50
C PHE A 31 -11.71 1.44 -2.19
N THR A 32 -12.19 2.44 -1.52
CA THR A 32 -11.38 3.55 -1.15
C THR A 32 -11.18 3.58 0.35
N ALA A 33 -9.95 3.66 0.77
CA ALA A 33 -9.63 3.79 2.17
C ALA A 33 -8.87 5.08 2.36
N ALA A 34 -9.13 5.74 3.46
CA ALA A 34 -8.53 7.03 3.76
C ALA A 34 -7.15 6.85 4.31
N TYR A 35 -6.24 7.66 3.85
CA TYR A 35 -4.85 7.52 4.19
C TYR A 35 -4.18 8.90 4.19
N SER A 36 -3.51 9.21 3.11
CA SER A 36 -2.78 10.44 2.97
C SER A 36 -3.79 11.60 2.80
N LYS A 37 -3.36 12.80 3.24
CA LYS A 37 -4.18 14.02 3.28
C LYS A 37 -4.72 14.42 1.91
N SER A 38 -4.08 13.94 0.88
CA SER A 38 -4.46 14.25 -0.47
C SER A 38 -4.51 12.97 -1.32
N GLY A 39 -4.63 11.83 -0.67
CA GLY A 39 -4.61 10.60 -1.42
C GLY A 39 -5.22 9.43 -0.70
N VAL A 40 -6.14 8.78 -1.36
CA VAL A 40 -6.77 7.59 -0.84
C VAL A 40 -6.12 6.39 -1.51
N VAL A 41 -6.34 5.23 -0.96
CA VAL A 41 -5.80 4.02 -1.54
C VAL A 41 -6.91 3.28 -2.30
N TYR A 42 -6.61 2.91 -3.52
CA TYR A 42 -7.52 2.19 -4.37
C TYR A 42 -7.15 0.74 -4.39
N MET A 43 -8.05 -0.08 -3.95
CA MET A 43 -7.81 -1.51 -4.01
C MET A 43 -8.95 -2.23 -4.67
N SER A 44 -8.63 -3.25 -5.39
CA SER A 44 -9.59 -4.11 -6.01
C SER A 44 -9.44 -5.52 -5.47
N ILE A 45 -10.49 -6.07 -4.93
CA ILE A 45 -10.44 -7.38 -4.35
C ILE A 45 -10.56 -8.45 -5.42
N CYS A 46 -9.48 -9.20 -5.61
CA CYS A 46 -9.45 -10.36 -6.51
C CYS A 46 -9.59 -9.92 -7.95
N GLY A 47 -8.97 -8.83 -8.26
CA GLY A 47 -9.02 -8.28 -9.57
C GLY A 47 -8.17 -7.07 -9.63
N GLU A 48 -8.22 -6.38 -10.71
CA GLU A 48 -7.41 -5.21 -10.90
C GLU A 48 -8.29 -3.96 -10.92
N ASN A 49 -7.72 -2.89 -10.46
CA ASN A 49 -8.42 -1.65 -10.33
C ASN A 49 -8.08 -0.76 -11.52
N GLU A 50 -9.09 -0.19 -12.17
CA GLU A 50 -8.82 0.57 -13.40
C GLU A 50 -8.34 2.00 -13.14
N ASN A 51 -8.19 2.37 -11.89
CA ASN A 51 -7.75 3.74 -11.57
C ASN A 51 -6.25 3.86 -11.65
N CYS A 52 -5.57 2.75 -11.82
CA CYS A 52 -4.13 2.73 -11.94
C CYS A 52 -3.70 1.79 -13.08
N PRO A 53 -2.37 1.69 -13.44
CA PRO A 53 -1.86 0.78 -14.48
C PRO A 53 -2.53 -0.62 -14.46
N PRO A 54 -2.86 -1.15 -15.66
CA PRO A 54 -3.50 -2.46 -15.83
C PRO A 54 -2.72 -3.60 -15.13
N GLY A 55 -3.42 -4.35 -14.29
CA GLY A 55 -2.83 -5.44 -13.55
C GLY A 55 -2.55 -5.08 -12.09
N VAL A 56 -3.01 -3.92 -11.68
CA VAL A 56 -2.79 -3.42 -10.35
C VAL A 56 -3.95 -3.73 -9.44
N GLY A 57 -3.65 -4.38 -8.34
CA GLY A 57 -4.66 -4.71 -7.35
C GLY A 57 -4.69 -3.70 -6.22
N ALA A 58 -3.52 -3.16 -5.87
CA ALA A 58 -3.42 -2.15 -4.83
C ALA A 58 -2.62 -0.97 -5.33
N CYS A 59 -3.19 0.21 -5.24
CA CYS A 59 -2.54 1.40 -5.71
C CYS A 59 -2.99 2.62 -4.91
N PHE A 60 -2.06 3.49 -4.61
CA PHE A 60 -2.39 4.74 -3.97
C PHE A 60 -2.62 5.82 -5.00
N GLY A 61 -3.58 6.70 -4.74
CA GLY A 61 -3.92 7.71 -5.69
C GLY A 61 -3.11 8.96 -5.49
N GLN A 62 -1.83 8.80 -5.21
CA GLN A 62 -0.97 9.93 -5.06
C GLN A 62 -0.57 10.44 -6.44
N THR A 63 0.30 9.67 -7.08
CA THR A 63 0.75 9.93 -8.42
C THR A 63 0.68 8.64 -9.26
N ARG A 64 -0.33 7.81 -8.99
CA ARG A 64 -0.51 6.47 -9.60
C ARG A 64 0.61 5.55 -9.10
N ILE A 65 0.63 5.31 -7.79
CA ILE A 65 1.69 4.52 -7.18
C ILE A 65 1.17 3.13 -6.78
N SER A 66 1.66 2.12 -7.48
CA SER A 66 1.23 0.75 -7.27
C SER A 66 1.96 0.12 -6.10
N VAL A 67 1.23 -0.65 -5.31
CA VAL A 67 1.81 -1.30 -4.16
C VAL A 67 1.42 -2.78 -4.10
N GLY A 68 0.88 -3.26 -5.18
CA GLY A 68 0.51 -4.64 -5.25
C GLY A 68 -0.11 -4.99 -6.57
N LYS A 69 0.47 -5.94 -7.25
CA LYS A 69 -0.05 -6.40 -8.51
C LYS A 69 -1.18 -7.38 -8.21
N ALA A 70 -2.17 -7.39 -9.07
CA ALA A 70 -3.37 -8.19 -8.87
C ALA A 70 -3.09 -9.69 -8.98
N ASN A 71 -2.78 -10.28 -7.87
CA ASN A 71 -2.56 -11.71 -7.78
C ASN A 71 -3.74 -12.31 -7.05
N LYS A 72 -3.76 -13.60 -6.86
CA LYS A 72 -4.84 -14.26 -6.14
C LYS A 72 -4.28 -15.30 -5.24
N ARG A 73 -3.27 -14.92 -4.50
CA ARG A 73 -2.63 -15.87 -3.65
C ARG A 73 -3.36 -15.91 -2.32
N LEU A 74 -4.48 -16.58 -2.33
CA LEU A 74 -5.33 -16.73 -1.16
C LEU A 74 -4.79 -17.88 -0.33
N ARG A 75 -4.52 -17.61 0.90
CA ARG A 75 -4.16 -18.66 1.84
C ARG A 75 -5.05 -18.57 3.10
N TYR A 76 -5.50 -19.72 3.60
CA TYR A 76 -6.28 -19.75 4.82
C TYR A 76 -5.32 -20.05 5.95
N VAL A 77 -5.17 -19.13 6.85
CA VAL A 77 -4.20 -19.31 7.93
C VAL A 77 -4.77 -18.82 9.28
N ASP A 78 -5.21 -19.76 10.11
CA ASP A 78 -5.76 -19.45 11.48
C ASP A 78 -6.98 -18.52 11.36
N GLN A 79 -7.96 -18.99 10.58
CA GLN A 79 -9.26 -18.33 10.24
C GLN A 79 -9.06 -16.99 9.56
N VAL A 80 -7.85 -16.75 9.19
CA VAL A 80 -7.45 -15.56 8.53
C VAL A 80 -7.39 -15.81 7.05
N LEU A 81 -8.11 -14.98 6.34
CA LEU A 81 -8.12 -14.99 4.91
C LEU A 81 -7.05 -14.05 4.45
N GLN A 82 -5.99 -14.56 3.91
CA GLN A 82 -4.91 -13.71 3.52
C GLN A 82 -4.79 -13.63 2.03
N LEU A 83 -4.88 -12.41 1.57
CA LEU A 83 -4.74 -12.08 0.18
C LEU A 83 -3.46 -11.26 0.07
N VAL A 84 -2.45 -11.81 -0.52
CA VAL A 84 -1.21 -11.11 -0.61
C VAL A 84 -1.02 -10.51 -2.02
N TYR A 85 -0.70 -9.24 -2.07
CA TYR A 85 -0.44 -8.54 -3.32
C TYR A 85 0.97 -8.07 -3.26
N LYS A 86 1.71 -8.40 -4.25
CA LYS A 86 3.12 -8.13 -4.29
C LYS A 86 3.48 -7.72 -5.68
N ASP A 87 4.74 -7.37 -5.87
CA ASP A 87 5.29 -6.95 -7.18
C ASP A 87 4.57 -5.76 -7.75
N GLY A 88 4.26 -4.80 -6.90
CA GLY A 88 3.57 -3.61 -7.35
C GLY A 88 4.52 -2.69 -8.10
N SER A 89 4.98 -1.70 -7.42
CA SER A 89 5.96 -0.82 -7.97
C SER A 89 7.17 -0.92 -7.04
N PRO A 90 8.38 -0.68 -7.55
CA PRO A 90 9.58 -0.65 -6.74
C PRO A 90 9.49 0.46 -5.70
N CYS A 91 9.94 0.15 -4.51
CA CYS A 91 9.96 1.08 -3.40
C CYS A 91 11.23 1.94 -3.57
N PRO A 92 11.07 3.20 -4.04
CA PRO A 92 12.19 4.05 -4.45
C PRO A 92 13.14 4.36 -3.31
N SER A 93 12.59 4.59 -2.15
CA SER A 93 13.32 4.95 -0.97
C SER A 93 14.20 3.79 -0.43
N LYS A 94 13.95 2.57 -0.88
CA LYS A 94 14.72 1.45 -0.44
C LYS A 94 15.05 0.62 -1.68
N SER A 95 16.16 0.97 -2.31
CA SER A 95 16.65 0.42 -3.56
C SER A 95 16.56 -1.13 -3.67
N GLY A 96 15.74 -1.60 -4.58
CA GLY A 96 15.65 -3.02 -4.84
C GLY A 96 14.46 -3.71 -4.19
N LEU A 97 13.55 -2.95 -3.65
CA LEU A 97 12.36 -3.49 -3.03
C LEU A 97 11.13 -3.18 -3.84
N SER A 98 10.11 -3.99 -3.68
CA SER A 98 8.83 -3.75 -4.29
C SER A 98 7.80 -3.66 -3.15
N TYR A 99 6.77 -2.85 -3.35
CA TYR A 99 5.73 -2.73 -2.37
C TYR A 99 4.86 -3.98 -2.35
N LYS A 100 4.32 -4.28 -1.19
CA LYS A 100 3.47 -5.43 -1.02
C LYS A 100 2.42 -5.11 0.02
N SER A 101 1.22 -5.49 -0.28
CA SER A 101 0.10 -5.25 0.57
C SER A 101 -0.42 -6.59 1.06
N VAL A 102 -0.53 -6.73 2.35
CA VAL A 102 -1.04 -7.93 2.93
C VAL A 102 -2.45 -7.69 3.43
N ILE A 103 -3.40 -8.24 2.74
CA ILE A 103 -4.78 -8.09 3.07
C ILE A 103 -5.22 -9.27 3.92
N SER A 104 -5.65 -8.98 5.11
CA SER A 104 -6.07 -9.96 6.03
C SER A 104 -7.55 -9.77 6.35
N PHE A 105 -8.35 -10.69 5.89
CA PHE A 105 -9.76 -10.66 6.15
C PHE A 105 -10.02 -11.35 7.47
N VAL A 106 -10.64 -10.63 8.36
CA VAL A 106 -10.86 -11.08 9.70
C VAL A 106 -12.37 -11.22 9.97
N CYS A 107 -12.72 -12.32 10.60
CA CYS A 107 -14.07 -12.63 11.01
C CYS A 107 -14.70 -11.54 11.87
N ARG A 108 -15.68 -10.85 11.34
CA ARG A 108 -16.47 -9.97 12.16
C ARG A 108 -17.94 -10.14 11.78
N PRO A 109 -18.70 -11.06 12.44
CA PRO A 109 -20.09 -11.34 12.07
C PRO A 109 -21.04 -10.17 12.32
N GLU A 110 -20.66 -9.29 13.22
CA GLU A 110 -21.42 -8.12 13.55
C GLU A 110 -21.39 -7.08 12.41
N ALA A 111 -20.34 -7.15 11.55
CA ALA A 111 -20.10 -6.17 10.48
C ALA A 111 -19.83 -4.80 11.14
N GLY A 112 -20.04 -3.70 10.45
CA GLY A 112 -19.88 -2.43 11.06
C GLY A 112 -18.79 -1.63 10.42
N PRO A 113 -18.24 -0.66 11.16
CA PRO A 113 -17.22 0.27 10.66
C PRO A 113 -15.81 -0.35 10.61
N THR A 114 -15.79 -1.64 10.73
CA THR A 114 -14.59 -2.41 10.68
C THR A 114 -14.51 -3.14 9.34
N ASN A 115 -15.59 -3.05 8.58
CA ASN A 115 -15.70 -3.70 7.26
C ASN A 115 -15.15 -2.74 6.21
N ARG A 116 -13.87 -2.50 6.31
CA ARG A 116 -13.16 -1.55 5.48
C ARG A 116 -11.68 -1.80 5.67
N PRO A 117 -10.87 -1.70 4.59
CA PRO A 117 -9.43 -1.93 4.67
C PRO A 117 -8.75 -0.94 5.63
N MET A 118 -8.40 -1.43 6.78
CA MET A 118 -7.78 -0.64 7.82
C MET A 118 -6.28 -0.93 7.83
N LEU A 119 -5.46 0.10 7.93
CA LEU A 119 -4.02 -0.05 7.87
C LEU A 119 -3.52 -0.32 9.28
N ILE A 120 -2.90 -1.47 9.46
CA ILE A 120 -2.37 -1.84 10.76
C ILE A 120 -1.06 -1.14 10.96
N SER A 121 -0.20 -1.25 9.99
CA SER A 121 1.12 -0.70 10.09
C SER A 121 1.81 -0.83 8.73
N LEU A 122 2.83 -0.06 8.55
CA LEU A 122 3.65 -0.07 7.38
C LEU A 122 5.04 -0.46 7.81
N ASP A 123 5.44 -1.67 7.49
CA ASP A 123 6.82 -2.07 7.76
C ASP A 123 7.65 -1.34 6.76
N LYS A 124 8.35 -0.36 7.23
CA LYS A 124 9.06 0.55 6.39
C LYS A 124 10.24 -0.10 5.77
N GLN A 125 10.87 -0.97 6.51
CA GLN A 125 12.09 -1.53 6.07
C GLN A 125 11.89 -2.52 4.90
N THR A 126 10.83 -3.29 4.93
CA THR A 126 10.54 -4.22 3.84
C THR A 126 9.51 -3.63 2.83
N CYS A 127 9.02 -2.39 3.10
CA CYS A 127 8.02 -1.67 2.27
C CYS A 127 6.71 -2.46 2.15
N THR A 128 6.16 -2.85 3.29
CA THR A 128 4.98 -3.70 3.32
C THR A 128 3.85 -3.08 4.16
N LEU A 129 2.65 -3.10 3.62
CA LEU A 129 1.49 -2.54 4.27
C LEU A 129 0.64 -3.68 4.81
N PHE A 130 0.17 -3.55 6.00
CA PHE A 130 -0.69 -4.56 6.56
C PHE A 130 -2.11 -4.02 6.64
N PHE A 131 -3.04 -4.78 6.14
CA PHE A 131 -4.45 -4.38 6.10
C PHE A 131 -5.31 -5.36 6.88
N SER A 132 -6.28 -4.82 7.55
CA SER A 132 -7.29 -5.59 8.23
C SER A 132 -8.61 -5.27 7.58
N TRP A 133 -9.53 -6.18 7.64
CA TRP A 133 -10.82 -6.00 7.09
C TRP A 133 -11.72 -6.91 7.90
N HIS A 134 -12.51 -6.35 8.76
CA HIS A 134 -13.34 -7.15 9.62
C HIS A 134 -14.72 -7.29 9.00
N THR A 135 -14.99 -8.47 8.46
CA THR A 135 -16.19 -8.68 7.67
C THR A 135 -16.73 -10.11 7.98
N PRO A 136 -18.07 -10.34 7.83
CA PRO A 136 -18.70 -11.62 8.12
C PRO A 136 -18.44 -12.70 7.05
N LEU A 137 -18.14 -12.30 5.80
CA LEU A 137 -17.95 -13.30 4.73
C LEU A 137 -16.59 -14.00 4.84
N ALA A 138 -15.79 -13.54 5.79
CA ALA A 138 -14.47 -14.09 5.99
C ALA A 138 -14.41 -14.72 7.35
N CYS A 139 -15.55 -15.09 7.84
CA CYS A 139 -15.64 -15.64 9.12
C CYS A 139 -16.11 -17.06 9.05
N GLU A 140 -15.53 -17.89 9.88
CA GLU A 140 -15.96 -19.25 10.05
C GLU A 140 -16.75 -19.28 11.37
N PRO A 141 -18.09 -19.15 11.31
CA PRO A 141 -18.93 -19.16 12.48
C PRO A 141 -19.11 -20.57 13.02
N GLU A 142 -19.30 -20.66 14.29
CA GLU A 142 -19.55 -21.92 14.92
C GLU A 142 -20.89 -21.84 15.56
N ALA B 1 18.64 15.35 -17.35
CA ALA B 1 18.21 15.02 -16.01
C ALA B 1 18.32 13.53 -15.81
N TYR B 2 19.38 13.11 -15.18
CA TYR B 2 19.62 11.71 -14.92
C TYR B 2 19.20 11.41 -13.50
N ARG B 3 18.32 10.46 -13.33
CA ARG B 3 17.90 10.07 -12.01
C ARG B 3 18.76 8.94 -11.53
N PRO B 4 19.03 8.86 -10.22
CA PRO B 4 19.88 7.84 -9.63
C PRO B 4 19.21 6.47 -9.53
N SER B 5 18.63 6.07 -10.63
CA SER B 5 17.99 4.79 -10.87
C SER B 5 16.73 4.56 -10.04
N GLU B 6 16.90 4.51 -8.78
CA GLU B 6 15.85 4.12 -7.88
C GLU B 6 14.92 5.25 -7.48
N THR B 7 15.46 6.39 -7.18
CA THR B 7 14.65 7.50 -6.78
C THR B 7 14.33 8.40 -7.98
N LEU B 8 13.23 9.11 -7.90
CA LEU B 8 12.77 9.94 -8.99
C LEU B 8 12.60 11.37 -8.47
N CYS B 9 12.66 12.32 -9.35
CA CYS B 9 12.48 13.71 -9.00
C CYS B 9 11.07 14.13 -9.37
N GLY B 10 10.53 15.08 -8.65
CA GLY B 10 9.23 15.57 -8.97
C GLY B 10 8.14 14.98 -8.11
N GLY B 11 7.05 14.65 -8.77
CA GLY B 11 5.83 14.20 -8.14
C GLY B 11 5.98 13.01 -7.23
N GLU B 12 6.74 12.00 -7.66
CA GLU B 12 6.88 10.77 -6.86
C GLU B 12 7.54 11.07 -5.52
N LEU B 13 8.62 11.79 -5.58
CA LEU B 13 9.44 12.11 -4.42
C LEU B 13 8.69 13.02 -3.47
N VAL B 14 8.13 14.09 -4.00
CA VAL B 14 7.44 15.03 -3.17
C VAL B 14 6.20 14.40 -2.54
N ASP B 15 5.50 13.53 -3.29
CA ASP B 15 4.33 12.92 -2.70
C ASP B 15 4.73 11.78 -1.72
N THR B 16 5.98 11.25 -1.78
CA THR B 16 6.47 10.28 -0.82
C THR B 16 6.49 10.92 0.59
N LEU B 17 6.92 12.19 0.64
CA LEU B 17 6.90 12.92 1.88
C LEU B 17 5.50 13.11 2.37
N GLN B 18 4.64 13.43 1.46
CA GLN B 18 3.23 13.63 1.76
C GLN B 18 2.50 12.28 1.99
N PHE B 19 3.15 11.19 1.65
CA PHE B 19 2.61 9.88 1.89
C PHE B 19 2.54 9.60 3.39
N VAL B 20 3.68 9.72 4.09
CA VAL B 20 3.63 9.46 5.54
C VAL B 20 3.51 10.76 6.37
N CYS B 21 3.84 11.88 5.79
CA CYS B 21 3.75 13.15 6.47
C CYS B 21 2.72 14.08 5.80
N GLY B 22 1.66 13.50 5.22
CA GLY B 22 0.63 14.29 4.54
C GLY B 22 0.00 15.35 5.42
N ASP B 23 -0.55 14.94 6.55
CA ASP B 23 -1.18 15.87 7.51
C ASP B 23 -0.15 16.80 8.14
N ARG B 24 1.05 16.30 8.31
CA ARG B 24 2.13 17.03 8.92
C ARG B 24 2.61 18.16 8.01
N GLY B 25 2.83 17.83 6.77
CA GLY B 25 3.37 18.75 5.81
C GLY B 25 4.75 18.30 5.45
N PHE B 26 5.33 18.91 4.45
CA PHE B 26 6.68 18.57 4.03
C PHE B 26 7.52 19.83 3.76
N TYR B 27 8.78 19.80 4.14
CA TYR B 27 9.68 20.91 3.91
C TYR B 27 11.03 20.40 3.42
N PHE B 28 11.65 21.10 2.49
CA PHE B 28 12.95 20.72 1.99
C PHE B 28 13.73 21.92 1.43
N SER B 29 13.41 23.10 1.88
CA SER B 29 13.95 24.30 1.30
C SER B 29 14.76 25.11 2.33
N ARG B 30 16.00 24.74 2.50
CA ARG B 30 16.88 25.44 3.39
C ARG B 30 18.07 25.90 2.59
N PRO B 31 18.32 27.22 2.52
CA PRO B 31 19.44 27.81 1.76
C PRO B 31 20.81 27.38 2.27
N ALA B 32 20.89 27.05 3.55
CA ALA B 32 22.09 26.58 4.17
C ALA B 32 21.75 26.00 5.52
N SER B 33 22.60 25.15 6.00
CA SER B 33 22.49 24.45 7.21
C SER B 33 23.68 23.55 7.18
N ARG B 34 23.84 22.80 8.19
CA ARG B 34 24.96 21.91 8.27
C ARG B 34 24.52 20.55 7.74
N VAL B 35 23.23 20.42 7.48
CA VAL B 35 22.64 19.18 6.94
C VAL B 35 22.03 19.52 5.58
N SER B 36 22.21 20.74 5.18
CA SER B 36 21.73 21.24 3.94
C SER B 36 22.60 22.41 3.55
N ARG B 37 23.82 22.10 3.17
CA ARG B 37 24.83 23.12 2.78
C ARG B 37 24.59 23.58 1.33
N ARG B 38 23.51 23.11 0.79
CA ARG B 38 23.02 23.45 -0.50
C ARG B 38 21.78 24.27 -0.25
N SER B 39 21.34 25.06 -1.20
CA SER B 39 20.13 25.87 -1.07
C SER B 39 18.84 25.01 -1.21
N ARG B 40 18.99 23.76 -0.88
CA ARG B 40 17.99 22.75 -0.93
C ARG B 40 18.34 21.80 0.15
N GLY B 41 17.38 21.10 0.63
CA GLY B 41 17.63 20.11 1.59
C GLY B 41 17.61 18.76 0.94
N ILE B 42 16.56 18.03 1.16
CA ILE B 42 16.53 16.65 0.75
C ILE B 42 16.11 16.44 -0.70
N VAL B 43 15.41 17.43 -1.29
CA VAL B 43 14.94 17.30 -2.66
C VAL B 43 16.06 17.08 -3.64
N GLU B 44 17.13 17.80 -3.47
CA GLU B 44 18.20 17.74 -4.41
C GLU B 44 19.08 16.55 -4.08
N GLU B 45 19.09 16.18 -2.82
CA GLU B 45 19.83 15.04 -2.36
C GLU B 45 19.23 13.74 -2.85
N CYS B 46 17.93 13.73 -3.05
CA CYS B 46 17.27 12.52 -3.50
C CYS B 46 17.04 12.56 -5.02
N CYS B 47 17.16 13.75 -5.60
CA CYS B 47 16.94 13.90 -7.03
C CYS B 47 18.16 13.41 -7.81
N PHE B 48 19.34 13.63 -7.28
CA PHE B 48 20.54 13.22 -7.99
C PHE B 48 21.26 12.05 -7.32
N ARG B 49 20.84 11.69 -6.13
CA ARG B 49 21.43 10.59 -5.40
C ARG B 49 20.29 9.80 -4.82
N SER B 50 20.48 8.55 -4.64
CA SER B 50 19.42 7.71 -4.14
C SER B 50 19.26 7.95 -2.64
N CYS B 51 18.12 8.43 -2.24
CA CYS B 51 17.90 8.75 -0.87
C CYS B 51 17.30 7.56 -0.18
N ASP B 52 17.79 7.23 0.98
CA ASP B 52 17.24 6.16 1.71
C ASP B 52 16.10 6.66 2.54
N LEU B 53 15.08 5.83 2.57
CA LEU B 53 13.81 5.99 3.28
C LEU B 53 13.95 6.68 4.63
N ALA B 54 14.99 6.34 5.36
CA ALA B 54 15.23 6.85 6.70
C ALA B 54 15.32 8.36 6.73
N LEU B 55 15.98 8.92 5.72
CA LEU B 55 16.21 10.36 5.61
C LEU B 55 14.90 11.11 5.58
N LEU B 56 13.99 10.66 4.77
CA LEU B 56 12.75 11.37 4.57
C LEU B 56 11.78 11.08 5.69
N GLU B 57 11.80 9.86 6.18
CA GLU B 57 10.93 9.45 7.26
C GLU B 57 11.27 10.17 8.56
N THR B 58 12.56 10.26 8.88
CA THR B 58 12.94 10.94 10.11
C THR B 58 12.83 12.47 9.95
N TYR B 59 13.07 13.01 8.74
CA TYR B 59 12.98 14.44 8.50
C TYR B 59 11.51 14.84 8.61
N CYS B 60 10.71 14.22 7.72
CA CYS B 60 9.25 14.35 7.67
C CYS B 60 8.81 15.76 7.24
N ALA B 61 9.13 16.72 8.05
CA ALA B 61 8.74 18.11 7.87
C ALA B 61 9.72 18.96 8.63
N THR B 62 9.98 18.53 9.87
CA THR B 62 10.95 19.16 10.73
C THR B 62 12.37 19.08 10.15
N PRO B 63 13.10 20.19 10.15
CA PRO B 63 14.43 20.27 9.54
C PRO B 63 15.57 19.75 10.43
N ALA B 64 15.27 19.46 11.65
CA ALA B 64 16.23 18.94 12.59
C ALA B 64 15.57 17.89 13.45
N LYS B 65 15.34 16.75 12.87
CA LYS B 65 14.68 15.68 13.55
C LYS B 65 15.43 14.38 13.20
N SER B 66 16.60 14.27 13.71
CA SER B 66 17.44 13.13 13.49
C SER B 66 17.18 12.04 14.54
N GLU B 67 16.37 12.40 15.50
CA GLU B 67 16.03 11.55 16.61
C GLU B 67 14.87 10.63 16.21
N MET A 1 -5.90 -35.63 -0.31
CA MET A 1 -6.62 -34.37 -0.29
C MET A 1 -5.67 -33.20 -0.10
N LYS A 2 -5.64 -32.34 -1.08
CA LYS A 2 -4.89 -31.12 -1.02
C LYS A 2 -5.96 -30.03 -0.90
N SER A 3 -5.70 -28.98 -0.20
CA SER A 3 -6.73 -28.01 0.03
C SER A 3 -6.18 -26.58 -0.10
N ASN A 4 -7.08 -25.59 -0.06
CA ASN A 4 -6.75 -24.17 -0.12
C ASN A 4 -6.30 -23.75 -1.51
N GLU A 5 -6.76 -24.48 -2.53
CA GLU A 5 -6.50 -24.13 -3.91
C GLU A 5 -7.37 -22.95 -4.27
N HIS A 6 -7.03 -22.28 -5.32
CA HIS A 6 -7.76 -21.13 -5.76
C HIS A 6 -8.11 -21.21 -7.24
N ASP A 7 -9.41 -21.35 -7.51
CA ASP A 7 -9.96 -21.32 -8.87
C ASP A 7 -9.67 -19.97 -9.47
N ASP A 8 -10.08 -18.96 -8.77
CA ASP A 8 -9.77 -17.60 -9.13
C ASP A 8 -9.24 -16.94 -7.88
N CYS A 9 -10.11 -16.60 -6.98
CA CYS A 9 -9.72 -16.04 -5.71
C CYS A 9 -10.76 -16.49 -4.67
N GLN A 10 -10.60 -17.71 -4.22
CA GLN A 10 -11.53 -18.37 -3.36
C GLN A 10 -10.83 -19.61 -2.85
N VAL A 11 -11.17 -20.06 -1.67
CA VAL A 11 -10.51 -21.20 -1.07
C VAL A 11 -11.49 -22.04 -0.24
N THR A 12 -11.32 -23.32 -0.29
CA THR A 12 -12.14 -24.22 0.48
C THR A 12 -11.43 -24.57 1.79
N ASN A 13 -12.19 -24.62 2.88
CA ASN A 13 -11.69 -25.00 4.20
C ASN A 13 -11.54 -26.51 4.24
N PRO A 14 -10.29 -27.01 4.41
CA PRO A 14 -9.99 -28.45 4.43
C PRO A 14 -10.70 -29.22 5.56
N SER A 15 -11.04 -28.52 6.61
CA SER A 15 -11.62 -29.11 7.78
C SER A 15 -13.09 -29.53 7.58
N THR A 16 -13.84 -28.82 6.76
CA THR A 16 -15.25 -29.16 6.63
C THR A 16 -15.76 -29.13 5.17
N GLY A 17 -14.95 -28.61 4.27
CA GLY A 17 -15.37 -28.53 2.88
C GLY A 17 -16.25 -27.34 2.60
N HIS A 18 -16.03 -26.27 3.34
CA HIS A 18 -16.80 -25.05 3.15
C HIS A 18 -16.00 -24.10 2.27
N LEU A 19 -16.65 -23.58 1.27
CA LEU A 19 -16.03 -22.74 0.26
C LEU A 19 -16.07 -21.24 0.67
N PHE A 20 -14.91 -20.60 0.78
CA PHE A 20 -14.81 -19.17 0.92
C PHE A 20 -14.68 -18.55 -0.46
N ASP A 21 -15.53 -17.59 -0.75
CA ASP A 21 -15.49 -16.87 -2.01
C ASP A 21 -15.28 -15.41 -1.73
N LEU A 22 -14.15 -14.89 -2.14
CA LEU A 22 -13.83 -13.50 -1.91
C LEU A 22 -14.17 -12.68 -3.13
N SER A 23 -14.66 -13.37 -4.15
CA SER A 23 -15.01 -12.76 -5.42
C SER A 23 -16.18 -11.79 -5.23
N SER A 24 -16.98 -12.04 -4.20
CA SER A 24 -18.12 -11.21 -3.86
C SER A 24 -17.66 -9.77 -3.53
N LEU A 25 -16.41 -9.62 -3.12
CA LEU A 25 -15.89 -8.33 -2.72
C LEU A 25 -15.11 -7.67 -3.86
N SER A 26 -15.17 -8.25 -5.03
CA SER A 26 -14.46 -7.70 -6.19
C SER A 26 -15.06 -6.36 -6.64
N GLY A 27 -14.42 -5.74 -7.58
CA GLY A 27 -14.89 -4.52 -8.11
C GLY A 27 -13.87 -3.93 -9.02
N ARG A 28 -14.33 -3.19 -9.99
CA ARG A 28 -13.47 -2.58 -10.98
C ARG A 28 -12.95 -1.22 -10.50
N ALA A 29 -13.77 -0.56 -9.68
CA ALA A 29 -13.39 0.72 -9.12
C ALA A 29 -12.67 0.50 -7.80
N GLY A 30 -13.12 -0.51 -7.07
CA GLY A 30 -12.45 -0.90 -5.90
C GLY A 30 -13.00 -0.25 -4.68
N PHE A 31 -12.16 -0.07 -3.73
CA PHE A 31 -12.48 0.50 -2.47
C PHE A 31 -11.48 1.58 -2.22
N THR A 32 -11.83 2.57 -1.47
CA THR A 32 -10.96 3.67 -1.26
C THR A 32 -10.80 3.92 0.23
N ALA A 33 -9.59 4.12 0.64
CA ALA A 33 -9.29 4.33 2.03
C ALA A 33 -8.44 5.57 2.18
N ALA A 34 -8.67 6.30 3.25
CA ALA A 34 -7.97 7.53 3.50
C ALA A 34 -6.70 7.29 4.27
N TYR A 35 -5.61 7.69 3.68
CA TYR A 35 -4.32 7.50 4.29
C TYR A 35 -3.80 8.88 4.67
N SER A 36 -2.90 9.41 3.87
CA SER A 36 -2.33 10.71 4.08
C SER A 36 -3.36 11.81 3.74
N LYS A 37 -3.15 13.03 4.20
CA LYS A 37 -4.10 14.13 3.95
C LYS A 37 -4.49 14.27 2.47
N SER A 38 -3.52 14.16 1.58
CA SER A 38 -3.76 14.29 0.16
C SER A 38 -3.84 12.92 -0.50
N GLY A 39 -3.98 11.86 0.27
CA GLY A 39 -3.84 10.54 -0.29
C GLY A 39 -4.92 9.53 0.05
N VAL A 40 -5.41 8.89 -0.98
CA VAL A 40 -6.31 7.76 -0.86
C VAL A 40 -5.70 6.56 -1.55
N VAL A 41 -6.01 5.39 -1.06
CA VAL A 41 -5.52 4.18 -1.68
C VAL A 41 -6.64 3.52 -2.46
N TYR A 42 -6.32 3.04 -3.62
CA TYR A 42 -7.20 2.30 -4.45
C TYR A 42 -6.86 0.85 -4.37
N MET A 43 -7.84 0.07 -4.06
CA MET A 43 -7.63 -1.35 -3.86
C MET A 43 -8.81 -2.12 -4.36
N SER A 44 -8.54 -3.21 -5.01
CA SER A 44 -9.56 -4.07 -5.55
C SER A 44 -9.36 -5.49 -5.03
N ILE A 45 -10.44 -6.11 -4.62
CA ILE A 45 -10.37 -7.44 -4.06
C ILE A 45 -10.35 -8.50 -5.15
N CYS A 46 -9.22 -9.22 -5.21
CA CYS A 46 -9.06 -10.41 -6.06
C CYS A 46 -8.98 -10.08 -7.53
N GLY A 47 -8.74 -8.85 -7.84
CA GLY A 47 -8.74 -8.45 -9.19
C GLY A 47 -8.07 -7.15 -9.34
N GLU A 48 -8.10 -6.66 -10.53
CA GLU A 48 -7.44 -5.45 -10.91
C GLU A 48 -8.36 -4.24 -10.77
N ASN A 49 -7.76 -3.12 -10.47
CA ASN A 49 -8.45 -1.87 -10.31
C ASN A 49 -7.98 -0.93 -11.43
N GLU A 50 -8.91 -0.32 -12.14
CA GLU A 50 -8.55 0.49 -13.32
C GLU A 50 -8.05 1.89 -12.95
N ASN A 51 -7.95 2.18 -11.68
CA ASN A 51 -7.48 3.49 -11.23
C ASN A 51 -5.97 3.65 -11.41
N CYS A 52 -5.29 2.55 -11.59
CA CYS A 52 -3.85 2.58 -11.79
C CYS A 52 -3.42 1.60 -12.90
N PRO A 53 -2.10 1.59 -13.33
CA PRO A 53 -1.55 0.64 -14.35
C PRO A 53 -2.21 -0.75 -14.37
N PRO A 54 -2.59 -1.21 -15.59
CA PRO A 54 -3.33 -2.46 -15.82
C PRO A 54 -2.77 -3.69 -15.08
N GLY A 55 -3.63 -4.33 -14.31
CA GLY A 55 -3.26 -5.52 -13.59
C GLY A 55 -2.83 -5.20 -12.18
N VAL A 56 -3.27 -4.09 -11.63
CA VAL A 56 -2.84 -3.73 -10.31
C VAL A 56 -3.99 -3.87 -9.32
N GLY A 57 -3.68 -4.37 -8.14
CA GLY A 57 -4.70 -4.55 -7.12
C GLY A 57 -4.65 -3.52 -6.01
N ALA A 58 -3.47 -2.95 -5.76
CA ALA A 58 -3.28 -1.95 -4.75
C ALA A 58 -2.44 -0.80 -5.28
N CYS A 59 -2.90 0.41 -5.11
CA CYS A 59 -2.20 1.59 -5.59
C CYS A 59 -2.68 2.84 -4.86
N PHE A 60 -1.79 3.72 -4.46
CA PHE A 60 -2.22 4.99 -3.90
C PHE A 60 -2.47 5.96 -5.04
N GLY A 61 -3.54 6.75 -4.95
CA GLY A 61 -3.90 7.65 -6.02
C GLY A 61 -3.11 8.95 -5.99
N GLN A 62 -1.84 8.86 -5.65
CA GLN A 62 -0.98 10.02 -5.65
C GLN A 62 -0.44 10.27 -7.06
N THR A 63 0.48 9.43 -7.47
CA THR A 63 1.08 9.52 -8.77
C THR A 63 1.07 8.14 -9.44
N ARG A 64 0.00 7.39 -9.15
CA ARG A 64 -0.23 6.01 -9.68
C ARG A 64 0.88 5.07 -9.21
N ILE A 65 1.09 4.99 -7.91
CA ILE A 65 2.16 4.17 -7.38
C ILE A 65 1.61 2.82 -6.96
N SER A 66 2.02 1.78 -7.64
CA SER A 66 1.56 0.44 -7.38
C SER A 66 2.19 -0.10 -6.10
N VAL A 67 1.36 -0.64 -5.25
CA VAL A 67 1.85 -1.23 -4.04
C VAL A 67 1.41 -2.69 -3.92
N GLY A 68 0.87 -3.20 -5.02
CA GLY A 68 0.47 -4.57 -5.06
C GLY A 68 -0.16 -4.92 -6.37
N LYS A 69 0.44 -5.85 -7.09
CA LYS A 69 -0.08 -6.30 -8.36
C LYS A 69 -1.30 -7.19 -8.09
N ALA A 70 -2.27 -7.18 -9.00
CA ALA A 70 -3.51 -7.91 -8.78
C ALA A 70 -3.33 -9.38 -8.97
N ASN A 71 -2.89 -10.02 -7.95
CA ASN A 71 -2.69 -11.44 -7.96
C ASN A 71 -3.87 -12.07 -7.31
N LYS A 72 -4.01 -13.34 -7.47
CA LYS A 72 -5.14 -14.05 -6.94
C LYS A 72 -4.63 -15.08 -5.98
N ARG A 73 -3.67 -14.67 -5.21
CA ARG A 73 -2.98 -15.56 -4.33
C ARG A 73 -3.65 -15.50 -2.96
N LEU A 74 -4.79 -16.17 -2.91
CA LEU A 74 -5.64 -16.24 -1.72
C LEU A 74 -5.12 -17.36 -0.82
N ARG A 75 -4.83 -17.03 0.40
CA ARG A 75 -4.35 -18.01 1.35
C ARG A 75 -5.22 -18.02 2.63
N TYR A 76 -5.53 -19.21 3.14
CA TYR A 76 -6.38 -19.35 4.34
C TYR A 76 -5.57 -19.89 5.50
N VAL A 77 -5.35 -19.05 6.48
CA VAL A 77 -4.55 -19.42 7.65
C VAL A 77 -5.26 -19.09 8.97
N ASP A 78 -5.98 -20.06 9.50
CA ASP A 78 -6.64 -19.99 10.84
C ASP A 78 -7.65 -18.83 10.90
N GLN A 79 -8.70 -18.98 10.10
CA GLN A 79 -9.87 -18.04 9.96
C GLN A 79 -9.46 -16.71 9.36
N VAL A 80 -8.22 -16.65 8.97
CA VAL A 80 -7.67 -15.51 8.38
C VAL A 80 -7.53 -15.74 6.89
N LEU A 81 -8.18 -14.91 6.15
CA LEU A 81 -8.11 -14.92 4.72
C LEU A 81 -7.09 -13.90 4.35
N GLN A 82 -5.97 -14.35 3.91
CA GLN A 82 -4.90 -13.49 3.60
C GLN A 82 -4.71 -13.41 2.11
N LEU A 83 -4.92 -12.24 1.62
CA LEU A 83 -4.83 -11.96 0.23
C LEU A 83 -3.55 -11.14 0.08
N VAL A 84 -2.53 -11.73 -0.47
CA VAL A 84 -1.26 -11.05 -0.54
C VAL A 84 -1.02 -10.45 -1.95
N TYR A 85 -0.68 -9.19 -1.99
CA TYR A 85 -0.35 -8.49 -3.22
C TYR A 85 1.05 -8.01 -3.14
N LYS A 86 1.93 -8.65 -3.84
CA LYS A 86 3.31 -8.28 -3.82
C LYS A 86 3.79 -8.06 -5.22
N ASP A 87 5.03 -7.61 -5.34
CA ASP A 87 5.69 -7.35 -6.63
C ASP A 87 4.91 -6.34 -7.44
N GLY A 88 4.35 -5.35 -6.74
CA GLY A 88 3.61 -4.31 -7.38
C GLY A 88 4.54 -3.37 -8.08
N SER A 89 5.01 -2.38 -7.39
CA SER A 89 5.96 -1.49 -7.93
C SER A 89 7.09 -1.32 -6.90
N PRO A 90 8.33 -1.18 -7.39
CA PRO A 90 9.51 -1.00 -6.56
C PRO A 90 9.41 0.23 -5.67
N CYS A 91 9.70 0.02 -4.43
CA CYS A 91 9.58 1.00 -3.39
C CYS A 91 10.69 2.03 -3.53
N PRO A 92 10.33 3.33 -3.71
CA PRO A 92 11.31 4.41 -3.83
C PRO A 92 12.08 4.58 -2.53
N SER A 93 11.40 4.30 -1.43
CA SER A 93 11.96 4.35 -0.14
C SER A 93 13.05 3.27 0.01
N LYS A 94 12.80 2.07 -0.42
CA LYS A 94 13.78 1.04 -0.27
C LYS A 94 14.11 0.49 -1.65
N SER A 95 15.15 1.04 -2.24
CA SER A 95 15.58 0.71 -3.55
C SER A 95 15.87 -0.79 -3.68
N GLY A 96 15.25 -1.43 -4.65
CA GLY A 96 15.53 -2.82 -4.94
C GLY A 96 14.45 -3.78 -4.49
N LEU A 97 13.46 -3.31 -3.75
CA LEU A 97 12.38 -4.15 -3.36
C LEU A 97 11.04 -3.49 -3.71
N SER A 98 10.02 -4.30 -3.86
CA SER A 98 8.72 -3.83 -4.28
C SER A 98 7.75 -3.77 -3.09
N TYR A 99 6.75 -2.87 -3.19
CA TYR A 99 5.71 -2.76 -2.19
C TYR A 99 4.89 -4.05 -2.12
N LYS A 100 4.18 -4.23 -1.03
CA LYS A 100 3.37 -5.42 -0.82
C LYS A 100 2.26 -5.12 0.16
N SER A 101 1.08 -5.41 -0.26
CA SER A 101 -0.08 -5.19 0.52
C SER A 101 -0.58 -6.54 1.03
N VAL A 102 -0.77 -6.64 2.32
CA VAL A 102 -1.23 -7.87 2.91
C VAL A 102 -2.65 -7.67 3.43
N ILE A 103 -3.60 -8.28 2.77
CA ILE A 103 -4.99 -8.16 3.13
C ILE A 103 -5.30 -9.26 4.12
N SER A 104 -5.76 -8.91 5.27
CA SER A 104 -6.13 -9.90 6.24
C SER A 104 -7.59 -9.78 6.63
N PHE A 105 -8.40 -10.68 6.13
CA PHE A 105 -9.80 -10.72 6.48
C PHE A 105 -9.97 -11.51 7.74
N VAL A 106 -10.49 -10.87 8.75
CA VAL A 106 -10.71 -11.49 10.02
C VAL A 106 -12.21 -11.58 10.27
N CYS A 107 -12.64 -12.73 10.71
CA CYS A 107 -14.02 -13.02 11.01
C CYS A 107 -14.59 -12.09 12.08
N ARG A 108 -15.56 -11.26 11.70
CA ARG A 108 -16.26 -10.46 12.68
C ARG A 108 -17.75 -10.62 12.39
N PRO A 109 -18.42 -11.63 13.00
CA PRO A 109 -19.82 -11.97 12.70
C PRO A 109 -20.83 -10.84 12.93
N GLU A 110 -20.57 -10.00 13.93
CA GLU A 110 -21.47 -8.92 14.25
C GLU A 110 -21.34 -7.73 13.25
N ALA A 111 -20.35 -7.83 12.33
CA ALA A 111 -20.11 -6.79 11.31
C ALA A 111 -19.83 -5.43 11.98
N GLY A 112 -20.27 -4.32 11.43
CA GLY A 112 -20.05 -3.07 12.05
C GLY A 112 -19.07 -2.23 11.27
N PRO A 113 -18.44 -1.28 11.93
CA PRO A 113 -17.49 -0.34 11.30
C PRO A 113 -16.10 -0.94 11.09
N THR A 114 -16.02 -2.23 11.25
CA THR A 114 -14.79 -2.96 11.09
C THR A 114 -14.71 -3.53 9.68
N ASN A 115 -15.84 -3.53 8.98
CA ASN A 115 -15.94 -4.13 7.65
C ASN A 115 -15.58 -3.11 6.59
N ARG A 116 -14.33 -2.68 6.65
CA ARG A 116 -13.75 -1.69 5.77
C ARG A 116 -12.25 -1.69 6.00
N PRO A 117 -11.46 -1.57 4.91
CA PRO A 117 -10.00 -1.67 4.98
C PRO A 117 -9.36 -0.56 5.82
N MET A 118 -8.68 -0.96 6.88
CA MET A 118 -7.93 -0.05 7.72
C MET A 118 -6.45 -0.41 7.63
N LEU A 119 -5.59 0.59 7.54
CA LEU A 119 -4.17 0.39 7.39
C LEU A 119 -3.56 0.26 8.78
N ILE A 120 -2.95 -0.88 9.05
CA ILE A 120 -2.37 -1.13 10.36
C ILE A 120 -1.03 -0.43 10.44
N SER A 121 -0.19 -0.69 9.47
CA SER A 121 1.13 -0.20 9.49
C SER A 121 1.74 -0.41 8.13
N LEU A 122 2.66 0.44 7.79
CA LEU A 122 3.42 0.37 6.59
C LEU A 122 4.87 0.29 7.03
N ASP A 123 5.43 -0.90 6.97
CA ASP A 123 6.83 -1.07 7.38
C ASP A 123 7.74 -0.42 6.36
N LYS A 124 8.58 0.48 6.83
CA LYS A 124 9.39 1.32 5.95
C LYS A 124 10.63 0.59 5.43
N GLN A 125 10.90 -0.56 5.98
CA GLN A 125 12.09 -1.25 5.61
C GLN A 125 11.79 -2.38 4.62
N THR A 126 10.66 -3.00 4.76
CA THR A 126 10.25 -4.04 3.84
C THR A 126 9.18 -3.54 2.83
N CYS A 127 8.70 -2.29 3.06
CA CYS A 127 7.68 -1.62 2.22
C CYS A 127 6.40 -2.45 2.11
N THR A 128 6.09 -3.10 3.20
CA THR A 128 4.91 -3.92 3.32
C THR A 128 3.81 -3.15 4.06
N LEU A 129 2.63 -3.18 3.50
CA LEU A 129 1.48 -2.50 4.02
C LEU A 129 0.56 -3.55 4.60
N PHE A 130 0.08 -3.34 5.78
CA PHE A 130 -0.83 -4.28 6.39
C PHE A 130 -2.25 -3.71 6.42
N PHE A 131 -3.21 -4.54 6.07
CA PHE A 131 -4.60 -4.12 5.94
C PHE A 131 -5.50 -5.05 6.73
N SER A 132 -6.34 -4.48 7.55
CA SER A 132 -7.28 -5.25 8.34
C SER A 132 -8.67 -5.02 7.77
N TRP A 133 -9.52 -6.02 7.89
CA TRP A 133 -10.86 -5.97 7.40
C TRP A 133 -11.62 -6.99 8.23
N HIS A 134 -12.57 -6.55 9.00
CA HIS A 134 -13.30 -7.46 9.86
C HIS A 134 -14.74 -7.55 9.41
N THR A 135 -15.06 -8.68 8.84
CA THR A 135 -16.33 -8.92 8.16
C THR A 135 -16.85 -10.33 8.52
N PRO A 136 -18.20 -10.56 8.51
CA PRO A 136 -18.78 -11.87 8.78
C PRO A 136 -18.70 -12.80 7.57
N LEU A 137 -18.29 -12.26 6.42
CA LEU A 137 -18.14 -13.05 5.20
C LEU A 137 -16.97 -14.03 5.37
N ALA A 138 -16.08 -13.70 6.27
CA ALA A 138 -14.88 -14.49 6.53
C ALA A 138 -15.13 -15.48 7.67
N CYS A 139 -16.34 -15.54 8.14
CA CYS A 139 -16.67 -16.40 9.24
C CYS A 139 -17.18 -17.74 8.77
N GLU A 140 -16.82 -18.76 9.48
CA GLU A 140 -17.23 -20.11 9.20
C GLU A 140 -18.47 -20.42 10.01
N PRO A 141 -19.35 -21.29 9.50
CA PRO A 141 -20.58 -21.68 10.18
C PRO A 141 -20.30 -22.32 11.54
N GLU A 142 -20.71 -21.61 12.60
CA GLU A 142 -20.54 -22.04 13.99
C GLU A 142 -19.06 -22.02 14.36
N ALA B 1 10.21 -2.91 -18.96
CA ALA B 1 9.67 -2.00 -17.95
C ALA B 1 10.78 -1.13 -17.38
N TYR B 2 11.49 -0.44 -18.24
CA TYR B 2 12.60 0.36 -17.81
C TYR B 2 12.27 1.83 -17.96
N ARG B 3 12.49 2.57 -16.91
CA ARG B 3 12.28 3.99 -16.90
C ARG B 3 13.65 4.68 -16.77
N PRO B 4 13.83 5.86 -17.38
CA PRO B 4 15.13 6.55 -17.43
C PRO B 4 15.49 7.30 -16.14
N SER B 5 14.79 6.99 -15.11
CA SER B 5 14.99 7.60 -13.82
C SER B 5 14.85 6.55 -12.73
N GLU B 6 15.92 6.31 -12.01
CA GLU B 6 15.88 5.43 -10.85
C GLU B 6 15.45 6.22 -9.64
N THR B 7 15.88 7.46 -9.59
CA THR B 7 15.38 8.41 -8.65
C THR B 7 14.56 9.42 -9.46
N LEU B 8 13.23 9.26 -9.47
CA LEU B 8 12.37 10.01 -10.34
C LEU B 8 12.08 11.43 -9.84
N CYS B 9 12.73 12.42 -10.45
CA CYS B 9 12.52 13.81 -10.11
C CYS B 9 11.33 14.36 -10.86
N GLY B 10 10.61 15.26 -10.25
CA GLY B 10 9.49 15.88 -10.87
C GLY B 10 8.21 15.38 -10.29
N GLY B 11 7.97 14.12 -10.46
CA GLY B 11 6.73 13.52 -10.00
C GLY B 11 6.84 12.74 -8.68
N GLU B 12 7.61 11.66 -8.67
CA GLU B 12 7.64 10.74 -7.52
C GLU B 12 8.31 11.34 -6.31
N LEU B 13 9.47 11.98 -6.52
CA LEU B 13 10.25 12.61 -5.44
C LEU B 13 9.38 13.43 -4.51
N VAL B 14 8.70 14.38 -5.06
CA VAL B 14 7.88 15.26 -4.29
C VAL B 14 6.63 14.54 -3.75
N ASP B 15 6.13 13.56 -4.49
CA ASP B 15 4.93 12.89 -4.06
C ASP B 15 5.18 11.97 -2.85
N THR B 16 6.31 11.22 -2.82
CA THR B 16 6.61 10.39 -1.67
C THR B 16 6.87 11.28 -0.43
N LEU B 17 7.40 12.48 -0.68
CA LEU B 17 7.57 13.48 0.33
C LEU B 17 6.23 14.04 0.82
N GLN B 18 5.21 13.90 0.01
CA GLN B 18 3.87 14.31 0.39
C GLN B 18 3.13 13.12 1.02
N PHE B 19 3.64 11.94 0.78
CA PHE B 19 3.05 10.73 1.31
C PHE B 19 3.22 10.65 2.84
N VAL B 20 4.44 10.65 3.34
CA VAL B 20 4.60 10.53 4.78
C VAL B 20 4.73 11.92 5.46
N CYS B 21 5.09 12.93 4.69
CA CYS B 21 5.24 14.26 5.25
C CYS B 21 4.08 15.14 4.80
N GLY B 22 3.02 14.53 4.33
CA GLY B 22 1.86 15.27 3.83
C GLY B 22 1.17 16.18 4.83
N ASP B 23 0.96 15.71 6.04
CA ASP B 23 0.32 16.52 7.07
C ASP B 23 1.27 17.54 7.65
N ARG B 24 2.46 17.09 8.02
CA ARG B 24 3.45 17.92 8.68
C ARG B 24 4.10 18.92 7.70
N GLY B 25 4.10 18.56 6.44
CA GLY B 25 4.61 19.42 5.42
C GLY B 25 5.88 18.86 4.86
N PHE B 26 6.09 19.04 3.60
CA PHE B 26 7.32 18.61 3.01
C PHE B 26 8.35 19.73 3.10
N TYR B 27 9.48 19.44 3.71
CA TYR B 27 10.48 20.44 4.00
C TYR B 27 11.81 20.02 3.49
N PHE B 28 11.99 20.13 2.22
CA PHE B 28 13.22 19.75 1.59
C PHE B 28 13.92 20.96 1.03
N SER B 29 13.40 22.11 1.34
CA SER B 29 13.96 23.35 0.95
C SER B 29 14.60 24.03 2.16
N ARG B 30 15.37 23.26 2.92
CA ARG B 30 16.03 23.79 4.09
C ARG B 30 17.51 23.55 3.91
N PRO B 31 18.29 24.61 3.64
CA PRO B 31 19.74 24.51 3.48
C PRO B 31 20.51 24.92 4.73
N ALA B 32 19.77 25.04 5.85
CA ALA B 32 20.28 25.36 7.19
C ALA B 32 20.82 26.78 7.34
N SER B 33 20.78 27.53 6.26
CA SER B 33 21.24 28.86 6.15
C SER B 33 21.10 29.16 4.68
N ARG B 34 21.48 30.31 4.29
CA ARG B 34 21.34 30.71 2.92
C ARG B 34 22.69 30.58 2.21
N VAL B 35 23.64 29.96 2.91
CA VAL B 35 24.94 29.64 2.33
C VAL B 35 24.86 28.25 1.73
N SER B 36 23.76 27.58 2.05
CA SER B 36 23.37 26.30 1.51
C SER B 36 24.39 25.19 1.73
N ARG B 37 25.06 25.26 2.84
CA ARG B 37 26.02 24.22 3.20
C ARG B 37 25.37 22.94 3.63
N ARG B 38 24.48 23.03 4.58
CA ARG B 38 23.87 21.85 5.14
C ARG B 38 22.61 21.50 4.37
N SER B 39 22.81 20.73 3.30
CA SER B 39 21.73 20.23 2.45
C SER B 39 21.04 21.36 1.69
N ARG B 40 21.59 21.69 0.54
CA ARG B 40 21.04 22.76 -0.35
C ARG B 40 19.66 22.44 -0.89
N GLY B 41 19.17 21.29 -0.57
CA GLY B 41 17.97 20.85 -1.11
C GLY B 41 18.21 19.51 -1.70
N ILE B 42 17.51 18.52 -1.20
CA ILE B 42 17.71 17.15 -1.62
C ILE B 42 17.25 16.92 -3.03
N VAL B 43 16.65 17.94 -3.62
CA VAL B 43 16.35 17.95 -5.01
C VAL B 43 17.62 17.63 -5.83
N GLU B 44 18.72 18.17 -5.42
CA GLU B 44 19.92 17.99 -6.18
C GLU B 44 20.67 16.79 -5.63
N GLU B 45 20.31 16.44 -4.42
CA GLU B 45 20.92 15.34 -3.70
C GLU B 45 20.29 13.99 -4.17
N CYS B 46 19.31 14.08 -5.06
CA CYS B 46 18.65 12.90 -5.62
C CYS B 46 18.49 12.96 -7.15
N CYS B 47 18.55 14.15 -7.74
CA CYS B 47 18.42 14.22 -9.21
C CYS B 47 19.71 13.89 -9.95
N PHE B 48 20.82 13.77 -9.24
CA PHE B 48 22.08 13.43 -9.90
C PHE B 48 22.83 12.34 -9.15
N ARG B 49 22.11 11.58 -8.33
CA ARG B 49 22.70 10.50 -7.55
C ARG B 49 21.56 9.72 -6.95
N SER B 50 21.85 8.64 -6.29
CA SER B 50 20.80 7.79 -5.79
C SER B 50 20.59 8.01 -4.31
N CYS B 51 19.35 7.94 -3.90
CA CYS B 51 18.97 8.10 -2.54
C CYS B 51 17.81 7.18 -2.24
N ASP B 52 17.73 6.77 -1.02
CA ASP B 52 16.63 5.97 -0.54
C ASP B 52 16.04 6.63 0.71
N LEU B 53 15.09 5.93 1.33
CA LEU B 53 14.25 6.33 2.48
C LEU B 53 14.94 7.20 3.53
N ALA B 54 16.20 6.87 3.82
CA ALA B 54 16.96 7.48 4.89
C ALA B 54 16.90 8.98 4.86
N LEU B 55 17.34 9.53 3.77
CA LEU B 55 17.44 10.96 3.53
C LEU B 55 16.11 11.67 3.63
N LEU B 56 15.09 11.07 3.09
CA LEU B 56 13.84 11.75 3.03
C LEU B 56 13.06 11.63 4.30
N GLU B 57 13.34 10.60 5.09
CA GLU B 57 12.73 10.51 6.38
C GLU B 57 13.52 11.29 7.45
N THR B 58 14.87 11.34 7.32
CA THR B 58 15.69 12.12 8.24
C THR B 58 15.31 13.59 8.15
N TYR B 59 15.13 14.09 6.94
CA TYR B 59 14.62 15.42 6.79
C TYR B 59 13.13 15.41 6.92
N CYS B 60 12.43 15.06 5.85
CA CYS B 60 10.95 15.04 5.81
C CYS B 60 10.36 16.42 6.14
N ALA B 61 10.35 16.74 7.41
CA ALA B 61 9.82 17.93 7.96
C ALA B 61 10.41 18.07 9.34
N THR B 62 10.24 19.17 9.94
CA THR B 62 10.73 19.37 11.25
C THR B 62 9.61 19.21 12.25
N PRO B 63 9.90 18.51 13.37
CA PRO B 63 8.93 18.30 14.44
C PRO B 63 8.72 19.56 15.29
N ALA B 64 9.61 20.48 15.08
CA ALA B 64 9.59 21.77 15.67
C ALA B 64 9.97 22.72 14.56
N LYS B 65 8.96 23.29 13.95
CA LYS B 65 9.10 24.15 12.81
C LYS B 65 9.90 25.40 13.19
N SER B 66 10.63 25.94 12.25
CA SER B 66 11.40 27.11 12.45
C SER B 66 10.67 28.25 11.74
N GLU B 67 10.80 29.45 12.23
CA GLU B 67 10.19 30.57 11.59
C GLU B 67 11.14 31.19 10.56
N MET A 1 1.16 -26.01 -5.34
CA MET A 1 -0.03 -26.65 -4.81
C MET A 1 -1.20 -25.68 -4.85
N LYS A 2 -2.16 -25.96 -5.72
CA LYS A 2 -3.31 -25.08 -5.89
C LYS A 2 -4.38 -25.35 -4.84
N SER A 3 -4.06 -25.07 -3.62
CA SER A 3 -5.02 -25.16 -2.54
C SER A 3 -5.56 -23.77 -2.27
N ASN A 4 -4.73 -22.79 -2.58
CA ASN A 4 -5.08 -21.38 -2.41
C ASN A 4 -5.78 -20.87 -3.66
N GLU A 5 -5.66 -21.61 -4.72
CA GLU A 5 -6.28 -21.26 -5.95
C GLU A 5 -7.24 -22.35 -6.27
N HIS A 6 -8.37 -21.97 -6.76
CA HIS A 6 -9.44 -22.91 -6.98
C HIS A 6 -10.36 -22.42 -8.08
N ASP A 7 -10.38 -21.10 -8.29
CA ASP A 7 -11.23 -20.50 -9.30
C ASP A 7 -10.77 -19.10 -9.56
N ASP A 8 -10.95 -18.24 -8.59
CA ASP A 8 -10.50 -16.86 -8.67
C ASP A 8 -10.06 -16.46 -7.29
N CYS A 9 -11.02 -16.24 -6.42
CA CYS A 9 -10.78 -15.99 -5.02
C CYS A 9 -11.81 -16.70 -4.18
N GLN A 10 -11.59 -17.96 -3.95
CA GLN A 10 -12.50 -18.74 -3.19
C GLN A 10 -11.79 -19.99 -2.75
N VAL A 11 -11.87 -20.28 -1.50
CA VAL A 11 -11.19 -21.40 -0.92
C VAL A 11 -12.13 -22.24 -0.12
N THR A 12 -12.01 -23.51 -0.27
CA THR A 12 -12.85 -24.44 0.41
C THR A 12 -12.03 -25.21 1.41
N ASN A 13 -12.54 -25.31 2.61
CA ASN A 13 -11.92 -26.12 3.60
C ASN A 13 -12.44 -27.52 3.45
N PRO A 14 -11.58 -28.45 3.00
CA PRO A 14 -12.00 -29.84 2.71
C PRO A 14 -12.37 -30.62 3.96
N SER A 15 -11.97 -30.10 5.10
CA SER A 15 -12.22 -30.74 6.36
C SER A 15 -13.69 -30.65 6.77
N THR A 16 -14.36 -29.57 6.37
CA THR A 16 -15.78 -29.45 6.70
C THR A 16 -16.65 -29.03 5.48
N GLY A 17 -16.01 -28.75 4.34
CA GLY A 17 -16.74 -28.41 3.11
C GLY A 17 -17.25 -27.00 3.11
N HIS A 18 -16.65 -26.17 3.92
CA HIS A 18 -17.05 -24.79 3.98
C HIS A 18 -16.26 -24.01 2.94
N LEU A 19 -16.99 -23.46 2.03
CA LEU A 19 -16.50 -22.76 0.89
C LEU A 19 -16.55 -21.23 1.13
N PHE A 20 -15.38 -20.59 1.19
CA PHE A 20 -15.28 -19.15 1.33
C PHE A 20 -15.17 -18.52 -0.03
N ASP A 21 -16.15 -17.77 -0.44
CA ASP A 21 -16.05 -17.06 -1.69
C ASP A 21 -15.79 -15.60 -1.44
N LEU A 22 -14.68 -15.13 -1.93
CA LEU A 22 -14.27 -13.75 -1.76
C LEU A 22 -14.50 -12.99 -3.06
N SER A 23 -15.02 -13.70 -4.05
CA SER A 23 -15.31 -13.12 -5.37
C SER A 23 -16.43 -12.08 -5.22
N SER A 24 -17.23 -12.26 -4.17
CA SER A 24 -18.29 -11.36 -3.79
C SER A 24 -17.71 -9.95 -3.47
N LEU A 25 -16.45 -9.92 -3.03
CA LEU A 25 -15.82 -8.67 -2.66
C LEU A 25 -15.01 -8.07 -3.80
N SER A 26 -15.01 -8.75 -4.92
CA SER A 26 -14.26 -8.31 -6.09
C SER A 26 -14.88 -7.05 -6.72
N GLY A 27 -14.17 -6.48 -7.65
CA GLY A 27 -14.59 -5.29 -8.32
C GLY A 27 -13.49 -4.72 -9.18
N ARG A 28 -13.88 -4.03 -10.23
CA ARG A 28 -12.96 -3.41 -11.16
C ARG A 28 -12.62 -1.98 -10.71
N ALA A 29 -13.58 -1.33 -10.08
CA ALA A 29 -13.37 0.02 -9.60
C ALA A 29 -12.68 -0.03 -8.25
N GLY A 30 -13.03 -1.05 -7.49
CA GLY A 30 -12.38 -1.30 -6.25
C GLY A 30 -13.09 -0.65 -5.11
N PHE A 31 -12.34 -0.30 -4.12
CA PHE A 31 -12.83 0.34 -2.94
C PHE A 31 -11.85 1.42 -2.58
N THR A 32 -12.32 2.44 -1.94
CA THR A 32 -11.50 3.52 -1.52
C THR A 32 -11.31 3.50 0.00
N ALA A 33 -10.08 3.56 0.42
CA ALA A 33 -9.79 3.64 1.82
C ALA A 33 -9.10 4.95 2.08
N ALA A 34 -9.42 5.57 3.19
CA ALA A 34 -8.89 6.84 3.54
C ALA A 34 -7.52 6.69 4.12
N TYR A 35 -6.59 7.41 3.58
CA TYR A 35 -5.25 7.41 4.03
C TYR A 35 -5.02 8.76 4.66
N SER A 36 -4.41 9.64 3.92
CA SER A 36 -4.26 10.99 4.32
C SER A 36 -5.65 11.68 4.25
N LYS A 37 -5.77 12.90 4.69
CA LYS A 37 -7.08 13.57 4.62
C LYS A 37 -7.44 13.84 3.16
N SER A 38 -6.44 14.20 2.39
CA SER A 38 -6.58 14.51 1.03
C SER A 38 -5.98 13.38 0.17
N GLY A 39 -6.13 12.15 0.63
CA GLY A 39 -5.58 11.03 -0.11
C GLY A 39 -6.26 9.71 0.17
N VAL A 40 -6.79 9.08 -0.87
CA VAL A 40 -7.41 7.78 -0.77
C VAL A 40 -6.58 6.73 -1.52
N VAL A 41 -6.64 5.52 -1.04
CA VAL A 41 -5.96 4.43 -1.68
C VAL A 41 -6.98 3.60 -2.46
N TYR A 42 -6.58 3.17 -3.63
CA TYR A 42 -7.39 2.35 -4.49
C TYR A 42 -7.02 0.91 -4.31
N MET A 43 -7.99 0.10 -4.10
CA MET A 43 -7.76 -1.30 -3.89
C MET A 43 -8.87 -2.11 -4.50
N SER A 44 -8.50 -3.04 -5.31
CA SER A 44 -9.42 -3.91 -5.94
C SER A 44 -9.24 -5.32 -5.41
N ILE A 45 -10.26 -5.85 -4.78
CA ILE A 45 -10.18 -7.16 -4.23
C ILE A 45 -10.26 -8.19 -5.33
N CYS A 46 -9.17 -8.89 -5.53
CA CYS A 46 -9.10 -9.99 -6.47
C CYS A 46 -9.24 -9.53 -7.87
N GLY A 47 -8.55 -8.49 -8.19
CA GLY A 47 -8.60 -8.01 -9.50
C GLY A 47 -7.75 -6.83 -9.67
N GLU A 48 -7.67 -6.35 -10.86
CA GLU A 48 -6.89 -5.20 -11.14
C GLU A 48 -7.77 -3.97 -11.11
N ASN A 49 -7.25 -2.91 -10.59
CA ASN A 49 -8.00 -1.71 -10.47
C ASN A 49 -7.75 -0.85 -11.70
N GLU A 50 -8.82 -0.46 -12.39
CA GLU A 50 -8.76 0.32 -13.63
C GLU A 50 -8.25 1.75 -13.42
N ASN A 51 -8.05 2.14 -12.18
CA ASN A 51 -7.67 3.51 -11.88
C ASN A 51 -6.18 3.66 -11.67
N CYS A 52 -5.46 2.58 -11.79
CA CYS A 52 -4.01 2.60 -11.67
C CYS A 52 -3.35 1.73 -12.73
N PRO A 53 -1.96 1.79 -12.90
CA PRO A 53 -1.18 0.92 -13.79
C PRO A 53 -1.80 -0.48 -14.02
N PRO A 54 -1.83 -0.95 -15.29
CA PRO A 54 -2.47 -2.22 -15.67
C PRO A 54 -1.95 -3.42 -14.87
N GLY A 55 -2.87 -4.16 -14.28
CA GLY A 55 -2.56 -5.38 -13.58
C GLY A 55 -2.24 -5.16 -12.11
N VAL A 56 -2.65 -4.03 -11.56
CA VAL A 56 -2.34 -3.76 -10.18
C VAL A 56 -3.61 -3.84 -9.32
N GLY A 57 -3.48 -4.41 -8.14
CA GLY A 57 -4.62 -4.55 -7.24
C GLY A 57 -4.63 -3.50 -6.13
N ALA A 58 -3.47 -3.05 -5.74
CA ALA A 58 -3.35 -2.05 -4.70
C ALA A 58 -2.47 -0.90 -5.19
N CYS A 59 -2.99 0.31 -5.08
CA CYS A 59 -2.32 1.51 -5.56
C CYS A 59 -2.90 2.74 -4.90
N PHE A 60 -2.07 3.71 -4.56
CA PHE A 60 -2.59 4.94 -3.99
C PHE A 60 -2.97 5.87 -5.13
N GLY A 61 -4.17 6.48 -5.05
CA GLY A 61 -4.67 7.27 -6.17
C GLY A 61 -4.11 8.67 -6.21
N GLN A 62 -3.08 8.89 -5.45
CA GLN A 62 -2.41 10.15 -5.40
C GLN A 62 -1.38 10.26 -6.53
N THR A 63 -0.32 9.51 -6.41
CA THR A 63 0.80 9.57 -7.32
C THR A 63 0.90 8.34 -8.23
N ARG A 64 -0.15 7.52 -8.20
CA ARG A 64 -0.26 6.30 -9.03
C ARG A 64 0.88 5.34 -8.72
N ILE A 65 1.27 5.27 -7.46
CA ILE A 65 2.34 4.39 -7.03
C ILE A 65 1.80 2.99 -6.82
N SER A 66 2.42 2.03 -7.49
CA SER A 66 2.00 0.65 -7.45
C SER A 66 2.44 -0.02 -6.15
N VAL A 67 1.52 -0.65 -5.47
CA VAL A 67 1.79 -1.27 -4.20
C VAL A 67 1.68 -2.81 -4.26
N GLY A 68 1.02 -3.33 -5.26
CA GLY A 68 0.88 -4.75 -5.34
C GLY A 68 0.09 -5.18 -6.55
N LYS A 69 0.66 -6.08 -7.32
CA LYS A 69 0.05 -6.63 -8.53
C LYS A 69 -1.23 -7.40 -8.17
N ALA A 70 -2.19 -7.40 -9.09
CA ALA A 70 -3.44 -8.12 -8.94
C ALA A 70 -3.21 -9.63 -8.89
N ASN A 71 -2.90 -10.10 -7.72
CA ASN A 71 -2.65 -11.49 -7.44
C ASN A 71 -3.99 -12.11 -7.06
N LYS A 72 -4.16 -13.35 -7.33
CA LYS A 72 -5.45 -13.98 -7.15
C LYS A 72 -5.25 -15.32 -6.51
N ARG A 73 -4.51 -15.30 -5.45
CA ARG A 73 -4.14 -16.48 -4.76
C ARG A 73 -4.59 -16.35 -3.30
N LEU A 74 -5.85 -16.64 -3.13
CA LEU A 74 -6.56 -16.56 -1.84
C LEU A 74 -5.97 -17.56 -0.84
N ARG A 75 -5.57 -17.11 0.30
CA ARG A 75 -5.01 -18.03 1.30
C ARG A 75 -5.93 -18.15 2.52
N TYR A 76 -6.07 -19.35 3.07
CA TYR A 76 -6.88 -19.59 4.25
C TYR A 76 -5.97 -20.00 5.39
N VAL A 77 -5.75 -19.08 6.30
CA VAL A 77 -4.83 -19.29 7.38
C VAL A 77 -5.48 -19.05 8.77
N ASP A 78 -6.07 -20.11 9.34
CA ASP A 78 -6.70 -20.08 10.71
C ASP A 78 -7.86 -19.07 10.74
N GLN A 79 -8.75 -19.22 9.75
CA GLN A 79 -9.98 -18.41 9.52
C GLN A 79 -9.65 -16.97 9.19
N VAL A 80 -8.44 -16.80 8.75
CA VAL A 80 -7.97 -15.57 8.25
C VAL A 80 -7.80 -15.75 6.76
N LEU A 81 -8.47 -14.94 6.02
CA LEU A 81 -8.48 -14.99 4.59
C LEU A 81 -7.45 -14.00 4.09
N GLN A 82 -6.41 -14.50 3.49
CA GLN A 82 -5.28 -13.67 3.11
C GLN A 82 -5.20 -13.45 1.60
N LEU A 83 -4.86 -12.25 1.26
CA LEU A 83 -4.58 -11.82 -0.10
C LEU A 83 -3.30 -11.01 -0.07
N VAL A 84 -2.20 -11.67 -0.31
CA VAL A 84 -0.94 -11.00 -0.31
C VAL A 84 -0.65 -10.49 -1.74
N TYR A 85 -0.44 -9.22 -1.86
CA TYR A 85 -0.21 -8.63 -3.16
C TYR A 85 1.19 -8.13 -3.25
N LYS A 86 2.02 -8.88 -3.93
CA LYS A 86 3.38 -8.47 -4.13
C LYS A 86 3.56 -7.95 -5.54
N ASP A 87 4.77 -7.51 -5.87
CA ASP A 87 5.13 -7.00 -7.20
C ASP A 87 4.46 -5.67 -7.51
N GLY A 88 4.66 -4.72 -6.65
CA GLY A 88 4.19 -3.39 -6.89
C GLY A 88 5.24 -2.61 -7.66
N SER A 89 5.66 -1.51 -7.12
CA SER A 89 6.71 -0.73 -7.72
C SER A 89 7.97 -0.88 -6.87
N PRO A 90 9.16 -0.71 -7.49
CA PRO A 90 10.44 -0.75 -6.78
C PRO A 90 10.46 0.29 -5.67
N CYS A 91 10.63 -0.18 -4.48
CA CYS A 91 10.56 0.65 -3.31
C CYS A 91 11.88 1.42 -3.15
N PRO A 92 11.80 2.75 -2.97
CA PRO A 92 12.99 3.60 -2.83
C PRO A 92 13.73 3.42 -1.50
N SER A 93 13.08 2.76 -0.56
CA SER A 93 13.69 2.52 0.72
C SER A 93 14.73 1.40 0.63
N LYS A 94 14.33 0.27 0.10
CA LYS A 94 15.23 -0.80 -0.07
C LYS A 94 15.35 -1.02 -1.57
N SER A 95 16.42 -0.56 -2.13
CA SER A 95 16.67 -0.65 -3.53
C SER A 95 16.66 -2.14 -3.98
N GLY A 96 15.77 -2.47 -4.88
CA GLY A 96 15.65 -3.83 -5.35
C GLY A 96 14.48 -4.54 -4.71
N LEU A 97 13.79 -3.86 -3.84
CA LEU A 97 12.66 -4.40 -3.17
C LEU A 97 11.41 -3.82 -3.81
N SER A 98 10.30 -4.40 -3.57
CA SER A 98 9.06 -3.98 -4.13
C SER A 98 8.05 -3.87 -3.00
N TYR A 99 7.09 -2.97 -3.15
CA TYR A 99 6.01 -2.80 -2.17
C TYR A 99 5.13 -4.03 -2.16
N LYS A 100 4.44 -4.28 -1.04
CA LYS A 100 3.56 -5.42 -0.98
C LYS A 100 2.47 -5.20 0.05
N SER A 101 1.29 -5.57 -0.33
CA SER A 101 0.11 -5.36 0.46
C SER A 101 -0.37 -6.69 1.05
N VAL A 102 -0.48 -6.77 2.35
CA VAL A 102 -0.99 -7.94 2.98
C VAL A 102 -2.42 -7.66 3.45
N ILE A 103 -3.35 -8.11 2.66
CA ILE A 103 -4.74 -7.94 2.94
C ILE A 103 -5.20 -9.16 3.71
N SER A 104 -5.61 -8.95 4.90
CA SER A 104 -6.06 -10.00 5.77
C SER A 104 -7.50 -9.77 6.23
N PHE A 105 -8.37 -10.67 5.81
CA PHE A 105 -9.74 -10.63 6.22
C PHE A 105 -9.86 -11.41 7.51
N VAL A 106 -10.37 -10.78 8.53
CA VAL A 106 -10.46 -11.37 9.83
C VAL A 106 -11.92 -11.57 10.22
N CYS A 107 -12.21 -12.76 10.75
CA CYS A 107 -13.53 -13.13 11.26
C CYS A 107 -14.07 -12.11 12.26
N ARG A 108 -15.12 -11.39 11.88
CA ARG A 108 -15.78 -10.51 12.81
C ARG A 108 -17.30 -10.69 12.72
N PRO A 109 -17.90 -11.58 13.54
CA PRO A 109 -19.35 -11.84 13.50
C PRO A 109 -20.17 -10.62 13.98
N GLU A 110 -19.57 -9.83 14.85
CA GLU A 110 -20.16 -8.62 15.39
C GLU A 110 -20.49 -7.63 14.26
N ALA A 111 -19.60 -7.52 13.27
CA ALA A 111 -19.74 -6.64 12.10
C ALA A 111 -20.12 -5.21 12.47
N GLY A 112 -19.14 -4.43 12.74
CA GLY A 112 -19.34 -3.06 13.06
C GLY A 112 -18.67 -2.19 12.05
N PRO A 113 -18.25 -0.98 12.44
CA PRO A 113 -17.58 -0.03 11.52
C PRO A 113 -16.14 -0.42 11.11
N THR A 114 -15.77 -1.63 11.44
CA THR A 114 -14.45 -2.14 11.15
C THR A 114 -14.50 -3.05 9.94
N ASN A 115 -15.66 -3.06 9.33
CA ASN A 115 -15.89 -3.80 8.09
C ASN A 115 -15.45 -2.87 6.95
N ARG A 116 -14.16 -2.60 6.93
CA ARG A 116 -13.52 -1.72 5.99
C ARG A 116 -12.02 -1.89 6.16
N PRO A 117 -11.28 -1.90 5.07
CA PRO A 117 -9.83 -2.13 5.09
C PRO A 117 -9.07 -0.97 5.74
N MET A 118 -8.58 -1.19 6.92
CA MET A 118 -7.82 -0.18 7.62
C MET A 118 -6.35 -0.51 7.61
N LEU A 119 -5.54 0.54 7.56
CA LEU A 119 -4.10 0.42 7.52
C LEU A 119 -3.64 0.23 8.97
N ILE A 120 -3.00 -0.89 9.24
CA ILE A 120 -2.49 -1.18 10.56
C ILE A 120 -1.17 -0.47 10.72
N SER A 121 -0.29 -0.72 9.80
CA SER A 121 1.01 -0.19 9.82
C SER A 121 1.59 -0.39 8.44
N LEU A 122 2.58 0.37 8.12
CA LEU A 122 3.27 0.27 6.90
C LEU A 122 4.72 0.36 7.25
N ASP A 123 5.40 -0.75 7.26
CA ASP A 123 6.83 -0.70 7.50
C ASP A 123 7.47 -0.27 6.23
N LYS A 124 7.93 0.94 6.20
CA LYS A 124 8.44 1.52 4.99
C LYS A 124 9.86 1.06 4.66
N GLN A 125 10.52 0.27 5.53
CA GLN A 125 11.87 -0.18 5.20
C GLN A 125 11.77 -1.50 4.45
N THR A 126 10.85 -2.33 4.92
CA THR A 126 10.59 -3.59 4.30
C THR A 126 9.48 -3.41 3.23
N CYS A 127 8.94 -2.16 3.18
CA CYS A 127 7.95 -1.71 2.20
C CYS A 127 6.70 -2.59 2.23
N THR A 128 6.31 -2.92 3.43
CA THR A 128 5.22 -3.83 3.66
C THR A 128 4.03 -3.11 4.28
N LEU A 129 2.88 -3.26 3.67
CA LEU A 129 1.67 -2.57 4.12
C LEU A 129 0.69 -3.59 4.65
N PHE A 130 0.14 -3.33 5.81
CA PHE A 130 -0.80 -4.27 6.42
C PHE A 130 -2.19 -3.69 6.44
N PHE A 131 -3.14 -4.45 5.97
CA PHE A 131 -4.54 -4.02 5.91
C PHE A 131 -5.42 -5.07 6.60
N SER A 132 -6.30 -4.61 7.45
CA SER A 132 -7.22 -5.47 8.14
C SER A 132 -8.61 -5.12 7.71
N TRP A 133 -9.48 -6.08 7.76
CA TRP A 133 -10.83 -5.93 7.35
C TRP A 133 -11.58 -6.91 8.21
N HIS A 134 -12.38 -6.41 9.11
CA HIS A 134 -13.09 -7.28 9.99
C HIS A 134 -14.50 -7.49 9.48
N THR A 135 -14.74 -8.67 9.03
CA THR A 135 -15.97 -9.02 8.35
C THR A 135 -16.43 -10.45 8.74
N PRO A 136 -17.77 -10.72 8.81
CA PRO A 136 -18.27 -12.05 9.13
C PRO A 136 -18.24 -12.99 7.92
N LEU A 137 -18.00 -12.45 6.73
CA LEU A 137 -17.92 -13.28 5.50
C LEU A 137 -16.68 -14.15 5.60
N ALA A 138 -15.70 -13.62 6.28
CA ALA A 138 -14.41 -14.23 6.45
C ALA A 138 -14.37 -14.96 7.78
N CYS A 139 -15.51 -15.26 8.30
CA CYS A 139 -15.61 -15.94 9.54
C CYS A 139 -16.37 -17.22 9.36
N GLU A 140 -16.18 -18.14 10.26
CA GLU A 140 -16.91 -19.36 10.23
C GLU A 140 -17.76 -19.36 11.49
N PRO A 141 -19.08 -19.37 11.36
CA PRO A 141 -19.98 -19.26 12.51
C PRO A 141 -19.97 -20.51 13.38
N GLU A 142 -19.19 -20.45 14.43
CA GLU A 142 -19.10 -21.51 15.39
C GLU A 142 -20.40 -21.54 16.19
N ALA B 1 9.74 2.35 -18.52
CA ALA B 1 9.91 3.77 -18.72
C ALA B 1 10.46 4.41 -17.47
N TYR B 2 11.72 4.75 -17.49
CA TYR B 2 12.35 5.36 -16.35
C TYR B 2 12.34 6.88 -16.53
N ARG B 3 11.85 7.56 -15.54
CA ARG B 3 11.76 9.00 -15.57
C ARG B 3 12.95 9.60 -14.83
N PRO B 4 13.48 10.74 -15.35
CA PRO B 4 14.71 11.40 -14.85
C PRO B 4 14.73 11.67 -13.35
N SER B 5 13.58 11.81 -12.76
CA SER B 5 13.46 11.97 -11.35
C SER B 5 12.46 10.93 -10.84
N GLU B 6 12.95 9.99 -10.02
CA GLU B 6 12.11 8.97 -9.40
C GLU B 6 11.11 9.67 -8.49
N THR B 7 11.56 10.77 -7.93
CA THR B 7 10.79 11.60 -7.11
C THR B 7 10.54 12.94 -7.84
N LEU B 8 9.36 13.07 -8.45
CA LEU B 8 9.00 14.28 -9.19
C LEU B 8 9.03 15.50 -8.26
N CYS B 9 9.50 16.64 -8.76
CA CYS B 9 9.79 17.82 -7.95
C CYS B 9 8.54 18.62 -7.53
N GLY B 10 7.40 17.97 -7.53
CA GLY B 10 6.18 18.64 -7.16
C GLY B 10 5.15 17.66 -6.67
N GLY B 11 4.77 16.75 -7.54
CA GLY B 11 3.76 15.76 -7.24
C GLY B 11 4.17 14.81 -6.15
N GLU B 12 5.15 13.95 -6.43
CA GLU B 12 5.63 12.93 -5.45
C GLU B 12 6.15 13.64 -4.21
N LEU B 13 6.73 14.81 -4.44
CA LEU B 13 7.31 15.65 -3.41
C LEU B 13 6.27 15.89 -2.31
N VAL B 14 5.21 16.60 -2.64
CA VAL B 14 4.21 16.90 -1.63
C VAL B 14 3.36 15.69 -1.34
N ASP B 15 3.40 14.69 -2.21
CA ASP B 15 2.63 13.52 -1.96
C ASP B 15 3.21 12.67 -0.86
N THR B 16 4.51 12.35 -0.92
CA THR B 16 5.17 11.59 0.14
C THR B 16 4.99 12.32 1.49
N LEU B 17 5.19 13.65 1.43
CA LEU B 17 4.93 14.56 2.53
C LEU B 17 3.51 14.37 3.12
N GLN B 18 2.50 14.45 2.27
CA GLN B 18 1.12 14.33 2.73
C GLN B 18 0.72 12.86 2.99
N PHE B 19 1.44 11.96 2.37
CA PHE B 19 1.24 10.51 2.50
C PHE B 19 1.27 10.09 3.96
N VAL B 20 2.32 10.46 4.66
CA VAL B 20 2.39 10.04 6.05
C VAL B 20 1.93 11.14 7.02
N CYS B 21 2.02 12.38 6.59
CA CYS B 21 1.72 13.50 7.47
C CYS B 21 0.36 14.12 7.16
N GLY B 22 -0.48 13.37 6.47
CA GLY B 22 -1.80 13.84 6.00
C GLY B 22 -2.69 14.53 7.03
N ASP B 23 -2.63 14.11 8.28
CA ASP B 23 -3.46 14.73 9.33
C ASP B 23 -2.95 16.11 9.76
N ARG B 24 -1.65 16.31 9.75
CA ARG B 24 -1.08 17.58 10.15
C ARG B 24 -0.86 18.49 8.93
N GLY B 25 -0.42 17.90 7.86
CA GLY B 25 -0.10 18.62 6.67
C GLY B 25 1.34 18.44 6.35
N PHE B 26 1.87 19.21 5.43
CA PHE B 26 3.27 19.10 5.08
C PHE B 26 3.94 20.46 5.11
N TYR B 27 5.05 20.56 5.80
CA TYR B 27 5.74 21.82 5.94
C TYR B 27 7.24 21.59 5.89
N PHE B 28 7.92 22.34 5.06
CA PHE B 28 9.34 22.22 4.85
C PHE B 28 9.90 23.62 4.72
N SER B 29 9.40 24.45 5.61
CA SER B 29 9.62 25.85 5.62
C SER B 29 11.08 26.22 5.94
N ARG B 30 11.79 26.66 4.94
CA ARG B 30 13.10 27.23 5.11
C ARG B 30 12.95 28.68 4.73
N PRO B 31 13.13 29.59 5.70
CA PRO B 31 12.84 31.03 5.54
C PRO B 31 13.55 31.67 4.36
N ALA B 32 14.76 31.16 4.09
CA ALA B 32 15.60 31.55 2.98
C ALA B 32 16.13 32.95 3.14
N SER B 33 15.30 33.88 2.85
CA SER B 33 15.57 35.25 2.92
C SER B 33 14.27 35.91 2.57
N ARG B 34 14.18 37.17 2.82
CA ARG B 34 12.99 37.89 2.51
C ARG B 34 13.21 38.63 1.18
N VAL B 35 14.33 38.33 0.57
CA VAL B 35 14.68 38.85 -0.75
C VAL B 35 14.53 37.69 -1.75
N SER B 36 14.42 36.52 -1.18
CA SER B 36 14.23 35.28 -1.89
C SER B 36 13.33 34.40 -1.03
N ARG B 37 12.10 34.89 -0.92
CA ARG B 37 10.97 34.42 -0.07
C ARG B 37 10.62 32.91 -0.07
N ARG B 38 11.45 32.08 -0.62
CA ARG B 38 11.12 30.71 -0.84
C ARG B 38 11.19 29.91 0.46
N SER B 39 10.10 29.93 1.23
CA SER B 39 10.00 29.22 2.48
C SER B 39 9.76 27.73 2.27
N ARG B 40 10.70 27.13 1.63
CA ARG B 40 10.65 25.76 1.23
C ARG B 40 12.05 25.18 1.25
N GLY B 41 12.14 23.88 1.25
CA GLY B 41 13.39 23.20 1.35
C GLY B 41 13.20 21.80 0.89
N ILE B 42 14.29 21.02 0.87
CA ILE B 42 14.36 19.59 0.41
C ILE B 42 13.84 19.41 -1.03
N VAL B 43 13.59 20.52 -1.66
CA VAL B 43 12.98 20.56 -2.93
C VAL B 43 13.99 20.28 -4.06
N GLU B 44 15.22 20.73 -3.90
CA GLU B 44 16.26 20.47 -4.88
C GLU B 44 16.83 19.11 -4.57
N GLU B 45 16.95 18.88 -3.27
CA GLU B 45 17.51 17.67 -2.71
C GLU B 45 16.67 16.43 -3.05
N CYS B 46 15.43 16.62 -3.41
CA CYS B 46 14.62 15.51 -3.83
C CYS B 46 14.15 15.68 -5.30
N CYS B 47 14.55 16.79 -5.93
CA CYS B 47 14.21 17.02 -7.34
C CYS B 47 15.18 16.33 -8.29
N PHE B 48 16.47 16.68 -8.21
CA PHE B 48 17.47 16.15 -9.15
C PHE B 48 18.18 14.98 -8.53
N ARG B 49 17.74 14.61 -7.36
CA ARG B 49 18.35 13.56 -6.59
C ARG B 49 17.22 12.66 -6.19
N SER B 50 17.52 11.48 -5.80
CA SER B 50 16.54 10.58 -5.30
C SER B 50 16.63 10.71 -3.78
N CYS B 51 15.59 11.20 -3.15
CA CYS B 51 15.65 11.49 -1.76
C CYS B 51 15.27 10.27 -0.97
N ASP B 52 15.99 10.00 0.08
CA ASP B 52 15.69 8.87 0.91
C ASP B 52 14.63 9.30 1.91
N LEU B 53 13.78 8.36 2.26
CA LEU B 53 12.63 8.58 3.10
C LEU B 53 13.02 9.05 4.50
N ALA B 54 14.24 8.76 4.92
CA ALA B 54 14.74 9.19 6.24
C ALA B 54 14.59 10.69 6.40
N LEU B 55 14.85 11.38 5.29
CA LEU B 55 14.78 12.81 5.18
C LEU B 55 13.41 13.33 5.61
N LEU B 56 12.38 12.94 4.89
CA LEU B 56 11.07 13.44 5.16
C LEU B 56 10.47 12.79 6.40
N GLU B 57 10.89 11.57 6.72
CA GLU B 57 10.41 10.89 7.91
C GLU B 57 10.78 11.70 9.15
N THR B 58 12.00 12.19 9.22
CA THR B 58 12.41 13.01 10.33
C THR B 58 11.92 14.46 10.15
N TYR B 59 11.41 14.82 8.96
CA TYR B 59 10.96 16.19 8.75
C TYR B 59 9.46 16.26 9.02
N CYS B 60 8.70 15.68 8.13
CA CYS B 60 7.25 15.55 8.19
C CYS B 60 6.49 16.89 8.31
N ALA B 61 6.18 17.26 9.53
CA ALA B 61 5.37 18.39 9.83
C ALA B 61 5.53 18.70 11.28
N THR B 62 5.13 19.87 11.66
CA THR B 62 5.16 20.32 13.01
C THR B 62 3.92 21.15 13.25
N PRO B 63 3.27 20.98 14.40
CA PRO B 63 2.03 21.67 14.73
C PRO B 63 2.22 23.14 15.08
N ALA B 64 3.43 23.50 15.42
CA ALA B 64 3.74 24.86 15.78
C ALA B 64 4.91 25.40 14.95
N LYS B 65 4.69 25.48 13.62
CA LYS B 65 5.64 26.03 12.64
C LYS B 65 6.92 25.16 12.50
N SER B 66 7.50 25.14 11.32
CA SER B 66 8.67 24.33 11.07
C SER B 66 9.95 25.15 11.06
N GLU B 67 10.69 25.09 12.13
CA GLU B 67 11.99 25.70 12.20
C GLU B 67 12.97 24.64 12.64
N MET A 1 4.62 -24.22 -4.11
CA MET A 1 3.45 -23.86 -3.33
C MET A 1 2.25 -24.63 -3.86
N LYS A 2 1.56 -25.32 -2.98
CA LYS A 2 0.40 -26.09 -3.33
C LYS A 2 -0.43 -26.28 -2.06
N SER A 3 -1.30 -25.35 -1.76
CA SER A 3 -2.11 -25.42 -0.56
C SER A 3 -3.34 -24.54 -0.66
N ASN A 4 -3.19 -23.42 -1.31
CA ASN A 4 -4.26 -22.44 -1.34
C ASN A 4 -4.57 -22.04 -2.76
N GLU A 5 -4.96 -23.00 -3.54
CA GLU A 5 -5.32 -22.78 -4.90
C GLU A 5 -6.31 -23.84 -5.36
N HIS A 6 -7.26 -23.41 -6.15
CA HIS A 6 -8.34 -24.25 -6.65
C HIS A 6 -9.24 -23.44 -7.55
N ASP A 7 -9.64 -22.28 -7.07
CA ASP A 7 -10.55 -21.43 -7.79
C ASP A 7 -10.11 -19.97 -7.58
N ASP A 8 -10.80 -19.08 -8.21
CA ASP A 8 -10.51 -17.66 -8.23
C ASP A 8 -11.01 -17.01 -6.95
N CYS A 9 -10.16 -17.02 -5.95
CA CYS A 9 -10.41 -16.37 -4.67
C CYS A 9 -11.56 -16.93 -3.89
N GLN A 10 -11.60 -18.21 -3.79
CA GLN A 10 -12.53 -18.87 -2.95
C GLN A 10 -11.89 -20.15 -2.49
N VAL A 11 -11.91 -20.39 -1.22
CA VAL A 11 -11.23 -21.51 -0.65
C VAL A 11 -12.13 -22.28 0.29
N THR A 12 -12.01 -23.57 0.24
CA THR A 12 -12.79 -24.45 1.05
C THR A 12 -11.90 -25.06 2.12
N ASN A 13 -12.40 -25.19 3.31
CA ASN A 13 -11.70 -25.92 4.32
C ASN A 13 -12.18 -27.35 4.30
N PRO A 14 -11.31 -28.30 3.95
CA PRO A 14 -11.68 -29.72 3.76
C PRO A 14 -12.18 -30.40 5.04
N SER A 15 -11.82 -29.85 6.18
CA SER A 15 -12.17 -30.43 7.45
C SER A 15 -13.64 -30.19 7.79
N THR A 16 -14.13 -29.00 7.52
CA THR A 16 -15.51 -28.66 7.85
C THR A 16 -16.40 -28.55 6.57
N GLY A 17 -15.77 -28.36 5.42
CA GLY A 17 -16.47 -28.32 4.15
C GLY A 17 -17.09 -26.99 3.84
N HIS A 18 -16.58 -25.96 4.44
CA HIS A 18 -17.10 -24.63 4.24
C HIS A 18 -16.32 -23.91 3.16
N LEU A 19 -17.03 -23.31 2.27
CA LEU A 19 -16.49 -22.59 1.13
C LEU A 19 -16.52 -21.09 1.40
N PHE A 20 -15.36 -20.46 1.47
CA PHE A 20 -15.31 -19.02 1.59
C PHE A 20 -15.34 -18.35 0.22
N ASP A 21 -16.37 -17.54 -0.02
CA ASP A 21 -16.49 -16.79 -1.26
C ASP A 21 -16.01 -15.38 -1.00
N LEU A 22 -14.92 -15.01 -1.62
CA LEU A 22 -14.42 -13.66 -1.46
C LEU A 22 -14.78 -12.83 -2.69
N SER A 23 -15.35 -13.50 -3.69
CA SER A 23 -15.71 -12.87 -4.96
C SER A 23 -16.79 -11.79 -4.78
N SER A 24 -17.54 -11.84 -3.70
CA SER A 24 -18.54 -10.83 -3.42
C SER A 24 -17.86 -9.47 -3.14
N LEU A 25 -16.67 -9.52 -2.56
CA LEU A 25 -15.90 -8.31 -2.26
C LEU A 25 -15.02 -7.97 -3.47
N SER A 26 -14.98 -8.86 -4.43
CA SER A 26 -14.20 -8.65 -5.62
C SER A 26 -14.94 -7.67 -6.55
N GLY A 27 -14.31 -7.33 -7.62
CA GLY A 27 -14.85 -6.40 -8.55
C GLY A 27 -13.75 -5.71 -9.29
N ARG A 28 -14.11 -4.89 -10.24
CA ARG A 28 -13.15 -4.16 -11.02
C ARG A 28 -12.91 -2.78 -10.40
N ALA A 29 -13.93 -2.25 -9.73
CA ALA A 29 -13.80 -0.93 -9.12
C ALA A 29 -12.99 -0.99 -7.85
N GLY A 30 -13.39 -1.87 -6.95
CA GLY A 30 -12.65 -2.05 -5.75
C GLY A 30 -13.19 -1.21 -4.63
N PHE A 31 -12.34 -0.82 -3.74
CA PHE A 31 -12.70 -0.06 -2.57
C PHE A 31 -11.66 1.02 -2.39
N THR A 32 -12.06 2.11 -1.80
CA THR A 32 -11.19 3.20 -1.51
C THR A 32 -11.02 3.35 -0.02
N ALA A 33 -9.82 3.63 0.41
CA ALA A 33 -9.56 3.94 1.78
C ALA A 33 -8.85 5.28 1.83
N ALA A 34 -9.15 6.07 2.83
CA ALA A 34 -8.56 7.38 2.99
C ALA A 34 -7.25 7.23 3.70
N TYR A 35 -6.33 8.12 3.45
CA TYR A 35 -5.01 7.99 3.99
C TYR A 35 -4.29 9.34 3.92
N SER A 36 -3.44 9.45 2.93
CA SER A 36 -2.56 10.56 2.73
C SER A 36 -3.34 11.78 2.23
N LYS A 37 -2.75 12.97 2.42
CA LYS A 37 -3.35 14.21 1.99
C LYS A 37 -3.21 14.32 0.46
N SER A 38 -2.54 13.36 -0.15
CA SER A 38 -2.40 13.30 -1.58
C SER A 38 -3.70 12.77 -2.18
N GLY A 39 -4.24 11.76 -1.56
CA GLY A 39 -5.40 11.14 -2.07
C GLY A 39 -5.62 9.83 -1.40
N VAL A 40 -6.18 8.91 -2.12
CA VAL A 40 -6.61 7.67 -1.57
C VAL A 40 -5.74 6.52 -2.03
N VAL A 41 -6.09 5.36 -1.53
CA VAL A 41 -5.52 4.12 -1.91
C VAL A 41 -6.58 3.31 -2.66
N TYR A 42 -6.18 2.80 -3.80
CA TYR A 42 -7.02 2.00 -4.64
C TYR A 42 -6.75 0.56 -4.32
N MET A 43 -7.78 -0.21 -4.19
CA MET A 43 -7.64 -1.61 -3.89
C MET A 43 -8.78 -2.42 -4.45
N SER A 44 -8.43 -3.30 -5.31
CA SER A 44 -9.36 -4.17 -5.96
C SER A 44 -9.11 -5.62 -5.50
N ILE A 45 -10.12 -6.21 -4.88
CA ILE A 45 -10.02 -7.56 -4.36
C ILE A 45 -10.01 -8.57 -5.50
N CYS A 46 -8.88 -9.27 -5.66
CA CYS A 46 -8.70 -10.34 -6.64
C CYS A 46 -8.87 -9.89 -8.07
N GLY A 47 -8.57 -8.66 -8.30
CA GLY A 47 -8.70 -8.09 -9.59
C GLY A 47 -7.88 -6.86 -9.67
N GLU A 48 -7.85 -6.24 -10.80
CA GLU A 48 -7.07 -5.07 -10.97
C GLU A 48 -7.94 -3.82 -11.07
N ASN A 49 -7.47 -2.76 -10.47
CA ASN A 49 -8.13 -1.47 -10.47
C ASN A 49 -7.66 -0.73 -11.71
N GLU A 50 -8.54 -0.01 -12.36
CA GLU A 50 -8.20 0.61 -13.64
C GLU A 50 -7.72 2.06 -13.51
N ASN A 51 -7.61 2.56 -12.28
CA ASN A 51 -7.19 3.96 -12.06
C ASN A 51 -5.67 4.05 -11.96
N CYS A 52 -5.03 2.92 -11.99
CA CYS A 52 -3.60 2.82 -11.86
C CYS A 52 -3.14 1.81 -12.93
N PRO A 53 -1.85 1.82 -13.40
CA PRO A 53 -1.29 0.86 -14.39
C PRO A 53 -1.94 -0.55 -14.40
N PRO A 54 -2.24 -1.07 -15.61
CA PRO A 54 -2.88 -2.40 -15.81
C PRO A 54 -2.19 -3.52 -15.03
N GLY A 55 -2.95 -4.21 -14.21
CA GLY A 55 -2.41 -5.26 -13.37
C GLY A 55 -2.22 -4.83 -11.92
N VAL A 56 -2.70 -3.65 -11.58
CA VAL A 56 -2.59 -3.13 -10.24
C VAL A 56 -3.73 -3.59 -9.35
N GLY A 57 -3.39 -4.20 -8.24
CA GLY A 57 -4.37 -4.58 -7.27
C GLY A 57 -4.46 -3.56 -6.15
N ALA A 58 -3.31 -3.00 -5.78
CA ALA A 58 -3.25 -1.95 -4.77
C ALA A 58 -2.43 -0.80 -5.31
N CYS A 59 -2.87 0.41 -5.09
CA CYS A 59 -2.16 1.58 -5.61
C CYS A 59 -2.49 2.85 -4.80
N PHE A 60 -1.48 3.63 -4.46
CA PHE A 60 -1.66 4.92 -3.80
C PHE A 60 -1.25 6.04 -4.72
N GLY A 61 -1.66 7.25 -4.38
CA GLY A 61 -1.06 8.36 -4.98
C GLY A 61 -1.76 8.87 -6.19
N GLN A 62 -1.33 10.00 -6.62
CA GLN A 62 -1.84 10.66 -7.80
C GLN A 62 -1.04 10.21 -9.00
N THR A 63 0.21 9.89 -8.76
CA THR A 63 1.12 9.48 -9.80
C THR A 63 1.02 7.98 -10.11
N ARG A 64 0.09 7.31 -9.41
CA ARG A 64 -0.26 5.91 -9.61
C ARG A 64 0.90 5.01 -9.19
N ILE A 65 1.13 4.97 -7.91
CA ILE A 65 2.21 4.17 -7.37
C ILE A 65 1.65 2.83 -6.89
N SER A 66 1.95 1.80 -7.67
CA SER A 66 1.48 0.45 -7.41
C SER A 66 2.09 -0.09 -6.15
N VAL A 67 1.29 -0.60 -5.29
CA VAL A 67 1.80 -1.14 -4.08
C VAL A 67 1.37 -2.59 -3.92
N GLY A 68 1.03 -3.18 -5.04
CA GLY A 68 0.68 -4.56 -5.05
C GLY A 68 0.10 -4.97 -6.36
N LYS A 69 0.67 -5.96 -6.99
CA LYS A 69 0.20 -6.47 -8.25
C LYS A 69 -1.06 -7.31 -8.01
N ALA A 70 -2.02 -7.20 -8.91
CA ALA A 70 -3.30 -7.89 -8.81
C ALA A 70 -3.17 -9.40 -9.00
N ASN A 71 -2.85 -10.07 -7.95
CA ASN A 71 -2.77 -11.51 -7.96
C ASN A 71 -4.10 -12.08 -7.49
N LYS A 72 -4.27 -13.36 -7.66
CA LYS A 72 -5.51 -14.01 -7.34
C LYS A 72 -5.22 -15.20 -6.48
N ARG A 73 -4.33 -15.01 -5.56
CA ARG A 73 -3.90 -16.07 -4.75
C ARG A 73 -4.48 -15.94 -3.37
N LEU A 74 -5.73 -16.30 -3.30
CA LEU A 74 -6.47 -16.34 -2.02
C LEU A 74 -5.84 -17.41 -1.16
N ARG A 75 -5.44 -17.05 0.02
CA ARG A 75 -4.83 -18.00 0.90
C ARG A 75 -5.65 -18.14 2.18
N TYR A 76 -5.76 -19.36 2.67
CA TYR A 76 -6.52 -19.65 3.86
C TYR A 76 -5.62 -20.24 4.90
N VAL A 77 -5.36 -19.48 5.91
CA VAL A 77 -4.48 -19.90 6.99
C VAL A 77 -5.12 -19.72 8.35
N ASP A 78 -5.74 -20.79 8.85
CA ASP A 78 -6.37 -20.83 10.21
C ASP A 78 -7.41 -19.72 10.36
N GLN A 79 -8.42 -19.78 9.51
CA GLN A 79 -9.58 -18.84 9.44
C GLN A 79 -9.20 -17.44 9.05
N VAL A 80 -8.01 -17.31 8.62
CA VAL A 80 -7.53 -16.09 8.10
C VAL A 80 -7.55 -16.19 6.60
N LEU A 81 -8.30 -15.33 5.99
CA LEU A 81 -8.41 -15.25 4.56
C LEU A 81 -7.45 -14.17 4.15
N GLN A 82 -6.40 -14.54 3.50
CA GLN A 82 -5.36 -13.60 3.23
C GLN A 82 -5.01 -13.53 1.76
N LEU A 83 -4.94 -12.33 1.29
CA LEU A 83 -4.52 -12.00 -0.06
C LEU A 83 -3.24 -11.23 0.05
N VAL A 84 -2.24 -11.63 -0.68
CA VAL A 84 -0.99 -10.93 -0.61
C VAL A 84 -0.62 -10.38 -1.97
N TYR A 85 -0.51 -9.09 -2.03
CA TYR A 85 -0.18 -8.43 -3.27
C TYR A 85 1.24 -7.95 -3.22
N LYS A 86 2.13 -8.74 -3.73
CA LYS A 86 3.52 -8.38 -3.74
C LYS A 86 4.00 -8.05 -5.13
N ASP A 87 5.14 -7.38 -5.19
CA ASP A 87 5.76 -6.95 -6.45
C ASP A 87 4.95 -5.91 -7.16
N GLY A 88 4.66 -4.84 -6.44
CA GLY A 88 3.98 -3.70 -7.05
C GLY A 88 4.98 -2.82 -7.75
N SER A 89 5.27 -1.67 -7.18
CA SER A 89 6.26 -0.82 -7.76
C SER A 89 7.54 -0.95 -6.94
N PRO A 90 8.70 -0.78 -7.60
CA PRO A 90 9.98 -0.76 -6.93
C PRO A 90 10.03 0.43 -6.00
N CYS A 91 10.27 0.16 -4.75
CA CYS A 91 10.19 1.14 -3.70
C CYS A 91 11.47 1.97 -3.73
N PRO A 92 11.38 3.27 -4.13
CA PRO A 92 12.56 4.13 -4.31
C PRO A 92 13.28 4.43 -3.01
N SER A 93 12.62 4.11 -1.91
CA SER A 93 13.15 4.30 -0.58
C SER A 93 14.44 3.48 -0.35
N LYS A 94 14.56 2.33 -1.01
CA LYS A 94 15.72 1.50 -0.96
C LYS A 94 15.68 0.58 -2.16
N SER A 95 16.71 0.63 -2.99
CA SER A 95 16.76 -0.13 -4.19
C SER A 95 16.68 -1.64 -3.91
N GLY A 96 15.81 -2.32 -4.63
CA GLY A 96 15.62 -3.74 -4.46
C GLY A 96 14.32 -4.08 -3.75
N LEU A 97 13.61 -3.07 -3.31
CA LEU A 97 12.38 -3.24 -2.59
C LEU A 97 11.17 -3.03 -3.48
N SER A 98 10.05 -3.58 -3.10
CA SER A 98 8.79 -3.38 -3.80
C SER A 98 7.68 -3.39 -2.77
N TYR A 99 6.67 -2.58 -3.00
CA TYR A 99 5.55 -2.49 -2.10
C TYR A 99 4.72 -3.75 -2.17
N LYS A 100 4.06 -4.05 -1.07
CA LYS A 100 3.29 -5.26 -0.92
C LYS A 100 2.16 -5.04 0.04
N SER A 101 1.00 -5.42 -0.37
CA SER A 101 -0.19 -5.27 0.41
C SER A 101 -0.60 -6.64 0.97
N VAL A 102 -0.65 -6.76 2.27
CA VAL A 102 -1.08 -7.97 2.90
C VAL A 102 -2.48 -7.75 3.44
N ILE A 103 -3.44 -8.36 2.78
CA ILE A 103 -4.82 -8.18 3.11
C ILE A 103 -5.33 -9.39 3.89
N SER A 104 -5.63 -9.16 5.15
CA SER A 104 -6.13 -10.20 6.02
C SER A 104 -7.60 -9.97 6.40
N PHE A 105 -8.45 -10.89 6.02
CA PHE A 105 -9.86 -10.87 6.36
C PHE A 105 -10.06 -11.67 7.63
N VAL A 106 -10.64 -11.04 8.63
CA VAL A 106 -10.81 -11.67 9.93
C VAL A 106 -12.30 -11.79 10.29
N CYS A 107 -12.66 -12.96 10.83
CA CYS A 107 -14.01 -13.29 11.30
C CYS A 107 -14.49 -12.33 12.40
N ARG A 108 -15.36 -11.40 12.05
CA ARG A 108 -16.00 -10.57 13.03
C ARG A 108 -17.49 -10.36 12.70
N PRO A 109 -18.42 -10.90 13.52
CA PRO A 109 -19.88 -10.75 13.28
C PRO A 109 -20.40 -9.35 13.63
N GLU A 110 -19.53 -8.53 14.09
CA GLU A 110 -19.82 -7.18 14.54
C GLU A 110 -19.68 -6.18 13.37
N ALA A 111 -20.18 -6.60 12.21
CA ALA A 111 -20.17 -5.87 10.96
C ALA A 111 -20.49 -4.39 11.16
N GLY A 112 -19.60 -3.55 10.70
CA GLY A 112 -19.75 -2.14 10.87
C GLY A 112 -18.51 -1.44 10.45
N PRO A 113 -18.05 -0.48 11.23
CA PRO A 113 -16.86 0.33 10.91
C PRO A 113 -15.52 -0.45 10.87
N THR A 114 -15.57 -1.73 11.16
CA THR A 114 -14.42 -2.57 11.13
C THR A 114 -14.40 -3.35 9.81
N ASN A 115 -15.51 -3.29 9.10
CA ASN A 115 -15.70 -3.97 7.83
C ASN A 115 -15.33 -3.01 6.72
N ARG A 116 -14.08 -2.66 6.71
CA ARG A 116 -13.47 -1.75 5.79
C ARG A 116 -11.98 -1.91 5.97
N PRO A 117 -11.23 -1.88 4.87
CA PRO A 117 -9.77 -2.06 4.90
C PRO A 117 -9.10 -1.00 5.77
N MET A 118 -8.58 -1.42 6.90
CA MET A 118 -7.93 -0.52 7.82
C MET A 118 -6.43 -0.79 7.83
N LEU A 119 -5.66 0.26 7.92
CA LEU A 119 -4.21 0.18 7.88
C LEU A 119 -3.71 -0.08 9.31
N ILE A 120 -3.04 -1.21 9.50
CA ILE A 120 -2.47 -1.58 10.80
C ILE A 120 -1.18 -0.83 11.03
N SER A 121 -0.28 -0.98 10.08
CA SER A 121 1.02 -0.41 10.16
C SER A 121 1.61 -0.45 8.77
N LEU A 122 2.43 0.51 8.48
CA LEU A 122 3.14 0.61 7.24
C LEU A 122 4.63 0.53 7.53
N ASP A 123 5.22 -0.59 7.24
CA ASP A 123 6.66 -0.72 7.42
C ASP A 123 7.31 -0.17 6.18
N LYS A 124 7.88 1.00 6.29
CA LYS A 124 8.45 1.66 5.16
C LYS A 124 9.86 1.24 4.88
N GLN A 125 10.39 0.39 5.72
CA GLN A 125 11.73 -0.04 5.57
C GLN A 125 11.78 -1.26 4.65
N THR A 126 10.75 -2.08 4.71
CA THR A 126 10.60 -3.20 3.80
C THR A 126 9.57 -2.87 2.70
N CYS A 127 8.77 -1.80 2.97
CA CYS A 127 7.72 -1.29 2.07
C CYS A 127 6.51 -2.22 2.02
N THR A 128 6.20 -2.78 3.17
CA THR A 128 5.09 -3.70 3.33
C THR A 128 3.90 -2.97 4.00
N LEU A 129 2.72 -3.15 3.46
CA LEU A 129 1.51 -2.49 3.97
C LEU A 129 0.57 -3.55 4.51
N PHE A 130 0.17 -3.41 5.76
CA PHE A 130 -0.70 -4.39 6.40
C PHE A 130 -2.13 -3.84 6.50
N PHE A 131 -3.09 -4.64 6.07
CA PHE A 131 -4.49 -4.24 6.08
C PHE A 131 -5.35 -5.28 6.79
N SER A 132 -6.27 -4.81 7.59
CA SER A 132 -7.19 -5.67 8.29
C SER A 132 -8.58 -5.38 7.79
N TRP A 133 -9.46 -6.32 7.96
CA TRP A 133 -10.79 -6.20 7.49
C TRP A 133 -11.60 -7.15 8.34
N HIS A 134 -12.46 -6.62 9.14
CA HIS A 134 -13.23 -7.43 10.05
C HIS A 134 -14.64 -7.59 9.53
N THR A 135 -14.93 -8.76 9.00
CA THR A 135 -16.20 -9.00 8.35
C THR A 135 -16.68 -10.45 8.66
N PRO A 136 -18.03 -10.67 8.80
CA PRO A 136 -18.58 -12.00 9.08
C PRO A 136 -18.59 -12.90 7.82
N LEU A 137 -18.32 -12.29 6.67
CA LEU A 137 -18.24 -13.02 5.40
C LEU A 137 -17.02 -13.92 5.39
N ALA A 138 -16.05 -13.56 6.19
CA ALA A 138 -14.79 -14.27 6.24
C ALA A 138 -14.78 -15.19 7.44
N CYS A 139 -15.94 -15.44 7.93
CA CYS A 139 -16.12 -16.26 9.06
C CYS A 139 -17.03 -17.40 8.66
N GLU A 140 -16.91 -18.49 9.35
CA GLU A 140 -17.72 -19.64 9.08
C GLU A 140 -18.92 -19.62 10.02
N PRO A 141 -20.16 -19.55 9.45
CA PRO A 141 -21.41 -19.57 10.23
C PRO A 141 -21.45 -20.72 11.24
N GLU A 142 -21.42 -20.36 12.49
CA GLU A 142 -21.41 -21.31 13.56
C GLU A 142 -22.27 -20.72 14.64
N ALA B 1 21.91 -5.48 -10.05
CA ALA B 1 21.44 -4.70 -11.17
C ALA B 1 20.89 -3.38 -10.67
N TYR B 2 20.78 -2.42 -11.57
CA TYR B 2 20.28 -1.11 -11.25
C TYR B 2 19.09 -0.86 -12.16
N ARG B 3 17.99 -0.45 -11.61
CA ARG B 3 16.81 -0.17 -12.41
C ARG B 3 16.30 1.23 -12.12
N PRO B 4 16.12 2.06 -13.17
CA PRO B 4 15.72 3.48 -13.03
C PRO B 4 14.33 3.67 -12.42
N SER B 5 13.58 2.60 -12.29
CA SER B 5 12.27 2.63 -11.68
C SER B 5 12.37 2.96 -10.19
N GLU B 6 13.54 2.78 -9.65
CA GLU B 6 13.79 3.03 -8.24
C GLU B 6 14.43 4.38 -8.03
N THR B 7 14.62 5.10 -9.11
CA THR B 7 15.12 6.43 -9.05
C THR B 7 13.95 7.34 -9.46
N LEU B 8 13.28 7.89 -8.49
CA LEU B 8 12.07 8.66 -8.71
C LEU B 8 12.38 10.01 -9.36
N CYS B 9 11.59 10.42 -10.33
CA CYS B 9 11.79 11.70 -10.93
C CYS B 9 10.44 12.23 -11.43
N GLY B 10 10.39 13.50 -11.79
CA GLY B 10 9.16 14.09 -12.27
C GLY B 10 8.12 14.21 -11.18
N GLY B 11 6.96 13.64 -11.42
CA GLY B 11 5.88 13.69 -10.44
C GLY B 11 6.09 12.74 -9.28
N GLU B 12 6.98 11.75 -9.42
CA GLU B 12 7.20 10.74 -8.39
C GLU B 12 7.82 11.39 -7.18
N LEU B 13 8.53 12.47 -7.43
CA LEU B 13 9.22 13.23 -6.41
C LEU B 13 8.20 13.86 -5.51
N VAL B 14 7.39 14.70 -6.09
CA VAL B 14 6.43 15.46 -5.36
C VAL B 14 5.37 14.55 -4.71
N ASP B 15 4.92 13.55 -5.43
CA ASP B 15 3.84 12.69 -4.90
C ASP B 15 4.30 11.72 -3.79
N THR B 16 5.58 11.31 -3.75
CA THR B 16 6.05 10.46 -2.65
C THR B 16 6.21 11.32 -1.40
N LEU B 17 6.78 12.50 -1.59
CA LEU B 17 6.83 13.52 -0.61
C LEU B 17 5.43 13.88 -0.12
N GLN B 18 4.51 13.95 -1.04
CA GLN B 18 3.11 14.27 -0.73
C GLN B 18 2.45 13.07 -0.01
N PHE B 19 2.99 11.90 -0.23
CA PHE B 19 2.49 10.67 0.39
C PHE B 19 2.65 10.70 1.92
N VAL B 20 3.87 10.77 2.40
CA VAL B 20 4.05 10.75 3.85
C VAL B 20 4.16 12.16 4.43
N CYS B 21 4.48 13.13 3.60
CA CYS B 21 4.56 14.51 4.07
C CYS B 21 3.35 15.32 3.65
N GLY B 22 2.27 14.64 3.28
CA GLY B 22 1.03 15.33 2.89
C GLY B 22 0.54 16.31 3.94
N ASP B 23 0.45 15.85 5.18
CA ASP B 23 0.03 16.71 6.30
C ASP B 23 1.14 17.67 6.74
N ARG B 24 2.34 17.45 6.25
CA ARG B 24 3.49 18.26 6.62
C ARG B 24 3.65 19.44 5.65
N GLY B 25 3.62 19.10 4.39
CA GLY B 25 3.87 20.03 3.35
C GLY B 25 5.12 19.58 2.64
N PHE B 26 5.29 20.00 1.42
CA PHE B 26 6.50 19.65 0.71
C PHE B 26 7.29 20.88 0.31
N TYR B 27 8.60 20.81 0.47
CA TYR B 27 9.48 21.91 0.14
C TYR B 27 10.58 21.37 -0.75
N PHE B 28 11.25 20.32 -0.22
CA PHE B 28 12.27 19.45 -0.87
C PHE B 28 13.37 20.14 -1.71
N SER B 29 13.48 21.43 -1.59
CA SER B 29 14.44 22.22 -2.30
C SER B 29 14.71 23.45 -1.45
N ARG B 30 15.88 24.00 -1.55
CA ARG B 30 16.21 25.24 -0.87
C ARG B 30 16.65 26.18 -1.96
N PRO B 31 16.00 27.37 -2.04
CA PRO B 31 16.30 28.41 -3.03
C PRO B 31 17.77 28.79 -3.04
N ALA B 32 18.39 28.76 -1.87
CA ALA B 32 19.78 29.02 -1.73
C ALA B 32 20.29 28.34 -0.50
N SER B 33 21.54 28.00 -0.55
CA SER B 33 22.27 27.32 0.45
C SER B 33 23.62 27.13 -0.16
N ARG B 34 24.57 26.76 0.61
CA ARG B 34 25.89 26.51 0.08
C ARG B 34 26.04 25.02 -0.20
N VAL B 35 24.95 24.31 0.05
CA VAL B 35 24.86 22.90 -0.25
C VAL B 35 23.90 22.74 -1.41
N SER B 36 23.07 23.73 -1.56
CA SER B 36 22.12 23.76 -2.60
C SER B 36 21.89 25.19 -3.03
N ARG B 37 22.88 25.74 -3.74
CA ARG B 37 22.74 27.07 -4.36
C ARG B 37 21.82 26.97 -5.59
N ARG B 38 21.45 25.76 -5.89
CA ARG B 38 20.52 25.43 -6.91
C ARG B 38 19.18 25.33 -6.19
N SER B 39 18.11 25.85 -6.73
CA SER B 39 16.83 25.79 -6.05
C SER B 39 16.12 24.46 -6.30
N ARG B 40 16.84 23.46 -5.97
CA ARG B 40 16.47 22.08 -6.09
C ARG B 40 17.09 21.42 -4.89
N GLY B 41 16.69 20.24 -4.56
CA GLY B 41 17.23 19.62 -3.38
C GLY B 41 17.61 18.19 -3.59
N ILE B 42 16.67 17.31 -3.40
CA ILE B 42 16.93 15.89 -3.52
C ILE B 42 16.79 15.43 -4.96
N VAL B 43 16.14 16.25 -5.76
CA VAL B 43 15.79 15.90 -7.12
C VAL B 43 16.97 15.43 -7.98
N GLU B 44 18.14 16.05 -7.87
CA GLU B 44 19.22 15.67 -8.76
C GLU B 44 19.78 14.32 -8.30
N GLU B 45 19.72 14.11 -7.00
CA GLU B 45 20.26 12.92 -6.38
C GLU B 45 19.27 11.76 -6.41
N CYS B 46 18.02 12.03 -6.69
CA CYS B 46 17.03 10.96 -6.82
C CYS B 46 16.66 10.67 -8.29
N CYS B 47 16.87 11.64 -9.19
CA CYS B 47 16.58 11.40 -10.61
C CYS B 47 17.68 10.61 -11.31
N PHE B 48 18.93 11.02 -11.13
CA PHE B 48 20.04 10.35 -11.80
C PHE B 48 20.71 9.34 -10.90
N ARG B 49 20.32 9.34 -9.66
CA ARG B 49 20.91 8.49 -8.66
C ARG B 49 19.85 7.96 -7.77
N SER B 50 20.25 7.14 -6.85
CA SER B 50 19.35 6.55 -5.91
C SER B 50 19.53 7.20 -4.56
N CYS B 51 18.44 7.51 -3.92
CA CYS B 51 18.46 8.12 -2.63
C CYS B 51 17.74 7.24 -1.64
N ASP B 52 18.29 7.13 -0.44
CA ASP B 52 17.70 6.33 0.61
C ASP B 52 16.61 7.12 1.31
N LEU B 53 15.55 6.39 1.67
CA LEU B 53 14.30 6.88 2.32
C LEU B 53 14.53 7.97 3.35
N ALA B 54 15.57 7.79 4.13
CA ALA B 54 15.94 8.68 5.21
C ALA B 54 16.07 10.10 4.74
N LEU B 55 16.63 10.26 3.54
CA LEU B 55 16.86 11.56 2.93
C LEU B 55 15.58 12.31 2.77
N LEU B 56 14.63 11.71 2.07
CA LEU B 56 13.39 12.38 1.75
C LEU B 56 12.53 12.58 3.00
N GLU B 57 12.66 11.66 3.94
CA GLU B 57 11.94 11.73 5.20
C GLU B 57 12.42 12.93 6.05
N THR B 58 13.72 13.04 6.27
CA THR B 58 14.24 14.11 7.10
C THR B 58 14.43 15.45 6.34
N TYR B 59 14.36 15.41 5.01
CA TYR B 59 14.43 16.62 4.24
C TYR B 59 13.02 17.17 4.19
N CYS B 60 12.17 16.49 3.41
CA CYS B 60 10.72 16.75 3.34
C CYS B 60 10.33 18.24 3.10
N ALA B 61 10.23 18.99 4.17
CA ALA B 61 9.84 20.37 4.13
C ALA B 61 10.84 21.15 4.94
N THR B 62 10.87 20.84 6.19
CA THR B 62 11.79 21.37 7.11
C THR B 62 12.59 20.21 7.69
N PRO B 63 13.90 20.41 7.91
CA PRO B 63 14.80 19.34 8.38
C PRO B 63 14.53 18.92 9.83
N ALA B 64 13.66 19.67 10.46
CA ALA B 64 13.16 19.44 11.81
C ALA B 64 14.21 19.66 12.87
N LYS B 65 15.21 20.44 12.52
CA LYS B 65 16.30 20.70 13.39
C LYS B 65 16.66 22.19 13.37
N SER B 66 15.85 22.98 12.71
CA SER B 66 16.14 24.39 12.55
C SER B 66 14.89 25.24 12.73
N GLU B 67 13.91 24.72 13.41
CA GLU B 67 12.67 25.42 13.57
C GLU B 67 12.38 25.51 15.04
N MET A 1 -4.80 -30.38 -0.02
CA MET A 1 -5.49 -29.39 0.80
C MET A 1 -6.85 -29.14 0.22
N LYS A 2 -7.85 -29.08 1.07
CA LYS A 2 -9.22 -28.81 0.63
C LYS A 2 -9.50 -27.31 0.62
N SER A 3 -8.46 -26.51 0.68
CA SER A 3 -8.58 -25.09 0.70
C SER A 3 -8.55 -24.50 -0.71
N ASN A 4 -7.38 -24.51 -1.30
CA ASN A 4 -7.16 -24.01 -2.66
C ASN A 4 -7.62 -25.03 -3.68
N GLU A 5 -8.90 -25.12 -3.84
CA GLU A 5 -9.51 -26.08 -4.74
C GLU A 5 -9.63 -25.49 -6.12
N HIS A 6 -9.76 -24.20 -6.17
CA HIS A 6 -9.96 -23.50 -7.41
C HIS A 6 -8.94 -22.39 -7.51
N ASP A 7 -8.45 -22.19 -8.70
CA ASP A 7 -7.49 -21.12 -9.07
C ASP A 7 -8.20 -19.75 -9.12
N ASP A 8 -8.95 -19.48 -8.11
CA ASP A 8 -9.76 -18.33 -8.03
C ASP A 8 -9.49 -17.72 -6.67
N CYS A 9 -10.09 -16.63 -6.38
CA CYS A 9 -9.83 -15.91 -5.15
C CYS A 9 -10.81 -16.41 -4.11
N GLN A 10 -10.63 -17.64 -3.70
CA GLN A 10 -11.51 -18.33 -2.82
C GLN A 10 -10.81 -19.57 -2.29
N VAL A 11 -11.13 -19.96 -1.07
CA VAL A 11 -10.60 -21.14 -0.45
C VAL A 11 -11.64 -21.77 0.45
N THR A 12 -11.66 -23.07 0.49
CA THR A 12 -12.56 -23.80 1.33
C THR A 12 -11.86 -24.14 2.65
N ASN A 13 -12.58 -24.03 3.74
CA ASN A 13 -12.10 -24.43 5.02
C ASN A 13 -12.13 -25.96 5.07
N PRO A 14 -10.97 -26.61 5.22
CA PRO A 14 -10.88 -28.07 5.20
C PRO A 14 -11.56 -28.75 6.41
N SER A 15 -11.81 -27.99 7.43
CA SER A 15 -12.37 -28.49 8.66
C SER A 15 -13.91 -28.65 8.57
N THR A 16 -14.59 -27.68 7.99
CA THR A 16 -16.05 -27.73 7.97
C THR A 16 -16.61 -27.72 6.53
N GLY A 17 -15.75 -27.49 5.55
CA GLY A 17 -16.20 -27.52 4.17
C GLY A 17 -16.88 -26.22 3.74
N HIS A 18 -16.55 -25.15 4.42
CA HIS A 18 -17.15 -23.87 4.10
C HIS A 18 -16.29 -23.16 3.06
N LEU A 19 -16.91 -22.82 1.97
CA LEU A 19 -16.25 -22.17 0.84
C LEU A 19 -16.26 -20.66 1.04
N PHE A 20 -15.10 -20.06 1.24
CA PHE A 20 -15.02 -18.64 1.37
C PHE A 20 -14.83 -18.02 0.00
N ASP A 21 -15.81 -17.28 -0.43
CA ASP A 21 -15.75 -16.59 -1.70
C ASP A 21 -15.42 -15.14 -1.44
N LEU A 22 -14.24 -14.74 -1.81
CA LEU A 22 -13.80 -13.39 -1.55
C LEU A 22 -14.13 -12.53 -2.74
N SER A 23 -14.69 -13.17 -3.75
CA SER A 23 -15.09 -12.51 -4.99
C SER A 23 -16.36 -11.69 -4.74
N SER A 24 -16.97 -11.88 -3.59
CA SER A 24 -18.11 -11.12 -3.20
C SER A 24 -17.67 -9.68 -2.86
N LEU A 25 -16.37 -9.53 -2.64
CA LEU A 25 -15.78 -8.26 -2.29
C LEU A 25 -14.99 -7.68 -3.46
N SER A 26 -15.06 -8.33 -4.61
CA SER A 26 -14.30 -7.87 -5.76
C SER A 26 -14.83 -6.55 -6.28
N GLY A 27 -14.04 -5.91 -7.08
CA GLY A 27 -14.43 -4.66 -7.62
C GLY A 27 -13.49 -4.22 -8.69
N ARG A 28 -14.03 -3.63 -9.71
CA ARG A 28 -13.26 -3.14 -10.83
C ARG A 28 -12.87 -1.65 -10.63
N ALA A 29 -13.78 -0.88 -10.03
CA ALA A 29 -13.52 0.53 -9.80
C ALA A 29 -12.71 0.69 -8.53
N GLY A 30 -13.02 -0.15 -7.57
CA GLY A 30 -12.27 -0.22 -6.37
C GLY A 30 -12.90 0.56 -5.26
N PHE A 31 -12.27 0.51 -4.13
CA PHE A 31 -12.72 1.23 -2.97
C PHE A 31 -11.62 2.17 -2.57
N THR A 32 -11.99 3.30 -2.04
CA THR A 32 -11.03 4.31 -1.67
C THR A 32 -10.80 4.34 -0.16
N ALA A 33 -9.59 4.08 0.22
CA ALA A 33 -9.24 4.15 1.60
C ALA A 33 -8.38 5.37 1.80
N ALA A 34 -8.81 6.26 2.65
CA ALA A 34 -8.10 7.48 2.91
C ALA A 34 -6.83 7.21 3.68
N TYR A 35 -5.78 7.81 3.24
CA TYR A 35 -4.50 7.69 3.84
C TYR A 35 -4.02 9.10 4.10
N SER A 36 -3.16 9.59 3.25
CA SER A 36 -2.63 10.91 3.33
C SER A 36 -3.75 11.95 3.13
N LYS A 37 -3.56 13.18 3.58
CA LYS A 37 -4.58 14.23 3.46
C LYS A 37 -5.11 14.36 2.03
N SER A 38 -4.23 14.34 1.07
CA SER A 38 -4.65 14.44 -0.29
C SER A 38 -4.25 13.15 -1.03
N GLY A 39 -4.35 12.01 -0.36
CA GLY A 39 -3.93 10.77 -0.97
C GLY A 39 -4.74 9.57 -0.52
N VAL A 40 -5.54 9.06 -1.42
CA VAL A 40 -6.30 7.84 -1.17
C VAL A 40 -5.56 6.67 -1.79
N VAL A 41 -5.88 5.49 -1.34
CA VAL A 41 -5.35 4.30 -1.93
C VAL A 41 -6.49 3.60 -2.67
N TYR A 42 -6.22 3.22 -3.89
CA TYR A 42 -7.18 2.53 -4.70
C TYR A 42 -6.96 1.06 -4.54
N MET A 43 -7.99 0.36 -4.17
CA MET A 43 -7.85 -1.06 -3.93
C MET A 43 -8.98 -1.86 -4.53
N SER A 44 -8.61 -2.93 -5.18
CA SER A 44 -9.53 -3.85 -5.77
C SER A 44 -9.28 -5.25 -5.22
N ILE A 45 -10.32 -5.86 -4.69
CA ILE A 45 -10.21 -7.18 -4.12
C ILE A 45 -10.35 -8.24 -5.22
N CYS A 46 -9.35 -9.11 -5.32
CA CYS A 46 -9.36 -10.28 -6.23
C CYS A 46 -9.38 -9.85 -7.72
N GLY A 47 -8.87 -8.68 -7.99
CA GLY A 47 -8.87 -8.16 -9.33
C GLY A 47 -8.06 -6.90 -9.41
N GLU A 48 -8.00 -6.32 -10.57
CA GLU A 48 -7.21 -5.14 -10.78
C GLU A 48 -8.07 -3.88 -10.81
N ASN A 49 -7.51 -2.81 -10.31
CA ASN A 49 -8.17 -1.54 -10.20
C ASN A 49 -7.85 -0.73 -11.44
N GLU A 50 -8.86 -0.05 -11.98
CA GLU A 50 -8.69 0.65 -13.26
C GLU A 50 -8.00 2.00 -13.12
N ASN A 51 -7.80 2.45 -11.92
CA ASN A 51 -7.23 3.79 -11.69
C ASN A 51 -5.72 3.80 -11.77
N CYS A 52 -5.13 2.64 -11.84
CA CYS A 52 -3.70 2.54 -11.87
C CYS A 52 -3.31 1.48 -12.93
N PRO A 53 -2.07 1.57 -13.53
CA PRO A 53 -1.52 0.63 -14.55
C PRO A 53 -2.04 -0.83 -14.44
N PRO A 54 -2.39 -1.43 -15.59
CA PRO A 54 -2.96 -2.80 -15.70
C PRO A 54 -2.23 -3.86 -14.87
N GLY A 55 -2.96 -4.49 -13.97
CA GLY A 55 -2.37 -5.45 -13.06
C GLY A 55 -2.13 -4.89 -11.66
N VAL A 56 -2.84 -3.85 -11.32
CA VAL A 56 -2.72 -3.23 -10.03
C VAL A 56 -3.87 -3.63 -9.13
N GLY A 57 -3.54 -4.16 -7.99
CA GLY A 57 -4.55 -4.49 -7.01
C GLY A 57 -4.68 -3.39 -5.97
N ALA A 58 -3.54 -2.78 -5.64
CA ALA A 58 -3.49 -1.68 -4.70
C ALA A 58 -2.52 -0.63 -5.22
N CYS A 59 -2.93 0.63 -5.20
CA CYS A 59 -2.11 1.73 -5.73
C CYS A 59 -2.54 3.04 -5.07
N PHE A 60 -1.59 3.90 -4.71
CA PHE A 60 -1.95 5.19 -4.14
C PHE A 60 -2.18 6.20 -5.24
N GLY A 61 -3.08 7.14 -5.01
CA GLY A 61 -3.41 8.09 -6.04
C GLY A 61 -2.54 9.32 -6.03
N GLN A 62 -1.25 9.15 -5.78
CA GLN A 62 -0.35 10.28 -5.85
C GLN A 62 0.29 10.37 -7.22
N THR A 63 1.21 9.47 -7.55
CA THR A 63 1.77 9.45 -8.87
C THR A 63 1.76 8.05 -9.51
N ARG A 64 0.65 7.33 -9.30
CA ARG A 64 0.43 5.96 -9.86
C ARG A 64 1.46 4.96 -9.27
N ILE A 65 1.59 4.95 -7.97
CA ILE A 65 2.55 4.07 -7.31
C ILE A 65 1.80 2.83 -6.79
N SER A 66 2.13 1.68 -7.36
CA SER A 66 1.46 0.44 -7.02
C SER A 66 2.11 -0.20 -5.82
N VAL A 67 1.32 -0.77 -4.99
CA VAL A 67 1.81 -1.44 -3.83
C VAL A 67 1.33 -2.87 -3.80
N GLY A 68 0.85 -3.34 -4.94
CA GLY A 68 0.43 -4.69 -5.00
C GLY A 68 -0.08 -5.07 -6.35
N LYS A 69 0.51 -6.08 -6.92
CA LYS A 69 0.08 -6.59 -8.19
C LYS A 69 -1.17 -7.41 -7.97
N ALA A 70 -2.15 -7.18 -8.80
CA ALA A 70 -3.42 -7.86 -8.68
C ALA A 70 -3.29 -9.30 -9.04
N ASN A 71 -3.55 -10.13 -8.10
CA ASN A 71 -3.53 -11.56 -8.28
C ASN A 71 -4.77 -12.09 -7.65
N LYS A 72 -4.97 -13.35 -7.80
CA LYS A 72 -6.10 -14.05 -7.22
C LYS A 72 -5.52 -15.16 -6.40
N ARG A 73 -4.53 -14.79 -5.64
CA ARG A 73 -3.72 -15.71 -4.89
C ARG A 73 -4.23 -15.69 -3.46
N LEU A 74 -5.19 -16.54 -3.20
CA LEU A 74 -5.82 -16.61 -1.90
C LEU A 74 -5.04 -17.61 -1.05
N ARG A 75 -4.74 -17.24 0.16
CA ARG A 75 -4.10 -18.15 1.09
C ARG A 75 -4.95 -18.28 2.35
N TYR A 76 -5.07 -19.48 2.86
CA TYR A 76 -5.79 -19.73 4.07
C TYR A 76 -4.80 -20.09 5.13
N VAL A 77 -4.63 -19.24 6.10
CA VAL A 77 -3.65 -19.47 7.14
C VAL A 77 -4.21 -19.26 8.54
N ASP A 78 -4.57 -20.37 9.18
CA ASP A 78 -5.05 -20.40 10.59
C ASP A 78 -6.21 -19.40 10.82
N GLN A 79 -7.32 -19.72 10.16
CA GLN A 79 -8.63 -19.00 10.20
C GLN A 79 -8.54 -17.60 9.61
N VAL A 80 -7.44 -17.35 8.96
CA VAL A 80 -7.16 -16.10 8.33
C VAL A 80 -7.18 -16.25 6.81
N LEU A 81 -7.95 -15.39 6.19
CA LEU A 81 -8.04 -15.32 4.75
C LEU A 81 -7.07 -14.25 4.32
N GLN A 82 -6.00 -14.64 3.72
CA GLN A 82 -4.98 -13.70 3.37
C GLN A 82 -4.79 -13.58 1.88
N LEU A 83 -5.06 -12.40 1.40
CA LEU A 83 -4.81 -12.02 0.05
C LEU A 83 -3.53 -11.24 0.03
N VAL A 84 -2.51 -11.82 -0.49
CA VAL A 84 -1.26 -11.15 -0.53
C VAL A 84 -1.04 -10.55 -1.92
N TYR A 85 -0.75 -9.28 -1.94
CA TYR A 85 -0.46 -8.60 -3.18
C TYR A 85 0.97 -8.17 -3.20
N LYS A 86 1.80 -8.93 -3.85
CA LYS A 86 3.20 -8.60 -3.92
C LYS A 86 3.52 -8.21 -5.32
N ASP A 87 4.78 -7.87 -5.57
CA ASP A 87 5.30 -7.48 -6.89
C ASP A 87 4.53 -6.29 -7.45
N GLY A 88 4.32 -5.29 -6.62
CA GLY A 88 3.58 -4.13 -7.07
C GLY A 88 4.49 -3.24 -7.87
N SER A 89 5.04 -2.29 -7.24
CA SER A 89 6.02 -1.45 -7.82
C SER A 89 7.24 -1.49 -6.94
N PRO A 90 8.43 -1.35 -7.52
CA PRO A 90 9.65 -1.27 -6.77
C PRO A 90 9.61 -0.05 -5.87
N CYS A 91 10.07 -0.23 -4.68
CA CYS A 91 10.08 0.81 -3.68
C CYS A 91 11.13 1.85 -4.12
N PRO A 92 10.69 3.08 -4.48
CA PRO A 92 11.56 4.11 -5.06
C PRO A 92 12.67 4.54 -4.11
N SER A 93 12.37 4.55 -2.84
CA SER A 93 13.35 4.91 -1.83
C SER A 93 14.21 3.69 -1.39
N LYS A 94 14.06 2.55 -2.08
CA LYS A 94 14.89 1.40 -1.78
C LYS A 94 14.86 0.42 -2.96
N SER A 95 15.85 0.52 -3.79
CA SER A 95 15.95 -0.25 -4.96
C SER A 95 16.15 -1.73 -4.57
N GLY A 96 15.30 -2.60 -5.08
CA GLY A 96 15.36 -4.01 -4.75
C GLY A 96 14.25 -4.42 -3.83
N LEU A 97 13.49 -3.47 -3.36
CA LEU A 97 12.34 -3.72 -2.53
C LEU A 97 11.07 -3.49 -3.31
N SER A 98 10.02 -4.11 -2.90
CA SER A 98 8.76 -3.99 -3.55
C SER A 98 7.70 -3.79 -2.50
N TYR A 99 6.65 -3.10 -2.87
CA TYR A 99 5.55 -2.90 -1.99
C TYR A 99 4.68 -4.13 -2.02
N LYS A 100 4.00 -4.38 -0.92
CA LYS A 100 3.21 -5.57 -0.76
C LYS A 100 2.07 -5.29 0.17
N SER A 101 0.89 -5.60 -0.28
CA SER A 101 -0.28 -5.38 0.50
C SER A 101 -0.79 -6.72 1.03
N VAL A 102 -0.78 -6.88 2.33
CA VAL A 102 -1.30 -8.07 2.95
C VAL A 102 -2.70 -7.78 3.42
N ILE A 103 -3.66 -8.34 2.73
CA ILE A 103 -5.05 -8.16 3.04
C ILE A 103 -5.56 -9.37 3.81
N SER A 104 -5.68 -9.21 5.10
CA SER A 104 -6.14 -10.25 5.97
C SER A 104 -7.62 -10.08 6.35
N PHE A 105 -8.41 -11.05 5.99
CA PHE A 105 -9.81 -11.10 6.32
C PHE A 105 -10.02 -11.90 7.57
N VAL A 106 -10.61 -11.27 8.55
CA VAL A 106 -10.80 -11.86 9.86
C VAL A 106 -12.30 -11.93 10.17
N CYS A 107 -12.72 -13.05 10.75
CA CYS A 107 -14.11 -13.30 11.17
C CYS A 107 -14.59 -12.26 12.16
N ARG A 108 -15.55 -11.45 11.76
CA ARG A 108 -16.13 -10.51 12.68
C ARG A 108 -17.66 -10.51 12.50
N PRO A 109 -18.41 -11.24 13.34
CA PRO A 109 -19.89 -11.34 13.22
C PRO A 109 -20.61 -10.05 13.65
N GLU A 110 -19.89 -9.22 14.34
CA GLU A 110 -20.38 -7.99 14.92
C GLU A 110 -20.19 -6.84 13.95
N ALA A 111 -20.50 -7.13 12.70
CA ALA A 111 -20.41 -6.25 11.55
C ALA A 111 -20.65 -4.76 11.90
N GLY A 112 -19.73 -3.92 11.48
CA GLY A 112 -19.79 -2.52 11.77
C GLY A 112 -18.60 -1.84 11.19
N PRO A 113 -18.08 -0.81 11.86
CA PRO A 113 -16.92 -0.03 11.36
C PRO A 113 -15.60 -0.81 11.19
N THR A 114 -15.57 -2.07 11.56
CA THR A 114 -14.39 -2.90 11.35
C THR A 114 -14.48 -3.63 10.00
N ASN A 115 -15.64 -3.55 9.39
CA ASN A 115 -15.91 -4.19 8.10
C ASN A 115 -15.58 -3.20 6.98
N ARG A 116 -14.34 -2.78 6.97
CA ARG A 116 -13.80 -1.87 5.99
C ARG A 116 -12.29 -1.95 6.08
N PRO A 117 -11.61 -1.93 4.92
CA PRO A 117 -10.15 -2.09 4.84
C PRO A 117 -9.39 -0.95 5.50
N MET A 118 -8.89 -1.22 6.68
CA MET A 118 -8.17 -0.22 7.43
C MET A 118 -6.68 -0.52 7.46
N LEU A 119 -5.88 0.53 7.47
CA LEU A 119 -4.44 0.45 7.42
C LEU A 119 -3.95 0.29 8.86
N ILE A 120 -3.35 -0.84 9.15
CA ILE A 120 -2.83 -1.11 10.47
C ILE A 120 -1.49 -0.43 10.63
N SER A 121 -0.59 -0.74 9.75
CA SER A 121 0.75 -0.21 9.78
C SER A 121 1.39 -0.36 8.42
N LEU A 122 2.23 0.58 8.11
CA LEU A 122 3.05 0.53 6.94
C LEU A 122 4.48 0.42 7.40
N ASP A 123 5.10 -0.69 7.13
CA ASP A 123 6.53 -0.81 7.43
C ASP A 123 7.29 -0.26 6.26
N LYS A 124 7.92 0.87 6.46
CA LYS A 124 8.59 1.59 5.40
C LYS A 124 9.87 0.88 5.01
N GLN A 125 10.47 0.24 5.98
CA GLN A 125 11.75 -0.37 5.80
C GLN A 125 11.70 -1.61 4.88
N THR A 126 10.65 -2.39 4.96
CA THR A 126 10.48 -3.53 4.06
C THR A 126 9.48 -3.18 2.93
N CYS A 127 8.85 -1.97 3.05
CA CYS A 127 7.84 -1.45 2.10
C CYS A 127 6.60 -2.37 2.10
N THR A 128 6.23 -2.80 3.29
CA THR A 128 5.13 -3.74 3.49
C THR A 128 3.91 -3.02 4.07
N LEU A 129 2.74 -3.28 3.51
CA LEU A 129 1.50 -2.61 3.93
C LEU A 129 0.54 -3.66 4.50
N PHE A 130 -0.02 -3.37 5.66
CA PHE A 130 -0.98 -4.28 6.29
C PHE A 130 -2.37 -3.68 6.29
N PHE A 131 -3.33 -4.46 5.80
CA PHE A 131 -4.71 -4.05 5.74
C PHE A 131 -5.57 -5.09 6.43
N SER A 132 -6.45 -4.64 7.28
CA SER A 132 -7.36 -5.51 7.99
C SER A 132 -8.80 -5.22 7.59
N TRP A 133 -9.60 -6.25 7.45
CA TRP A 133 -10.97 -6.13 7.07
C TRP A 133 -11.68 -7.18 7.89
N HIS A 134 -12.51 -6.77 8.78
CA HIS A 134 -13.18 -7.70 9.63
C HIS A 134 -14.63 -7.85 9.22
N THR A 135 -14.95 -9.00 8.71
CA THR A 135 -16.24 -9.27 8.13
C THR A 135 -16.69 -10.71 8.49
N PRO A 136 -18.03 -10.96 8.59
CA PRO A 136 -18.55 -12.28 8.87
C PRO A 136 -18.51 -13.17 7.63
N LEU A 137 -18.23 -12.55 6.47
CA LEU A 137 -18.16 -13.24 5.16
C LEU A 137 -16.94 -14.17 5.12
N ALA A 138 -15.96 -13.86 5.93
CA ALA A 138 -14.71 -14.61 5.98
C ALA A 138 -14.79 -15.65 7.08
N CYS A 139 -15.94 -15.76 7.64
CA CYS A 139 -16.21 -16.61 8.75
C CYS A 139 -17.34 -17.55 8.38
N GLU A 140 -17.46 -18.66 9.06
CA GLU A 140 -18.64 -19.49 8.92
C GLU A 140 -19.60 -19.19 10.08
N PRO A 141 -20.67 -18.43 9.83
CA PRO A 141 -21.63 -18.12 10.86
C PRO A 141 -22.72 -19.19 10.96
N GLU A 142 -22.50 -20.12 11.86
CA GLU A 142 -23.40 -21.22 12.13
C GLU A 142 -22.72 -22.06 13.19
N ALA B 1 12.42 10.78 -22.33
CA ALA B 1 13.17 9.63 -21.91
C ALA B 1 12.43 8.92 -20.81
N TYR B 2 12.42 7.61 -20.88
CA TYR B 2 11.80 6.79 -19.89
C TYR B 2 12.92 6.16 -19.08
N ARG B 3 12.77 6.18 -17.79
CA ARG B 3 13.78 5.62 -16.91
C ARG B 3 13.11 4.50 -16.08
N PRO B 4 13.89 3.48 -15.66
CA PRO B 4 13.35 2.31 -14.94
C PRO B 4 12.85 2.59 -13.51
N SER B 5 12.92 3.86 -13.11
CA SER B 5 12.45 4.37 -11.84
C SER B 5 13.14 3.69 -10.65
N GLU B 6 14.44 3.43 -10.79
CA GLU B 6 15.22 2.71 -9.78
C GLU B 6 15.36 3.54 -8.50
N THR B 7 15.50 4.81 -8.68
CA THR B 7 15.54 5.77 -7.62
C THR B 7 14.41 6.74 -7.95
N LEU B 8 14.05 7.63 -7.06
CA LEU B 8 12.92 8.49 -7.36
C LEU B 8 13.33 9.88 -7.86
N CYS B 9 12.70 10.34 -8.94
CA CYS B 9 13.00 11.63 -9.50
C CYS B 9 11.77 12.14 -10.23
N GLY B 10 11.69 13.44 -10.45
CA GLY B 10 10.55 14.01 -11.14
C GLY B 10 9.31 14.03 -10.26
N GLY B 11 8.23 13.48 -10.76
CA GLY B 11 6.99 13.41 -10.02
C GLY B 11 7.06 12.51 -8.80
N GLU B 12 8.00 11.58 -8.83
CA GLU B 12 8.12 10.58 -7.76
C GLU B 12 8.65 11.27 -6.49
N LEU B 13 9.28 12.43 -6.69
CA LEU B 13 9.84 13.21 -5.61
C LEU B 13 8.70 13.77 -4.78
N VAL B 14 7.74 14.35 -5.45
CA VAL B 14 6.64 14.99 -4.80
C VAL B 14 5.63 13.94 -4.30
N ASP B 15 5.71 12.73 -4.87
CA ASP B 15 4.86 11.62 -4.45
C ASP B 15 5.16 11.29 -3.01
N THR B 16 6.36 10.77 -2.77
CA THR B 16 6.75 10.33 -1.45
C THR B 16 6.73 11.50 -0.43
N LEU B 17 7.11 12.69 -0.90
CA LEU B 17 7.03 13.90 -0.09
C LEU B 17 5.62 14.19 0.41
N GLN B 18 4.63 14.16 -0.45
CA GLN B 18 3.27 14.45 -0.04
C GLN B 18 2.59 13.19 0.53
N PHE B 19 3.17 12.05 0.27
CA PHE B 19 2.66 10.79 0.80
C PHE B 19 2.74 10.76 2.33
N VAL B 20 3.91 11.00 2.90
CA VAL B 20 4.01 10.95 4.36
C VAL B 20 3.94 12.33 4.98
N CYS B 21 4.10 13.34 4.19
CA CYS B 21 4.05 14.70 4.71
C CYS B 21 2.86 15.47 4.17
N GLY B 22 1.84 14.73 3.74
CA GLY B 22 0.62 15.33 3.22
C GLY B 22 -0.01 16.38 4.13
N ASP B 23 -0.03 16.13 5.43
CA ASP B 23 -0.64 17.05 6.38
C ASP B 23 0.29 18.17 6.87
N ARG B 24 1.60 17.91 6.96
CA ARG B 24 2.52 18.91 7.49
C ARG B 24 3.10 19.79 6.36
N GLY B 25 3.11 19.26 5.16
CA GLY B 25 3.63 19.96 4.02
C GLY B 25 4.93 19.34 3.58
N PHE B 26 5.36 19.64 2.39
CA PHE B 26 6.61 19.10 1.89
C PHE B 26 7.55 20.22 1.46
N TYR B 27 8.80 20.17 1.91
CA TYR B 27 9.78 21.21 1.61
C TYR B 27 11.12 20.63 1.25
N PHE B 28 11.27 20.21 0.03
CA PHE B 28 12.57 19.76 -0.43
C PHE B 28 13.33 20.93 -1.03
N SER B 29 12.61 21.96 -1.35
CA SER B 29 13.17 23.17 -1.87
C SER B 29 13.24 24.17 -0.71
N ARG B 30 14.38 24.76 -0.51
CA ARG B 30 14.54 25.69 0.58
C ARG B 30 14.59 27.08 -0.02
N PRO B 31 14.30 28.14 0.75
CA PRO B 31 14.22 29.49 0.17
C PRO B 31 15.52 29.95 -0.50
N ALA B 32 16.63 29.81 0.25
CA ALA B 32 17.98 30.13 -0.20
C ALA B 32 18.18 31.62 -0.36
N SER B 33 17.65 32.12 -1.42
CA SER B 33 17.64 33.46 -1.81
C SER B 33 17.06 33.41 -3.18
N ARG B 34 16.65 34.51 -3.67
CA ARG B 34 16.08 34.55 -4.98
C ARG B 34 17.18 34.87 -5.98
N VAL B 35 18.36 35.11 -5.44
CA VAL B 35 19.54 35.45 -6.24
C VAL B 35 20.51 34.27 -6.20
N SER B 36 20.30 33.43 -5.24
CA SER B 36 21.10 32.27 -5.04
C SER B 36 20.25 31.17 -4.44
N ARG B 37 19.26 30.74 -5.20
CA ARG B 37 18.27 29.72 -4.77
C ARG B 37 18.81 28.28 -4.69
N ARG B 38 20.11 28.14 -4.78
CA ARG B 38 20.72 26.84 -4.83
C ARG B 38 20.90 26.22 -3.46
N SER B 39 19.81 25.90 -2.85
CA SER B 39 19.78 25.18 -1.60
C SER B 39 18.49 24.38 -1.55
N ARG B 40 18.58 23.18 -2.05
CA ARG B 40 17.48 22.28 -2.09
C ARG B 40 18.00 20.97 -1.58
N GLY B 41 17.18 20.21 -0.96
CA GLY B 41 17.64 18.99 -0.42
C GLY B 41 16.97 17.85 -1.09
N ILE B 42 17.64 16.69 -1.05
CA ILE B 42 17.18 15.36 -1.56
C ILE B 42 16.85 15.28 -3.06
N VAL B 43 16.43 16.37 -3.67
CA VAL B 43 15.99 16.41 -5.05
C VAL B 43 16.96 15.78 -6.04
N GLU B 44 18.20 16.15 -5.99
CA GLU B 44 19.14 15.66 -6.94
C GLU B 44 19.86 14.47 -6.32
N GLU B 45 19.91 14.47 -4.98
CA GLU B 45 20.51 13.43 -4.21
C GLU B 45 19.79 12.11 -4.48
N CYS B 46 18.47 12.15 -4.52
CA CYS B 46 17.71 10.93 -4.72
C CYS B 46 17.36 10.71 -6.18
N CYS B 47 17.52 11.74 -7.00
CA CYS B 47 17.23 11.59 -8.41
C CYS B 47 18.23 10.63 -9.06
N PHE B 48 19.52 10.84 -8.78
CA PHE B 48 20.55 10.02 -9.38
C PHE B 48 21.17 9.02 -8.40
N ARG B 49 20.89 9.17 -7.11
CA ARG B 49 21.41 8.24 -6.11
C ARG B 49 20.25 7.71 -5.32
N SER B 50 20.43 6.60 -4.69
CA SER B 50 19.35 5.99 -3.95
C SER B 50 19.28 6.59 -2.55
N CYS B 51 18.14 7.14 -2.21
CA CYS B 51 17.96 7.75 -0.92
C CYS B 51 17.11 6.83 -0.08
N ASP B 52 17.51 6.59 1.14
CA ASP B 52 16.72 5.77 2.03
C ASP B 52 15.62 6.62 2.59
N LEU B 53 14.50 5.97 2.83
CA LEU B 53 13.24 6.56 3.26
C LEU B 53 13.42 7.42 4.50
N ALA B 54 14.41 7.08 5.32
CA ALA B 54 14.69 7.80 6.55
C ALA B 54 15.06 9.25 6.27
N LEU B 55 15.80 9.46 5.18
CA LEU B 55 16.26 10.79 4.76
C LEU B 55 15.07 11.69 4.50
N LEU B 56 14.14 11.21 3.71
CA LEU B 56 13.04 12.00 3.31
C LEU B 56 12.02 12.16 4.41
N GLU B 57 11.88 11.15 5.24
CA GLU B 57 10.90 11.17 6.29
C GLU B 57 11.27 12.15 7.40
N THR B 58 12.53 12.18 7.81
CA THR B 58 12.91 13.16 8.81
C THR B 58 13.09 14.56 8.20
N TYR B 59 13.40 14.63 6.89
CA TYR B 59 13.53 15.89 6.19
C TYR B 59 12.13 16.50 6.14
N CYS B 60 11.26 15.85 5.36
CA CYS B 60 9.83 16.16 5.26
C CYS B 60 9.51 17.65 4.96
N ALA B 61 9.46 18.44 6.00
CA ALA B 61 9.17 19.84 5.93
C ALA B 61 10.02 20.48 7.01
N THR B 62 9.52 20.47 8.21
CA THR B 62 10.28 20.81 9.34
C THR B 62 11.09 19.57 9.73
N PRO B 63 12.36 19.76 10.11
CA PRO B 63 13.26 18.64 10.44
C PRO B 63 13.03 18.11 11.84
N ALA B 64 12.02 18.69 12.47
CA ALA B 64 11.54 18.35 13.81
C ALA B 64 12.62 18.66 14.83
N LYS B 65 13.17 19.82 14.67
CA LYS B 65 14.24 20.25 15.51
C LYS B 65 13.80 21.47 16.30
N SER B 66 14.05 21.45 17.58
CA SER B 66 13.68 22.53 18.44
C SER B 66 14.79 23.58 18.48
N GLU B 67 15.04 24.17 17.34
CA GLU B 67 16.04 25.18 17.17
C GLU B 67 15.80 25.84 15.85
N MET A 1 -3.11 -30.76 -3.23
CA MET A 1 -4.55 -30.92 -3.01
C MET A 1 -5.27 -29.71 -3.59
N LYS A 2 -6.59 -29.66 -3.55
CA LYS A 2 -7.31 -28.62 -4.25
C LYS A 2 -8.44 -27.97 -3.45
N SER A 3 -8.35 -28.02 -2.16
CA SER A 3 -9.33 -27.34 -1.33
C SER A 3 -8.75 -26.02 -0.86
N ASN A 4 -7.45 -26.00 -0.73
CA ASN A 4 -6.70 -24.84 -0.29
C ASN A 4 -5.69 -24.49 -1.33
N GLU A 5 -6.04 -24.78 -2.58
CA GLU A 5 -5.17 -24.51 -3.71
C GLU A 5 -5.10 -23.00 -3.95
N HIS A 6 -4.22 -22.58 -4.80
CA HIS A 6 -4.06 -21.17 -5.05
C HIS A 6 -4.32 -20.87 -6.50
N ASP A 7 -5.53 -20.55 -6.80
CA ASP A 7 -5.87 -20.23 -8.18
C ASP A 7 -6.73 -18.99 -8.27
N ASP A 8 -7.81 -18.97 -7.53
CA ASP A 8 -8.69 -17.84 -7.47
C ASP A 8 -8.85 -17.53 -5.98
N CYS A 9 -9.67 -16.60 -5.65
CA CYS A 9 -9.85 -16.20 -4.27
C CYS A 9 -10.92 -17.02 -3.62
N GLN A 10 -10.62 -18.28 -3.47
CA GLN A 10 -11.51 -19.20 -2.86
C GLN A 10 -10.70 -20.32 -2.23
N VAL A 11 -11.00 -20.62 -0.98
CA VAL A 11 -10.33 -21.64 -0.22
C VAL A 11 -11.32 -22.32 0.73
N THR A 12 -11.15 -23.60 0.90
CA THR A 12 -12.05 -24.39 1.72
C THR A 12 -11.42 -24.69 3.10
N ASN A 13 -12.25 -24.73 4.13
CA ASN A 13 -11.86 -25.18 5.44
C ASN A 13 -11.77 -26.69 5.36
N PRO A 14 -10.58 -27.26 5.46
CA PRO A 14 -10.36 -28.69 5.28
C PRO A 14 -10.86 -29.54 6.46
N SER A 15 -11.39 -28.88 7.46
CA SER A 15 -11.94 -29.55 8.62
C SER A 15 -13.44 -29.86 8.44
N THR A 16 -14.22 -28.91 7.92
CA THR A 16 -15.66 -29.14 7.78
C THR A 16 -16.14 -29.08 6.32
N GLY A 17 -15.26 -28.66 5.43
CA GLY A 17 -15.61 -28.61 4.02
C GLY A 17 -16.30 -27.33 3.62
N HIS A 18 -16.13 -26.30 4.42
CA HIS A 18 -16.76 -25.02 4.16
C HIS A 18 -15.92 -24.20 3.20
N LEU A 19 -16.52 -23.80 2.12
CA LEU A 19 -15.86 -23.10 1.05
C LEU A 19 -16.01 -21.59 1.21
N PHE A 20 -14.92 -20.86 1.35
CA PHE A 20 -14.97 -19.41 1.29
C PHE A 20 -14.73 -18.96 -0.13
N ASP A 21 -15.59 -18.10 -0.62
CA ASP A 21 -15.36 -17.50 -1.92
C ASP A 21 -15.42 -15.99 -1.74
N LEU A 22 -14.37 -15.31 -2.10
CA LEU A 22 -14.22 -13.90 -1.80
C LEU A 22 -14.72 -12.97 -2.90
N SER A 23 -15.31 -13.54 -3.94
CA SER A 23 -15.73 -12.76 -5.13
C SER A 23 -16.85 -11.75 -4.85
N SER A 24 -17.42 -11.78 -3.66
CA SER A 24 -18.47 -10.84 -3.31
C SER A 24 -17.86 -9.43 -3.19
N LEU A 25 -16.59 -9.35 -2.76
CA LEU A 25 -15.93 -8.07 -2.55
C LEU A 25 -15.10 -7.69 -3.79
N SER A 26 -15.02 -8.60 -4.73
CA SER A 26 -14.28 -8.40 -5.95
C SER A 26 -14.92 -7.32 -6.82
N GLY A 27 -14.17 -6.80 -7.74
CA GLY A 27 -14.63 -5.74 -8.57
C GLY A 27 -13.45 -4.96 -9.08
N ARG A 28 -13.66 -4.24 -10.14
CA ARG A 28 -12.61 -3.45 -10.75
C ARG A 28 -12.64 -2.03 -10.18
N ALA A 29 -13.84 -1.55 -9.82
CA ALA A 29 -14.00 -0.19 -9.31
C ALA A 29 -13.30 -0.04 -7.97
N GLY A 30 -13.32 -1.11 -7.20
CA GLY A 30 -12.58 -1.19 -5.98
C GLY A 30 -13.17 -0.38 -4.87
N PHE A 31 -12.33 -0.05 -3.93
CA PHE A 31 -12.69 0.71 -2.77
C PHE A 31 -11.60 1.74 -2.52
N THR A 32 -11.95 2.84 -1.92
CA THR A 32 -11.00 3.89 -1.64
C THR A 32 -10.77 4.05 -0.13
N ALA A 33 -9.54 4.25 0.25
CA ALA A 33 -9.20 4.54 1.64
C ALA A 33 -8.30 5.77 1.68
N ALA A 34 -8.57 6.68 2.59
CA ALA A 34 -7.82 7.92 2.72
C ALA A 34 -6.46 7.66 3.34
N TYR A 35 -5.47 8.36 2.85
CA TYR A 35 -4.12 8.16 3.27
C TYR A 35 -3.35 9.50 3.19
N SER A 36 -2.56 9.64 2.13
CA SER A 36 -1.74 10.80 1.87
C SER A 36 -2.62 12.06 1.64
N LYS A 37 -2.05 13.26 1.79
CA LYS A 37 -2.83 14.52 1.73
C LYS A 37 -3.75 14.63 0.50
N SER A 38 -3.25 14.23 -0.64
CA SER A 38 -4.03 14.32 -1.84
C SER A 38 -4.00 12.95 -2.54
N GLY A 39 -4.06 11.90 -1.74
CA GLY A 39 -3.99 10.59 -2.31
C GLY A 39 -4.76 9.57 -1.55
N VAL A 40 -5.71 8.98 -2.22
CA VAL A 40 -6.47 7.88 -1.68
C VAL A 40 -5.88 6.61 -2.24
N VAL A 41 -6.00 5.53 -1.53
CA VAL A 41 -5.50 4.29 -2.03
C VAL A 41 -6.61 3.56 -2.77
N TYR A 42 -6.28 3.05 -3.92
CA TYR A 42 -7.18 2.29 -4.74
C TYR A 42 -6.89 0.84 -4.54
N MET A 43 -7.92 0.10 -4.27
CA MET A 43 -7.77 -1.31 -3.99
C MET A 43 -8.94 -2.09 -4.53
N SER A 44 -8.62 -3.07 -5.29
CA SER A 44 -9.58 -3.94 -5.90
C SER A 44 -9.34 -5.37 -5.41
N ILE A 45 -10.39 -6.05 -5.01
CA ILE A 45 -10.29 -7.39 -4.46
C ILE A 45 -10.24 -8.44 -5.58
N CYS A 46 -9.08 -9.09 -5.71
CA CYS A 46 -8.85 -10.21 -6.64
C CYS A 46 -8.96 -9.78 -8.08
N GLY A 47 -8.64 -8.54 -8.32
CA GLY A 47 -8.72 -8.00 -9.61
C GLY A 47 -8.01 -6.71 -9.63
N GLU A 48 -8.09 -6.02 -10.72
CA GLU A 48 -7.35 -4.81 -10.88
C GLU A 48 -8.27 -3.59 -10.89
N ASN A 49 -7.72 -2.47 -10.48
CA ASN A 49 -8.43 -1.20 -10.44
C ASN A 49 -7.96 -0.37 -11.63
N GLU A 50 -8.88 0.31 -12.30
CA GLU A 50 -8.54 0.99 -13.54
C GLU A 50 -7.96 2.40 -13.36
N ASN A 51 -7.78 2.82 -12.13
CA ASN A 51 -7.27 4.18 -11.88
C ASN A 51 -5.77 4.17 -11.77
N CYS A 52 -5.20 3.00 -11.88
CA CYS A 52 -3.77 2.82 -11.82
C CYS A 52 -3.41 1.81 -12.93
N PRO A 53 -2.17 1.86 -13.51
CA PRO A 53 -1.67 0.93 -14.55
C PRO A 53 -2.26 -0.50 -14.48
N PRO A 54 -2.73 -1.03 -15.65
CA PRO A 54 -3.36 -2.36 -15.78
C PRO A 54 -2.62 -3.47 -15.03
N GLY A 55 -3.34 -4.22 -14.23
CA GLY A 55 -2.76 -5.29 -13.46
C GLY A 55 -2.42 -4.89 -12.04
N VAL A 56 -3.02 -3.82 -11.57
CA VAL A 56 -2.78 -3.30 -10.25
C VAL A 56 -3.96 -3.57 -9.32
N GLY A 57 -3.65 -4.20 -8.20
CA GLY A 57 -4.67 -4.51 -7.22
C GLY A 57 -4.67 -3.49 -6.09
N ALA A 58 -3.50 -2.98 -5.76
CA ALA A 58 -3.38 -1.97 -4.74
C ALA A 58 -2.46 -0.86 -5.24
N CYS A 59 -2.89 0.37 -5.14
CA CYS A 59 -2.13 1.50 -5.66
C CYS A 59 -2.54 2.79 -4.97
N PHE A 60 -1.60 3.64 -4.63
CA PHE A 60 -1.96 4.95 -4.09
C PHE A 60 -2.21 5.90 -5.27
N GLY A 61 -3.28 6.67 -5.19
CA GLY A 61 -3.69 7.43 -6.32
C GLY A 61 -3.14 8.84 -6.40
N GLN A 62 -1.97 9.11 -5.83
CA GLN A 62 -1.40 10.41 -6.09
C GLN A 62 -0.78 10.45 -7.49
N THR A 63 0.32 9.72 -7.69
CA THR A 63 0.93 9.64 -9.00
C THR A 63 0.86 8.22 -9.63
N ARG A 64 -0.02 7.39 -9.05
CA ARG A 64 -0.24 5.98 -9.47
C ARG A 64 0.96 5.09 -9.22
N ILE A 65 1.22 4.88 -7.96
CA ILE A 65 2.30 4.01 -7.52
C ILE A 65 1.70 2.71 -7.00
N SER A 66 2.11 1.61 -7.57
CA SER A 66 1.55 0.32 -7.25
C SER A 66 2.19 -0.27 -6.01
N VAL A 67 1.38 -0.85 -5.19
CA VAL A 67 1.86 -1.49 -4.00
C VAL A 67 1.43 -2.94 -3.96
N GLY A 68 1.07 -3.44 -5.13
CA GLY A 68 0.73 -4.82 -5.24
C GLY A 68 0.05 -5.14 -6.55
N LYS A 69 0.59 -6.11 -7.26
CA LYS A 69 0.02 -6.58 -8.52
C LYS A 69 -1.30 -7.29 -8.21
N ALA A 70 -2.25 -7.17 -9.11
CA ALA A 70 -3.58 -7.77 -8.95
C ALA A 70 -3.53 -9.28 -9.14
N ASN A 71 -3.11 -9.96 -8.13
CA ASN A 71 -3.03 -11.40 -8.14
C ASN A 71 -4.28 -11.97 -7.48
N LYS A 72 -4.35 -13.27 -7.36
CA LYS A 72 -5.48 -13.95 -6.76
C LYS A 72 -4.89 -14.92 -5.81
N ARG A 73 -3.98 -14.42 -5.05
CA ARG A 73 -3.19 -15.22 -4.19
C ARG A 73 -3.86 -15.30 -2.83
N LEU A 74 -4.88 -16.11 -2.79
CA LEU A 74 -5.66 -16.31 -1.56
C LEU A 74 -5.00 -17.39 -0.72
N ARG A 75 -4.78 -17.11 0.53
CA ARG A 75 -4.28 -18.09 1.45
C ARG A 75 -5.22 -18.22 2.65
N TYR A 76 -5.47 -19.43 3.09
CA TYR A 76 -6.31 -19.66 4.24
C TYR A 76 -5.41 -20.06 5.38
N VAL A 77 -5.20 -19.13 6.29
CA VAL A 77 -4.27 -19.34 7.38
C VAL A 77 -4.94 -19.20 8.76
N ASP A 78 -5.46 -20.32 9.27
CA ASP A 78 -6.09 -20.41 10.60
C ASP A 78 -7.25 -19.41 10.71
N GLN A 79 -8.19 -19.58 9.78
CA GLN A 79 -9.44 -18.80 9.60
C GLN A 79 -9.19 -17.38 9.15
N VAL A 80 -7.96 -17.09 8.90
CA VAL A 80 -7.56 -15.84 8.37
C VAL A 80 -7.49 -15.96 6.87
N LEU A 81 -8.22 -15.11 6.20
CA LEU A 81 -8.23 -15.08 4.77
C LEU A 81 -7.19 -14.09 4.31
N GLN A 82 -6.11 -14.58 3.78
CA GLN A 82 -5.02 -13.73 3.34
C GLN A 82 -5.10 -13.52 1.85
N LEU A 83 -5.15 -12.29 1.47
CA LEU A 83 -5.12 -11.93 0.09
C LEU A 83 -3.85 -11.09 -0.06
N VAL A 84 -2.78 -11.73 -0.48
CA VAL A 84 -1.49 -11.06 -0.57
C VAL A 84 -1.22 -10.53 -2.00
N TYR A 85 -0.79 -9.30 -2.09
CA TYR A 85 -0.42 -8.66 -3.34
C TYR A 85 1.00 -8.21 -3.23
N LYS A 86 1.83 -8.67 -4.11
CA LYS A 86 3.20 -8.26 -4.12
C LYS A 86 3.57 -7.87 -5.52
N ASP A 87 4.81 -7.44 -5.70
CA ASP A 87 5.36 -7.06 -7.01
C ASP A 87 4.60 -5.87 -7.57
N GLY A 88 4.51 -4.84 -6.78
CA GLY A 88 3.86 -3.64 -7.23
C GLY A 88 4.84 -2.78 -7.97
N SER A 89 5.28 -1.74 -7.35
CA SER A 89 6.28 -0.95 -7.92
C SER A 89 7.37 -0.76 -6.88
N PRO A 90 8.61 -0.52 -7.33
CA PRO A 90 9.75 -0.33 -6.44
C PRO A 90 9.50 0.69 -5.34
N CYS A 91 9.88 0.30 -4.18
CA CYS A 91 9.71 1.07 -2.99
C CYS A 91 10.86 2.08 -2.89
N PRO A 92 10.54 3.40 -2.86
CA PRO A 92 11.55 4.47 -2.78
C PRO A 92 12.39 4.39 -1.50
N SER A 93 11.85 3.76 -0.46
CA SER A 93 12.52 3.56 0.81
C SER A 93 13.89 2.89 0.62
N LYS A 94 13.93 1.86 -0.19
CA LYS A 94 15.15 1.13 -0.47
C LYS A 94 15.11 0.61 -1.89
N SER A 95 16.14 0.89 -2.65
CA SER A 95 16.23 0.48 -4.00
C SER A 95 16.30 -1.05 -4.05
N GLY A 96 15.46 -1.64 -4.86
CA GLY A 96 15.47 -3.07 -4.99
C GLY A 96 14.31 -3.73 -4.28
N LEU A 97 13.59 -2.97 -3.48
CA LEU A 97 12.43 -3.49 -2.78
C LEU A 97 11.17 -3.11 -3.52
N SER A 98 10.17 -3.92 -3.43
CA SER A 98 8.89 -3.65 -4.04
C SER A 98 7.85 -3.69 -2.94
N TYR A 99 6.76 -2.97 -3.14
CA TYR A 99 5.69 -2.90 -2.18
C TYR A 99 4.86 -4.18 -2.18
N LYS A 100 4.17 -4.40 -1.08
CA LYS A 100 3.36 -5.58 -0.90
C LYS A 100 2.27 -5.33 0.11
N SER A 101 1.07 -5.59 -0.28
CA SER A 101 -0.08 -5.38 0.55
C SER A 101 -0.60 -6.74 1.02
N VAL A 102 -0.81 -6.86 2.31
CA VAL A 102 -1.31 -8.08 2.88
C VAL A 102 -2.69 -7.81 3.44
N ILE A 103 -3.68 -8.25 2.72
CA ILE A 103 -5.04 -8.07 3.09
C ILE A 103 -5.47 -9.27 3.92
N SER A 104 -5.75 -9.00 5.15
CA SER A 104 -6.12 -10.00 6.09
C SER A 104 -7.59 -9.84 6.45
N PHE A 105 -8.40 -10.73 5.96
CA PHE A 105 -9.79 -10.75 6.27
C PHE A 105 -10.01 -11.39 7.62
N VAL A 106 -10.56 -10.61 8.52
CA VAL A 106 -10.74 -11.00 9.90
C VAL A 106 -12.21 -11.23 10.21
N CYS A 107 -12.47 -12.37 10.80
CA CYS A 107 -13.78 -12.79 11.26
C CYS A 107 -14.41 -11.79 12.24
N ARG A 108 -15.46 -11.10 11.80
CA ARG A 108 -16.27 -10.29 12.69
C ARG A 108 -17.72 -10.69 12.45
N PRO A 109 -18.27 -11.63 13.24
CA PRO A 109 -19.56 -12.26 12.96
C PRO A 109 -20.78 -11.32 12.98
N GLU A 110 -20.76 -10.30 13.81
CA GLU A 110 -21.92 -9.43 13.92
C GLU A 110 -21.88 -8.31 12.87
N ALA A 111 -20.68 -8.07 12.29
CA ALA A 111 -20.39 -6.98 11.34
C ALA A 111 -20.44 -5.62 12.03
N GLY A 112 -19.32 -4.96 12.14
CA GLY A 112 -19.30 -3.71 12.81
C GLY A 112 -18.59 -2.67 12.01
N PRO A 113 -18.05 -1.63 12.65
CA PRO A 113 -17.43 -0.49 11.97
C PRO A 113 -15.98 -0.75 11.55
N THR A 114 -15.64 -1.98 11.45
CA THR A 114 -14.34 -2.41 11.05
C THR A 114 -14.43 -3.18 9.76
N ASN A 115 -15.58 -3.06 9.13
CA ASN A 115 -15.87 -3.72 7.87
C ASN A 115 -15.46 -2.77 6.74
N ARG A 116 -14.19 -2.46 6.75
CA ARG A 116 -13.56 -1.58 5.81
C ARG A 116 -12.06 -1.72 6.02
N PRO A 117 -11.27 -1.73 4.94
CA PRO A 117 -9.82 -1.92 5.01
C PRO A 117 -9.11 -0.82 5.79
N MET A 118 -8.71 -1.13 7.00
CA MET A 118 -7.96 -0.21 7.81
C MET A 118 -6.48 -0.55 7.74
N LEU A 119 -5.66 0.48 7.77
CA LEU A 119 -4.23 0.35 7.66
C LEU A 119 -3.68 0.11 9.06
N ILE A 120 -3.10 -1.07 9.27
CA ILE A 120 -2.56 -1.44 10.56
C ILE A 120 -1.26 -0.72 10.77
N SER A 121 -0.35 -0.96 9.87
CA SER A 121 1.00 -0.47 9.94
C SER A 121 1.61 -0.62 8.56
N LEU A 122 2.52 0.23 8.26
CA LEU A 122 3.29 0.15 7.08
C LEU A 122 4.72 -0.07 7.50
N ASP A 123 5.21 -1.28 7.36
CA ASP A 123 6.61 -1.53 7.72
C ASP A 123 7.49 -0.96 6.64
N LYS A 124 8.03 0.19 6.93
CA LYS A 124 8.84 0.99 6.02
C LYS A 124 10.17 0.32 5.62
N GLN A 125 10.54 -0.78 6.25
CA GLN A 125 11.79 -1.41 5.91
C GLN A 125 11.58 -2.52 4.92
N THR A 126 10.51 -3.23 5.08
CA THR A 126 10.20 -4.32 4.20
C THR A 126 9.26 -3.86 3.08
N CYS A 127 8.64 -2.69 3.30
CA CYS A 127 7.70 -2.06 2.38
C CYS A 127 6.41 -2.86 2.30
N THR A 128 6.04 -3.41 3.44
CA THR A 128 4.85 -4.22 3.55
C THR A 128 3.71 -3.37 4.14
N LEU A 129 2.56 -3.45 3.51
CA LEU A 129 1.40 -2.69 3.93
C LEU A 129 0.40 -3.67 4.48
N PHE A 130 0.01 -3.48 5.73
CA PHE A 130 -0.93 -4.38 6.36
C PHE A 130 -2.31 -3.76 6.39
N PHE A 131 -3.28 -4.52 5.93
CA PHE A 131 -4.67 -4.08 5.88
C PHE A 131 -5.57 -5.10 6.61
N SER A 132 -6.50 -4.61 7.40
CA SER A 132 -7.44 -5.45 8.12
C SER A 132 -8.83 -5.14 7.63
N TRP A 133 -9.70 -6.11 7.69
CA TRP A 133 -11.06 -5.97 7.25
C TRP A 133 -11.83 -6.96 8.06
N HIS A 134 -12.69 -6.49 8.91
CA HIS A 134 -13.42 -7.37 9.77
C HIS A 134 -14.83 -7.58 9.22
N THR A 135 -15.07 -8.77 8.76
CA THR A 135 -16.31 -9.15 8.10
C THR A 135 -16.69 -10.59 8.53
N PRO A 136 -18.01 -10.92 8.59
CA PRO A 136 -18.47 -12.26 8.95
C PRO A 136 -18.39 -13.24 7.78
N LEU A 137 -18.22 -12.72 6.57
CA LEU A 137 -18.13 -13.57 5.38
C LEU A 137 -16.80 -14.31 5.40
N ALA A 138 -15.84 -13.70 6.05
CA ALA A 138 -14.50 -14.21 6.16
C ALA A 138 -14.30 -14.92 7.48
N CYS A 139 -15.35 -15.45 8.00
CA CYS A 139 -15.30 -16.13 9.24
C CYS A 139 -15.77 -17.54 9.04
N GLU A 140 -15.14 -18.47 9.69
CA GLU A 140 -15.53 -19.83 9.64
C GLU A 140 -16.54 -20.08 10.74
N PRO A 141 -17.82 -20.25 10.39
CA PRO A 141 -18.89 -20.34 11.35
C PRO A 141 -18.83 -21.62 12.18
N GLU A 142 -18.44 -21.49 13.39
CA GLU A 142 -18.35 -22.62 14.27
C GLU A 142 -19.31 -22.39 15.43
N ALA B 1 11.45 -6.27 -15.88
CA ALA B 1 10.48 -5.62 -14.99
C ALA B 1 11.15 -4.51 -14.18
N TYR B 2 11.93 -3.67 -14.84
CA TYR B 2 12.61 -2.60 -14.17
C TYR B 2 12.42 -1.33 -14.98
N ARG B 3 12.17 -0.24 -14.32
CA ARG B 3 11.94 1.03 -14.98
C ARG B 3 13.15 1.93 -14.75
N PRO B 4 13.61 2.64 -15.79
CA PRO B 4 14.75 3.58 -15.68
C PRO B 4 14.34 4.91 -15.03
N SER B 5 13.13 4.94 -14.54
CA SER B 5 12.54 6.11 -13.96
C SER B 5 12.09 5.79 -12.53
N GLU B 6 13.04 5.37 -11.71
CA GLU B 6 12.77 4.99 -10.32
C GLU B 6 12.39 6.19 -9.48
N THR B 7 13.05 7.28 -9.74
CA THR B 7 12.82 8.48 -9.03
C THR B 7 12.55 9.64 -10.02
N LEU B 8 11.28 9.98 -10.21
CA LEU B 8 10.94 11.08 -11.09
C LEU B 8 11.20 12.40 -10.38
N CYS B 9 11.62 13.39 -11.12
CA CYS B 9 12.03 14.66 -10.57
C CYS B 9 10.82 15.57 -10.42
N GLY B 10 9.92 15.14 -9.60
CA GLY B 10 8.71 15.86 -9.36
C GLY B 10 7.63 14.94 -8.89
N GLY B 11 7.16 14.08 -9.78
CA GLY B 11 6.07 13.16 -9.49
C GLY B 11 6.32 12.25 -8.30
N GLU B 12 7.33 11.37 -8.43
CA GLU B 12 7.65 10.41 -7.35
C GLU B 12 8.09 11.18 -6.12
N LEU B 13 8.73 12.30 -6.38
CA LEU B 13 9.27 13.15 -5.37
C LEU B 13 8.11 13.63 -4.47
N VAL B 14 7.14 14.32 -5.06
CA VAL B 14 6.04 14.88 -4.29
C VAL B 14 5.12 13.80 -3.73
N ASP B 15 4.94 12.68 -4.45
CA ASP B 15 4.07 11.60 -3.95
C ASP B 15 4.61 11.08 -2.60
N THR B 16 5.90 10.71 -2.60
CA THR B 16 6.60 10.21 -1.41
C THR B 16 6.54 11.24 -0.24
N LEU B 17 6.93 12.49 -0.54
CA LEU B 17 6.88 13.61 0.41
C LEU B 17 5.49 13.78 1.03
N GLN B 18 4.47 13.75 0.21
CA GLN B 18 3.11 13.96 0.65
C GLN B 18 2.50 12.66 1.20
N PHE B 19 3.19 11.58 0.99
CA PHE B 19 2.76 10.30 1.48
C PHE B 19 2.86 10.26 3.00
N VAL B 20 4.04 10.52 3.53
CA VAL B 20 4.19 10.43 4.96
C VAL B 20 4.02 11.79 5.65
N CYS B 21 4.24 12.86 4.92
CA CYS B 21 4.09 14.18 5.50
C CYS B 21 2.86 14.86 4.94
N GLY B 22 1.87 14.07 4.54
CA GLY B 22 0.63 14.62 4.01
C GLY B 22 -0.03 15.60 4.96
N ASP B 23 -0.27 15.16 6.18
CA ASP B 23 -0.87 16.01 7.20
C ASP B 23 0.10 17.09 7.69
N ARG B 24 1.34 16.69 7.93
CA ARG B 24 2.35 17.58 8.49
C ARG B 24 2.73 18.71 7.54
N GLY B 25 3.03 18.36 6.31
CA GLY B 25 3.51 19.29 5.34
C GLY B 25 4.81 18.81 4.75
N PHE B 26 5.00 18.99 3.48
CA PHE B 26 6.21 18.55 2.81
C PHE B 26 7.00 19.75 2.31
N TYR B 27 8.29 19.82 2.60
CA TYR B 27 9.08 20.98 2.20
C TYR B 27 10.40 20.59 1.56
N PHE B 28 10.37 20.11 0.35
CA PHE B 28 11.62 19.86 -0.35
C PHE B 28 11.96 21.08 -1.21
N SER B 29 10.94 21.85 -1.52
CA SER B 29 11.07 22.98 -2.39
C SER B 29 11.05 24.25 -1.55
N ARG B 30 12.22 24.70 -1.17
CA ARG B 30 12.37 25.88 -0.35
C ARG B 30 13.28 26.91 -1.06
N PRO B 31 13.25 28.19 -0.63
CA PRO B 31 14.11 29.25 -1.20
C PRO B 31 15.55 29.18 -0.72
N ALA B 32 15.81 28.31 0.24
CA ALA B 32 17.11 28.08 0.82
C ALA B 32 16.95 26.84 1.65
N SER B 33 18.01 26.26 2.11
CA SER B 33 17.91 25.13 2.88
C SER B 33 18.99 25.22 3.91
N ARG B 34 19.35 24.13 4.40
CA ARG B 34 20.34 24.01 5.44
C ARG B 34 21.73 24.48 4.99
N VAL B 35 21.99 24.43 3.72
CA VAL B 35 23.35 24.73 3.25
C VAL B 35 23.38 25.93 2.32
N SER B 36 22.27 26.57 2.24
CA SER B 36 22.01 27.76 1.44
C SER B 36 22.07 27.49 -0.08
N ARG B 37 23.20 26.99 -0.51
CA ARG B 37 23.53 26.65 -1.87
C ARG B 37 22.40 25.90 -2.55
N ARG B 38 21.95 24.89 -1.89
CA ARG B 38 20.85 24.16 -2.34
C ARG B 38 19.65 24.80 -1.72
N SER B 39 18.88 25.49 -2.51
CA SER B 39 17.68 26.10 -2.03
C SER B 39 16.63 25.02 -1.81
N ARG B 40 16.55 24.13 -2.75
CA ARG B 40 15.67 23.03 -2.67
C ARG B 40 16.53 21.82 -2.42
N GLY B 41 16.00 20.87 -1.74
CA GLY B 41 16.77 19.73 -1.41
C GLY B 41 16.13 18.52 -1.95
N ILE B 42 16.92 17.46 -2.06
CA ILE B 42 16.56 16.11 -2.58
C ILE B 42 16.08 16.06 -4.04
N VAL B 43 15.46 17.14 -4.49
CA VAL B 43 14.95 17.27 -5.84
C VAL B 43 15.96 16.92 -6.93
N GLU B 44 17.18 17.35 -6.80
CA GLU B 44 18.14 17.12 -7.83
C GLU B 44 18.95 15.90 -7.52
N GLU B 45 19.20 15.67 -6.24
CA GLU B 45 19.95 14.53 -5.81
C GLU B 45 19.18 13.26 -6.14
N CYS B 46 17.90 13.25 -5.87
CA CYS B 46 17.09 12.07 -6.16
C CYS B 46 16.60 12.09 -7.60
N CYS B 47 16.90 13.15 -8.31
CA CYS B 47 16.57 13.24 -9.73
C CYS B 47 17.57 12.41 -10.53
N PHE B 48 18.84 12.58 -10.20
CA PHE B 48 19.89 11.91 -10.92
C PHE B 48 20.51 10.73 -10.14
N ARG B 49 20.17 10.60 -8.88
CA ARG B 49 20.64 9.50 -8.05
C ARG B 49 19.42 8.89 -7.39
N SER B 50 19.59 7.78 -6.73
CA SER B 50 18.54 7.21 -5.96
C SER B 50 18.78 7.58 -4.49
N CYS B 51 17.72 7.73 -3.75
CA CYS B 51 17.79 8.16 -2.37
C CYS B 51 17.07 7.17 -1.49
N ASP B 52 17.60 6.92 -0.30
CA ASP B 52 16.97 6.05 0.65
C ASP B 52 15.89 6.79 1.43
N LEU B 53 14.99 6.05 2.06
CA LEU B 53 13.91 6.66 2.87
C LEU B 53 14.47 7.59 3.94
N ALA B 54 15.60 7.21 4.50
CA ALA B 54 16.23 7.90 5.62
C ALA B 54 16.56 9.36 5.30
N LEU B 55 16.77 9.64 4.03
CA LEU B 55 17.04 10.99 3.59
C LEU B 55 15.77 11.80 3.64
N LEU B 56 14.74 11.30 2.96
CA LEU B 56 13.53 12.03 2.82
C LEU B 56 12.77 12.08 4.11
N GLU B 57 12.87 11.04 4.92
CA GLU B 57 12.18 10.95 6.19
C GLU B 57 12.49 12.17 7.08
N THR B 58 13.76 12.45 7.24
CA THR B 58 14.16 13.56 8.07
C THR B 58 14.11 14.91 7.31
N TYR B 59 14.29 14.90 5.99
CA TYR B 59 14.35 16.14 5.23
C TYR B 59 12.95 16.71 5.00
N CYS B 60 12.00 15.79 4.80
CA CYS B 60 10.56 16.05 4.52
C CYS B 60 10.03 17.21 5.37
N ALA B 61 10.06 17.00 6.68
CA ALA B 61 9.62 17.93 7.67
C ALA B 61 9.94 17.28 8.99
N THR B 62 9.78 17.99 10.06
CA THR B 62 10.18 17.49 11.34
C THR B 62 9.08 17.76 12.35
N PRO B 63 8.98 16.93 13.42
CA PRO B 63 8.00 17.12 14.53
C PRO B 63 8.18 18.46 15.26
N ALA B 64 9.26 19.10 14.92
CA ALA B 64 9.64 20.46 15.35
C ALA B 64 10.09 20.51 16.80
N LYS B 65 10.63 19.41 17.25
CA LYS B 65 11.18 19.34 18.59
C LYS B 65 12.69 19.52 18.48
N SER B 66 13.14 19.55 17.25
CA SER B 66 14.51 19.78 16.90
C SER B 66 14.58 21.05 16.05
N GLU B 67 15.75 21.36 15.55
CA GLU B 67 15.94 22.50 14.70
C GLU B 67 15.67 22.08 13.27
N MET A 1 -12.37 -33.01 -2.57
CA MET A 1 -12.83 -31.80 -1.86
C MET A 1 -12.99 -30.63 -2.83
N LYS A 2 -12.06 -30.47 -3.79
CA LYS A 2 -12.08 -29.37 -4.74
C LYS A 2 -12.09 -28.03 -4.02
N SER A 3 -10.97 -27.68 -3.47
CA SER A 3 -10.80 -26.48 -2.71
C SER A 3 -9.41 -25.95 -2.94
N ASN A 4 -9.24 -24.64 -2.88
CA ASN A 4 -7.95 -23.99 -3.07
C ASN A 4 -7.42 -24.32 -4.46
N GLU A 5 -8.23 -23.97 -5.44
CA GLU A 5 -7.95 -24.28 -6.83
C GLU A 5 -6.90 -23.35 -7.39
N HIS A 6 -6.87 -22.16 -6.81
CA HIS A 6 -5.99 -21.05 -7.18
C HIS A 6 -6.52 -20.30 -8.38
N ASP A 7 -6.33 -18.97 -8.33
CA ASP A 7 -6.72 -18.02 -9.39
C ASP A 7 -8.22 -17.75 -9.32
N ASP A 8 -8.80 -18.26 -8.27
CA ASP A 8 -10.16 -18.09 -7.95
C ASP A 8 -10.22 -17.45 -6.59
N CYS A 9 -11.11 -16.54 -6.45
CA CYS A 9 -11.21 -15.74 -5.25
C CYS A 9 -12.11 -16.45 -4.22
N GLN A 10 -11.81 -17.70 -3.97
CA GLN A 10 -12.64 -18.51 -3.11
C GLN A 10 -11.89 -19.76 -2.63
N VAL A 11 -11.95 -20.01 -1.35
CA VAL A 11 -11.31 -21.16 -0.75
C VAL A 11 -12.26 -21.83 0.23
N THR A 12 -12.19 -23.13 0.31
CA THR A 12 -13.01 -23.86 1.25
C THR A 12 -12.13 -24.51 2.29
N ASN A 13 -12.52 -24.40 3.54
CA ASN A 13 -11.81 -25.07 4.59
C ASN A 13 -12.43 -26.43 4.78
N PRO A 14 -11.66 -27.50 4.52
CA PRO A 14 -12.18 -28.87 4.57
C PRO A 14 -12.56 -29.33 5.99
N SER A 15 -12.10 -28.61 6.98
CA SER A 15 -12.37 -28.93 8.35
C SER A 15 -13.84 -28.64 8.71
N THR A 16 -14.30 -27.46 8.39
CA THR A 16 -15.64 -27.07 8.78
C THR A 16 -16.57 -26.95 7.55
N GLY A 17 -15.99 -27.16 6.36
CA GLY A 17 -16.73 -27.12 5.10
C GLY A 17 -17.24 -25.74 4.78
N HIS A 18 -16.48 -24.74 5.17
CA HIS A 18 -16.92 -23.38 4.92
C HIS A 18 -16.30 -22.88 3.64
N LEU A 19 -17.14 -22.46 2.75
CA LEU A 19 -16.74 -21.94 1.47
C LEU A 19 -16.63 -20.42 1.59
N PHE A 20 -15.42 -19.90 1.51
CA PHE A 20 -15.24 -18.47 1.55
C PHE A 20 -15.19 -17.92 0.16
N ASP A 21 -16.15 -17.10 -0.20
CA ASP A 21 -16.15 -16.45 -1.47
C ASP A 21 -15.78 -15.02 -1.31
N LEU A 22 -14.64 -14.67 -1.83
CA LEU A 22 -14.14 -13.34 -1.75
C LEU A 22 -14.37 -12.64 -3.08
N SER A 23 -15.01 -13.36 -4.00
CA SER A 23 -15.28 -12.86 -5.36
C SER A 23 -16.27 -11.69 -5.30
N SER A 24 -17.11 -11.70 -4.28
CA SER A 24 -18.07 -10.66 -4.08
C SER A 24 -17.38 -9.35 -3.66
N LEU A 25 -16.15 -9.45 -3.19
CA LEU A 25 -15.41 -8.29 -2.74
C LEU A 25 -14.54 -7.75 -3.87
N SER A 26 -14.62 -8.39 -5.01
CA SER A 26 -13.92 -7.91 -6.16
C SER A 26 -14.67 -6.74 -6.77
N GLY A 27 -14.02 -6.02 -7.62
CA GLY A 27 -14.60 -4.91 -8.28
C GLY A 27 -13.60 -4.31 -9.20
N ARG A 28 -14.05 -3.63 -10.21
CA ARG A 28 -13.15 -3.05 -11.19
C ARG A 28 -12.70 -1.65 -10.75
N ALA A 29 -13.54 -0.98 -10.00
CA ALA A 29 -13.19 0.34 -9.45
C ALA A 29 -12.48 0.17 -8.12
N GLY A 30 -12.82 -0.88 -7.43
CA GLY A 30 -12.16 -1.22 -6.22
C GLY A 30 -12.89 -0.67 -5.03
N PHE A 31 -12.18 -0.50 -3.99
CA PHE A 31 -12.68 0.05 -2.78
C PHE A 31 -11.74 1.14 -2.35
N THR A 32 -12.26 2.14 -1.72
CA THR A 32 -11.48 3.27 -1.32
C THR A 32 -11.29 3.30 0.18
N ALA A 33 -10.08 3.52 0.60
CA ALA A 33 -9.78 3.67 2.00
C ALA A 33 -9.05 4.97 2.19
N ALA A 34 -9.32 5.63 3.29
CA ALA A 34 -8.73 6.93 3.57
C ALA A 34 -7.30 6.78 4.02
N TYR A 35 -6.45 7.56 3.42
CA TYR A 35 -5.06 7.54 3.70
C TYR A 35 -4.57 8.99 3.78
N SER A 36 -3.98 9.48 2.72
CA SER A 36 -3.40 10.79 2.71
C SER A 36 -4.47 11.83 2.32
N LYS A 37 -4.19 13.09 2.65
CA LYS A 37 -5.09 14.19 2.42
C LYS A 37 -5.16 14.52 0.91
N SER A 38 -4.16 14.07 0.16
CA SER A 38 -4.10 14.34 -1.26
C SER A 38 -4.88 13.26 -2.04
N GLY A 39 -4.75 12.03 -1.64
CA GLY A 39 -5.44 10.96 -2.30
C GLY A 39 -5.70 9.80 -1.38
N VAL A 40 -6.65 9.00 -1.73
CA VAL A 40 -7.04 7.82 -0.97
C VAL A 40 -6.31 6.62 -1.55
N VAL A 41 -6.52 5.46 -1.01
CA VAL A 41 -5.88 4.29 -1.57
C VAL A 41 -6.92 3.48 -2.36
N TYR A 42 -6.52 3.03 -3.53
CA TYR A 42 -7.35 2.25 -4.40
C TYR A 42 -6.94 0.81 -4.29
N MET A 43 -7.91 -0.03 -4.07
CA MET A 43 -7.62 -1.45 -3.90
C MET A 43 -8.76 -2.31 -4.41
N SER A 44 -8.43 -3.29 -5.17
CA SER A 44 -9.37 -4.22 -5.71
C SER A 44 -9.08 -5.63 -5.21
N ILE A 45 -10.07 -6.28 -4.63
CA ILE A 45 -9.91 -7.61 -4.06
C ILE A 45 -9.89 -8.71 -5.12
N CYS A 46 -8.72 -9.34 -5.27
CA CYS A 46 -8.51 -10.49 -6.16
C CYS A 46 -8.79 -10.11 -7.63
N GLY A 47 -8.51 -8.88 -7.95
CA GLY A 47 -8.71 -8.37 -9.26
C GLY A 47 -7.96 -7.10 -9.42
N GLU A 48 -7.93 -6.55 -10.59
CA GLU A 48 -7.20 -5.33 -10.85
C GLU A 48 -8.14 -4.14 -10.87
N ASN A 49 -7.58 -3.01 -10.58
CA ASN A 49 -8.32 -1.79 -10.48
C ASN A 49 -8.00 -0.89 -11.68
N GLU A 50 -9.02 -0.32 -12.32
CA GLU A 50 -8.83 0.48 -13.53
C GLU A 50 -8.44 1.93 -13.20
N ASN A 51 -8.29 2.24 -11.94
CA ASN A 51 -7.84 3.57 -11.54
C ASN A 51 -6.33 3.68 -11.70
N CYS A 52 -5.68 2.57 -11.76
CA CYS A 52 -4.23 2.56 -11.88
C CYS A 52 -3.81 1.58 -12.98
N PRO A 53 -2.48 1.53 -13.37
CA PRO A 53 -1.95 0.60 -14.40
C PRO A 53 -2.59 -0.83 -14.43
N PRO A 54 -2.66 -1.44 -15.62
CA PRO A 54 -3.20 -2.80 -15.82
C PRO A 54 -2.42 -3.84 -15.00
N GLY A 55 -3.15 -4.62 -14.25
CA GLY A 55 -2.55 -5.64 -13.43
C GLY A 55 -2.26 -5.14 -12.03
N VAL A 56 -2.74 -3.97 -11.72
CA VAL A 56 -2.54 -3.38 -10.43
C VAL A 56 -3.72 -3.64 -9.52
N GLY A 57 -3.43 -4.21 -8.38
CA GLY A 57 -4.46 -4.49 -7.40
C GLY A 57 -4.46 -3.46 -6.26
N ALA A 58 -3.27 -2.95 -5.94
CA ALA A 58 -3.14 -1.96 -4.88
C ALA A 58 -2.38 -0.77 -5.38
N CYS A 59 -2.92 0.41 -5.17
CA CYS A 59 -2.32 1.63 -5.67
C CYS A 59 -2.84 2.84 -4.88
N PHE A 60 -1.96 3.76 -4.52
CA PHE A 60 -2.38 4.96 -3.80
C PHE A 60 -2.74 6.08 -4.78
N GLY A 61 -3.67 6.94 -4.38
CA GLY A 61 -4.13 8.01 -5.23
C GLY A 61 -3.32 9.28 -5.10
N GLN A 62 -2.11 9.16 -4.59
CA GLN A 62 -1.22 10.30 -4.55
C GLN A 62 -0.81 10.66 -5.98
N THR A 63 -0.03 9.81 -6.59
CA THR A 63 0.34 9.98 -7.98
C THR A 63 0.12 8.68 -8.77
N ARG A 64 -0.86 7.89 -8.31
CA ARG A 64 -1.25 6.60 -8.94
C ARG A 64 -0.07 5.61 -8.94
N ILE A 65 0.57 5.50 -7.78
CA ILE A 65 1.70 4.59 -7.61
C ILE A 65 1.22 3.23 -7.08
N SER A 66 1.65 2.17 -7.73
CA SER A 66 1.27 0.80 -7.39
C SER A 66 2.10 0.26 -6.24
N VAL A 67 1.51 -0.60 -5.45
CA VAL A 67 2.21 -1.24 -4.35
C VAL A 67 1.91 -2.73 -4.33
N GLY A 68 1.33 -3.22 -5.39
CA GLY A 68 1.01 -4.61 -5.45
C GLY A 68 0.26 -4.98 -6.70
N LYS A 69 0.71 -6.02 -7.34
CA LYS A 69 0.07 -6.55 -8.51
C LYS A 69 -1.19 -7.29 -8.10
N ALA A 70 -2.17 -7.27 -8.97
CA ALA A 70 -3.45 -7.88 -8.73
C ALA A 70 -3.36 -9.39 -8.85
N ASN A 71 -2.87 -10.00 -7.82
CA ASN A 71 -2.72 -11.43 -7.79
C ASN A 71 -3.96 -12.07 -7.24
N LYS A 72 -4.27 -13.23 -7.74
CA LYS A 72 -5.47 -13.94 -7.36
C LYS A 72 -5.05 -15.15 -6.56
N ARG A 73 -4.15 -14.90 -5.65
CA ARG A 73 -3.57 -15.93 -4.84
C ARG A 73 -4.25 -15.88 -3.48
N LEU A 74 -5.44 -16.40 -3.45
CA LEU A 74 -6.22 -16.45 -2.21
C LEU A 74 -5.61 -17.55 -1.35
N ARG A 75 -5.23 -17.21 -0.16
CA ARG A 75 -4.70 -18.20 0.73
C ARG A 75 -5.45 -18.21 2.07
N TYR A 76 -5.68 -19.39 2.62
CA TYR A 76 -6.34 -19.56 3.90
C TYR A 76 -5.30 -20.01 4.91
N VAL A 77 -5.16 -19.27 5.98
CA VAL A 77 -4.19 -19.63 6.99
C VAL A 77 -4.65 -19.18 8.39
N ASP A 78 -4.97 -20.17 9.22
CA ASP A 78 -5.48 -19.99 10.59
C ASP A 78 -6.74 -19.14 10.63
N GLN A 79 -7.72 -19.58 9.84
CA GLN A 79 -9.08 -18.99 9.68
C GLN A 79 -9.04 -17.56 9.15
N VAL A 80 -7.87 -17.18 8.76
CA VAL A 80 -7.57 -15.92 8.21
C VAL A 80 -7.46 -16.04 6.70
N LEU A 81 -8.18 -15.21 6.02
CA LEU A 81 -8.16 -15.17 4.59
C LEU A 81 -7.12 -14.16 4.20
N GLN A 82 -6.11 -14.58 3.54
CA GLN A 82 -5.06 -13.69 3.20
C GLN A 82 -4.88 -13.58 1.70
N LEU A 83 -4.78 -12.37 1.28
CA LEU A 83 -4.46 -12.02 -0.07
C LEU A 83 -3.20 -11.21 -0.03
N VAL A 84 -2.16 -11.74 -0.54
CA VAL A 84 -0.93 -11.06 -0.51
C VAL A 84 -0.65 -10.42 -1.87
N TYR A 85 -0.41 -9.16 -1.87
CA TYR A 85 -0.12 -8.44 -3.09
C TYR A 85 1.34 -8.10 -3.09
N LYS A 86 1.95 -8.30 -4.21
CA LYS A 86 3.37 -8.18 -4.34
C LYS A 86 3.66 -7.75 -5.74
N ASP A 87 4.93 -7.54 -6.03
CA ASP A 87 5.40 -7.11 -7.35
C ASP A 87 4.79 -5.79 -7.75
N GLY A 88 5.11 -4.79 -7.00
CA GLY A 88 4.60 -3.48 -7.24
C GLY A 88 5.71 -2.57 -7.66
N SER A 89 5.85 -1.48 -6.99
CA SER A 89 6.92 -0.57 -7.27
C SER A 89 8.14 -0.98 -6.48
N PRO A 90 9.33 -0.87 -7.09
CA PRO A 90 10.58 -1.09 -6.39
C PRO A 90 10.71 -0.06 -5.30
N CYS A 91 10.80 -0.51 -4.10
CA CYS A 91 10.79 0.34 -2.93
C CYS A 91 12.15 1.01 -2.77
N PRO A 92 12.15 2.35 -2.64
CA PRO A 92 13.37 3.15 -2.54
C PRO A 92 14.14 2.91 -1.24
N SER A 93 13.40 2.54 -0.21
CA SER A 93 13.93 2.30 1.12
C SER A 93 14.96 1.18 1.11
N LYS A 94 14.69 0.14 0.40
CA LYS A 94 15.56 -0.96 0.33
C LYS A 94 15.72 -1.30 -1.12
N SER A 95 16.83 -0.96 -1.67
CA SER A 95 17.15 -1.23 -3.04
C SER A 95 16.93 -2.72 -3.41
N GLY A 96 16.08 -2.97 -4.38
CA GLY A 96 15.83 -4.33 -4.81
C GLY A 96 14.65 -4.94 -4.08
N LEU A 97 13.91 -4.14 -3.37
CA LEU A 97 12.75 -4.60 -2.66
C LEU A 97 11.52 -4.05 -3.37
N SER A 98 10.39 -4.65 -3.14
CA SER A 98 9.13 -4.20 -3.71
C SER A 98 8.14 -3.94 -2.59
N TYR A 99 7.14 -3.10 -2.88
CA TYR A 99 6.05 -2.89 -1.96
C TYR A 99 5.20 -4.13 -1.95
N LYS A 100 4.51 -4.36 -0.87
CA LYS A 100 3.74 -5.55 -0.69
C LYS A 100 2.62 -5.33 0.28
N SER A 101 1.44 -5.64 -0.16
CA SER A 101 0.26 -5.39 0.59
C SER A 101 -0.25 -6.71 1.16
N VAL A 102 -0.51 -6.73 2.44
CA VAL A 102 -0.98 -7.90 3.09
C VAL A 102 -2.42 -7.72 3.53
N ILE A 103 -3.31 -8.28 2.77
CA ILE A 103 -4.72 -8.19 3.06
C ILE A 103 -5.12 -9.38 3.90
N SER A 104 -5.57 -9.11 5.08
CA SER A 104 -5.97 -10.11 6.01
C SER A 104 -7.44 -9.96 6.40
N PHE A 105 -8.23 -10.94 6.07
CA PHE A 105 -9.63 -10.96 6.41
C PHE A 105 -9.81 -11.63 7.74
N VAL A 106 -10.42 -10.90 8.65
CA VAL A 106 -10.61 -11.35 10.01
C VAL A 106 -12.10 -11.54 10.27
N CYS A 107 -12.44 -12.59 11.01
CA CYS A 107 -13.80 -12.93 11.33
C CYS A 107 -14.41 -11.93 12.34
N ARG A 108 -15.37 -11.13 11.89
CA ARG A 108 -16.09 -10.22 12.78
C ARG A 108 -17.60 -10.48 12.65
N PRO A 109 -18.15 -11.44 13.44
CA PRO A 109 -19.57 -11.87 13.31
C PRO A 109 -20.60 -10.78 13.60
N GLU A 110 -20.28 -9.90 14.53
CA GLU A 110 -21.21 -8.82 14.88
C GLU A 110 -21.16 -7.69 13.89
N ALA A 111 -20.13 -7.72 13.07
CA ALA A 111 -19.82 -6.64 12.12
C ALA A 111 -19.41 -5.37 12.89
N GLY A 112 -19.33 -4.26 12.22
CA GLY A 112 -18.98 -3.04 12.85
C GLY A 112 -18.23 -2.15 11.91
N PRO A 113 -17.54 -1.14 12.42
CA PRO A 113 -16.81 -0.15 11.62
C PRO A 113 -15.44 -0.65 11.20
N THR A 114 -15.32 -1.92 11.23
CA THR A 114 -14.13 -2.62 10.90
C THR A 114 -14.29 -3.31 9.57
N ASN A 115 -15.46 -3.17 8.98
CA ASN A 115 -15.79 -3.83 7.72
C ASN A 115 -15.35 -2.94 6.55
N ARG A 116 -14.09 -2.62 6.55
CA ARG A 116 -13.49 -1.77 5.56
C ARG A 116 -12.01 -1.94 5.72
N PRO A 117 -11.27 -1.97 4.60
CA PRO A 117 -9.81 -2.15 4.61
C PRO A 117 -9.11 -1.12 5.51
N MET A 118 -8.69 -1.59 6.66
CA MET A 118 -8.08 -0.77 7.66
C MET A 118 -6.56 -0.92 7.54
N LEU A 119 -5.87 0.13 7.10
CA LEU A 119 -4.43 0.10 6.95
C LEU A 119 -3.84 0.15 8.35
N ILE A 120 -3.21 -0.92 8.75
CA ILE A 120 -2.64 -1.01 10.07
C ILE A 120 -1.41 -0.14 10.13
N SER A 121 -0.47 -0.43 9.27
CA SER A 121 0.82 0.23 9.26
C SER A 121 1.50 -0.02 7.94
N LEU A 122 2.35 0.89 7.56
CA LEU A 122 3.21 0.75 6.44
C LEU A 122 4.63 0.80 6.96
N ASP A 123 5.23 -0.37 7.09
CA ASP A 123 6.61 -0.42 7.56
C ASP A 123 7.52 0.04 6.46
N LYS A 124 8.18 1.15 6.66
CA LYS A 124 9.00 1.76 5.64
C LYS A 124 10.24 0.95 5.27
N GLN A 125 10.66 0.06 6.13
CA GLN A 125 11.89 -0.69 5.86
C GLN A 125 11.61 -1.93 5.08
N THR A 126 10.57 -2.59 5.45
CA THR A 126 10.23 -3.83 4.82
C THR A 126 9.24 -3.58 3.67
N CYS A 127 8.75 -2.32 3.57
CA CYS A 127 7.86 -1.83 2.50
C CYS A 127 6.59 -2.66 2.43
N THR A 128 6.17 -3.11 3.59
CA THR A 128 5.03 -3.95 3.74
C THR A 128 3.87 -3.14 4.30
N LEU A 129 2.73 -3.26 3.68
CA LEU A 129 1.56 -2.54 4.06
C LEU A 129 0.59 -3.55 4.62
N PHE A 130 0.11 -3.34 5.80
CA PHE A 130 -0.80 -4.29 6.42
C PHE A 130 -2.22 -3.78 6.32
N PHE A 131 -3.14 -4.68 6.03
CA PHE A 131 -4.55 -4.33 5.86
C PHE A 131 -5.38 -5.30 6.67
N SER A 132 -6.32 -4.79 7.37
CA SER A 132 -7.24 -5.59 8.11
C SER A 132 -8.62 -5.35 7.54
N TRP A 133 -9.49 -6.31 7.64
CA TRP A 133 -10.83 -6.18 7.18
C TRP A 133 -11.62 -7.13 8.05
N HIS A 134 -12.43 -6.61 8.92
CA HIS A 134 -13.16 -7.44 9.83
C HIS A 134 -14.59 -7.57 9.33
N THR A 135 -14.93 -8.74 8.86
CA THR A 135 -16.20 -8.98 8.24
C THR A 135 -16.76 -10.34 8.71
N PRO A 136 -18.12 -10.50 8.80
CA PRO A 136 -18.72 -11.79 9.15
C PRO A 136 -18.75 -12.73 7.95
N LEU A 137 -18.31 -12.25 6.79
CA LEU A 137 -18.22 -13.09 5.58
C LEU A 137 -17.22 -14.22 5.82
N ALA A 138 -16.24 -13.89 6.64
CA ALA A 138 -15.16 -14.79 7.01
C ALA A 138 -15.54 -15.61 8.24
N CYS A 139 -16.79 -15.58 8.60
CA CYS A 139 -17.28 -16.27 9.75
C CYS A 139 -18.35 -17.24 9.33
N GLU A 140 -18.51 -18.26 10.12
CA GLU A 140 -19.66 -19.12 9.96
C GLU A 140 -20.72 -18.53 10.89
N PRO A 141 -21.90 -18.17 10.37
CA PRO A 141 -22.94 -17.50 11.14
C PRO A 141 -23.45 -18.33 12.30
N GLU A 142 -23.25 -17.83 13.51
CA GLU A 142 -23.67 -18.51 14.70
C GLU A 142 -25.14 -18.25 14.92
N ALA B 1 9.49 1.28 -20.21
CA ALA B 1 9.70 2.67 -19.85
C ALA B 1 9.95 2.80 -18.36
N TYR B 2 11.07 2.29 -17.93
CA TYR B 2 11.43 2.36 -16.53
C TYR B 2 12.31 3.58 -16.35
N ARG B 3 12.09 4.29 -15.29
CA ARG B 3 12.85 5.48 -15.01
C ARG B 3 13.75 5.22 -13.79
N PRO B 4 15.08 5.38 -13.95
CA PRO B 4 16.04 5.17 -12.87
C PRO B 4 15.86 6.13 -11.68
N SER B 5 15.33 7.29 -11.95
CA SER B 5 15.03 8.24 -10.91
C SER B 5 13.51 8.24 -10.73
N GLU B 6 13.06 7.65 -9.65
CA GLU B 6 11.64 7.55 -9.36
C GLU B 6 11.26 8.58 -8.34
N THR B 7 12.05 9.59 -8.27
CA THR B 7 11.78 10.72 -7.44
C THR B 7 11.75 12.01 -8.30
N LEU B 8 10.56 12.46 -8.66
CA LEU B 8 10.42 13.72 -9.36
C LEU B 8 10.77 14.86 -8.42
N CYS B 9 11.59 15.79 -8.87
CA CYS B 9 12.07 16.87 -8.05
C CYS B 9 11.01 17.97 -7.95
N GLY B 10 9.97 17.65 -7.23
CA GLY B 10 8.88 18.53 -7.03
C GLY B 10 7.61 17.75 -6.79
N GLY B 11 7.08 17.19 -7.88
CA GLY B 11 5.83 16.47 -7.86
C GLY B 11 5.79 15.32 -6.88
N GLU B 12 6.72 14.38 -6.99
CA GLU B 12 6.75 13.24 -6.09
C GLU B 12 7.47 13.59 -4.83
N LEU B 13 8.19 14.68 -4.87
CA LEU B 13 8.92 15.12 -3.72
C LEU B 13 7.88 15.49 -2.65
N VAL B 14 6.95 16.34 -3.01
CA VAL B 14 5.93 16.71 -2.08
C VAL B 14 4.93 15.57 -1.92
N ASP B 15 4.87 14.71 -2.93
CA ASP B 15 3.96 13.57 -2.92
C ASP B 15 4.31 12.58 -1.81
N THR B 16 5.59 12.19 -1.75
CA THR B 16 6.09 11.27 -0.72
C THR B 16 6.01 11.92 0.69
N LEU B 17 6.46 13.16 0.77
CA LEU B 17 6.33 14.00 1.96
C LEU B 17 4.90 13.99 2.49
N GLN B 18 3.97 14.23 1.60
CA GLN B 18 2.55 14.29 1.93
C GLN B 18 1.96 12.87 2.05
N PHE B 19 2.66 11.92 1.55
CA PHE B 19 2.23 10.53 1.62
C PHE B 19 2.16 10.06 3.06
N VAL B 20 3.26 10.18 3.77
CA VAL B 20 3.27 9.70 5.12
C VAL B 20 2.97 10.82 6.12
N CYS B 21 3.28 12.05 5.76
CA CYS B 21 3.07 13.15 6.68
C CYS B 21 2.05 14.15 6.19
N GLY B 22 1.22 13.77 5.23
CA GLY B 22 0.20 14.67 4.69
C GLY B 22 -0.74 15.28 5.73
N ASP B 23 -1.10 14.49 6.74
CA ASP B 23 -1.98 14.93 7.81
C ASP B 23 -1.28 15.97 8.71
N ARG B 24 0.03 15.91 8.77
CA ARG B 24 0.81 16.84 9.57
C ARG B 24 1.22 18.06 8.73
N GLY B 25 1.68 17.78 7.54
CA GLY B 25 2.12 18.80 6.62
C GLY B 25 3.47 18.44 6.10
N PHE B 26 4.01 19.23 5.21
CA PHE B 26 5.36 18.99 4.73
C PHE B 26 6.12 20.31 4.62
N TYR B 27 7.25 20.43 5.30
CA TYR B 27 7.96 21.69 5.30
C TYR B 27 9.44 21.55 5.05
N PHE B 28 9.83 21.40 3.81
CA PHE B 28 11.24 21.49 3.49
C PHE B 28 11.54 22.85 2.88
N SER B 29 10.49 23.61 2.70
CA SER B 29 10.55 24.95 2.24
C SER B 29 10.62 25.84 3.47
N ARG B 30 11.81 26.10 3.94
CA ARG B 30 11.98 26.83 5.16
C ARG B 30 12.74 28.11 4.87
N PRO B 31 12.72 29.11 5.77
CA PRO B 31 13.54 30.29 5.59
C PRO B 31 15.02 29.87 5.58
N ALA B 32 15.41 29.12 6.59
CA ALA B 32 16.72 28.59 6.71
C ALA B 32 16.66 27.41 7.60
N SER B 33 17.72 26.69 7.64
CA SER B 33 17.89 25.53 8.40
C SER B 33 19.28 25.11 8.09
N ARG B 34 19.81 24.30 8.92
CA ARG B 34 21.14 23.80 8.72
C ARG B 34 21.04 22.50 7.92
N VAL B 35 19.79 22.14 7.60
CA VAL B 35 19.47 21.00 6.78
C VAL B 35 18.83 21.53 5.48
N SER B 36 18.53 22.81 5.49
CA SER B 36 17.88 23.47 4.39
C SER B 36 18.41 24.91 4.27
N ARG B 37 19.70 25.00 4.02
CA ARG B 37 20.41 26.28 3.92
C ARG B 37 20.19 26.96 2.55
N ARG B 38 19.53 26.29 1.64
CA ARG B 38 19.21 26.84 0.34
C ARG B 38 17.70 27.05 0.30
N SER B 39 17.16 27.35 1.48
CA SER B 39 15.72 27.53 1.75
C SER B 39 14.98 26.19 1.68
N ARG B 40 15.18 25.46 0.62
CA ARG B 40 14.57 24.19 0.46
C ARG B 40 15.58 23.11 0.83
N GLY B 41 15.12 22.09 1.49
CA GLY B 41 15.98 20.99 1.84
C GLY B 41 15.48 19.76 1.19
N ILE B 42 16.34 18.73 1.13
CA ILE B 42 16.09 17.37 0.56
C ILE B 42 15.75 17.33 -0.93
N VAL B 43 15.27 18.43 -1.46
CA VAL B 43 14.94 18.57 -2.86
C VAL B 43 16.05 18.10 -3.79
N GLU B 44 17.26 18.51 -3.53
CA GLU B 44 18.35 18.16 -4.37
C GLU B 44 18.92 16.82 -3.93
N GLU B 45 18.83 16.56 -2.62
CA GLU B 45 19.33 15.33 -2.02
C GLU B 45 18.57 14.10 -2.49
N CYS B 46 17.34 14.29 -2.95
CA CYS B 46 16.57 13.20 -3.52
C CYS B 46 16.31 13.43 -5.01
N CYS B 47 16.84 14.51 -5.56
CA CYS B 47 16.64 14.81 -6.97
C CYS B 47 17.62 14.02 -7.82
N PHE B 48 18.89 14.09 -7.47
CA PHE B 48 19.93 13.46 -8.25
C PHE B 48 20.61 12.38 -7.44
N ARG B 49 19.96 12.00 -6.38
CA ARG B 49 20.43 10.99 -5.47
C ARG B 49 19.24 10.26 -4.95
N SER B 50 19.44 9.04 -4.58
CA SER B 50 18.42 8.27 -3.96
C SER B 50 18.59 8.38 -2.46
N CYS B 51 17.52 8.66 -1.78
CA CYS B 51 17.55 8.91 -0.38
C CYS B 51 16.71 7.89 0.33
N ASP B 52 17.20 7.43 1.47
CA ASP B 52 16.49 6.48 2.30
C ASP B 52 15.19 7.12 2.73
N LEU B 53 14.16 6.31 2.88
CA LEU B 53 12.84 6.77 3.26
C LEU B 53 12.89 7.19 4.73
N ALA B 54 13.95 6.74 5.40
CA ALA B 54 14.25 7.11 6.77
C ALA B 54 14.47 8.62 6.89
N LEU B 55 14.89 9.24 5.79
CA LEU B 55 15.09 10.68 5.72
C LEU B 55 13.79 11.42 5.99
N LEU B 56 12.81 11.16 5.14
CA LEU B 56 11.54 11.87 5.25
C LEU B 56 10.75 11.41 6.47
N GLU B 57 11.11 10.24 7.00
CA GLU B 57 10.58 9.73 8.25
C GLU B 57 10.89 10.71 9.38
N THR B 58 12.17 11.00 9.56
CA THR B 58 12.58 11.91 10.58
C THR B 58 12.40 13.38 10.17
N TYR B 59 12.20 13.64 8.88
CA TYR B 59 12.03 15.00 8.48
C TYR B 59 10.57 15.38 8.71
N CYS B 60 9.71 14.63 8.04
CA CYS B 60 8.25 14.70 8.12
C CYS B 60 7.68 16.10 7.80
N ALA B 61 7.77 16.96 8.76
CA ALA B 61 7.21 18.28 8.75
C ALA B 61 7.89 18.98 9.90
N THR B 62 7.72 18.36 11.01
CA THR B 62 8.31 18.69 12.24
C THR B 62 9.25 17.54 12.57
N PRO B 63 10.35 17.83 13.27
CA PRO B 63 11.41 16.84 13.58
C PRO B 63 11.07 15.97 14.78
N ALA B 64 9.83 16.08 15.17
CA ALA B 64 9.23 15.38 16.30
C ALA B 64 9.81 15.95 17.57
N LYS B 65 9.69 17.27 17.65
CA LYS B 65 10.18 18.12 18.70
C LYS B 65 11.71 18.25 18.61
N SER B 66 12.21 19.45 18.75
CA SER B 66 13.61 19.73 18.67
C SER B 66 13.99 20.48 19.94
N GLU B 67 13.69 19.85 21.07
CA GLU B 67 13.91 20.40 22.40
C GLU B 67 13.05 21.64 22.62
N MET A 1 -13.06 -33.50 -1.05
CA MET A 1 -12.18 -33.66 0.11
C MET A 1 -10.77 -33.29 -0.29
N LYS A 2 -10.58 -32.04 -0.64
CA LYS A 2 -9.29 -31.56 -1.10
C LYS A 2 -8.92 -30.32 -0.31
N SER A 3 -7.65 -30.12 -0.10
CA SER A 3 -7.18 -28.98 0.63
C SER A 3 -6.79 -27.85 -0.33
N ASN A 4 -7.35 -26.65 -0.11
CA ASN A 4 -7.02 -25.42 -0.85
C ASN A 4 -7.00 -25.55 -2.36
N GLU A 5 -8.15 -25.72 -2.96
CA GLU A 5 -8.21 -25.77 -4.40
C GLU A 5 -8.86 -24.52 -4.97
N HIS A 6 -8.73 -24.35 -6.29
CA HIS A 6 -9.31 -23.28 -7.09
C HIS A 6 -8.94 -21.94 -6.50
N ASP A 7 -7.66 -21.79 -6.36
CA ASP A 7 -6.99 -20.58 -5.83
C ASP A 7 -7.22 -19.37 -6.77
N ASP A 8 -8.45 -18.89 -6.79
CA ASP A 8 -8.85 -17.75 -7.58
C ASP A 8 -9.68 -16.87 -6.69
N CYS A 9 -9.02 -16.24 -5.73
CA CYS A 9 -9.65 -15.32 -4.76
C CYS A 9 -10.66 -16.07 -3.90
N GLN A 10 -10.37 -17.31 -3.61
CA GLN A 10 -11.26 -18.13 -2.86
C GLN A 10 -10.52 -19.34 -2.45
N VAL A 11 -11.03 -20.03 -1.48
CA VAL A 11 -10.33 -21.15 -0.93
C VAL A 11 -11.30 -22.03 -0.16
N THR A 12 -11.06 -23.31 -0.17
CA THR A 12 -11.86 -24.22 0.58
C THR A 12 -11.02 -24.88 1.66
N ASN A 13 -11.47 -24.77 2.90
CA ASN A 13 -10.80 -25.39 4.00
C ASN A 13 -11.28 -26.82 4.16
N PRO A 14 -10.36 -27.79 4.11
CA PRO A 14 -10.70 -29.23 4.15
C PRO A 14 -11.29 -29.71 5.49
N SER A 15 -11.05 -28.95 6.54
CA SER A 15 -11.52 -29.32 7.86
C SER A 15 -13.02 -29.08 8.03
N THR A 16 -13.52 -27.99 7.51
CA THR A 16 -14.92 -27.67 7.68
C THR A 16 -15.68 -27.70 6.32
N GLY A 17 -14.90 -27.87 5.25
CA GLY A 17 -15.45 -27.96 3.89
C GLY A 17 -16.13 -26.70 3.46
N HIS A 18 -15.65 -25.58 3.96
CA HIS A 18 -16.28 -24.32 3.68
C HIS A 18 -15.55 -23.63 2.57
N LEU A 19 -16.28 -23.29 1.56
CA LEU A 19 -15.74 -22.58 0.43
C LEU A 19 -15.89 -21.09 0.69
N PHE A 20 -14.80 -20.41 0.92
CA PHE A 20 -14.82 -18.99 1.10
C PHE A 20 -14.74 -18.31 -0.23
N ASP A 21 -15.78 -17.62 -0.59
CA ASP A 21 -15.80 -16.88 -1.82
C ASP A 21 -15.51 -15.43 -1.53
N LEU A 22 -14.33 -14.99 -1.90
CA LEU A 22 -13.93 -13.62 -1.65
C LEU A 22 -14.33 -12.75 -2.83
N SER A 23 -14.95 -13.38 -3.81
CA SER A 23 -15.43 -12.70 -5.00
C SER A 23 -16.64 -11.82 -4.61
N SER A 24 -17.32 -12.23 -3.55
CA SER A 24 -18.42 -11.48 -2.95
C SER A 24 -17.93 -10.10 -2.48
N LEU A 25 -16.66 -10.03 -2.17
CA LEU A 25 -16.04 -8.81 -1.71
C LEU A 25 -15.31 -8.09 -2.84
N SER A 26 -15.36 -8.65 -4.04
CA SER A 26 -14.67 -8.09 -5.20
C SER A 26 -15.35 -6.80 -5.70
N GLY A 27 -14.72 -6.18 -6.65
CA GLY A 27 -15.22 -4.98 -7.23
C GLY A 27 -14.27 -4.52 -8.31
N ARG A 28 -14.80 -3.95 -9.34
CA ARG A 28 -13.99 -3.51 -10.46
C ARG A 28 -13.19 -2.24 -10.11
N ALA A 29 -13.85 -1.30 -9.46
CA ALA A 29 -13.18 -0.07 -9.09
C ALA A 29 -12.45 -0.29 -7.79
N GLY A 30 -13.08 -1.02 -6.91
CA GLY A 30 -12.48 -1.34 -5.67
C GLY A 30 -13.08 -0.55 -4.56
N PHE A 31 -12.24 -0.09 -3.68
CA PHE A 31 -12.64 0.65 -2.51
C PHE A 31 -11.64 1.76 -2.31
N THR A 32 -12.06 2.82 -1.67
CA THR A 32 -11.20 3.93 -1.46
C THR A 32 -11.08 4.18 0.03
N ALA A 33 -9.88 4.19 0.51
CA ALA A 33 -9.64 4.36 1.91
C ALA A 33 -8.81 5.59 2.14
N ALA A 34 -9.14 6.31 3.19
CA ALA A 34 -8.46 7.52 3.53
C ALA A 34 -7.21 7.23 4.30
N TYR A 35 -6.09 7.52 3.70
CA TYR A 35 -4.82 7.36 4.31
C TYR A 35 -4.35 8.75 4.71
N SER A 36 -3.48 9.30 3.91
CA SER A 36 -2.95 10.62 4.10
C SER A 36 -4.05 11.68 3.86
N LYS A 37 -3.80 12.94 4.21
CA LYS A 37 -4.84 13.98 4.06
C LYS A 37 -5.30 14.14 2.61
N SER A 38 -4.36 14.11 1.69
CA SER A 38 -4.68 14.31 0.30
C SER A 38 -4.35 13.04 -0.49
N GLY A 39 -4.27 11.93 0.20
CA GLY A 39 -3.87 10.70 -0.42
C GLY A 39 -4.77 9.54 -0.10
N VAL A 40 -5.59 9.17 -1.04
CA VAL A 40 -6.45 8.02 -0.90
C VAL A 40 -5.83 6.82 -1.55
N VAL A 41 -6.13 5.67 -1.05
CA VAL A 41 -5.63 4.46 -1.60
C VAL A 41 -6.73 3.74 -2.38
N TYR A 42 -6.38 3.21 -3.52
CA TYR A 42 -7.25 2.44 -4.34
C TYR A 42 -6.90 1.00 -4.23
N MET A 43 -7.89 0.21 -3.95
CA MET A 43 -7.66 -1.20 -3.78
C MET A 43 -8.80 -2.00 -4.36
N SER A 44 -8.46 -2.80 -5.30
CA SER A 44 -9.41 -3.63 -5.96
C SER A 44 -9.29 -5.07 -5.47
N ILE A 45 -10.36 -5.60 -4.90
CA ILE A 45 -10.35 -6.95 -4.38
C ILE A 45 -10.62 -7.92 -5.52
N CYS A 46 -9.67 -8.80 -5.77
CA CYS A 46 -9.79 -9.84 -6.80
C CYS A 46 -9.94 -9.21 -8.18
N GLY A 47 -9.11 -8.25 -8.44
CA GLY A 47 -9.14 -7.60 -9.68
C GLY A 47 -8.16 -6.50 -9.67
N GLU A 48 -8.04 -5.83 -10.76
CA GLU A 48 -7.12 -4.76 -10.89
C GLU A 48 -7.85 -3.43 -10.88
N ASN A 49 -7.13 -2.42 -10.47
CA ASN A 49 -7.63 -1.09 -10.43
C ASN A 49 -7.28 -0.41 -11.75
N GLU A 50 -8.20 0.35 -12.30
CA GLU A 50 -8.05 0.87 -13.64
C GLU A 50 -7.59 2.32 -13.73
N ASN A 51 -7.35 2.96 -12.62
CA ASN A 51 -6.87 4.35 -12.66
C ASN A 51 -5.41 4.41 -12.33
N CYS A 52 -4.86 3.26 -12.18
CA CYS A 52 -3.46 3.07 -11.89
C CYS A 52 -2.97 1.99 -12.88
N PRO A 53 -1.64 1.97 -13.25
CA PRO A 53 -1.02 1.00 -14.16
C PRO A 53 -1.69 -0.40 -14.19
N PRO A 54 -2.14 -0.83 -15.40
CA PRO A 54 -2.87 -2.09 -15.64
C PRO A 54 -2.26 -3.31 -14.93
N GLY A 55 -3.10 -4.05 -14.23
CA GLY A 55 -2.65 -5.24 -13.54
C GLY A 55 -2.39 -5.03 -12.05
N VAL A 56 -2.55 -3.82 -11.59
CA VAL A 56 -2.27 -3.54 -10.19
C VAL A 56 -3.54 -3.64 -9.35
N GLY A 57 -3.41 -4.21 -8.16
CA GLY A 57 -4.55 -4.36 -7.27
C GLY A 57 -4.57 -3.32 -6.15
N ALA A 58 -3.40 -2.88 -5.74
CA ALA A 58 -3.29 -1.88 -4.71
C ALA A 58 -2.47 -0.72 -5.24
N CYS A 59 -2.99 0.47 -5.11
CA CYS A 59 -2.29 1.65 -5.61
C CYS A 59 -2.74 2.88 -4.85
N PHE A 60 -1.84 3.80 -4.58
CA PHE A 60 -2.26 5.06 -4.00
C PHE A 60 -2.65 6.00 -5.16
N GLY A 61 -3.84 6.63 -5.04
CA GLY A 61 -4.44 7.39 -6.14
C GLY A 61 -3.62 8.56 -6.59
N GLN A 62 -2.88 9.14 -5.69
CA GLN A 62 -2.00 10.25 -5.97
C GLN A 62 -0.80 9.82 -6.80
N THR A 63 -0.12 8.84 -6.30
CA THR A 63 1.17 8.49 -6.82
C THR A 63 1.13 7.63 -8.07
N ARG A 64 0.07 6.82 -8.19
CA ARG A 64 -0.03 5.82 -9.27
C ARG A 64 1.12 4.82 -9.18
N ILE A 65 1.62 4.62 -7.99
CA ILE A 65 2.67 3.68 -7.74
C ILE A 65 2.04 2.36 -7.32
N SER A 66 2.45 1.32 -7.98
CA SER A 66 1.95 -0.01 -7.73
C SER A 66 2.43 -0.49 -6.37
N VAL A 67 1.49 -0.68 -5.46
CA VAL A 67 1.85 -1.14 -4.14
C VAL A 67 1.36 -2.56 -3.92
N GLY A 68 1.06 -3.22 -5.01
CA GLY A 68 0.64 -4.58 -4.97
C GLY A 68 -0.07 -4.97 -6.25
N LYS A 69 0.50 -5.90 -6.99
CA LYS A 69 -0.07 -6.37 -8.25
C LYS A 69 -1.27 -7.25 -7.94
N ALA A 70 -2.27 -7.21 -8.81
CA ALA A 70 -3.49 -7.96 -8.63
C ALA A 70 -3.27 -9.45 -8.85
N ASN A 71 -2.95 -10.14 -7.79
CA ASN A 71 -2.79 -11.57 -7.79
C ASN A 71 -4.03 -12.20 -7.15
N LYS A 72 -4.18 -13.48 -7.22
CA LYS A 72 -5.36 -14.13 -6.65
C LYS A 72 -4.97 -15.28 -5.79
N ARG A 73 -3.93 -15.04 -5.04
CA ARG A 73 -3.30 -16.03 -4.21
C ARG A 73 -3.96 -15.97 -2.84
N LEU A 74 -4.86 -16.90 -2.60
CA LEU A 74 -5.66 -16.92 -1.37
C LEU A 74 -5.09 -17.95 -0.40
N ARG A 75 -4.80 -17.54 0.79
CA ARG A 75 -4.33 -18.46 1.79
C ARG A 75 -5.21 -18.41 3.05
N TYR A 76 -5.50 -19.56 3.63
CA TYR A 76 -6.30 -19.65 4.85
C TYR A 76 -5.39 -19.98 6.01
N VAL A 77 -5.17 -19.03 6.87
CA VAL A 77 -4.29 -19.21 8.01
C VAL A 77 -4.97 -18.83 9.32
N ASP A 78 -5.55 -19.82 9.97
CA ASP A 78 -6.25 -19.67 11.28
C ASP A 78 -7.36 -18.64 11.17
N GLN A 79 -8.36 -18.99 10.35
CA GLN A 79 -9.58 -18.21 10.07
C GLN A 79 -9.29 -16.84 9.51
N VAL A 80 -8.10 -16.73 8.99
CA VAL A 80 -7.66 -15.57 8.31
C VAL A 80 -7.60 -15.90 6.84
N LEU A 81 -8.36 -15.17 6.09
CA LEU A 81 -8.37 -15.28 4.66
C LEU A 81 -7.43 -14.24 4.15
N GLN A 82 -6.33 -14.65 3.67
CA GLN A 82 -5.35 -13.72 3.26
C GLN A 82 -5.20 -13.71 1.77
N LEU A 83 -5.49 -12.58 1.21
CA LEU A 83 -5.36 -12.35 -0.20
C LEU A 83 -4.09 -11.53 -0.33
N VAL A 84 -3.01 -12.18 -0.67
CA VAL A 84 -1.75 -11.50 -0.70
C VAL A 84 -1.45 -10.85 -2.07
N TYR A 85 -1.15 -9.59 -2.04
CA TYR A 85 -0.71 -8.87 -3.20
C TYR A 85 0.76 -8.61 -3.05
N LYS A 86 1.47 -8.68 -4.12
CA LYS A 86 2.90 -8.56 -4.17
C LYS A 86 3.23 -8.16 -5.56
N ASP A 87 4.51 -8.13 -5.90
CA ASP A 87 4.97 -7.82 -7.26
C ASP A 87 4.63 -6.38 -7.58
N GLY A 88 4.94 -5.52 -6.62
CA GLY A 88 4.65 -4.12 -6.75
C GLY A 88 5.76 -3.39 -7.44
N SER A 89 5.65 -2.11 -7.52
CA SER A 89 6.66 -1.32 -8.17
C SER A 89 7.65 -0.78 -7.12
N PRO A 90 8.76 -0.11 -7.53
CA PRO A 90 9.74 0.44 -6.60
C PRO A 90 9.12 1.31 -5.50
N CYS A 91 9.47 0.96 -4.31
CA CYS A 91 9.06 1.62 -3.11
C CYS A 91 9.96 2.84 -2.93
N PRO A 92 9.37 4.08 -2.92
CA PRO A 92 10.12 5.37 -2.79
C PRO A 92 11.07 5.42 -1.58
N SER A 93 10.81 4.58 -0.61
CA SER A 93 11.63 4.44 0.57
C SER A 93 13.09 4.14 0.19
N LYS A 94 13.27 3.21 -0.74
CA LYS A 94 14.57 2.85 -1.24
C LYS A 94 14.39 2.10 -2.55
N SER A 95 15.09 2.55 -3.59
CA SER A 95 15.05 1.92 -4.86
C SER A 95 15.50 0.45 -4.71
N GLY A 96 14.75 -0.46 -5.27
CA GLY A 96 15.05 -1.86 -5.13
C GLY A 96 14.06 -2.56 -4.20
N LEU A 97 13.36 -1.80 -3.39
CA LEU A 97 12.31 -2.35 -2.57
C LEU A 97 11.02 -2.25 -3.36
N SER A 98 10.10 -3.12 -3.11
CA SER A 98 8.84 -3.10 -3.79
C SER A 98 7.74 -3.33 -2.77
N TYR A 99 6.62 -2.66 -2.93
CA TYR A 99 5.48 -2.82 -2.00
C TYR A 99 4.78 -4.14 -2.18
N LYS A 100 4.06 -4.55 -1.15
CA LYS A 100 3.22 -5.69 -1.19
C LYS A 100 2.06 -5.39 -0.25
N SER A 101 0.94 -5.97 -0.50
CA SER A 101 -0.23 -5.67 0.26
C SER A 101 -0.75 -6.94 0.88
N VAL A 102 -0.87 -6.94 2.18
CA VAL A 102 -1.37 -8.08 2.87
C VAL A 102 -2.80 -7.80 3.31
N ILE A 103 -3.72 -8.28 2.53
CA ILE A 103 -5.10 -8.11 2.79
C ILE A 103 -5.57 -9.26 3.66
N SER A 104 -5.79 -8.97 4.90
CA SER A 104 -6.14 -9.96 5.86
C SER A 104 -7.62 -9.88 6.20
N PHE A 105 -8.34 -10.93 5.85
CA PHE A 105 -9.74 -11.05 6.17
C PHE A 105 -9.88 -11.76 7.49
N VAL A 106 -10.27 -11.01 8.47
CA VAL A 106 -10.39 -11.47 9.83
C VAL A 106 -11.87 -11.70 10.17
N CYS A 107 -12.14 -12.71 10.94
CA CYS A 107 -13.48 -13.07 11.38
C CYS A 107 -14.02 -12.04 12.35
N ARG A 108 -14.97 -11.23 11.92
CA ARG A 108 -15.62 -10.34 12.85
C ARG A 108 -17.12 -10.38 12.63
N PRO A 109 -17.87 -11.26 13.34
CA PRO A 109 -19.31 -11.41 13.14
C PRO A 109 -20.12 -10.16 13.53
N GLU A 110 -19.54 -9.32 14.38
CA GLU A 110 -20.15 -8.09 14.84
C GLU A 110 -20.50 -7.15 13.68
N ALA A 111 -19.60 -7.11 12.65
CA ALA A 111 -19.74 -6.20 11.49
C ALA A 111 -19.62 -4.73 11.97
N GLY A 112 -19.87 -3.77 11.11
CA GLY A 112 -19.82 -2.40 11.52
C GLY A 112 -18.79 -1.61 10.80
N PRO A 113 -18.38 -0.48 11.37
CA PRO A 113 -17.34 0.44 10.82
C PRO A 113 -15.98 -0.23 10.54
N THR A 114 -15.85 -1.41 11.04
CA THR A 114 -14.68 -2.21 10.92
C THR A 114 -14.71 -3.04 9.62
N ASN A 115 -15.86 -3.03 8.97
CA ASN A 115 -16.07 -3.79 7.75
C ASN A 115 -15.65 -2.96 6.53
N ARG A 116 -14.40 -2.58 6.55
CA ARG A 116 -13.74 -1.83 5.52
C ARG A 116 -12.25 -2.04 5.70
N PRO A 117 -11.52 -2.22 4.59
CA PRO A 117 -10.08 -2.46 4.66
C PRO A 117 -9.33 -1.21 5.12
N MET A 118 -8.77 -1.27 6.30
CA MET A 118 -8.03 -0.16 6.85
C MET A 118 -6.56 -0.51 6.99
N LEU A 119 -5.71 0.49 6.83
CA LEU A 119 -4.28 0.32 6.85
C LEU A 119 -3.82 0.40 8.30
N ILE A 120 -3.32 -0.70 8.81
CA ILE A 120 -2.89 -0.79 10.18
C ILE A 120 -1.57 -0.09 10.34
N SER A 121 -0.62 -0.51 9.55
CA SER A 121 0.74 -0.05 9.63
C SER A 121 1.45 -0.40 8.35
N LEU A 122 2.43 0.37 8.05
CA LEU A 122 3.22 0.18 6.88
C LEU A 122 4.60 -0.18 7.36
N ASP A 123 5.02 -1.40 7.13
CA ASP A 123 6.40 -1.77 7.45
C ASP A 123 7.25 -1.23 6.35
N LYS A 124 7.78 -0.06 6.57
CA LYS A 124 8.51 0.68 5.57
C LYS A 124 9.92 0.15 5.29
N GLN A 125 10.31 -0.93 5.93
CA GLN A 125 11.60 -1.52 5.63
C GLN A 125 11.42 -2.50 4.51
N THR A 126 10.36 -3.25 4.59
CA THR A 126 10.07 -4.27 3.62
C THR A 126 9.03 -3.78 2.59
N CYS A 127 8.34 -2.68 2.95
CA CYS A 127 7.28 -2.05 2.16
C CYS A 127 6.03 -2.92 2.11
N THR A 128 5.81 -3.58 3.22
CA THR A 128 4.68 -4.45 3.45
C THR A 128 3.54 -3.64 4.05
N LEU A 129 2.40 -3.63 3.39
CA LEU A 129 1.25 -2.92 3.91
C LEU A 129 0.34 -3.88 4.60
N PHE A 130 -0.05 -3.53 5.79
CA PHE A 130 -0.99 -4.35 6.54
C PHE A 130 -2.41 -3.77 6.48
N PHE A 131 -3.33 -4.51 5.88
CA PHE A 131 -4.74 -4.13 5.81
C PHE A 131 -5.56 -5.11 6.61
N SER A 132 -6.55 -4.60 7.30
CA SER A 132 -7.49 -5.42 7.99
C SER A 132 -8.88 -5.12 7.42
N TRP A 133 -9.59 -6.15 7.06
CA TRP A 133 -10.95 -6.06 6.65
C TRP A 133 -11.64 -7.19 7.39
N HIS A 134 -12.17 -6.86 8.53
CA HIS A 134 -12.76 -7.85 9.36
C HIS A 134 -14.27 -7.87 9.27
N THR A 135 -14.70 -8.75 8.42
CA THR A 135 -16.07 -8.99 8.07
C THR A 135 -16.47 -10.42 8.54
N PRO A 136 -17.78 -10.67 8.83
CA PRO A 136 -18.27 -11.98 9.31
C PRO A 136 -18.20 -13.07 8.25
N LEU A 137 -17.82 -12.71 7.03
CA LEU A 137 -17.65 -13.67 5.95
C LEU A 137 -16.51 -14.62 6.28
N ALA A 138 -15.53 -14.13 7.02
CA ALA A 138 -14.32 -14.89 7.34
C ALA A 138 -14.53 -15.79 8.56
N CYS A 139 -15.77 -16.10 8.84
CA CYS A 139 -16.13 -16.95 9.91
C CYS A 139 -16.90 -18.13 9.33
N GLU A 140 -16.61 -19.31 9.78
CA GLU A 140 -17.33 -20.47 9.32
C GLU A 140 -18.26 -20.98 10.43
N PRO A 141 -19.47 -21.45 10.08
CA PRO A 141 -20.44 -21.94 11.04
C PRO A 141 -19.96 -23.17 11.82
N GLU A 142 -19.67 -22.97 13.08
CA GLU A 142 -19.24 -24.02 13.95
C GLU A 142 -19.72 -23.66 15.35
N ALA B 1 16.82 -3.67 -15.58
CA ALA B 1 15.88 -2.96 -14.73
C ALA B 1 16.43 -1.57 -14.45
N TYR B 2 16.21 -0.68 -15.36
CA TYR B 2 16.72 0.66 -15.26
C TYR B 2 15.68 1.62 -15.78
N ARG B 3 15.63 2.78 -15.19
CA ARG B 3 14.75 3.83 -15.62
C ARG B 3 15.51 5.13 -15.54
N PRO B 4 15.21 6.13 -16.41
CA PRO B 4 15.91 7.42 -16.46
C PRO B 4 16.15 8.02 -15.07
N SER B 5 15.12 8.02 -14.27
CA SER B 5 15.22 8.52 -12.93
C SER B 5 14.86 7.36 -12.02
N GLU B 6 15.88 6.75 -11.43
CA GLU B 6 15.68 5.56 -10.58
C GLU B 6 15.03 5.96 -9.25
N THR B 7 15.24 7.18 -8.87
CA THR B 7 14.62 7.73 -7.70
C THR B 7 13.52 8.70 -8.15
N LEU B 8 12.66 9.09 -7.25
CA LEU B 8 11.56 9.95 -7.59
C LEU B 8 12.01 11.42 -7.55
N CYS B 9 11.63 12.20 -8.53
CA CYS B 9 12.01 13.59 -8.59
C CYS B 9 10.83 14.42 -9.06
N GLY B 10 10.78 15.67 -8.65
CA GLY B 10 9.71 16.55 -9.08
C GLY B 10 8.43 16.30 -8.34
N GLY B 11 7.38 16.03 -9.10
CA GLY B 11 6.06 15.83 -8.54
C GLY B 11 5.98 14.66 -7.60
N GLU B 12 6.72 13.61 -7.91
CA GLU B 12 6.74 12.42 -7.10
C GLU B 12 7.41 12.66 -5.76
N LEU B 13 8.32 13.59 -5.74
CA LEU B 13 9.05 13.89 -4.56
C LEU B 13 8.16 14.59 -3.57
N VAL B 14 7.53 15.63 -4.01
CA VAL B 14 6.60 16.37 -3.17
C VAL B 14 5.39 15.49 -2.79
N ASP B 15 4.97 14.64 -3.71
CA ASP B 15 3.83 13.79 -3.45
C ASP B 15 4.17 12.65 -2.45
N THR B 16 5.40 12.07 -2.49
CA THR B 16 5.77 11.06 -1.49
C THR B 16 5.93 11.73 -0.09
N LEU B 17 6.48 12.96 -0.08
CA LEU B 17 6.46 13.81 1.11
C LEU B 17 5.05 13.89 1.68
N GLN B 18 4.10 14.23 0.83
CA GLN B 18 2.70 14.39 1.20
C GLN B 18 2.05 13.07 1.60
N PHE B 19 2.60 11.97 1.12
CA PHE B 19 2.11 10.68 1.51
C PHE B 19 2.29 10.45 3.01
N VAL B 20 3.51 10.44 3.49
CA VAL B 20 3.67 10.13 4.90
C VAL B 20 3.66 11.40 5.79
N CYS B 21 3.82 12.56 5.21
CA CYS B 21 3.80 13.77 6.02
C CYS B 21 2.46 14.47 5.93
N GLY B 22 1.48 13.81 5.35
CA GLY B 22 0.13 14.37 5.17
C GLY B 22 -0.57 14.92 6.42
N ASP B 23 -0.25 14.39 7.60
CA ASP B 23 -0.88 14.86 8.83
C ASP B 23 -0.38 16.25 9.24
N ARG B 24 0.92 16.44 9.26
CA ARG B 24 1.47 17.73 9.66
C ARG B 24 1.59 18.64 8.44
N GLY B 25 1.96 18.06 7.34
CA GLY B 25 2.22 18.77 6.13
C GLY B 25 3.62 18.43 5.70
N PHE B 26 3.99 18.70 4.50
CA PHE B 26 5.33 18.39 4.07
C PHE B 26 6.21 19.61 4.21
N TYR B 27 7.34 19.46 4.85
CA TYR B 27 8.19 20.59 5.13
C TYR B 27 9.62 20.37 4.72
N PHE B 28 9.84 20.12 3.45
CA PHE B 28 11.21 20.03 2.97
C PHE B 28 11.64 21.40 2.49
N SER B 29 10.67 22.30 2.41
CA SER B 29 10.89 23.64 1.99
C SER B 29 11.34 24.51 3.18
N ARG B 30 12.34 24.03 3.87
CA ARG B 30 12.89 24.72 5.00
C ARG B 30 13.99 25.61 4.50
N PRO B 31 13.82 26.95 4.64
CA PRO B 31 14.71 27.95 4.07
C PRO B 31 16.17 27.79 4.43
N ALA B 32 16.46 27.28 5.61
CA ALA B 32 17.81 27.04 6.04
C ALA B 32 17.85 26.07 7.19
N SER B 33 18.94 25.37 7.27
CA SER B 33 19.27 24.43 8.27
C SER B 33 20.72 24.18 8.00
N ARG B 34 21.30 23.24 8.62
CA ARG B 34 22.68 22.94 8.37
C ARG B 34 22.79 21.68 7.51
N VAL B 35 21.64 21.11 7.20
CA VAL B 35 21.59 19.94 6.35
C VAL B 35 21.09 20.38 5.01
N SER B 36 20.47 21.50 5.01
CA SER B 36 19.98 22.08 3.84
C SER B 36 20.11 23.57 3.96
N ARG B 37 21.26 24.05 3.63
CA ARG B 37 21.47 25.50 3.56
C ARG B 37 20.73 26.13 2.36
N ARG B 38 20.10 25.28 1.57
CA ARG B 38 19.24 25.67 0.46
C ARG B 38 17.83 25.77 1.02
N SER B 39 16.99 26.62 0.40
CA SER B 39 15.63 26.90 0.89
C SER B 39 14.69 25.69 0.76
N ARG B 40 15.20 24.62 0.20
CA ARG B 40 14.54 23.35 0.11
C ARG B 40 15.59 22.28 0.25
N GLY B 41 15.36 21.34 1.13
CA GLY B 41 16.30 20.29 1.32
C GLY B 41 15.83 19.06 0.65
N ILE B 42 16.64 17.99 0.71
CA ILE B 42 16.40 16.63 0.13
C ILE B 42 16.14 16.59 -1.39
N VAL B 43 15.63 17.67 -1.95
CA VAL B 43 15.29 17.79 -3.35
C VAL B 43 16.37 17.32 -4.33
N GLU B 44 17.58 17.72 -4.12
CA GLU B 44 18.64 17.41 -5.04
C GLU B 44 19.22 16.06 -4.65
N GLU B 45 19.14 15.80 -3.37
CA GLU B 45 19.66 14.59 -2.74
C GLU B 45 18.78 13.37 -3.00
N CYS B 46 17.63 13.58 -3.55
CA CYS B 46 16.76 12.49 -3.89
C CYS B 46 16.49 12.47 -5.39
N CYS B 47 16.65 13.61 -6.04
CA CYS B 47 16.40 13.68 -7.48
C CYS B 47 17.52 13.01 -8.28
N PHE B 48 18.77 13.31 -7.95
CA PHE B 48 19.89 12.71 -8.69
C PHE B 48 20.78 11.89 -7.76
N ARG B 49 20.35 11.71 -6.54
CA ARG B 49 21.14 11.01 -5.57
C ARG B 49 20.26 9.94 -4.96
N SER B 50 20.87 8.92 -4.42
CA SER B 50 20.13 7.86 -3.82
C SER B 50 19.67 8.27 -2.42
N CYS B 51 18.39 8.45 -2.30
CA CYS B 51 17.79 8.90 -1.08
C CYS B 51 17.18 7.73 -0.32
N ASP B 52 17.55 7.59 0.92
CA ASP B 52 17.01 6.54 1.75
C ASP B 52 15.97 7.15 2.65
N LEU B 53 14.85 6.44 2.75
CA LEU B 53 13.64 6.79 3.55
C LEU B 53 13.93 7.48 4.86
N ALA B 54 14.99 7.07 5.55
CA ALA B 54 15.35 7.62 6.84
C ALA B 54 15.55 9.12 6.78
N LEU B 55 15.97 9.60 5.63
CA LEU B 55 16.16 11.00 5.38
C LEU B 55 14.82 11.71 5.35
N LEU B 56 13.92 11.26 4.47
CA LEU B 56 12.67 11.93 4.28
C LEU B 56 11.75 11.74 5.46
N GLU B 57 11.91 10.64 6.17
CA GLU B 57 11.10 10.38 7.33
C GLU B 57 11.45 11.30 8.51
N THR B 58 12.74 11.46 8.80
CA THR B 58 13.10 12.35 9.91
C THR B 58 13.00 13.84 9.51
N TYR B 59 13.24 14.15 8.23
CA TYR B 59 13.13 15.52 7.74
C TYR B 59 11.64 15.85 7.74
N CYS B 60 10.90 15.12 6.90
CA CYS B 60 9.42 15.14 6.78
C CYS B 60 8.74 16.49 7.04
N ALA B 61 8.45 16.75 8.28
CA ALA B 61 7.73 17.91 8.68
C ALA B 61 8.27 18.36 10.00
N THR B 62 8.20 19.61 10.25
CA THR B 62 8.71 20.16 11.46
C THR B 62 7.66 20.03 12.55
N PRO B 63 8.07 19.52 13.71
CA PRO B 63 7.15 19.19 14.80
C PRO B 63 6.57 20.37 15.54
N ALA B 64 7.33 21.42 15.66
CA ALA B 64 6.89 22.60 16.37
C ALA B 64 7.52 23.82 15.78
N LYS B 65 7.33 24.00 14.49
CA LYS B 65 7.92 25.10 13.80
C LYS B 65 7.22 25.30 12.46
N SER B 66 6.82 26.50 12.17
CA SER B 66 6.14 26.80 10.93
C SER B 66 6.73 28.07 10.31
N GLU B 67 7.85 28.48 10.86
CA GLU B 67 8.54 29.67 10.41
C GLU B 67 9.63 29.26 9.45
N MET A 1 -0.37 -30.49 -1.84
CA MET A 1 -1.72 -29.95 -1.61
C MET A 1 -2.14 -30.16 -0.17
N LYS A 2 -1.70 -29.29 0.70
CA LYS A 2 -2.07 -29.37 2.08
C LYS A 2 -2.97 -28.21 2.41
N SER A 3 -4.28 -28.43 2.22
CA SER A 3 -5.33 -27.43 2.42
C SER A 3 -5.30 -26.34 1.35
N ASN A 4 -6.43 -25.70 1.15
CA ASN A 4 -6.56 -24.50 0.35
C ASN A 4 -6.33 -24.69 -1.12
N GLU A 5 -7.39 -24.85 -1.84
CA GLU A 5 -7.33 -24.82 -3.28
C GLU A 5 -7.25 -23.38 -3.75
N HIS A 6 -6.97 -23.19 -4.99
CA HIS A 6 -6.86 -21.86 -5.52
C HIS A 6 -7.38 -21.76 -6.93
N ASP A 7 -8.55 -21.20 -7.05
CA ASP A 7 -9.13 -20.98 -8.37
C ASP A 7 -8.83 -19.57 -8.80
N ASP A 8 -9.46 -18.61 -8.14
CA ASP A 8 -9.26 -17.19 -8.44
C ASP A 8 -9.46 -16.32 -7.19
N CYS A 9 -10.66 -16.32 -6.66
CA CYS A 9 -10.99 -15.54 -5.50
C CYS A 9 -11.87 -16.38 -4.57
N GLN A 10 -11.37 -17.54 -4.22
CA GLN A 10 -12.15 -18.48 -3.46
C GLN A 10 -11.23 -19.58 -2.95
N VAL A 11 -11.57 -20.14 -1.80
CA VAL A 11 -10.85 -21.23 -1.18
C VAL A 11 -11.78 -22.11 -0.37
N THR A 12 -11.55 -23.38 -0.39
CA THR A 12 -12.36 -24.29 0.38
C THR A 12 -11.57 -24.79 1.59
N ASN A 13 -12.22 -24.84 2.73
CA ASN A 13 -11.66 -25.40 3.94
C ASN A 13 -11.85 -26.92 3.86
N PRO A 14 -10.76 -27.68 3.70
CA PRO A 14 -10.82 -29.13 3.49
C PRO A 14 -11.32 -29.89 4.71
N SER A 15 -11.34 -29.22 5.85
CA SER A 15 -11.75 -29.83 7.06
C SER A 15 -13.28 -29.99 7.12
N THR A 16 -14.02 -29.06 6.53
CA THR A 16 -15.45 -29.14 6.66
C THR A 16 -16.23 -28.87 5.33
N GLY A 17 -15.50 -28.50 4.28
CA GLY A 17 -16.14 -28.30 2.96
C GLY A 17 -16.73 -26.94 2.77
N HIS A 18 -16.47 -26.07 3.68
CA HIS A 18 -16.95 -24.72 3.57
C HIS A 18 -16.09 -23.99 2.56
N LEU A 19 -16.72 -23.49 1.59
CA LEU A 19 -16.10 -22.83 0.50
C LEU A 19 -16.27 -21.31 0.68
N PHE A 20 -15.17 -20.60 0.84
CA PHE A 20 -15.20 -19.16 0.92
C PHE A 20 -15.09 -18.56 -0.46
N ASP A 21 -16.09 -17.84 -0.85
CA ASP A 21 -16.07 -17.12 -2.10
C ASP A 21 -16.02 -15.65 -1.76
N LEU A 22 -15.06 -14.95 -2.29
CA LEU A 22 -14.86 -13.56 -1.93
C LEU A 22 -15.39 -12.60 -3.03
N SER A 23 -16.28 -13.09 -3.88
CA SER A 23 -16.77 -12.28 -5.03
C SER A 23 -17.60 -11.06 -4.61
N SER A 24 -18.19 -11.11 -3.41
CA SER A 24 -18.97 -9.98 -2.94
C SER A 24 -18.02 -8.85 -2.56
N LEU A 25 -16.83 -9.21 -2.14
CA LEU A 25 -15.83 -8.26 -1.72
C LEU A 25 -15.00 -7.84 -2.93
N SER A 26 -15.06 -8.65 -3.97
CA SER A 26 -14.34 -8.39 -5.19
C SER A 26 -15.02 -7.29 -5.99
N GLY A 27 -14.38 -6.87 -7.02
CA GLY A 27 -14.86 -5.83 -7.86
C GLY A 27 -13.74 -5.22 -8.63
N ARG A 28 -14.03 -4.72 -9.81
CA ARG A 28 -13.03 -4.13 -10.67
C ARG A 28 -12.94 -2.62 -10.40
N ALA A 29 -13.93 -2.09 -9.70
CA ALA A 29 -13.92 -0.67 -9.37
C ALA A 29 -13.02 -0.43 -8.19
N GLY A 30 -13.06 -1.35 -7.25
CA GLY A 30 -12.22 -1.29 -6.11
C GLY A 30 -12.86 -0.53 -4.99
N PHE A 31 -12.13 -0.28 -3.98
CA PHE A 31 -12.61 0.46 -2.83
C PHE A 31 -11.58 1.50 -2.48
N THR A 32 -12.04 2.63 -2.00
CA THR A 32 -11.17 3.72 -1.66
C THR A 32 -10.93 3.82 -0.15
N ALA A 33 -9.69 3.77 0.25
CA ALA A 33 -9.37 3.91 1.65
C ALA A 33 -8.56 5.18 1.84
N ALA A 34 -8.92 5.93 2.87
CA ALA A 34 -8.25 7.17 3.20
C ALA A 34 -6.86 6.92 3.73
N TYR A 35 -5.92 7.68 3.24
CA TYR A 35 -4.56 7.56 3.66
C TYR A 35 -4.01 8.94 3.95
N SER A 36 -3.27 9.48 3.03
CA SER A 36 -2.64 10.75 3.23
C SER A 36 -3.53 11.87 2.69
N LYS A 37 -3.11 13.08 2.79
CA LYS A 37 -3.92 14.20 2.34
C LYS A 37 -3.94 14.31 0.82
N SER A 38 -2.91 13.77 0.20
CA SER A 38 -2.69 13.83 -1.22
C SER A 38 -3.76 13.06 -2.02
N GLY A 39 -4.21 11.96 -1.49
CA GLY A 39 -5.17 11.16 -2.16
C GLY A 39 -5.52 9.93 -1.40
N VAL A 40 -6.20 9.03 -2.06
CA VAL A 40 -6.67 7.81 -1.44
C VAL A 40 -5.96 6.62 -2.05
N VAL A 41 -6.09 5.49 -1.41
CA VAL A 41 -5.50 4.28 -1.92
C VAL A 41 -6.59 3.43 -2.59
N TYR A 42 -6.30 2.99 -3.78
CA TYR A 42 -7.19 2.15 -4.53
C TYR A 42 -6.86 0.73 -4.27
N MET A 43 -7.86 -0.05 -4.05
CA MET A 43 -7.68 -1.44 -3.78
C MET A 43 -8.83 -2.26 -4.33
N SER A 44 -8.50 -3.09 -5.26
CA SER A 44 -9.44 -3.98 -5.89
C SER A 44 -9.21 -5.42 -5.39
N ILE A 45 -10.25 -6.02 -4.86
CA ILE A 45 -10.15 -7.36 -4.34
C ILE A 45 -10.29 -8.38 -5.48
N CYS A 46 -9.24 -9.18 -5.67
CA CYS A 46 -9.22 -10.26 -6.66
C CYS A 46 -9.41 -9.72 -8.07
N GLY A 47 -8.75 -8.63 -8.36
CA GLY A 47 -8.85 -8.03 -9.64
C GLY A 47 -7.98 -6.84 -9.70
N GLU A 48 -7.88 -6.24 -10.86
CA GLU A 48 -7.05 -5.09 -11.05
C GLU A 48 -7.88 -3.83 -11.03
N ASN A 49 -7.28 -2.75 -10.60
CA ASN A 49 -7.94 -1.50 -10.52
C ASN A 49 -7.58 -0.66 -11.75
N GLU A 50 -8.55 0.04 -12.33
CA GLU A 50 -8.36 0.76 -13.59
C GLU A 50 -7.77 2.14 -13.41
N ASN A 51 -7.58 2.53 -12.19
CA ASN A 51 -7.10 3.89 -11.92
C ASN A 51 -5.59 3.90 -11.79
N CYS A 52 -4.99 2.76 -11.96
CA CYS A 52 -3.57 2.62 -11.87
C CYS A 52 -3.13 1.71 -13.05
N PRO A 53 -1.80 1.61 -13.40
CA PRO A 53 -1.28 0.66 -14.41
C PRO A 53 -2.02 -0.70 -14.47
N PRO A 54 -2.13 -1.27 -15.68
CA PRO A 54 -2.84 -2.52 -15.92
C PRO A 54 -2.26 -3.70 -15.11
N GLY A 55 -3.12 -4.38 -14.39
CA GLY A 55 -2.72 -5.55 -13.64
C GLY A 55 -2.35 -5.30 -12.19
N VAL A 56 -2.68 -4.15 -11.66
CA VAL A 56 -2.34 -3.87 -10.29
C VAL A 56 -3.61 -3.85 -9.41
N GLY A 57 -3.49 -4.42 -8.21
CA GLY A 57 -4.63 -4.50 -7.32
C GLY A 57 -4.61 -3.43 -6.23
N ALA A 58 -3.44 -3.04 -5.78
CA ALA A 58 -3.31 -2.03 -4.75
C ALA A 58 -2.43 -0.89 -5.25
N CYS A 59 -2.92 0.33 -5.14
CA CYS A 59 -2.21 1.48 -5.69
C CYS A 59 -2.72 2.77 -5.09
N PHE A 60 -1.86 3.74 -4.87
CA PHE A 60 -2.32 5.06 -4.41
C PHE A 60 -2.72 5.93 -5.62
N GLY A 61 -3.76 6.75 -5.45
CA GLY A 61 -4.34 7.43 -6.58
C GLY A 61 -3.75 8.78 -6.91
N GLN A 62 -2.65 9.16 -6.27
CA GLN A 62 -2.03 10.42 -6.61
C GLN A 62 -1.22 10.29 -7.87
N THR A 63 -0.17 9.53 -7.77
CA THR A 63 0.76 9.36 -8.86
C THR A 63 0.75 7.94 -9.47
N ARG A 64 -0.20 7.12 -9.03
CA ARG A 64 -0.33 5.72 -9.49
C ARG A 64 0.88 4.87 -9.08
N ILE A 65 1.30 5.01 -7.83
CA ILE A 65 2.36 4.19 -7.28
C ILE A 65 1.74 2.88 -6.81
N SER A 66 2.08 1.82 -7.50
CA SER A 66 1.50 0.52 -7.24
C SER A 66 2.14 -0.17 -6.02
N VAL A 67 1.35 -0.73 -5.15
CA VAL A 67 1.90 -1.36 -3.96
C VAL A 67 1.60 -2.86 -3.90
N GLY A 68 1.07 -3.39 -4.97
CA GLY A 68 0.83 -4.79 -5.04
C GLY A 68 0.11 -5.17 -6.30
N LYS A 69 0.69 -6.08 -7.06
CA LYS A 69 0.13 -6.52 -8.33
C LYS A 69 -1.14 -7.34 -8.06
N ALA A 70 -2.06 -7.36 -9.01
CA ALA A 70 -3.33 -8.05 -8.85
C ALA A 70 -3.13 -9.55 -8.95
N ASN A 71 -2.86 -10.13 -7.82
CA ASN A 71 -2.63 -11.55 -7.71
C ASN A 71 -3.90 -12.25 -7.27
N LYS A 72 -3.97 -13.54 -7.51
CA LYS A 72 -5.13 -14.32 -7.16
C LYS A 72 -4.69 -15.40 -6.21
N ARG A 73 -3.92 -15.00 -5.27
CA ARG A 73 -3.31 -15.90 -4.37
C ARG A 73 -4.05 -15.83 -3.04
N LEU A 74 -5.20 -16.46 -3.05
CA LEU A 74 -6.06 -16.51 -1.87
C LEU A 74 -5.54 -17.63 -0.97
N ARG A 75 -5.26 -17.31 0.24
CA ARG A 75 -4.82 -18.29 1.21
C ARG A 75 -5.75 -18.30 2.42
N TYR A 76 -5.99 -19.46 2.98
CA TYR A 76 -6.82 -19.56 4.17
C TYR A 76 -5.97 -20.02 5.33
N VAL A 77 -5.71 -19.12 6.23
CA VAL A 77 -4.86 -19.42 7.36
C VAL A 77 -5.60 -19.17 8.67
N ASP A 78 -6.26 -20.22 9.15
CA ASP A 78 -7.02 -20.20 10.44
C ASP A 78 -8.01 -19.06 10.49
N GLN A 79 -9.09 -19.21 9.72
CA GLN A 79 -10.25 -18.29 9.63
C GLN A 79 -9.81 -16.88 9.25
N VAL A 80 -8.70 -16.84 8.56
CA VAL A 80 -8.14 -15.67 8.01
C VAL A 80 -7.95 -15.89 6.52
N LEU A 81 -8.58 -15.05 5.75
CA LEU A 81 -8.49 -15.11 4.31
C LEU A 81 -7.41 -14.14 3.90
N GLN A 82 -6.40 -14.66 3.30
CA GLN A 82 -5.24 -13.87 2.93
C GLN A 82 -5.19 -13.64 1.45
N LEU A 83 -5.06 -12.41 1.10
CA LEU A 83 -4.80 -11.99 -0.25
C LEU A 83 -3.51 -11.20 -0.25
N VAL A 84 -2.45 -11.83 -0.65
CA VAL A 84 -1.18 -11.19 -0.65
C VAL A 84 -0.87 -10.63 -2.06
N TYR A 85 -0.59 -9.36 -2.11
CA TYR A 85 -0.30 -8.67 -3.35
C TYR A 85 1.12 -8.19 -3.30
N LYS A 86 1.98 -8.84 -4.00
CA LYS A 86 3.37 -8.47 -4.01
C LYS A 86 3.77 -8.01 -5.38
N ASP A 87 5.04 -7.66 -5.53
CA ASP A 87 5.62 -7.23 -6.80
C ASP A 87 4.99 -5.93 -7.25
N GLY A 88 4.83 -5.03 -6.30
CA GLY A 88 4.36 -3.70 -6.58
C GLY A 88 5.46 -2.85 -7.19
N SER A 89 5.49 -1.60 -6.90
CA SER A 89 6.51 -0.77 -7.43
C SER A 89 7.69 -0.78 -6.48
N PRO A 90 8.91 -0.67 -7.02
CA PRO A 90 10.12 -0.58 -6.22
C PRO A 90 10.01 0.62 -5.31
N CYS A 91 10.09 0.35 -4.05
CA CYS A 91 9.81 1.29 -3.01
C CYS A 91 10.92 2.35 -2.88
N PRO A 92 10.51 3.64 -2.80
CA PRO A 92 11.43 4.74 -2.49
C PRO A 92 11.81 4.69 -1.01
N SER A 93 12.74 3.81 -0.75
CA SER A 93 13.29 3.50 0.56
C SER A 93 14.67 2.80 0.40
N LYS A 94 14.67 1.59 -0.14
CA LYS A 94 15.84 0.86 -0.36
C LYS A 94 15.66 0.17 -1.72
N SER A 95 16.45 0.60 -2.68
CA SER A 95 16.40 0.12 -4.02
C SER A 95 16.41 -1.42 -4.12
N GLY A 96 15.53 -1.94 -4.91
CA GLY A 96 15.46 -3.36 -5.12
C GLY A 96 14.27 -4.03 -4.45
N LEU A 97 13.70 -3.42 -3.44
CA LEU A 97 12.55 -3.99 -2.81
C LEU A 97 11.27 -3.29 -3.24
N SER A 98 10.21 -4.04 -3.32
CA SER A 98 8.94 -3.55 -3.81
C SER A 98 7.91 -3.53 -2.67
N TYR A 99 6.89 -2.67 -2.83
CA TYR A 99 5.76 -2.63 -1.91
C TYR A 99 4.97 -3.94 -1.97
N LYS A 100 4.17 -4.18 -0.95
CA LYS A 100 3.38 -5.41 -0.85
C LYS A 100 2.24 -5.26 0.12
N SER A 101 1.08 -5.62 -0.32
CA SER A 101 -0.12 -5.50 0.44
C SER A 101 -0.54 -6.87 0.95
N VAL A 102 -0.69 -7.00 2.25
CA VAL A 102 -1.18 -8.21 2.84
C VAL A 102 -2.59 -7.95 3.32
N ILE A 103 -3.54 -8.40 2.55
CA ILE A 103 -4.93 -8.21 2.86
C ILE A 103 -5.38 -9.40 3.69
N SER A 104 -5.68 -9.13 4.91
CA SER A 104 -6.09 -10.14 5.83
C SER A 104 -7.54 -9.95 6.26
N PHE A 105 -8.37 -10.88 5.81
CA PHE A 105 -9.76 -10.89 6.18
C PHE A 105 -9.90 -11.58 7.53
N VAL A 106 -10.35 -10.84 8.51
CA VAL A 106 -10.43 -11.31 9.88
C VAL A 106 -11.89 -11.50 10.31
N CYS A 107 -12.15 -12.61 10.97
CA CYS A 107 -13.47 -12.98 11.42
C CYS A 107 -13.91 -12.14 12.59
N ARG A 108 -14.70 -11.13 12.30
CA ARG A 108 -15.28 -10.30 13.31
C ARG A 108 -16.74 -10.01 12.96
N PRO A 109 -17.70 -10.73 13.57
CA PRO A 109 -19.16 -10.51 13.32
C PRO A 109 -19.69 -9.26 14.03
N GLU A 110 -18.90 -8.25 14.00
CA GLU A 110 -19.20 -6.98 14.59
C GLU A 110 -19.41 -5.98 13.47
N ALA A 111 -20.09 -6.46 12.44
CA ALA A 111 -20.35 -5.77 11.19
C ALA A 111 -20.73 -4.30 11.37
N GLY A 112 -19.88 -3.44 10.86
CA GLY A 112 -20.07 -2.05 10.93
C GLY A 112 -18.85 -1.38 10.39
N PRO A 113 -18.25 -0.47 11.13
CA PRO A 113 -17.04 0.24 10.68
C PRO A 113 -15.77 -0.62 10.81
N THR A 114 -15.97 -1.86 11.14
CA THR A 114 -14.95 -2.84 11.26
C THR A 114 -14.82 -3.54 9.91
N ASN A 115 -15.91 -3.54 9.18
CA ASN A 115 -16.04 -4.21 7.91
C ASN A 115 -15.56 -3.27 6.81
N ARG A 116 -14.34 -2.83 6.97
CA ARG A 116 -13.69 -1.94 6.05
C ARG A 116 -12.18 -2.07 6.23
N PRO A 117 -11.45 -2.06 5.11
CA PRO A 117 -10.00 -2.22 5.13
C PRO A 117 -9.29 -1.03 5.77
N MET A 118 -8.72 -1.24 6.92
CA MET A 118 -8.01 -0.20 7.60
C MET A 118 -6.53 -0.49 7.62
N LEU A 119 -5.73 0.56 7.49
CA LEU A 119 -4.29 0.45 7.40
C LEU A 119 -3.72 0.33 8.80
N ILE A 120 -3.16 -0.82 9.10
CA ILE A 120 -2.62 -1.08 10.42
C ILE A 120 -1.26 -0.48 10.54
N SER A 121 -0.42 -0.80 9.60
CA SER A 121 0.94 -0.38 9.62
C SER A 121 1.52 -0.45 8.22
N LEU A 122 2.39 0.47 7.92
CA LEU A 122 3.16 0.45 6.73
C LEU A 122 4.59 0.66 7.11
N ASP A 123 5.30 -0.43 7.26
CA ASP A 123 6.73 -0.35 7.54
C ASP A 123 7.40 0.20 6.32
N LYS A 124 8.09 1.30 6.43
CA LYS A 124 8.59 1.96 5.25
C LYS A 124 9.97 1.43 4.88
N GLN A 125 10.48 0.51 5.65
CA GLN A 125 11.76 -0.04 5.35
C GLN A 125 11.60 -1.34 4.55
N THR A 126 10.64 -2.14 4.95
CA THR A 126 10.32 -3.35 4.22
C THR A 126 9.25 -3.07 3.15
N CYS A 127 8.51 -1.96 3.36
CA CYS A 127 7.48 -1.46 2.45
C CYS A 127 6.33 -2.44 2.33
N THR A 128 6.02 -3.08 3.44
CA THR A 128 4.94 -4.02 3.52
C THR A 128 3.74 -3.32 4.16
N LEU A 129 2.59 -3.43 3.55
CA LEU A 129 1.40 -2.74 4.02
C LEU A 129 0.44 -3.76 4.59
N PHE A 130 -0.03 -3.50 5.78
CA PHE A 130 -0.94 -4.41 6.43
C PHE A 130 -2.35 -3.86 6.44
N PHE A 131 -3.24 -4.60 5.87
CA PHE A 131 -4.64 -4.21 5.78
C PHE A 131 -5.48 -5.25 6.50
N SER A 132 -6.30 -4.80 7.39
CA SER A 132 -7.21 -5.64 8.13
C SER A 132 -8.63 -5.28 7.73
N TRP A 133 -9.50 -6.26 7.66
CA TRP A 133 -10.85 -6.08 7.26
C TRP A 133 -11.62 -7.01 8.17
N HIS A 134 -12.33 -6.47 9.09
CA HIS A 134 -13.01 -7.27 10.08
C HIS A 134 -14.43 -7.55 9.64
N THR A 135 -14.66 -8.75 9.18
CA THR A 135 -15.94 -9.11 8.62
C THR A 135 -16.28 -10.59 9.01
N PRO A 136 -17.59 -10.91 9.25
CA PRO A 136 -18.01 -12.28 9.64
C PRO A 136 -17.93 -13.28 8.49
N LEU A 137 -17.79 -12.77 7.27
CA LEU A 137 -17.71 -13.59 6.05
C LEU A 137 -16.44 -14.45 6.06
N ALA A 138 -15.49 -14.05 6.89
CA ALA A 138 -14.21 -14.74 7.02
C ALA A 138 -14.31 -16.00 7.89
N CYS A 139 -15.46 -16.22 8.50
CA CYS A 139 -15.64 -17.41 9.31
C CYS A 139 -16.59 -18.39 8.66
N GLU A 140 -16.44 -19.62 9.04
CA GLU A 140 -17.38 -20.64 8.69
C GLU A 140 -18.14 -21.01 9.95
N PRO A 141 -19.44 -21.30 9.84
CA PRO A 141 -20.29 -21.65 10.99
C PRO A 141 -19.78 -22.89 11.71
N GLU A 142 -19.31 -22.71 12.91
CA GLU A 142 -18.81 -23.80 13.69
C GLU A 142 -19.95 -24.32 14.55
N ALA B 1 21.97 8.54 -22.85
CA ALA B 1 21.43 8.75 -21.51
C ALA B 1 20.03 8.16 -21.44
N TYR B 2 19.94 6.93 -21.04
CA TYR B 2 18.67 6.24 -20.95
C TYR B 2 18.20 6.28 -19.51
N ARG B 3 16.95 6.61 -19.31
CA ARG B 3 16.39 6.63 -17.98
C ARG B 3 15.46 5.45 -17.78
N PRO B 4 15.67 4.65 -16.70
CA PRO B 4 14.78 3.53 -16.38
C PRO B 4 13.37 3.98 -15.99
N SER B 5 13.26 5.29 -15.70
CA SER B 5 12.02 5.96 -15.35
C SER B 5 11.38 5.35 -14.11
N GLU B 6 12.21 4.81 -13.22
CA GLU B 6 11.73 4.16 -12.01
C GLU B 6 11.31 5.22 -11.02
N THR B 7 12.04 6.28 -11.01
CA THR B 7 11.75 7.42 -10.23
C THR B 7 11.56 8.59 -11.19
N LEU B 8 10.40 9.22 -11.17
CA LEU B 8 10.18 10.29 -12.09
C LEU B 8 10.52 11.61 -11.44
N CYS B 9 11.03 12.52 -12.20
CA CYS B 9 11.61 13.72 -11.68
C CYS B 9 10.59 14.84 -11.62
N GLY B 10 9.52 14.59 -10.93
CA GLY B 10 8.48 15.59 -10.82
C GLY B 10 7.41 15.22 -9.83
N GLY B 11 6.23 14.87 -10.36
CA GLY B 11 5.07 14.57 -9.54
C GLY B 11 5.31 13.41 -8.58
N GLU B 12 6.01 12.42 -9.05
CA GLU B 12 6.35 11.24 -8.30
C GLU B 12 7.27 11.60 -7.17
N LEU B 13 8.20 12.49 -7.46
CA LEU B 13 9.18 12.93 -6.49
C LEU B 13 8.45 13.67 -5.37
N VAL B 14 7.62 14.65 -5.74
CA VAL B 14 6.87 15.42 -4.76
C VAL B 14 5.87 14.53 -3.98
N ASP B 15 5.25 13.56 -4.65
CA ASP B 15 4.34 12.64 -3.96
C ASP B 15 5.10 11.72 -2.99
N THR B 16 6.35 11.33 -3.31
CA THR B 16 7.20 10.55 -2.39
C THR B 16 7.41 11.35 -1.07
N LEU B 17 7.79 12.63 -1.23
CA LEU B 17 7.91 13.58 -0.13
C LEU B 17 6.64 13.60 0.70
N GLN B 18 5.51 13.71 0.03
CA GLN B 18 4.21 13.81 0.67
C GLN B 18 3.70 12.45 1.16
N PHE B 19 4.30 11.40 0.70
CA PHE B 19 3.91 10.08 1.09
C PHE B 19 4.20 9.86 2.57
N VAL B 20 5.42 10.20 3.01
CA VAL B 20 5.68 10.08 4.46
C VAL B 20 5.40 11.38 5.19
N CYS B 21 5.57 12.48 4.52
CA CYS B 21 5.37 13.78 5.13
C CYS B 21 3.99 14.34 4.85
N GLY B 22 3.02 13.49 4.59
CA GLY B 22 1.64 13.95 4.33
C GLY B 22 1.10 14.83 5.44
N ASP B 23 1.07 14.29 6.62
CA ASP B 23 0.60 15.01 7.82
C ASP B 23 1.71 15.92 8.39
N ARG B 24 2.87 15.84 7.79
CA ARG B 24 4.04 16.54 8.30
C ARG B 24 4.29 17.86 7.56
N GLY B 25 4.41 17.77 6.27
CA GLY B 25 4.78 18.90 5.46
C GLY B 25 6.03 18.55 4.70
N PHE B 26 6.15 19.02 3.49
CA PHE B 26 7.28 18.68 2.65
C PHE B 26 7.87 19.94 2.00
N TYR B 27 9.17 19.94 1.82
CA TYR B 27 9.85 21.05 1.18
C TYR B 27 11.25 20.64 0.66
N PHE B 28 11.33 20.19 -0.59
CA PHE B 28 12.64 19.79 -1.14
C PHE B 28 13.20 20.86 -2.07
N SER B 29 12.47 21.94 -2.19
CA SER B 29 12.85 23.06 -3.02
C SER B 29 12.29 24.35 -2.43
N ARG B 30 13.05 24.95 -1.55
CA ARG B 30 12.64 26.15 -0.86
C ARG B 30 13.32 27.31 -1.55
N PRO B 31 12.80 28.53 -1.53
CA PRO B 31 13.39 29.64 -2.28
C PRO B 31 14.84 29.89 -1.87
N ALA B 32 15.07 30.05 -0.59
CA ALA B 32 16.35 30.33 0.00
C ALA B 32 16.17 30.33 1.48
N SER B 33 17.25 30.31 2.20
CA SER B 33 17.28 30.33 3.59
C SER B 33 18.61 31.00 3.87
N ARG B 34 18.80 31.58 5.00
CA ARG B 34 19.97 32.42 5.22
C ARG B 34 21.14 31.65 5.82
N VAL B 35 20.92 30.41 6.11
CA VAL B 35 21.96 29.54 6.64
C VAL B 35 22.21 28.45 5.64
N SER B 36 21.20 28.14 4.93
CA SER B 36 21.25 27.14 3.92
C SER B 36 20.58 27.68 2.69
N ARG B 37 21.29 28.56 2.01
CA ARG B 37 20.75 29.21 0.80
C ARG B 37 20.49 28.26 -0.34
N ARG B 38 21.04 27.05 -0.28
CA ARG B 38 20.80 26.06 -1.28
C ARG B 38 19.72 25.15 -0.73
N SER B 39 18.57 25.71 -0.66
CA SER B 39 17.41 25.09 -0.07
C SER B 39 16.69 24.10 -1.01
N ARG B 40 17.40 23.53 -1.95
CA ARG B 40 16.82 22.54 -2.81
C ARG B 40 17.79 21.42 -3.05
N GLY B 41 17.27 20.24 -3.10
CA GLY B 41 18.06 19.08 -3.28
C GLY B 41 17.19 17.93 -3.62
N ILE B 42 17.79 16.76 -3.74
CA ILE B 42 17.19 15.43 -4.04
C ILE B 42 16.55 15.34 -5.44
N VAL B 43 16.18 16.48 -5.98
CA VAL B 43 15.62 16.60 -7.30
C VAL B 43 16.45 15.91 -8.39
N GLU B 44 17.73 16.09 -8.36
CA GLU B 44 18.59 15.57 -9.40
C GLU B 44 19.12 14.22 -8.96
N GLU B 45 19.43 14.16 -7.69
CA GLU B 45 19.93 12.99 -7.02
C GLU B 45 18.99 11.79 -7.20
N CYS B 46 17.70 12.02 -7.05
CA CYS B 46 16.74 10.94 -7.19
C CYS B 46 16.17 10.90 -8.62
N CYS B 47 16.58 11.85 -9.45
CA CYS B 47 16.15 11.86 -10.84
C CYS B 47 16.95 10.83 -11.64
N PHE B 48 18.26 10.96 -11.61
CA PHE B 48 19.13 10.10 -12.39
C PHE B 48 19.58 8.86 -11.61
N ARG B 49 19.33 8.85 -10.33
CA ARG B 49 19.73 7.75 -9.46
C ARG B 49 18.52 7.35 -8.64
N SER B 50 18.72 6.49 -7.69
CA SER B 50 17.69 6.06 -6.81
C SER B 50 18.01 6.65 -5.45
N CYS B 51 17.04 7.29 -4.84
CA CYS B 51 17.26 7.97 -3.60
C CYS B 51 16.87 7.10 -2.45
N ASP B 52 17.74 7.01 -1.47
CA ASP B 52 17.49 6.22 -0.31
C ASP B 52 16.48 6.88 0.58
N LEU B 53 15.78 6.11 1.37
CA LEU B 53 14.78 6.63 2.28
C LEU B 53 15.37 7.67 3.20
N ALA B 54 16.56 7.35 3.70
CA ALA B 54 17.30 8.16 4.67
C ALA B 54 17.46 9.59 4.21
N LEU B 55 17.65 9.76 2.93
CA LEU B 55 17.83 11.05 2.35
C LEU B 55 16.54 11.84 2.39
N LEU B 56 15.50 11.31 1.79
CA LEU B 56 14.27 12.03 1.66
C LEU B 56 13.59 12.22 2.99
N GLU B 57 13.74 11.23 3.86
CA GLU B 57 13.14 11.25 5.18
C GLU B 57 13.53 12.52 5.97
N THR B 58 14.81 12.69 6.19
CA THR B 58 15.26 13.81 7.00
C THR B 58 15.31 15.12 6.19
N TYR B 59 15.48 15.04 4.86
CA TYR B 59 15.55 16.23 4.06
C TYR B 59 14.17 16.86 3.98
N CYS B 60 13.17 15.99 3.84
CA CYS B 60 11.74 16.36 3.75
C CYS B 60 11.36 17.35 4.83
N ALA B 61 11.36 16.87 6.05
CA ALA B 61 11.00 17.60 7.24
C ALA B 61 11.06 16.61 8.35
N THR B 62 10.91 17.06 9.54
CA THR B 62 10.97 16.25 10.71
C THR B 62 9.58 16.10 11.28
N PRO B 63 9.31 15.02 12.03
CA PRO B 63 8.02 14.81 12.70
C PRO B 63 7.65 16.01 13.57
N ALA B 64 8.68 16.65 14.10
CA ALA B 64 8.56 17.88 14.86
C ALA B 64 9.07 19.02 14.00
N LYS B 65 8.33 19.29 12.93
CA LYS B 65 8.62 20.31 11.92
C LYS B 65 8.91 21.68 12.54
N SER B 66 8.24 21.98 13.60
CA SER B 66 8.48 23.20 14.31
C SER B 66 8.92 22.85 15.73
N GLU B 67 7.98 22.36 16.49
CA GLU B 67 8.16 21.96 17.86
C GLU B 67 7.35 20.71 18.05
N MET A 1 -10.05 -32.49 7.93
CA MET A 1 -8.85 -31.90 7.35
C MET A 1 -8.62 -32.51 5.97
N LYS A 2 -8.81 -31.70 4.95
CA LYS A 2 -8.76 -32.14 3.58
C LYS A 2 -8.51 -30.93 2.68
N SER A 3 -7.28 -30.45 2.73
CA SER A 3 -6.78 -29.34 1.91
C SER A 3 -7.37 -27.96 2.32
N ASN A 4 -6.55 -26.93 2.19
CA ASN A 4 -7.00 -25.56 2.42
C ASN A 4 -7.45 -24.92 1.10
N GLU A 5 -7.40 -25.75 0.04
CA GLU A 5 -7.80 -25.42 -1.36
C GLU A 5 -7.03 -24.28 -2.02
N HIS A 6 -7.11 -24.25 -3.33
CA HIS A 6 -6.52 -23.20 -4.10
C HIS A 6 -7.31 -22.95 -5.37
N ASP A 7 -8.30 -22.16 -5.23
CA ASP A 7 -9.15 -21.76 -6.33
C ASP A 7 -8.75 -20.32 -6.64
N ASP A 8 -9.63 -19.53 -7.18
CA ASP A 8 -9.31 -18.16 -7.48
C ASP A 8 -9.32 -17.36 -6.20
N CYS A 9 -10.50 -17.14 -5.66
CA CYS A 9 -10.65 -16.41 -4.43
C CYS A 9 -11.68 -17.06 -3.53
N GLN A 10 -11.65 -18.38 -3.46
CA GLN A 10 -12.56 -19.07 -2.61
C GLN A 10 -11.92 -20.35 -2.10
N VAL A 11 -12.09 -20.62 -0.83
CA VAL A 11 -11.58 -21.79 -0.21
C VAL A 11 -12.58 -22.35 0.77
N THR A 12 -12.68 -23.64 0.81
CA THR A 12 -13.57 -24.31 1.70
C THR A 12 -12.80 -24.82 2.89
N ASN A 13 -13.31 -24.55 4.07
CA ASN A 13 -12.71 -25.05 5.26
C ASN A 13 -13.20 -26.46 5.51
N PRO A 14 -12.30 -27.43 5.53
CA PRO A 14 -12.65 -28.86 5.72
C PRO A 14 -13.20 -29.18 7.11
N SER A 15 -12.99 -28.29 8.06
CA SER A 15 -13.45 -28.52 9.40
C SER A 15 -14.96 -28.27 9.54
N THR A 16 -15.44 -27.16 9.01
CA THR A 16 -16.84 -26.86 9.16
C THR A 16 -17.60 -27.00 7.83
N GLY A 17 -16.84 -27.08 6.74
CA GLY A 17 -17.43 -27.25 5.45
C GLY A 17 -17.96 -25.95 4.91
N HIS A 18 -17.31 -24.87 5.28
CA HIS A 18 -17.77 -23.57 4.84
C HIS A 18 -16.96 -23.16 3.65
N LEU A 19 -17.64 -22.93 2.58
CA LEU A 19 -17.06 -22.44 1.36
C LEU A 19 -17.03 -20.92 1.46
N PHE A 20 -15.86 -20.34 1.53
CA PHE A 20 -15.76 -18.91 1.57
C PHE A 20 -15.40 -18.40 0.20
N ASP A 21 -16.26 -17.59 -0.36
CA ASP A 21 -16.00 -16.98 -1.66
C ASP A 21 -15.82 -15.52 -1.47
N LEU A 22 -14.66 -15.05 -1.81
CA LEU A 22 -14.37 -13.69 -1.61
C LEU A 22 -14.35 -12.96 -2.92
N SER A 23 -14.72 -13.67 -3.97
CA SER A 23 -14.80 -13.12 -5.33
C SER A 23 -16.01 -12.19 -5.41
N SER A 24 -16.86 -12.25 -4.39
CA SER A 24 -17.99 -11.39 -4.27
C SER A 24 -17.54 -9.97 -3.85
N LEU A 25 -16.36 -9.88 -3.23
CA LEU A 25 -15.81 -8.58 -2.79
C LEU A 25 -15.01 -7.94 -3.93
N SER A 26 -14.87 -8.67 -4.98
CA SER A 26 -14.12 -8.23 -6.13
C SER A 26 -14.83 -7.10 -6.88
N GLY A 27 -14.11 -6.44 -7.77
CA GLY A 27 -14.64 -5.35 -8.53
C GLY A 27 -13.55 -4.70 -9.34
N ARG A 28 -13.94 -3.91 -10.32
CA ARG A 28 -12.99 -3.21 -11.17
C ARG A 28 -12.70 -1.82 -10.59
N ALA A 29 -13.71 -1.21 -9.98
CA ALA A 29 -13.57 0.12 -9.40
C ALA A 29 -12.93 0.04 -8.03
N GLY A 30 -13.19 -1.05 -7.34
CA GLY A 30 -12.51 -1.36 -6.13
C GLY A 30 -13.13 -0.71 -4.93
N PHE A 31 -12.28 -0.35 -4.02
CA PHE A 31 -12.63 0.24 -2.76
C PHE A 31 -11.65 1.37 -2.51
N THR A 32 -12.06 2.35 -1.77
CA THR A 32 -11.23 3.46 -1.44
C THR A 32 -10.95 3.50 0.06
N ALA A 33 -9.74 3.76 0.41
CA ALA A 33 -9.37 3.93 1.79
C ALA A 33 -8.54 5.17 1.90
N ALA A 34 -8.81 5.95 2.91
CA ALA A 34 -8.12 7.20 3.09
C ALA A 34 -6.82 7.00 3.83
N TYR A 35 -5.77 7.53 3.27
CA TYR A 35 -4.46 7.43 3.83
C TYR A 35 -3.97 8.85 4.11
N SER A 36 -3.13 9.35 3.23
CA SER A 36 -2.58 10.65 3.30
C SER A 36 -3.67 11.69 2.98
N LYS A 37 -3.44 12.93 3.36
CA LYS A 37 -4.42 14.01 3.18
C LYS A 37 -4.55 14.46 1.73
N SER A 38 -3.80 13.87 0.85
CA SER A 38 -3.89 14.14 -0.55
C SER A 38 -3.77 12.82 -1.32
N GLY A 39 -4.34 11.75 -0.79
CA GLY A 39 -4.23 10.49 -1.45
C GLY A 39 -5.07 9.40 -0.84
N VAL A 40 -5.87 8.77 -1.68
CA VAL A 40 -6.65 7.64 -1.29
C VAL A 40 -6.04 6.44 -1.95
N VAL A 41 -6.17 5.30 -1.34
CA VAL A 41 -5.64 4.12 -1.92
C VAL A 41 -6.74 3.37 -2.65
N TYR A 42 -6.45 2.99 -3.86
CA TYR A 42 -7.34 2.23 -4.67
C TYR A 42 -6.98 0.78 -4.51
N MET A 43 -7.98 -0.01 -4.27
CA MET A 43 -7.75 -1.42 -4.06
C MET A 43 -8.89 -2.23 -4.61
N SER A 44 -8.57 -3.17 -5.42
CA SER A 44 -9.55 -4.06 -5.99
C SER A 44 -9.28 -5.49 -5.56
N ILE A 45 -10.29 -6.15 -5.04
CA ILE A 45 -10.15 -7.51 -4.58
C ILE A 45 -10.16 -8.45 -5.79
N CYS A 46 -9.13 -9.29 -5.90
CA CYS A 46 -9.03 -10.32 -6.94
C CYS A 46 -9.06 -9.72 -8.33
N GLY A 47 -8.42 -8.61 -8.49
CA GLY A 47 -8.43 -7.96 -9.75
C GLY A 47 -7.64 -6.72 -9.71
N GLU A 48 -7.55 -6.05 -10.81
CA GLU A 48 -6.82 -4.82 -10.91
C GLU A 48 -7.78 -3.65 -10.77
N ASN A 49 -7.26 -2.50 -10.45
CA ASN A 49 -8.09 -1.35 -10.25
C ASN A 49 -7.99 -0.43 -11.45
N GLU A 50 -9.14 -0.01 -11.99
CA GLU A 50 -9.17 0.79 -13.23
C GLU A 50 -8.71 2.24 -13.03
N ASN A 51 -8.31 2.60 -11.84
CA ASN A 51 -7.85 3.96 -11.59
C ASN A 51 -6.35 4.02 -11.55
N CYS A 52 -5.74 2.89 -11.77
CA CYS A 52 -4.31 2.79 -11.73
C CYS A 52 -3.75 1.94 -12.87
N PRO A 53 -2.38 1.84 -13.02
CA PRO A 53 -1.72 0.97 -14.03
C PRO A 53 -2.41 -0.40 -14.25
N PRO A 54 -2.43 -0.86 -15.50
CA PRO A 54 -2.98 -2.15 -15.85
C PRO A 54 -2.21 -3.28 -15.14
N GLY A 55 -2.94 -4.13 -14.45
CA GLY A 55 -2.34 -5.25 -13.77
C GLY A 55 -2.14 -5.05 -12.27
N VAL A 56 -2.33 -3.85 -11.79
CA VAL A 56 -2.08 -3.60 -10.38
C VAL A 56 -3.40 -3.61 -9.58
N GLY A 57 -3.37 -4.29 -8.44
CA GLY A 57 -4.55 -4.42 -7.61
C GLY A 57 -4.61 -3.39 -6.50
N ALA A 58 -3.46 -2.98 -6.02
CA ALA A 58 -3.36 -1.98 -4.98
C ALA A 58 -2.48 -0.83 -5.45
N CYS A 59 -3.00 0.37 -5.38
CA CYS A 59 -2.30 1.54 -5.86
C CYS A 59 -2.87 2.80 -5.23
N PHE A 60 -2.04 3.75 -4.88
CA PHE A 60 -2.52 5.02 -4.34
C PHE A 60 -2.83 5.97 -5.50
N GLY A 61 -3.92 6.72 -5.38
CA GLY A 61 -4.35 7.59 -6.47
C GLY A 61 -3.67 8.93 -6.43
N GLN A 62 -2.48 8.96 -5.91
CA GLN A 62 -1.70 10.15 -5.85
C GLN A 62 -0.98 10.39 -7.18
N THR A 63 0.03 9.57 -7.49
CA THR A 63 0.71 9.69 -8.76
C THR A 63 0.83 8.31 -9.46
N ARG A 64 -0.18 7.45 -9.23
CA ARG A 64 -0.28 6.09 -9.81
C ARG A 64 0.88 5.19 -9.32
N ILE A 65 1.08 5.17 -8.02
CA ILE A 65 2.17 4.39 -7.44
C ILE A 65 1.66 2.99 -7.12
N SER A 66 2.28 2.02 -7.72
CA SER A 66 1.90 0.62 -7.58
C SER A 66 2.36 0.07 -6.22
N VAL A 67 1.44 -0.54 -5.50
CA VAL A 67 1.71 -1.11 -4.21
C VAL A 67 1.61 -2.65 -4.23
N GLY A 68 0.99 -3.18 -5.25
CA GLY A 68 0.87 -4.62 -5.32
C GLY A 68 0.12 -5.07 -6.54
N LYS A 69 0.73 -5.93 -7.33
CA LYS A 69 0.14 -6.48 -8.53
C LYS A 69 -1.10 -7.28 -8.16
N ALA A 70 -2.09 -7.26 -9.05
CA ALA A 70 -3.30 -8.03 -8.88
C ALA A 70 -2.94 -9.50 -8.80
N ASN A 71 -3.27 -10.12 -7.71
CA ASN A 71 -2.89 -11.48 -7.44
C ASN A 71 -4.13 -12.20 -6.95
N LYS A 72 -4.23 -13.46 -7.26
CA LYS A 72 -5.43 -14.25 -6.94
C LYS A 72 -5.00 -15.54 -6.31
N ARG A 73 -4.29 -15.41 -5.23
CA ARG A 73 -3.75 -16.52 -4.55
C ARG A 73 -4.35 -16.56 -3.15
N LEU A 74 -5.59 -17.00 -3.11
CA LEU A 74 -6.37 -17.08 -1.87
C LEU A 74 -5.74 -18.08 -0.90
N ARG A 75 -5.46 -17.63 0.29
CA ARG A 75 -4.89 -18.48 1.32
C ARG A 75 -5.77 -18.46 2.57
N TYR A 76 -5.97 -19.62 3.18
CA TYR A 76 -6.69 -19.73 4.42
C TYR A 76 -5.68 -20.13 5.49
N VAL A 77 -5.35 -19.20 6.33
CA VAL A 77 -4.34 -19.40 7.36
C VAL A 77 -4.91 -19.19 8.78
N ASP A 78 -5.43 -20.28 9.37
CA ASP A 78 -5.99 -20.28 10.76
C ASP A 78 -7.13 -19.26 10.87
N GLN A 79 -8.12 -19.49 10.00
CA GLN A 79 -9.40 -18.73 9.85
C GLN A 79 -9.17 -17.39 9.20
N VAL A 80 -7.95 -17.07 9.01
CA VAL A 80 -7.59 -15.84 8.41
C VAL A 80 -7.52 -16.03 6.91
N LEU A 81 -8.25 -15.22 6.21
CA LEU A 81 -8.30 -15.24 4.78
C LEU A 81 -7.28 -14.23 4.27
N GLN A 82 -6.34 -14.70 3.50
CA GLN A 82 -5.26 -13.86 3.06
C GLN A 82 -5.23 -13.64 1.56
N LEU A 83 -5.02 -12.41 1.18
CA LEU A 83 -4.79 -11.96 -0.19
C LEU A 83 -3.54 -11.10 -0.17
N VAL A 84 -2.44 -11.67 -0.54
CA VAL A 84 -1.21 -10.94 -0.54
C VAL A 84 -0.93 -10.39 -1.95
N TYR A 85 -0.73 -9.12 -2.04
CA TYR A 85 -0.45 -8.49 -3.32
C TYR A 85 0.97 -8.04 -3.34
N LYS A 86 1.76 -8.74 -4.10
CA LYS A 86 3.18 -8.46 -4.20
C LYS A 86 3.50 -7.90 -5.55
N ASP A 87 4.72 -7.38 -5.68
CA ASP A 87 5.23 -6.76 -6.91
C ASP A 87 4.49 -5.48 -7.20
N GLY A 88 4.85 -4.46 -6.52
CA GLY A 88 4.30 -3.16 -6.76
C GLY A 88 5.26 -2.37 -7.61
N SER A 89 5.67 -1.24 -7.11
CA SER A 89 6.64 -0.43 -7.77
C SER A 89 7.85 -0.27 -6.83
N PRO A 90 9.03 0.18 -7.33
CA PRO A 90 10.23 0.32 -6.50
C PRO A 90 10.00 1.23 -5.30
N CYS A 91 10.18 0.69 -4.15
CA CYS A 91 9.98 1.39 -2.91
C CYS A 91 11.25 2.24 -2.62
N PRO A 92 11.07 3.57 -2.41
CA PRO A 92 12.20 4.49 -2.15
C PRO A 92 12.82 4.30 -0.77
N SER A 93 12.12 3.60 0.09
CA SER A 93 12.58 3.27 1.41
C SER A 93 13.90 2.47 1.37
N LYS A 94 14.02 1.55 0.46
CA LYS A 94 15.23 0.77 0.35
C LYS A 94 15.43 0.47 -1.13
N SER A 95 16.59 0.79 -1.66
CA SER A 95 16.87 0.68 -3.06
C SER A 95 16.75 -0.78 -3.56
N GLY A 96 15.81 -1.02 -4.47
CA GLY A 96 15.63 -2.35 -5.04
C GLY A 96 14.56 -3.15 -4.32
N LEU A 97 13.76 -2.51 -3.52
CA LEU A 97 12.74 -3.16 -2.77
C LEU A 97 11.39 -2.79 -3.40
N SER A 98 10.38 -3.59 -3.19
CA SER A 98 9.08 -3.35 -3.75
C SER A 98 8.06 -3.22 -2.63
N TYR A 99 6.98 -2.51 -2.91
CA TYR A 99 5.86 -2.39 -2.00
C TYR A 99 5.04 -3.67 -2.04
N LYS A 100 4.26 -3.95 -1.00
CA LYS A 100 3.39 -5.10 -1.02
C LYS A 100 2.24 -4.95 -0.04
N SER A 101 1.09 -5.38 -0.45
CA SER A 101 -0.12 -5.23 0.30
C SER A 101 -0.52 -6.58 0.91
N VAL A 102 -0.75 -6.59 2.20
CA VAL A 102 -1.20 -7.78 2.85
C VAL A 102 -2.62 -7.57 3.36
N ILE A 103 -3.56 -8.10 2.62
CA ILE A 103 -4.95 -8.00 2.94
C ILE A 103 -5.32 -9.21 3.78
N SER A 104 -5.68 -8.95 5.00
CA SER A 104 -5.99 -9.98 5.94
C SER A 104 -7.46 -9.85 6.37
N PHE A 105 -8.26 -10.82 5.96
CA PHE A 105 -9.67 -10.87 6.30
C PHE A 105 -9.88 -11.64 7.59
N VAL A 106 -10.40 -10.96 8.58
CA VAL A 106 -10.57 -11.52 9.91
C VAL A 106 -12.04 -11.52 10.31
N CYS A 107 -12.46 -12.62 10.93
CA CYS A 107 -13.79 -12.83 11.48
C CYS A 107 -14.24 -11.70 12.40
N ARG A 108 -15.26 -10.99 12.00
CA ARG A 108 -15.86 -10.00 12.84
C ARG A 108 -17.37 -10.24 12.91
N PRO A 109 -17.86 -10.93 13.94
CA PRO A 109 -19.31 -11.12 14.13
C PRO A 109 -20.03 -9.78 14.34
N GLU A 110 -19.36 -8.87 15.06
CA GLU A 110 -19.85 -7.52 15.35
C GLU A 110 -19.67 -6.58 14.15
N ALA A 111 -20.02 -7.07 12.97
CA ALA A 111 -19.96 -6.34 11.70
C ALA A 111 -20.34 -4.87 11.85
N GLY A 112 -19.54 -4.01 11.28
CA GLY A 112 -19.76 -2.61 11.37
C GLY A 112 -18.60 -1.87 10.79
N PRO A 113 -18.15 -0.82 11.44
CA PRO A 113 -17.03 0.03 10.94
C PRO A 113 -15.67 -0.71 10.83
N THR A 114 -15.63 -1.96 11.21
CA THR A 114 -14.44 -2.76 11.11
C THR A 114 -14.40 -3.46 9.76
N ASN A 115 -15.53 -3.40 9.06
CA ASN A 115 -15.70 -4.04 7.77
C ASN A 115 -15.36 -3.04 6.66
N ARG A 116 -14.18 -2.53 6.75
CA ARG A 116 -13.62 -1.60 5.81
C ARG A 116 -12.11 -1.70 5.94
N PRO A 117 -11.39 -1.68 4.82
CA PRO A 117 -9.93 -1.85 4.80
C PRO A 117 -9.21 -0.76 5.60
N MET A 118 -8.59 -1.13 6.68
CA MET A 118 -7.86 -0.19 7.49
C MET A 118 -6.38 -0.53 7.52
N LEU A 119 -5.56 0.49 7.47
CA LEU A 119 -4.13 0.36 7.38
C LEU A 119 -3.59 0.27 8.79
N ILE A 120 -3.04 -0.85 9.13
CA ILE A 120 -2.52 -1.06 10.46
C ILE A 120 -1.17 -0.41 10.58
N SER A 121 -0.33 -0.69 9.65
CA SER A 121 1.03 -0.22 9.71
C SER A 121 1.70 -0.42 8.37
N LEU A 122 2.63 0.46 8.10
CA LEU A 122 3.49 0.40 6.97
C LEU A 122 4.88 0.15 7.49
N ASP A 123 5.36 -1.05 7.34
CA ASP A 123 6.72 -1.35 7.79
C ASP A 123 7.70 -0.79 6.80
N LYS A 124 8.44 0.18 7.24
CA LYS A 124 9.37 0.93 6.41
C LYS A 124 10.54 0.09 5.89
N GLN A 125 10.84 -1.01 6.55
CA GLN A 125 11.99 -1.81 6.15
C GLN A 125 11.62 -2.79 5.08
N THR A 126 10.43 -3.29 5.16
CA THR A 126 9.99 -4.29 4.26
C THR A 126 9.02 -3.74 3.20
N CYS A 127 8.62 -2.45 3.36
CA CYS A 127 7.66 -1.76 2.48
C CYS A 127 6.35 -2.52 2.40
N THR A 128 6.01 -3.12 3.51
CA THR A 128 4.85 -3.94 3.63
C THR A 128 3.72 -3.14 4.28
N LEU A 129 2.57 -3.16 3.64
CA LEU A 129 1.43 -2.45 4.13
C LEU A 129 0.45 -3.47 4.66
N PHE A 130 0.11 -3.35 5.91
CA PHE A 130 -0.82 -4.28 6.51
C PHE A 130 -2.23 -3.73 6.47
N PHE A 131 -3.15 -4.55 6.02
CA PHE A 131 -4.52 -4.16 5.84
C PHE A 131 -5.41 -5.14 6.58
N SER A 132 -6.15 -4.64 7.51
CA SER A 132 -7.11 -5.41 8.24
C SER A 132 -8.50 -5.10 7.74
N TRP A 133 -9.31 -6.13 7.58
CA TRP A 133 -10.65 -5.99 7.14
C TRP A 133 -11.40 -7.01 7.96
N HIS A 134 -12.25 -6.55 8.81
CA HIS A 134 -12.92 -7.44 9.69
C HIS A 134 -14.37 -7.61 9.29
N THR A 135 -14.69 -8.79 8.82
CA THR A 135 -15.99 -9.11 8.28
C THR A 135 -16.39 -10.56 8.68
N PRO A 136 -17.72 -10.86 8.84
CA PRO A 136 -18.18 -12.22 9.12
C PRO A 136 -18.16 -13.11 7.88
N LEU A 137 -17.86 -12.52 6.71
CA LEU A 137 -17.76 -13.28 5.46
C LEU A 137 -16.59 -14.26 5.55
N ALA A 138 -15.60 -13.87 6.31
CA ALA A 138 -14.38 -14.63 6.48
C ALA A 138 -14.48 -15.51 7.71
N CYS A 139 -15.65 -15.56 8.27
CA CYS A 139 -15.88 -16.23 9.50
C CYS A 139 -16.94 -17.29 9.32
N GLU A 140 -16.96 -18.26 10.18
CA GLU A 140 -18.01 -19.21 10.24
C GLU A 140 -18.95 -18.77 11.38
N PRO A 141 -20.04 -18.05 11.05
CA PRO A 141 -20.98 -17.57 12.04
C PRO A 141 -21.74 -18.71 12.70
N GLU A 142 -21.56 -18.84 13.97
CA GLU A 142 -22.27 -19.80 14.74
C GLU A 142 -22.90 -19.03 15.88
N ALA B 1 18.06 8.20 -24.66
CA ALA B 1 19.31 7.73 -24.10
C ALA B 1 19.50 8.31 -22.69
N TYR B 2 18.52 8.10 -21.85
CA TYR B 2 18.53 8.58 -20.48
C TYR B 2 17.88 7.51 -19.63
N ARG B 3 18.46 7.21 -18.50
CA ARG B 3 17.93 6.19 -17.62
C ARG B 3 16.91 6.80 -16.65
N PRO B 4 15.60 6.49 -16.80
CA PRO B 4 14.58 7.02 -15.90
C PRO B 4 14.70 6.47 -14.47
N SER B 5 15.45 5.36 -14.33
CA SER B 5 15.77 4.69 -13.08
C SER B 5 14.54 4.37 -12.23
N GLU B 6 13.39 4.27 -12.95
CA GLU B 6 12.08 3.96 -12.39
C GLU B 6 11.71 4.96 -11.32
N THR B 7 12.20 6.15 -11.48
CA THR B 7 11.97 7.23 -10.55
C THR B 7 11.58 8.53 -11.29
N LEU B 8 10.51 9.19 -10.85
CA LEU B 8 10.18 10.50 -11.41
C LEU B 8 10.87 11.60 -10.57
N CYS B 9 11.79 12.34 -11.17
CA CYS B 9 12.57 13.35 -10.51
C CYS B 9 11.74 14.60 -10.23
N GLY B 10 11.05 14.56 -9.14
CA GLY B 10 10.24 15.66 -8.75
C GLY B 10 8.85 15.23 -8.50
N GLY B 11 8.28 14.51 -9.44
CA GLY B 11 6.92 14.03 -9.33
C GLY B 11 6.74 13.02 -8.23
N GLU B 12 7.41 11.88 -8.33
CA GLU B 12 7.32 10.88 -7.28
C GLU B 12 8.01 11.38 -6.06
N LEU B 13 8.99 12.26 -6.27
CA LEU B 13 9.70 12.87 -5.17
C LEU B 13 8.69 13.61 -4.26
N VAL B 14 7.95 14.55 -4.83
CA VAL B 14 7.00 15.33 -4.05
C VAL B 14 5.86 14.45 -3.53
N ASP B 15 5.48 13.46 -4.31
CA ASP B 15 4.39 12.61 -3.92
C ASP B 15 4.72 11.66 -2.75
N THR B 16 5.93 11.07 -2.72
CA THR B 16 6.33 10.23 -1.60
C THR B 16 6.48 11.09 -0.33
N LEU B 17 7.07 12.28 -0.53
CA LEU B 17 7.12 13.29 0.50
C LEU B 17 5.72 13.57 1.05
N GLN B 18 4.79 13.81 0.15
CA GLN B 18 3.39 14.09 0.47
C GLN B 18 2.70 12.87 1.09
N PHE B 19 3.20 11.71 0.77
CA PHE B 19 2.66 10.47 1.28
C PHE B 19 2.70 10.45 2.81
N VAL B 20 3.86 10.65 3.41
CA VAL B 20 3.90 10.65 4.86
C VAL B 20 3.90 12.08 5.46
N CYS B 21 4.30 13.06 4.68
CA CYS B 21 4.36 14.43 5.19
C CYS B 21 3.17 15.24 4.66
N GLY B 22 2.08 14.58 4.30
CA GLY B 22 0.92 15.27 3.74
C GLY B 22 0.34 16.33 4.66
N ASP B 23 -0.21 15.90 5.76
CA ASP B 23 -0.81 16.81 6.75
C ASP B 23 0.27 17.48 7.61
N ARG B 24 1.49 17.10 7.39
CA ARG B 24 2.60 17.58 8.17
C ARG B 24 3.33 18.74 7.49
N GLY B 25 3.52 18.61 6.19
CA GLY B 25 4.28 19.55 5.43
C GLY B 25 5.55 18.89 4.96
N PHE B 26 5.76 18.86 3.68
CA PHE B 26 6.95 18.23 3.15
C PHE B 26 8.02 19.24 2.85
N TYR B 27 9.27 18.88 3.06
CA TYR B 27 10.36 19.82 2.88
C TYR B 27 11.43 19.33 1.92
N PHE B 28 11.45 19.87 0.73
CA PHE B 28 12.61 19.78 -0.13
C PHE B 28 12.69 21.00 -1.05
N SER B 29 12.07 22.08 -0.61
CA SER B 29 12.02 23.28 -1.39
C SER B 29 12.20 24.49 -0.46
N ARG B 30 13.34 25.08 -0.51
CA ARG B 30 13.71 26.17 0.36
C ARG B 30 14.10 27.36 -0.51
N PRO B 31 14.06 28.60 0.03
CA PRO B 31 14.41 29.79 -0.72
C PRO B 31 15.93 30.00 -0.75
N ALA B 32 16.64 28.95 -0.28
CA ALA B 32 18.06 28.85 -0.21
C ALA B 32 18.56 29.64 0.94
N SER B 33 19.65 29.24 1.45
CA SER B 33 20.21 29.82 2.54
C SER B 33 21.67 29.60 2.33
N ARG B 34 22.50 30.10 3.13
CA ARG B 34 23.91 29.88 2.88
C ARG B 34 24.27 28.50 3.40
N VAL B 35 23.53 28.06 4.39
CA VAL B 35 23.74 26.78 5.02
C VAL B 35 22.82 25.74 4.31
N SER B 36 22.18 26.17 3.26
CA SER B 36 21.26 25.34 2.53
C SER B 36 21.17 25.91 1.15
N ARG B 37 22.26 25.75 0.45
CA ARG B 37 22.41 26.22 -0.92
C ARG B 37 21.33 25.66 -1.82
N ARG B 38 21.05 24.39 -1.63
CA ARG B 38 20.06 23.69 -2.40
C ARG B 38 18.69 24.32 -2.21
N SER B 39 18.20 24.99 -3.24
CA SER B 39 16.89 25.57 -3.23
C SER B 39 15.87 24.44 -3.27
N ARG B 40 16.21 23.41 -4.00
CA ARG B 40 15.46 22.20 -3.97
C ARG B 40 16.40 21.10 -3.60
N GLY B 41 16.03 20.31 -2.64
CA GLY B 41 16.89 19.30 -2.17
C GLY B 41 16.32 17.97 -2.47
N ILE B 42 17.16 16.94 -2.38
CA ILE B 42 16.86 15.48 -2.59
C ILE B 42 16.32 15.11 -4.00
N VAL B 43 15.67 16.05 -4.66
CA VAL B 43 15.16 15.90 -6.01
C VAL B 43 16.22 15.45 -7.00
N GLU B 44 17.38 16.01 -6.89
CA GLU B 44 18.41 15.76 -7.84
C GLU B 44 19.29 14.64 -7.33
N GLU B 45 19.32 14.51 -6.02
CA GLU B 45 20.04 13.47 -5.33
C GLU B 45 19.47 12.12 -5.75
N CYS B 46 18.17 11.95 -5.57
CA CYS B 46 17.52 10.69 -5.89
C CYS B 46 17.12 10.61 -7.35
N CYS B 47 17.47 11.61 -8.12
CA CYS B 47 17.21 11.58 -9.54
C CYS B 47 18.25 10.72 -10.22
N PHE B 48 19.51 10.97 -9.90
CA PHE B 48 20.60 10.27 -10.56
C PHE B 48 21.17 9.17 -9.69
N ARG B 49 20.64 9.03 -8.50
CA ARG B 49 21.05 8.01 -7.56
C ARG B 49 19.80 7.35 -7.03
N SER B 50 19.95 6.19 -6.44
CA SER B 50 18.86 5.51 -5.83
C SER B 50 18.96 5.70 -4.33
N CYS B 51 17.90 6.14 -3.72
CA CYS B 51 17.93 6.51 -2.34
C CYS B 51 17.23 5.51 -1.47
N ASP B 52 17.39 5.73 -0.19
CA ASP B 52 16.70 4.99 0.82
C ASP B 52 16.03 6.02 1.71
N LEU B 53 14.99 5.60 2.42
CA LEU B 53 14.06 6.51 3.13
C LEU B 53 14.72 7.38 4.17
N ALA B 54 15.88 6.98 4.68
CA ALA B 54 16.56 7.71 5.74
C ALA B 54 16.83 9.15 5.34
N LEU B 55 17.02 9.35 4.05
CA LEU B 55 17.25 10.67 3.51
C LEU B 55 16.02 11.55 3.71
N LEU B 56 14.87 11.09 3.24
CA LEU B 56 13.68 11.86 3.30
C LEU B 56 13.10 11.90 4.69
N GLU B 57 13.28 10.81 5.42
CA GLU B 57 12.81 10.68 6.79
C GLU B 57 13.35 11.82 7.66
N THR B 58 14.65 12.06 7.58
CA THR B 58 15.26 13.08 8.39
C THR B 58 15.20 14.50 7.72
N TYR B 59 14.96 14.56 6.41
CA TYR B 59 14.93 15.83 5.70
C TYR B 59 13.52 16.45 5.80
N CYS B 60 12.53 15.60 5.73
CA CYS B 60 11.11 16.03 5.78
C CYS B 60 10.64 16.27 7.22
N ALA B 61 9.46 16.83 7.33
CA ALA B 61 8.82 17.03 8.59
C ALA B 61 8.10 15.74 8.92
N THR B 62 8.53 15.09 9.93
CA THR B 62 8.00 13.83 10.30
C THR B 62 7.55 13.86 11.75
N PRO B 63 6.65 12.95 12.20
CA PRO B 63 6.20 12.90 13.56
C PRO B 63 7.34 13.03 14.59
N ALA B 64 8.41 12.32 14.35
CA ALA B 64 9.58 12.35 15.22
C ALA B 64 10.74 13.11 14.53
N LYS B 65 10.40 14.22 13.91
CA LYS B 65 11.36 15.08 13.22
C LYS B 65 12.36 15.70 14.22
N SER B 66 13.60 15.78 13.82
CA SER B 66 14.64 16.38 14.61
C SER B 66 14.73 17.88 14.26
N GLU B 67 15.51 18.60 15.00
CA GLU B 67 15.69 20.00 14.76
C GLU B 67 17.19 20.27 14.84
N MET A 1 -11.20 -33.41 -2.90
CA MET A 1 -11.06 -33.33 -1.45
C MET A 1 -9.88 -32.46 -1.06
N LYS A 2 -9.13 -31.99 -2.04
CA LYS A 2 -7.93 -31.26 -1.75
C LYS A 2 -7.80 -30.12 -2.76
N SER A 3 -8.46 -29.04 -2.47
CA SER A 3 -8.51 -27.86 -3.32
C SER A 3 -8.47 -26.67 -2.39
N ASN A 4 -7.71 -26.84 -1.37
CA ASN A 4 -7.62 -25.89 -0.28
C ASN A 4 -6.45 -24.97 -0.40
N GLU A 5 -5.67 -25.13 -1.45
CA GLU A 5 -4.56 -24.23 -1.66
C GLU A 5 -5.09 -22.96 -2.28
N HIS A 6 -5.76 -23.08 -3.42
CA HIS A 6 -6.35 -21.95 -4.08
C HIS A 6 -7.36 -22.39 -5.15
N ASP A 7 -8.53 -21.81 -5.09
CA ASP A 7 -9.56 -21.95 -6.13
C ASP A 7 -9.37 -20.71 -7.02
N ASP A 8 -10.42 -20.05 -7.45
CA ASP A 8 -10.26 -18.79 -8.17
C ASP A 8 -9.79 -17.71 -7.19
N CYS A 9 -10.67 -17.26 -6.36
CA CYS A 9 -10.33 -16.35 -5.28
C CYS A 9 -11.32 -16.61 -4.18
N GLN A 10 -11.28 -17.82 -3.70
CA GLN A 10 -12.18 -18.30 -2.72
C GLN A 10 -11.59 -19.59 -2.19
N VAL A 11 -12.06 -20.02 -1.04
CA VAL A 11 -11.59 -21.25 -0.39
C VAL A 11 -12.66 -21.81 0.49
N THR A 12 -12.72 -23.10 0.58
CA THR A 12 -13.62 -23.77 1.44
C THR A 12 -12.91 -24.15 2.75
N ASN A 13 -13.59 -23.96 3.85
CA ASN A 13 -13.13 -24.36 5.14
C ASN A 13 -13.40 -25.85 5.31
N PRO A 14 -12.35 -26.66 5.47
CA PRO A 14 -12.49 -28.13 5.57
C PRO A 14 -13.16 -28.60 6.87
N SER A 15 -13.32 -27.69 7.82
CA SER A 15 -13.92 -28.03 9.08
C SER A 15 -15.46 -28.03 9.01
N THR A 16 -16.04 -27.03 8.38
CA THR A 16 -17.49 -26.96 8.33
C THR A 16 -18.03 -26.95 6.89
N GLY A 17 -17.13 -26.93 5.91
CA GLY A 17 -17.55 -27.01 4.51
C GLY A 17 -18.02 -25.68 3.96
N HIS A 18 -17.69 -24.62 4.67
CA HIS A 18 -18.11 -23.30 4.27
C HIS A 18 -17.22 -22.76 3.17
N LEU A 19 -17.84 -22.38 2.11
CA LEU A 19 -17.19 -21.83 0.95
C LEU A 19 -17.10 -20.31 1.10
N PHE A 20 -15.90 -19.80 1.34
CA PHE A 20 -15.68 -18.38 1.46
C PHE A 20 -15.41 -17.84 0.08
N ASP A 21 -16.30 -17.07 -0.48
CA ASP A 21 -16.01 -16.46 -1.71
C ASP A 21 -15.64 -15.03 -1.42
N LEU A 22 -14.60 -14.58 -2.03
CA LEU A 22 -14.20 -13.23 -1.87
C LEU A 22 -14.66 -12.44 -3.08
N SER A 23 -15.40 -13.13 -3.92
CA SER A 23 -15.97 -12.57 -5.14
C SER A 23 -17.01 -11.50 -4.76
N SER A 24 -17.69 -11.71 -3.63
CA SER A 24 -18.66 -10.76 -3.12
C SER A 24 -17.98 -9.45 -2.69
N LEU A 25 -16.71 -9.52 -2.34
CA LEU A 25 -15.93 -8.35 -1.97
C LEU A 25 -15.12 -7.85 -3.17
N SER A 26 -15.24 -8.54 -4.27
CA SER A 26 -14.52 -8.20 -5.45
C SER A 26 -15.31 -7.15 -6.26
N GLY A 27 -14.70 -6.69 -7.32
CA GLY A 27 -15.27 -5.69 -8.18
C GLY A 27 -14.22 -5.22 -9.14
N ARG A 28 -14.62 -4.47 -10.14
CA ARG A 28 -13.70 -3.96 -11.14
C ARG A 28 -13.20 -2.57 -10.74
N ALA A 29 -14.09 -1.79 -10.13
CA ALA A 29 -13.74 -0.45 -9.72
C ALA A 29 -12.90 -0.49 -8.46
N GLY A 30 -13.22 -1.44 -7.61
CA GLY A 30 -12.47 -1.65 -6.42
C GLY A 30 -13.03 -0.88 -5.27
N PHE A 31 -12.16 -0.51 -4.37
CA PHE A 31 -12.52 0.24 -3.20
C PHE A 31 -11.48 1.32 -2.98
N THR A 32 -11.89 2.43 -2.42
CA THR A 32 -11.03 3.54 -2.20
C THR A 32 -11.06 3.93 -0.73
N ALA A 33 -9.93 3.92 -0.12
CA ALA A 33 -9.79 4.23 1.30
C ALA A 33 -8.96 5.49 1.43
N ALA A 34 -9.20 6.26 2.47
CA ALA A 34 -8.53 7.54 2.64
C ALA A 34 -7.28 7.38 3.50
N TYR A 35 -6.23 8.06 3.11
CA TYR A 35 -4.97 8.03 3.79
C TYR A 35 -4.62 9.45 4.21
N SER A 36 -3.73 10.09 3.45
CA SER A 36 -3.44 11.50 3.66
C SER A 36 -4.72 12.28 3.27
N LYS A 37 -4.89 13.49 3.72
CA LYS A 37 -6.15 14.20 3.42
C LYS A 37 -6.42 14.38 1.93
N SER A 38 -5.40 14.60 1.15
CA SER A 38 -5.56 14.75 -0.26
C SER A 38 -5.17 13.43 -0.98
N GLY A 39 -5.06 12.35 -0.23
CA GLY A 39 -4.56 11.12 -0.80
C GLY A 39 -5.45 9.89 -0.51
N VAL A 40 -5.51 8.93 -1.43
CA VAL A 40 -6.33 7.73 -1.27
C VAL A 40 -5.56 6.49 -1.71
N VAL A 41 -6.19 5.35 -1.55
CA VAL A 41 -5.68 4.10 -1.99
C VAL A 41 -6.71 3.38 -2.85
N TYR A 42 -6.23 2.84 -3.92
CA TYR A 42 -6.99 2.08 -4.86
C TYR A 42 -6.74 0.61 -4.60
N MET A 43 -7.75 -0.10 -4.21
CA MET A 43 -7.61 -1.54 -4.04
C MET A 43 -8.63 -2.25 -4.85
N SER A 44 -8.28 -3.39 -5.33
CA SER A 44 -9.16 -4.25 -6.02
C SER A 44 -9.07 -5.64 -5.45
N ILE A 45 -10.16 -6.14 -4.93
CA ILE A 45 -10.16 -7.43 -4.34
C ILE A 45 -10.28 -8.51 -5.42
N CYS A 46 -9.25 -9.34 -5.51
CA CYS A 46 -9.20 -10.51 -6.41
C CYS A 46 -9.11 -10.08 -7.88
N GLY A 47 -8.55 -8.92 -8.11
CA GLY A 47 -8.47 -8.43 -9.45
C GLY A 47 -7.65 -7.19 -9.52
N GLU A 48 -7.71 -6.52 -10.62
CA GLU A 48 -6.94 -5.33 -10.84
C GLU A 48 -7.82 -4.08 -10.83
N ASN A 49 -7.35 -3.06 -10.14
CA ASN A 49 -8.09 -1.84 -9.93
C ASN A 49 -8.02 -0.99 -11.17
N GLU A 50 -9.18 -0.53 -11.65
CA GLU A 50 -9.25 0.21 -12.90
C GLU A 50 -8.70 1.62 -12.81
N ASN A 51 -8.47 2.13 -11.61
CA ASN A 51 -8.08 3.51 -11.46
C ASN A 51 -6.56 3.64 -11.53
N CYS A 52 -5.88 2.53 -11.65
CA CYS A 52 -4.44 2.52 -11.63
C CYS A 52 -3.94 1.60 -12.77
N PRO A 53 -2.68 1.79 -13.28
CA PRO A 53 -2.02 0.95 -14.31
C PRO A 53 -2.47 -0.53 -14.32
N PRO A 54 -2.79 -1.06 -15.52
CA PRO A 54 -3.27 -2.44 -15.72
C PRO A 54 -2.43 -3.52 -15.01
N GLY A 55 -3.12 -4.36 -14.24
CA GLY A 55 -2.47 -5.47 -13.55
C GLY A 55 -2.19 -5.23 -12.08
N VAL A 56 -2.56 -4.09 -11.56
CA VAL A 56 -2.23 -3.79 -10.18
C VAL A 56 -3.45 -3.98 -9.26
N GLY A 57 -3.21 -4.57 -8.11
CA GLY A 57 -4.28 -4.83 -7.16
C GLY A 57 -4.32 -3.81 -6.03
N ALA A 58 -3.17 -3.29 -5.66
CA ALA A 58 -3.08 -2.29 -4.64
C ALA A 58 -2.30 -1.12 -5.19
N CYS A 59 -2.84 0.05 -5.05
CA CYS A 59 -2.22 1.22 -5.60
C CYS A 59 -2.49 2.43 -4.69
N PHE A 60 -1.45 3.10 -4.26
CA PHE A 60 -1.58 4.32 -3.48
C PHE A 60 -1.12 5.50 -4.29
N GLY A 61 -1.53 6.69 -3.90
CA GLY A 61 -1.00 7.82 -4.49
C GLY A 61 -1.91 8.40 -5.53
N GLN A 62 -1.75 9.65 -5.77
CA GLN A 62 -2.52 10.38 -6.74
C GLN A 62 -1.86 10.19 -8.08
N THR A 63 -0.59 9.88 -8.04
CA THR A 63 0.14 9.58 -9.23
C THR A 63 -0.05 8.12 -9.67
N ARG A 64 -0.66 7.32 -8.77
CA ARG A 64 -0.97 5.91 -9.00
C ARG A 64 0.26 5.06 -8.96
N ILE A 65 0.73 4.85 -7.77
CA ILE A 65 1.92 4.10 -7.49
C ILE A 65 1.55 2.67 -7.10
N SER A 66 2.07 1.73 -7.84
CA SER A 66 1.79 0.31 -7.63
C SER A 66 2.36 -0.15 -6.29
N VAL A 67 1.52 -0.73 -5.47
CA VAL A 67 2.00 -1.23 -4.19
C VAL A 67 1.61 -2.68 -4.01
N GLY A 68 1.31 -3.31 -5.12
CA GLY A 68 0.98 -4.70 -5.11
C GLY A 68 0.32 -5.12 -6.41
N LYS A 69 1.00 -5.96 -7.15
CA LYS A 69 0.50 -6.49 -8.41
C LYS A 69 -0.60 -7.50 -8.09
N ALA A 70 -1.68 -7.42 -8.83
CA ALA A 70 -2.85 -8.24 -8.58
C ALA A 70 -2.58 -9.70 -8.90
N ASN A 71 -3.11 -10.56 -8.08
CA ASN A 71 -3.04 -11.99 -8.25
C ASN A 71 -4.15 -12.55 -7.39
N LYS A 72 -4.38 -13.83 -7.40
CA LYS A 72 -5.51 -14.36 -6.71
C LYS A 72 -5.12 -15.54 -5.88
N ARG A 73 -4.00 -15.43 -5.20
CA ARG A 73 -3.53 -16.50 -4.39
C ARG A 73 -4.21 -16.39 -3.03
N LEU A 74 -5.45 -16.78 -2.99
CA LEU A 74 -6.22 -16.76 -1.76
C LEU A 74 -5.69 -17.82 -0.84
N ARG A 75 -5.27 -17.42 0.32
CA ARG A 75 -4.80 -18.34 1.28
C ARG A 75 -5.67 -18.35 2.52
N TYR A 76 -6.25 -19.50 2.84
CA TYR A 76 -7.02 -19.63 4.05
C TYR A 76 -6.14 -20.16 5.16
N VAL A 77 -5.85 -19.31 6.10
CA VAL A 77 -5.02 -19.66 7.22
C VAL A 77 -5.67 -19.33 8.56
N ASP A 78 -6.43 -20.29 9.08
CA ASP A 78 -7.06 -20.22 10.42
C ASP A 78 -7.91 -18.96 10.64
N GLN A 79 -9.05 -18.92 9.94
CA GLN A 79 -10.10 -17.83 9.96
C GLN A 79 -9.57 -16.55 9.36
N VAL A 80 -8.46 -16.68 8.69
CA VAL A 80 -7.83 -15.61 8.01
C VAL A 80 -7.80 -15.92 6.54
N LEU A 81 -8.40 -15.06 5.79
CA LEU A 81 -8.41 -15.11 4.35
C LEU A 81 -7.38 -14.11 3.91
N GLN A 82 -6.27 -14.58 3.42
CA GLN A 82 -5.19 -13.68 3.12
C GLN A 82 -4.90 -13.57 1.64
N LEU A 83 -4.73 -12.36 1.21
CA LEU A 83 -4.36 -11.99 -0.14
C LEU A 83 -3.10 -11.14 -0.08
N VAL A 84 -2.01 -11.65 -0.56
CA VAL A 84 -0.78 -10.92 -0.54
C VAL A 84 -0.51 -10.32 -1.93
N TYR A 85 -0.26 -9.04 -1.98
CA TYR A 85 -0.04 -8.35 -3.23
C TYR A 85 1.37 -7.84 -3.27
N LYS A 86 2.19 -8.56 -3.99
CA LYS A 86 3.60 -8.33 -4.10
C LYS A 86 3.89 -7.82 -5.49
N ASP A 87 5.15 -7.57 -5.78
CA ASP A 87 5.60 -7.09 -7.09
C ASP A 87 5.06 -5.72 -7.38
N GLY A 88 5.12 -4.88 -6.37
CA GLY A 88 4.70 -3.50 -6.52
C GLY A 88 5.77 -2.68 -7.21
N SER A 89 5.63 -1.39 -7.16
CA SER A 89 6.58 -0.54 -7.83
C SER A 89 7.78 -0.27 -6.92
N PRO A 90 8.90 0.30 -7.46
CA PRO A 90 10.07 0.64 -6.66
C PRO A 90 9.71 1.55 -5.51
N CYS A 91 9.98 1.08 -4.34
CA CYS A 91 9.67 1.75 -3.13
C CYS A 91 10.77 2.75 -2.78
N PRO A 92 10.42 4.04 -2.60
CA PRO A 92 11.36 5.10 -2.23
C PRO A 92 11.69 5.11 -0.73
N SER A 93 11.15 4.16 0.00
CA SER A 93 11.51 4.00 1.36
C SER A 93 12.89 3.29 1.43
N LYS A 94 13.03 2.12 0.81
CA LYS A 94 14.31 1.50 0.73
C LYS A 94 14.62 1.38 -0.75
N SER A 95 15.65 2.03 -1.20
CA SER A 95 15.93 2.16 -2.58
C SER A 95 16.22 0.80 -3.28
N GLY A 96 15.36 0.43 -4.21
CA GLY A 96 15.53 -0.81 -4.92
C GLY A 96 14.54 -1.87 -4.48
N LEU A 97 13.79 -1.56 -3.46
CA LEU A 97 12.83 -2.49 -2.92
C LEU A 97 11.48 -2.24 -3.62
N SER A 98 10.51 -3.11 -3.41
CA SER A 98 9.21 -2.99 -4.02
C SER A 98 8.14 -3.04 -2.92
N TYR A 99 7.02 -2.37 -3.14
CA TYR A 99 5.91 -2.37 -2.20
C TYR A 99 5.18 -3.72 -2.16
N LYS A 100 4.48 -4.00 -1.08
CA LYS A 100 3.72 -5.23 -0.91
C LYS A 100 2.62 -5.02 0.10
N SER A 101 1.43 -5.31 -0.30
CA SER A 101 0.29 -5.13 0.54
C SER A 101 -0.24 -6.49 1.00
N VAL A 102 -0.51 -6.62 2.28
CA VAL A 102 -1.02 -7.84 2.83
C VAL A 102 -2.47 -7.62 3.27
N ILE A 103 -3.39 -8.18 2.54
CA ILE A 103 -4.81 -8.05 2.80
C ILE A 103 -5.26 -9.28 3.60
N SER A 104 -5.66 -9.05 4.82
CA SER A 104 -6.12 -10.10 5.69
C SER A 104 -7.59 -9.90 6.07
N PHE A 105 -8.40 -10.87 5.72
CA PHE A 105 -9.80 -10.88 6.08
C PHE A 105 -9.96 -11.76 7.29
N VAL A 106 -10.49 -11.20 8.34
CA VAL A 106 -10.63 -11.90 9.60
C VAL A 106 -12.10 -12.01 9.96
N CYS A 107 -12.49 -13.19 10.43
CA CYS A 107 -13.85 -13.47 10.90
C CYS A 107 -14.31 -12.47 11.95
N ARG A 108 -15.30 -11.65 11.61
CA ARG A 108 -15.90 -10.74 12.58
C ARG A 108 -17.43 -10.80 12.50
N PRO A 109 -18.08 -11.64 13.32
CA PRO A 109 -19.56 -11.75 13.30
C PRO A 109 -20.25 -10.50 13.87
N GLU A 110 -19.54 -9.76 14.71
CA GLU A 110 -20.00 -8.52 15.35
C GLU A 110 -19.77 -7.32 14.43
N ALA A 111 -20.09 -7.53 13.16
CA ALA A 111 -20.00 -6.56 12.07
C ALA A 111 -20.26 -5.11 12.52
N GLY A 112 -19.26 -4.28 12.38
CA GLY A 112 -19.37 -2.90 12.75
C GLY A 112 -18.37 -2.12 11.96
N PRO A 113 -17.62 -1.19 12.59
CA PRO A 113 -16.64 -0.37 11.89
C PRO A 113 -15.30 -1.09 11.68
N THR A 114 -15.37 -2.39 11.74
CA THR A 114 -14.25 -3.27 11.56
C THR A 114 -14.26 -3.81 10.13
N ASN A 115 -15.41 -3.67 9.48
CA ASN A 115 -15.65 -4.26 8.17
C ASN A 115 -15.23 -3.27 7.09
N ARG A 116 -14.00 -2.87 7.17
CA ARG A 116 -13.43 -1.90 6.29
C ARG A 116 -11.93 -2.08 6.28
N PRO A 117 -11.30 -1.97 5.11
CA PRO A 117 -9.85 -2.15 4.97
C PRO A 117 -9.08 -1.07 5.72
N MET A 118 -8.64 -1.40 6.91
CA MET A 118 -7.92 -0.46 7.73
C MET A 118 -6.42 -0.70 7.62
N LEU A 119 -5.66 0.38 7.50
CA LEU A 119 -4.23 0.27 7.37
C LEU A 119 -3.64 0.24 8.77
N ILE A 120 -3.08 -0.88 9.13
CA ILE A 120 -2.51 -1.12 10.44
C ILE A 120 -1.22 -0.36 10.59
N SER A 121 -0.32 -0.64 9.69
CA SER A 121 1.00 -0.13 9.77
C SER A 121 1.64 -0.29 8.42
N LEU A 122 2.55 0.58 8.14
CA LEU A 122 3.31 0.59 6.94
C LEU A 122 4.76 0.51 7.33
N ASP A 123 5.28 -0.67 7.33
CA ASP A 123 6.70 -0.83 7.64
C ASP A 123 7.47 -0.39 6.44
N LYS A 124 7.93 0.84 6.46
CA LYS A 124 8.64 1.43 5.35
C LYS A 124 9.99 0.77 5.09
N GLN A 125 10.55 0.12 6.09
CA GLN A 125 11.87 -0.50 5.92
C GLN A 125 11.75 -1.73 5.04
N THR A 126 10.65 -2.44 5.18
CA THR A 126 10.40 -3.61 4.41
C THR A 126 9.39 -3.32 3.27
N CYS A 127 8.85 -2.08 3.27
CA CYS A 127 7.86 -1.58 2.32
C CYS A 127 6.63 -2.47 2.28
N THR A 128 6.26 -2.96 3.45
CA THR A 128 5.14 -3.84 3.59
C THR A 128 3.97 -3.09 4.24
N LEU A 129 2.82 -3.18 3.62
CA LEU A 129 1.64 -2.47 4.10
C LEU A 129 0.67 -3.52 4.60
N PHE A 130 0.07 -3.29 5.73
CA PHE A 130 -0.88 -4.25 6.28
C PHE A 130 -2.30 -3.69 6.26
N PHE A 131 -3.22 -4.49 5.76
CA PHE A 131 -4.64 -4.13 5.68
C PHE A 131 -5.43 -5.18 6.41
N SER A 132 -6.30 -4.73 7.27
CA SER A 132 -7.15 -5.59 8.02
C SER A 132 -8.57 -5.32 7.61
N TRP A 133 -9.39 -6.33 7.65
CA TRP A 133 -10.75 -6.22 7.27
C TRP A 133 -11.47 -7.27 8.07
N HIS A 134 -12.22 -6.85 9.04
CA HIS A 134 -12.90 -7.78 9.89
C HIS A 134 -14.36 -7.86 9.50
N THR A 135 -14.72 -8.95 8.89
CA THR A 135 -16.01 -9.12 8.28
C THR A 135 -16.52 -10.57 8.53
N PRO A 136 -17.87 -10.77 8.66
CA PRO A 136 -18.44 -12.10 8.88
C PRO A 136 -18.55 -12.89 7.60
N LEU A 137 -18.35 -12.22 6.47
CA LEU A 137 -18.35 -12.88 5.16
C LEU A 137 -17.16 -13.80 5.08
N ALA A 138 -16.16 -13.46 5.84
CA ALA A 138 -14.92 -14.16 5.83
C ALA A 138 -14.83 -15.06 7.05
N CYS A 139 -15.97 -15.40 7.57
CA CYS A 139 -16.05 -16.24 8.73
C CYS A 139 -16.87 -17.48 8.41
N GLU A 140 -16.52 -18.56 9.02
CA GLU A 140 -17.24 -19.78 8.88
C GLU A 140 -18.14 -19.96 10.12
N PRO A 141 -19.46 -20.12 9.92
CA PRO A 141 -20.44 -20.15 11.01
C PRO A 141 -20.36 -21.42 11.85
N GLU A 142 -20.70 -21.27 13.11
CA GLU A 142 -20.76 -22.35 14.04
C GLU A 142 -21.90 -22.06 14.99
N ALA B 1 6.94 -0.20 -23.28
CA ALA B 1 7.45 1.06 -22.77
C ALA B 1 8.22 0.80 -21.50
N TYR B 2 9.49 1.11 -21.51
CA TYR B 2 10.34 0.88 -20.36
C TYR B 2 10.94 2.18 -19.92
N ARG B 3 10.66 2.55 -18.71
CA ARG B 3 11.20 3.76 -18.13
C ARG B 3 12.59 3.49 -17.57
N PRO B 4 13.60 4.29 -17.94
CA PRO B 4 14.96 4.15 -17.44
C PRO B 4 15.14 4.88 -16.10
N SER B 5 14.04 5.08 -15.46
CA SER B 5 13.95 5.79 -14.25
C SER B 5 12.81 5.16 -13.46
N GLU B 6 13.12 4.49 -12.40
CA GLU B 6 12.13 3.80 -11.58
C GLU B 6 11.42 4.78 -10.66
N THR B 7 12.16 5.72 -10.20
CA THR B 7 11.64 6.81 -9.44
C THR B 7 11.65 8.01 -10.37
N LEU B 8 10.66 8.85 -10.29
CA LEU B 8 10.55 9.94 -11.25
C LEU B 8 10.45 11.27 -10.54
N CYS B 9 11.06 12.30 -11.09
CA CYS B 9 11.04 13.62 -10.50
C CYS B 9 9.83 14.38 -10.99
N GLY B 10 9.17 15.04 -10.09
CA GLY B 10 8.01 15.79 -10.44
C GLY B 10 6.85 15.35 -9.60
N GLY B 11 5.81 14.91 -10.26
CA GLY B 11 4.60 14.49 -9.59
C GLY B 11 4.82 13.36 -8.63
N GLU B 12 5.56 12.36 -9.06
CA GLU B 12 5.84 11.17 -8.23
C GLU B 12 6.58 11.56 -6.97
N LEU B 13 7.49 12.48 -7.12
CA LEU B 13 8.30 12.94 -6.03
C LEU B 13 7.46 13.77 -5.05
N VAL B 14 6.60 14.59 -5.59
CA VAL B 14 5.79 15.45 -4.75
C VAL B 14 4.64 14.63 -4.12
N ASP B 15 4.16 13.63 -4.85
CA ASP B 15 3.07 12.78 -4.38
C ASP B 15 3.50 11.89 -3.20
N THR B 16 4.76 11.40 -3.21
CA THR B 16 5.27 10.60 -2.12
C THR B 16 5.47 11.48 -0.86
N LEU B 17 5.96 12.71 -1.08
CA LEU B 17 6.04 13.71 -0.03
C LEU B 17 4.70 13.92 0.62
N GLN B 18 3.70 14.15 -0.20
CA GLN B 18 2.33 14.38 0.26
C GLN B 18 1.76 13.13 0.94
N PHE B 19 2.16 11.97 0.46
CA PHE B 19 1.73 10.68 1.00
C PHE B 19 1.91 10.62 2.52
N VAL B 20 3.12 10.82 3.01
CA VAL B 20 3.31 10.77 4.45
C VAL B 20 3.36 12.17 5.11
N CYS B 21 3.68 13.19 4.35
CA CYS B 21 3.79 14.55 4.90
C CYS B 21 2.61 15.43 4.51
N GLY B 22 1.45 14.84 4.26
CA GLY B 22 0.27 15.61 3.88
C GLY B 22 -0.08 16.75 4.85
N ASP B 23 -0.18 16.44 6.12
CA ASP B 23 -0.53 17.44 7.15
C ASP B 23 0.61 18.38 7.48
N ARG B 24 1.83 17.97 7.25
CA ARG B 24 2.95 18.83 7.55
C ARG B 24 3.26 19.74 6.39
N GLY B 25 3.09 19.21 5.20
CA GLY B 25 3.36 19.93 4.00
C GLY B 25 4.63 19.43 3.38
N PHE B 26 4.89 19.83 2.18
CA PHE B 26 6.13 19.47 1.52
C PHE B 26 6.88 20.72 1.10
N TYR B 27 8.17 20.71 1.29
CA TYR B 27 9.01 21.85 0.99
C TYR B 27 10.08 21.47 -0.03
N PHE B 28 11.26 21.03 0.44
CA PHE B 28 12.42 20.60 -0.44
C PHE B 28 12.84 21.62 -1.55
N SER B 29 12.29 22.80 -1.52
CA SER B 29 12.60 23.85 -2.44
C SER B 29 12.42 25.15 -1.68
N ARG B 30 13.42 25.50 -0.93
CA ARG B 30 13.37 26.62 -0.03
C ARG B 30 14.52 27.57 -0.41
N PRO B 31 14.66 28.75 0.22
CA PRO B 31 15.82 29.61 -0.05
C PRO B 31 17.13 28.88 0.23
N ALA B 32 17.11 28.05 1.25
CA ALA B 32 18.22 27.26 1.64
C ALA B 32 17.71 25.90 2.10
N SER B 33 18.54 25.16 2.74
CA SER B 33 18.28 23.88 3.21
C SER B 33 19.23 23.71 4.33
N ARG B 34 18.92 22.84 5.19
CA ARG B 34 19.68 22.67 6.38
C ARG B 34 20.86 21.73 6.12
N VAL B 35 20.99 21.31 4.88
CA VAL B 35 22.12 20.57 4.47
C VAL B 35 23.12 21.53 3.79
N SER B 36 22.58 22.74 3.45
CA SER B 36 23.29 23.79 2.72
C SER B 36 23.90 23.25 1.43
N ARG B 37 23.20 22.29 0.86
CA ARG B 37 23.62 21.56 -0.29
C ARG B 37 23.18 22.25 -1.56
N ARG B 38 21.91 22.55 -1.60
CA ARG B 38 21.26 23.08 -2.75
C ARG B 38 19.93 23.61 -2.22
N SER B 39 19.43 24.65 -2.86
CA SER B 39 18.17 25.28 -2.48
C SER B 39 16.99 24.31 -2.66
N ARG B 40 17.18 23.30 -3.48
CA ARG B 40 16.21 22.28 -3.66
C ARG B 40 16.91 20.96 -3.48
N GLY B 41 16.32 20.06 -2.78
CA GLY B 41 16.92 18.79 -2.56
C GLY B 41 16.04 17.72 -3.10
N ILE B 42 16.52 16.46 -3.09
CA ILE B 42 15.81 15.20 -3.48
C ILE B 42 15.34 15.12 -4.95
N VAL B 43 14.89 16.23 -5.51
CA VAL B 43 14.34 16.31 -6.85
C VAL B 43 15.21 15.66 -7.94
N GLU B 44 16.46 16.00 -7.98
CA GLU B 44 17.31 15.53 -9.04
C GLU B 44 18.01 14.28 -8.57
N GLU B 45 18.19 14.19 -7.28
CA GLU B 45 18.81 13.05 -6.64
C GLU B 45 17.99 11.79 -6.92
N CYS B 46 16.73 11.84 -6.55
CA CYS B 46 15.86 10.69 -6.69
C CYS B 46 15.28 10.60 -8.11
N CYS B 47 15.56 11.57 -8.96
CA CYS B 47 15.10 11.47 -10.32
C CYS B 47 16.02 10.55 -11.12
N PHE B 48 17.32 10.64 -10.88
CA PHE B 48 18.28 9.88 -11.67
C PHE B 48 18.95 8.80 -10.86
N ARG B 49 18.45 8.59 -9.67
CA ARG B 49 18.91 7.58 -8.75
C ARG B 49 17.70 7.14 -8.00
N SER B 50 17.89 6.27 -7.09
CA SER B 50 16.82 5.81 -6.27
C SER B 50 17.03 6.44 -4.90
N CYS B 51 15.97 6.78 -4.22
CA CYS B 51 16.08 7.48 -2.98
C CYS B 51 15.49 6.65 -1.86
N ASP B 52 16.11 6.73 -0.70
CA ASP B 52 15.60 6.12 0.49
C ASP B 52 14.80 7.17 1.24
N LEU B 53 13.95 6.74 2.19
CA LEU B 53 13.12 7.67 2.98
C LEU B 53 13.97 8.54 3.87
N ALA B 54 15.25 8.20 3.94
CA ALA B 54 16.25 8.95 4.68
C ALA B 54 16.40 10.36 4.11
N LEU B 55 15.87 10.57 2.92
CA LEU B 55 15.83 11.87 2.34
C LEU B 55 14.49 12.51 2.51
N LEU B 56 13.46 11.84 2.07
CA LEU B 56 12.16 12.46 2.03
C LEU B 56 11.47 12.60 3.38
N GLU B 57 11.69 11.68 4.27
CA GLU B 57 11.09 11.77 5.60
C GLU B 57 11.85 12.81 6.47
N THR B 58 13.17 12.93 6.26
CA THR B 58 13.98 13.91 6.98
C THR B 58 13.75 15.33 6.44
N TYR B 59 13.85 15.47 5.14
CA TYR B 59 13.70 16.72 4.45
C TYR B 59 12.28 17.18 4.61
N CYS B 60 11.34 16.41 4.06
CA CYS B 60 9.88 16.62 4.15
C CYS B 60 9.45 18.11 3.93
N ALA B 61 9.47 18.88 5.00
CA ALA B 61 9.14 20.26 4.98
C ALA B 61 10.08 20.96 5.91
N THR B 62 9.94 20.60 7.15
CA THR B 62 10.70 21.07 8.24
C THR B 62 11.16 19.85 9.01
N PRO B 63 12.35 19.91 9.62
CA PRO B 63 12.91 18.79 10.38
C PRO B 63 12.36 18.71 11.80
N ALA B 64 11.47 19.65 12.09
CA ALA B 64 10.79 19.80 13.37
C ALA B 64 11.74 20.32 14.42
N LYS B 65 12.40 21.38 14.05
CA LYS B 65 13.37 22.06 14.87
C LYS B 65 13.50 23.45 14.26
N SER B 66 13.46 24.47 15.06
CA SER B 66 13.42 25.81 14.52
C SER B 66 14.66 26.63 14.86
N GLU B 67 14.92 27.61 14.04
CA GLU B 67 16.03 28.51 14.20
C GLU B 67 15.63 29.88 13.63
N MET A 1 -7.68 -30.66 -8.75
CA MET A 1 -6.42 -30.30 -8.11
C MET A 1 -6.47 -30.74 -6.66
N LYS A 2 -5.39 -31.29 -6.18
CA LYS A 2 -5.32 -31.73 -4.81
C LYS A 2 -4.90 -30.57 -3.93
N SER A 3 -5.82 -29.65 -3.76
CA SER A 3 -5.61 -28.47 -2.98
C SER A 3 -6.96 -27.86 -2.70
N ASN A 4 -7.04 -27.13 -1.61
CA ASN A 4 -8.27 -26.48 -1.18
C ASN A 4 -8.38 -25.09 -1.78
N GLU A 5 -7.36 -24.68 -2.51
CA GLU A 5 -7.35 -23.39 -3.16
C GLU A 5 -7.69 -23.57 -4.63
N HIS A 6 -8.20 -22.54 -5.26
CA HIS A 6 -8.65 -22.68 -6.66
C HIS A 6 -8.25 -21.50 -7.55
N ASP A 7 -7.43 -20.60 -7.03
CA ASP A 7 -6.95 -19.36 -7.74
C ASP A 7 -8.05 -18.31 -7.90
N ASP A 8 -9.28 -18.72 -7.84
CA ASP A 8 -10.42 -17.82 -8.03
C ASP A 8 -10.86 -17.19 -6.73
N CYS A 9 -9.88 -16.89 -5.85
CA CYS A 9 -10.12 -16.32 -4.53
C CYS A 9 -11.13 -17.11 -3.75
N GLN A 10 -10.89 -18.38 -3.69
CA GLN A 10 -11.79 -19.25 -3.04
C GLN A 10 -11.05 -20.43 -2.48
N VAL A 11 -11.30 -20.71 -1.23
CA VAL A 11 -10.66 -21.78 -0.51
C VAL A 11 -11.67 -22.52 0.34
N THR A 12 -11.52 -23.81 0.42
CA THR A 12 -12.44 -24.65 1.16
C THR A 12 -11.82 -25.16 2.47
N ASN A 13 -12.63 -25.22 3.52
CA ASN A 13 -12.23 -25.80 4.78
C ASN A 13 -12.57 -27.28 4.75
N PRO A 14 -11.56 -28.14 4.92
CA PRO A 14 -11.71 -29.60 4.86
C PRO A 14 -12.65 -30.16 5.93
N SER A 15 -12.74 -29.50 7.05
CA SER A 15 -13.50 -29.96 8.18
C SER A 15 -15.01 -29.96 7.92
N THR A 16 -15.53 -28.88 7.40
CA THR A 16 -16.96 -28.77 7.26
C THR A 16 -17.37 -28.62 5.79
N GLY A 17 -16.38 -28.66 4.89
CA GLY A 17 -16.63 -28.56 3.47
C GLY A 17 -17.23 -27.24 3.09
N HIS A 18 -16.82 -26.21 3.79
CA HIS A 18 -17.37 -24.91 3.54
C HIS A 18 -16.47 -24.17 2.57
N LEU A 19 -17.08 -23.68 1.54
CA LEU A 19 -16.41 -22.99 0.48
C LEU A 19 -16.39 -21.50 0.80
N PHE A 20 -15.22 -20.92 0.95
CA PHE A 20 -15.14 -19.50 1.11
C PHE A 20 -14.86 -18.84 -0.22
N ASP A 21 -15.70 -17.89 -0.57
CA ASP A 21 -15.52 -17.08 -1.79
C ASP A 21 -15.30 -15.65 -1.41
N LEU A 22 -14.24 -15.06 -1.91
CA LEU A 22 -13.91 -13.69 -1.61
C LEU A 22 -14.18 -12.79 -2.82
N SER A 23 -14.69 -13.37 -3.88
CA SER A 23 -14.92 -12.63 -5.14
C SER A 23 -16.10 -11.65 -5.01
N SER A 24 -16.88 -11.80 -3.98
CA SER A 24 -18.02 -10.95 -3.72
C SER A 24 -17.56 -9.56 -3.30
N LEU A 25 -16.41 -9.51 -2.64
CA LEU A 25 -15.81 -8.28 -2.16
C LEU A 25 -14.99 -7.60 -3.25
N SER A 26 -15.08 -8.13 -4.43
CA SER A 26 -14.34 -7.60 -5.55
C SER A 26 -14.97 -6.30 -6.06
N GLY A 27 -14.28 -5.68 -6.95
CA GLY A 27 -14.69 -4.46 -7.56
C GLY A 27 -13.68 -4.09 -8.58
N ARG A 28 -14.13 -3.57 -9.69
CA ARG A 28 -13.25 -3.26 -10.80
C ARG A 28 -12.76 -1.80 -10.71
N ALA A 29 -13.59 -0.92 -10.18
CA ALA A 29 -13.19 0.45 -10.04
C ALA A 29 -12.34 0.56 -8.79
N GLY A 30 -12.72 -0.21 -7.80
CA GLY A 30 -11.96 -0.30 -6.62
C GLY A 30 -12.64 0.35 -5.47
N PHE A 31 -11.98 0.35 -4.38
CA PHE A 31 -12.45 0.94 -3.17
C PHE A 31 -11.43 1.97 -2.76
N THR A 32 -11.88 3.06 -2.25
CA THR A 32 -11.02 4.10 -1.81
C THR A 32 -10.94 4.14 -0.30
N ALA A 33 -9.75 4.16 0.22
CA ALA A 33 -9.55 4.26 1.64
C ALA A 33 -8.73 5.49 1.90
N ALA A 34 -9.01 6.15 3.00
CA ALA A 34 -8.35 7.37 3.33
C ALA A 34 -7.02 7.07 3.94
N TYR A 35 -6.01 7.65 3.39
CA TYR A 35 -4.67 7.40 3.82
C TYR A 35 -3.94 8.73 4.03
N SER A 36 -3.11 9.12 3.10
CA SER A 36 -2.40 10.38 3.21
C SER A 36 -3.36 11.51 2.84
N LYS A 37 -3.12 12.73 3.31
CA LYS A 37 -4.01 13.83 2.95
C LYS A 37 -4.11 13.99 1.43
N SER A 38 -3.00 13.87 0.77
CA SER A 38 -2.93 14.07 -0.62
C SER A 38 -2.79 12.73 -1.35
N GLY A 39 -3.34 11.68 -0.78
CA GLY A 39 -3.23 10.40 -1.41
C GLY A 39 -4.09 9.34 -0.76
N VAL A 40 -5.07 8.88 -1.49
CA VAL A 40 -5.91 7.80 -1.03
C VAL A 40 -5.34 6.52 -1.56
N VAL A 41 -5.79 5.41 -1.07
CA VAL A 41 -5.32 4.18 -1.57
C VAL A 41 -6.40 3.51 -2.40
N TYR A 42 -6.02 3.08 -3.56
CA TYR A 42 -6.88 2.41 -4.48
C TYR A 42 -6.67 0.94 -4.33
N MET A 43 -7.73 0.22 -4.12
CA MET A 43 -7.62 -1.21 -3.93
C MET A 43 -8.77 -1.95 -4.54
N SER A 44 -8.47 -3.04 -5.18
CA SER A 44 -9.43 -3.91 -5.77
C SER A 44 -9.20 -5.35 -5.29
N ILE A 45 -10.23 -5.96 -4.74
CA ILE A 45 -10.14 -7.32 -4.24
C ILE A 45 -10.27 -8.31 -5.40
N CYS A 46 -9.21 -9.09 -5.65
CA CYS A 46 -9.24 -10.18 -6.65
C CYS A 46 -9.50 -9.69 -8.07
N GLY A 47 -9.04 -8.51 -8.34
CA GLY A 47 -9.21 -7.92 -9.62
C GLY A 47 -8.32 -6.76 -9.71
N GLU A 48 -8.26 -6.14 -10.83
CA GLU A 48 -7.40 -5.02 -10.98
C GLU A 48 -8.16 -3.72 -10.82
N ASN A 49 -7.48 -2.73 -10.31
CA ASN A 49 -8.04 -1.44 -10.08
C ASN A 49 -7.78 -0.58 -11.30
N GLU A 50 -8.82 0.00 -11.88
CA GLU A 50 -8.65 0.77 -13.12
C GLU A 50 -8.14 2.21 -12.91
N ASN A 51 -7.80 2.58 -11.69
CA ASN A 51 -7.31 3.95 -11.41
C ASN A 51 -5.80 4.00 -11.41
N CYS A 52 -5.19 2.85 -11.56
CA CYS A 52 -3.75 2.73 -11.52
C CYS A 52 -3.36 1.77 -12.67
N PRO A 53 -2.05 1.73 -13.12
CA PRO A 53 -1.54 0.81 -14.16
C PRO A 53 -2.28 -0.54 -14.26
N PRO A 54 -2.71 -0.90 -15.48
CA PRO A 54 -3.46 -2.13 -15.77
C PRO A 54 -2.83 -3.40 -15.16
N GLY A 55 -3.61 -4.08 -14.35
CA GLY A 55 -3.18 -5.30 -13.70
C GLY A 55 -2.72 -5.12 -12.26
N VAL A 56 -3.03 -4.00 -11.67
CA VAL A 56 -2.62 -3.77 -10.30
C VAL A 56 -3.82 -3.93 -9.34
N GLY A 57 -3.55 -4.45 -8.15
CA GLY A 57 -4.59 -4.65 -7.16
C GLY A 57 -4.58 -3.59 -6.06
N ALA A 58 -3.41 -3.10 -5.71
CA ALA A 58 -3.27 -2.08 -4.69
C ALA A 58 -2.40 -0.95 -5.21
N CYS A 59 -2.77 0.27 -4.93
CA CYS A 59 -2.01 1.41 -5.43
C CYS A 59 -2.29 2.66 -4.58
N PHE A 60 -1.26 3.40 -4.19
CA PHE A 60 -1.49 4.67 -3.53
C PHE A 60 -1.68 5.74 -4.61
N GLY A 61 -2.62 6.65 -4.40
CA GLY A 61 -2.95 7.65 -5.40
C GLY A 61 -2.02 8.84 -5.39
N GLN A 62 -0.75 8.60 -5.19
CA GLN A 62 0.22 9.66 -5.28
C GLN A 62 0.47 9.96 -6.75
N THR A 63 1.14 9.06 -7.43
CA THR A 63 1.36 9.16 -8.86
C THR A 63 1.03 7.82 -9.53
N ARG A 64 0.06 7.13 -8.97
CA ARG A 64 -0.29 5.76 -9.39
C ARG A 64 0.89 4.84 -9.14
N ILE A 65 1.28 4.77 -7.89
CA ILE A 65 2.39 3.96 -7.49
C ILE A 65 1.83 2.64 -7.00
N SER A 66 1.92 1.66 -7.86
CA SER A 66 1.39 0.35 -7.62
C SER A 66 2.09 -0.32 -6.42
N VAL A 67 1.31 -0.83 -5.49
CA VAL A 67 1.87 -1.41 -4.30
C VAL A 67 1.49 -2.87 -4.14
N GLY A 68 1.03 -3.46 -5.23
CA GLY A 68 0.71 -4.85 -5.24
C GLY A 68 0.06 -5.25 -6.53
N LYS A 69 0.71 -6.14 -7.25
CA LYS A 69 0.21 -6.63 -8.53
C LYS A 69 -1.01 -7.50 -8.26
N ALA A 70 -2.03 -7.39 -9.10
CA ALA A 70 -3.29 -8.11 -8.88
C ALA A 70 -3.13 -9.60 -9.08
N ASN A 71 -2.98 -10.30 -7.98
CA ASN A 71 -2.92 -11.76 -7.93
C ASN A 71 -4.13 -12.24 -7.16
N LYS A 72 -4.54 -13.45 -7.34
CA LYS A 72 -5.73 -13.93 -6.64
C LYS A 72 -5.34 -15.16 -5.85
N ARG A 73 -4.20 -15.09 -5.24
CA ARG A 73 -3.64 -16.22 -4.57
C ARG A 73 -4.10 -16.23 -3.11
N LEU A 74 -5.33 -16.64 -2.98
CA LEU A 74 -6.04 -16.71 -1.70
C LEU A 74 -5.38 -17.76 -0.80
N ARG A 75 -5.14 -17.42 0.43
CA ARG A 75 -4.61 -18.37 1.39
C ARG A 75 -5.59 -18.51 2.56
N TYR A 76 -5.73 -19.72 3.06
CA TYR A 76 -6.58 -19.98 4.21
C TYR A 76 -5.72 -20.46 5.37
N VAL A 77 -5.48 -19.57 6.31
CA VAL A 77 -4.62 -19.88 7.44
C VAL A 77 -5.34 -19.64 8.79
N ASP A 78 -5.98 -20.67 9.30
CA ASP A 78 -6.67 -20.66 10.62
C ASP A 78 -7.72 -19.55 10.69
N GLN A 79 -8.71 -19.67 9.80
CA GLN A 79 -9.91 -18.80 9.64
C GLN A 79 -9.52 -17.44 9.10
N VAL A 80 -8.26 -17.28 8.84
CA VAL A 80 -7.76 -16.10 8.25
C VAL A 80 -7.74 -16.26 6.75
N LEU A 81 -8.40 -15.35 6.10
CA LEU A 81 -8.47 -15.33 4.67
C LEU A 81 -7.47 -14.32 4.16
N GLN A 82 -6.43 -14.81 3.59
CA GLN A 82 -5.32 -14.01 3.14
C GLN A 82 -5.39 -13.76 1.64
N LEU A 83 -5.19 -12.53 1.28
CA LEU A 83 -5.11 -12.13 -0.09
C LEU A 83 -3.84 -11.28 -0.20
N VAL A 84 -2.76 -11.92 -0.54
CA VAL A 84 -1.48 -11.25 -0.58
C VAL A 84 -1.12 -10.70 -1.98
N TYR A 85 -0.82 -9.43 -2.02
CA TYR A 85 -0.38 -8.76 -3.23
C TYR A 85 1.06 -8.37 -3.05
N LYS A 86 1.86 -8.56 -4.06
CA LYS A 86 3.25 -8.19 -4.01
C LYS A 86 3.67 -7.78 -5.40
N ASP A 87 4.95 -7.45 -5.57
CA ASP A 87 5.51 -7.10 -6.88
C ASP A 87 4.82 -5.90 -7.46
N GLY A 88 4.72 -4.86 -6.66
CA GLY A 88 4.12 -3.63 -7.09
C GLY A 88 5.08 -2.86 -7.95
N SER A 89 5.51 -1.76 -7.45
CA SER A 89 6.50 -1.00 -8.10
C SER A 89 7.65 -0.78 -7.13
N PRO A 90 8.87 -0.45 -7.61
CA PRO A 90 10.01 -0.17 -6.75
C PRO A 90 9.66 0.92 -5.75
N CYS A 91 9.84 0.61 -4.50
CA CYS A 91 9.56 1.51 -3.40
C CYS A 91 10.41 2.79 -3.59
N PRO A 92 9.76 3.97 -3.80
CA PRO A 92 10.47 5.23 -4.07
C PRO A 92 11.38 5.64 -2.92
N SER A 93 11.09 5.16 -1.74
CA SER A 93 11.90 5.43 -0.58
C SER A 93 13.17 4.51 -0.50
N LYS A 94 13.22 3.42 -1.28
CA LYS A 94 14.33 2.49 -1.20
C LYS A 94 14.40 1.63 -2.47
N SER A 95 15.48 1.77 -3.21
CA SER A 95 15.69 1.04 -4.40
C SER A 95 15.94 -0.43 -4.04
N GLY A 96 15.43 -1.33 -4.82
CA GLY A 96 15.62 -2.73 -4.58
C GLY A 96 14.43 -3.37 -3.89
N LEU A 97 13.60 -2.56 -3.30
CA LEU A 97 12.41 -3.00 -2.62
C LEU A 97 11.19 -2.75 -3.47
N SER A 98 10.24 -3.62 -3.37
CA SER A 98 8.98 -3.48 -4.03
C SER A 98 7.92 -3.49 -2.95
N TYR A 99 6.81 -2.87 -3.23
CA TYR A 99 5.71 -2.84 -2.32
C TYR A 99 4.93 -4.13 -2.33
N LYS A 100 4.26 -4.42 -1.24
CA LYS A 100 3.39 -5.56 -1.13
C LYS A 100 2.30 -5.17 -0.13
N SER A 101 1.13 -5.64 -0.35
CA SER A 101 0.02 -5.33 0.52
C SER A 101 -0.51 -6.66 1.10
N VAL A 102 -0.51 -6.80 2.40
CA VAL A 102 -1.01 -8.00 3.03
C VAL A 102 -2.44 -7.75 3.54
N ILE A 103 -3.40 -8.27 2.83
CA ILE A 103 -4.79 -8.16 3.14
C ILE A 103 -5.24 -9.40 3.89
N SER A 104 -5.45 -9.23 5.15
CA SER A 104 -5.87 -10.29 6.01
C SER A 104 -7.34 -10.04 6.38
N PHE A 105 -8.20 -10.92 5.92
CA PHE A 105 -9.59 -10.87 6.25
C PHE A 105 -9.81 -11.48 7.60
N VAL A 106 -10.35 -10.69 8.49
CA VAL A 106 -10.52 -11.06 9.87
C VAL A 106 -12.00 -11.23 10.17
N CYS A 107 -12.32 -12.35 10.77
CA CYS A 107 -13.67 -12.69 11.18
C CYS A 107 -14.23 -11.69 12.19
N ARG A 108 -15.20 -10.91 11.77
CA ARG A 108 -15.89 -10.03 12.68
C ARG A 108 -17.40 -10.09 12.40
N PRO A 109 -18.17 -10.91 13.14
CA PRO A 109 -19.62 -11.07 12.93
C PRO A 109 -20.42 -9.76 13.14
N GLU A 110 -19.81 -8.83 13.87
CA GLU A 110 -20.34 -7.51 14.15
C GLU A 110 -20.81 -6.79 12.87
N ALA A 111 -20.02 -6.92 11.77
CA ALA A 111 -20.30 -6.25 10.48
C ALA A 111 -20.72 -4.79 10.67
N GLY A 112 -19.78 -3.95 10.85
CA GLY A 112 -20.06 -2.57 11.08
C GLY A 112 -18.94 -1.71 10.65
N PRO A 113 -18.54 -0.74 11.45
CA PRO A 113 -17.44 0.19 11.12
C PRO A 113 -16.04 -0.47 11.04
N THR A 114 -16.00 -1.75 11.25
CA THR A 114 -14.82 -2.54 11.18
C THR A 114 -14.75 -3.24 9.82
N ASN A 115 -15.87 -3.22 9.12
CA ASN A 115 -16.00 -3.83 7.79
C ASN A 115 -15.54 -2.82 6.74
N ARG A 116 -14.27 -2.56 6.76
CA ARG A 116 -13.62 -1.63 5.88
C ARG A 116 -12.14 -1.87 5.97
N PRO A 117 -11.42 -1.80 4.84
CA PRO A 117 -9.97 -1.98 4.81
C PRO A 117 -9.27 -0.95 5.72
N MET A 118 -8.81 -1.43 6.84
CA MET A 118 -8.19 -0.59 7.84
C MET A 118 -6.69 -0.72 7.70
N LEU A 119 -5.99 0.40 7.67
CA LEU A 119 -4.56 0.40 7.49
C LEU A 119 -3.95 0.26 8.88
N ILE A 120 -3.31 -0.88 9.12
CA ILE A 120 -2.73 -1.14 10.42
C ILE A 120 -1.49 -0.30 10.57
N SER A 121 -0.58 -0.48 9.64
CA SER A 121 0.67 0.16 9.68
C SER A 121 1.37 -0.10 8.37
N LEU A 122 2.35 0.69 8.10
CA LEU A 122 3.19 0.54 6.98
C LEU A 122 4.55 0.17 7.47
N ASP A 123 4.95 -1.07 7.23
CA ASP A 123 6.32 -1.47 7.56
C ASP A 123 7.20 -0.86 6.50
N LYS A 124 7.56 0.36 6.74
CA LYS A 124 8.28 1.19 5.82
C LYS A 124 9.67 0.66 5.50
N GLN A 125 10.21 -0.19 6.36
CA GLN A 125 11.56 -0.67 6.14
C GLN A 125 11.58 -1.71 5.04
N THR A 126 10.51 -2.46 4.92
CA THR A 126 10.40 -3.48 3.91
C THR A 126 9.42 -3.06 2.78
N CYS A 127 8.68 -1.95 3.03
CA CYS A 127 7.67 -1.40 2.13
C CYS A 127 6.48 -2.37 2.02
N THR A 128 6.02 -2.78 3.18
CA THR A 128 4.94 -3.73 3.35
C THR A 128 3.70 -3.00 3.90
N LEU A 129 2.53 -3.18 3.30
CA LEU A 129 1.35 -2.53 3.84
C LEU A 129 0.51 -3.58 4.52
N PHE A 130 0.01 -3.27 5.69
CA PHE A 130 -0.83 -4.20 6.39
C PHE A 130 -2.26 -3.69 6.40
N PHE A 131 -3.16 -4.50 5.94
CA PHE A 131 -4.56 -4.14 5.85
C PHE A 131 -5.40 -5.16 6.60
N SER A 132 -6.34 -4.68 7.35
CA SER A 132 -7.27 -5.54 8.03
C SER A 132 -8.63 -5.25 7.49
N TRP A 133 -9.51 -6.20 7.58
CA TRP A 133 -10.83 -6.03 7.11
C TRP A 133 -11.67 -6.92 7.99
N HIS A 134 -12.43 -6.34 8.86
CA HIS A 134 -13.19 -7.12 9.81
C HIS A 134 -14.60 -7.34 9.29
N THR A 135 -14.85 -8.53 8.83
CA THR A 135 -16.09 -8.88 8.17
C THR A 135 -16.51 -10.32 8.57
N PRO A 136 -17.84 -10.63 8.62
CA PRO A 136 -18.33 -11.97 8.98
C PRO A 136 -18.23 -12.95 7.82
N LEU A 137 -17.86 -12.47 6.64
CA LEU A 137 -17.70 -13.32 5.47
C LEU A 137 -16.47 -14.21 5.66
N ALA A 138 -15.56 -13.72 6.47
CA ALA A 138 -14.31 -14.38 6.75
C ALA A 138 -14.41 -15.21 8.03
N CYS A 139 -15.63 -15.46 8.44
CA CYS A 139 -15.86 -16.27 9.59
C CYS A 139 -16.13 -17.70 9.17
N GLU A 140 -15.68 -18.62 9.98
CA GLU A 140 -15.81 -20.02 9.69
C GLU A 140 -16.99 -20.58 10.50
N PRO A 141 -18.04 -21.10 9.80
CA PRO A 141 -19.24 -21.69 10.43
C PRO A 141 -18.97 -22.67 11.57
N GLU A 142 -19.41 -22.29 12.75
CA GLU A 142 -19.32 -23.08 13.95
C GLU A 142 -20.11 -22.37 15.03
N ALA B 1 19.81 -4.57 -15.70
CA ALA B 1 19.21 -3.28 -15.95
C ALA B 1 19.57 -2.32 -14.82
N TYR B 2 20.72 -1.71 -14.92
CA TYR B 2 21.18 -0.80 -13.91
C TYR B 2 21.12 0.60 -14.43
N ARG B 3 20.61 1.46 -13.63
CA ARG B 3 20.53 2.85 -13.94
C ARG B 3 21.38 3.62 -12.93
N PRO B 4 22.13 4.66 -13.40
CA PRO B 4 23.05 5.46 -12.56
C PRO B 4 22.37 6.12 -11.37
N SER B 5 21.07 6.19 -11.44
CA SER B 5 20.27 6.63 -10.36
C SER B 5 19.25 5.55 -10.09
N GLU B 6 19.58 4.66 -9.18
CA GLU B 6 18.66 3.62 -8.75
C GLU B 6 17.59 4.29 -7.93
N THR B 7 18.00 5.31 -7.24
CA THR B 7 17.15 6.17 -6.53
C THR B 7 16.84 7.36 -7.44
N LEU B 8 15.63 7.82 -7.37
CA LEU B 8 15.16 8.81 -8.30
C LEU B 8 15.64 10.20 -7.90
N CYS B 9 16.24 10.93 -8.84
CA CYS B 9 16.75 12.29 -8.60
C CYS B 9 15.65 13.31 -8.25
N GLY B 10 14.45 13.14 -8.75
CA GLY B 10 13.44 14.10 -8.48
C GLY B 10 12.06 13.51 -8.46
N GLY B 11 11.64 12.96 -9.60
CA GLY B 11 10.27 12.50 -9.82
C GLY B 11 9.64 11.71 -8.69
N GLU B 12 10.04 10.47 -8.52
CA GLU B 12 9.47 9.64 -7.47
C GLU B 12 10.01 10.03 -6.11
N LEU B 13 11.12 10.76 -6.08
CA LEU B 13 11.71 11.17 -4.84
C LEU B 13 10.86 12.25 -4.18
N VAL B 14 10.57 13.30 -4.90
CA VAL B 14 9.78 14.39 -4.35
C VAL B 14 8.32 13.93 -4.19
N ASP B 15 7.94 12.93 -4.96
CA ASP B 15 6.63 12.35 -4.81
C ASP B 15 6.53 11.53 -3.51
N THR B 16 7.56 10.72 -3.18
CA THR B 16 7.53 9.96 -1.92
C THR B 16 7.63 10.92 -0.72
N LEU B 17 8.32 12.07 -0.91
CA LEU B 17 8.29 13.18 0.04
C LEU B 17 6.84 13.55 0.35
N GLN B 18 6.05 13.78 -0.70
CA GLN B 18 4.65 14.17 -0.57
C GLN B 18 3.81 13.00 -0.06
N PHE B 19 4.18 11.80 -0.46
CA PHE B 19 3.52 10.57 -0.01
C PHE B 19 3.32 10.51 1.51
N VAL B 20 4.39 10.48 2.27
CA VAL B 20 4.22 10.34 3.70
C VAL B 20 4.16 11.70 4.39
N CYS B 21 4.54 12.75 3.71
CA CYS B 21 4.52 14.05 4.31
C CYS B 21 3.39 14.92 3.78
N GLY B 22 2.40 14.32 3.16
CA GLY B 22 1.21 15.06 2.71
C GLY B 22 0.57 15.85 3.85
N ASP B 23 0.44 15.22 5.01
CA ASP B 23 -0.12 15.87 6.18
C ASP B 23 0.92 16.73 6.92
N ARG B 24 2.07 16.15 7.24
CA ARG B 24 3.11 16.84 8.04
C ARG B 24 3.80 17.99 7.28
N GLY B 25 3.85 17.89 5.98
CA GLY B 25 4.52 18.87 5.18
C GLY B 25 5.81 18.32 4.67
N PHE B 26 6.09 18.49 3.41
CA PHE B 26 7.31 17.98 2.84
C PHE B 26 8.28 19.12 2.54
N TYR B 27 9.39 19.16 3.25
CA TYR B 27 10.36 20.22 3.09
C TYR B 27 11.74 19.59 3.07
N PHE B 28 12.57 20.00 2.13
CA PHE B 28 13.91 19.43 1.99
C PHE B 28 14.91 20.47 1.46
N SER B 29 14.57 21.74 1.58
CA SER B 29 15.42 22.81 1.08
C SER B 29 15.08 24.10 1.84
N ARG B 30 15.69 24.26 3.00
CA ARG B 30 15.40 25.40 3.86
C ARG B 30 16.67 26.23 3.99
N PRO B 31 16.59 27.54 4.28
CA PRO B 31 17.80 28.36 4.42
C PRO B 31 18.73 27.82 5.52
N ALA B 32 18.15 27.55 6.67
CA ALA B 32 18.83 27.02 7.82
C ALA B 32 17.80 26.38 8.74
N SER B 33 18.20 25.36 9.39
CA SER B 33 17.40 24.58 10.24
C SER B 33 18.37 23.72 10.93
N ARG B 34 17.95 23.11 11.94
CA ARG B 34 18.82 22.32 12.75
C ARG B 34 18.82 20.88 12.22
N VAL B 35 17.99 20.65 11.23
CA VAL B 35 17.90 19.36 10.58
C VAL B 35 18.18 19.55 9.08
N SER B 36 18.25 20.78 8.70
CA SER B 36 18.40 21.15 7.32
C SER B 36 19.13 22.48 7.29
N ARG B 37 20.36 22.47 7.77
CA ARG B 37 21.17 23.69 7.81
C ARG B 37 21.83 24.02 6.48
N ARG B 38 21.47 23.26 5.49
CA ARG B 38 21.94 23.44 4.16
C ARG B 38 20.71 23.81 3.37
N SER B 39 20.85 24.74 2.45
CA SER B 39 19.73 25.28 1.70
C SER B 39 19.04 24.26 0.77
N ARG B 40 19.63 23.10 0.65
CA ARG B 40 19.04 22.02 -0.08
C ARG B 40 19.55 20.74 0.52
N GLY B 41 18.77 19.72 0.50
CA GLY B 41 19.19 18.46 0.99
C GLY B 41 18.51 17.36 0.25
N ILE B 42 19.11 16.17 0.33
CA ILE B 42 18.63 14.87 -0.20
C ILE B 42 18.55 14.78 -1.72
N VAL B 43 18.18 15.88 -2.37
CA VAL B 43 18.07 15.96 -3.82
C VAL B 43 19.35 15.51 -4.53
N GLU B 44 20.49 15.89 -4.00
CA GLU B 44 21.73 15.58 -4.65
C GLU B 44 22.20 14.23 -4.19
N GLU B 45 22.17 14.03 -2.89
CA GLU B 45 22.60 12.82 -2.24
C GLU B 45 21.89 11.60 -2.81
N CYS B 46 20.60 11.70 -2.99
CA CYS B 46 19.82 10.57 -3.47
C CYS B 46 19.84 10.48 -5.00
N CYS B 47 20.23 11.55 -5.66
CA CYS B 47 20.31 11.55 -7.11
C CYS B 47 21.54 10.77 -7.59
N PHE B 48 22.64 10.89 -6.87
CA PHE B 48 23.87 10.23 -7.28
C PHE B 48 24.21 8.99 -6.44
N ARG B 49 23.55 8.83 -5.32
CA ARG B 49 23.76 7.71 -4.43
C ARG B 49 22.43 7.21 -3.93
N SER B 50 22.38 5.99 -3.50
CA SER B 50 21.15 5.40 -3.05
C SER B 50 20.87 5.85 -1.64
N CYS B 51 19.81 6.59 -1.48
CA CYS B 51 19.46 7.16 -0.22
C CYS B 51 18.60 6.18 0.52
N ASP B 52 18.77 6.11 1.81
CA ASP B 52 17.91 5.29 2.60
C ASP B 52 16.77 6.15 3.08
N LEU B 53 15.63 5.54 3.27
CA LEU B 53 14.41 6.26 3.56
C LEU B 53 14.39 6.87 4.94
N ALA B 54 15.38 6.53 5.74
CA ALA B 54 15.46 7.05 7.08
C ALA B 54 15.90 8.50 7.00
N LEU B 55 16.72 8.80 5.99
CA LEU B 55 17.20 10.13 5.70
C LEU B 55 16.03 11.01 5.40
N LEU B 56 15.15 10.56 4.53
CA LEU B 56 14.07 11.36 4.12
C LEU B 56 13.03 11.45 5.20
N GLU B 57 12.91 10.44 6.01
CA GLU B 57 11.92 10.42 7.08
C GLU B 57 12.21 11.54 8.11
N THR B 58 13.43 11.57 8.60
CA THR B 58 13.81 12.54 9.62
C THR B 58 14.08 13.94 9.00
N TYR B 59 14.39 14.02 7.71
CA TYR B 59 14.64 15.29 7.07
C TYR B 59 13.29 15.91 6.69
N CYS B 60 12.34 15.06 6.33
CA CYS B 60 10.99 15.49 5.91
C CYS B 60 10.16 15.97 7.08
N ALA B 61 10.42 17.20 7.47
CA ALA B 61 9.67 17.94 8.47
C ALA B 61 9.96 17.50 9.90
N THR B 62 9.79 18.43 10.79
CA THR B 62 9.99 18.24 12.18
C THR B 62 8.75 18.71 12.95
N PRO B 63 8.36 17.94 13.98
CA PRO B 63 7.11 18.13 14.73
C PRO B 63 6.92 19.50 15.33
N ALA B 64 7.98 20.17 15.64
CA ALA B 64 7.91 21.47 16.23
C ALA B 64 8.62 22.52 15.38
N LYS B 65 8.76 22.26 14.10
CA LYS B 65 9.45 23.19 13.23
C LYS B 65 8.99 22.99 11.78
N SER B 66 7.78 22.52 11.61
CA SER B 66 7.19 22.33 10.30
C SER B 66 5.68 22.42 10.42
N GLU B 67 5.24 23.27 11.29
CA GLU B 67 3.84 23.39 11.56
C GLU B 67 3.59 24.77 12.14
N MET A 1 -19.33 -23.34 -5.22
CA MET A 1 -18.49 -24.46 -5.60
C MET A 1 -17.40 -24.65 -4.56
N LYS A 2 -17.53 -25.68 -3.75
CA LYS A 2 -16.59 -25.99 -2.68
C LYS A 2 -15.34 -26.62 -3.26
N SER A 3 -14.45 -25.79 -3.74
CA SER A 3 -13.20 -26.23 -4.27
C SER A 3 -12.08 -25.31 -3.79
N ASN A 4 -10.92 -25.87 -3.47
CA ASN A 4 -9.76 -25.09 -3.07
C ASN A 4 -9.00 -24.67 -4.29
N GLU A 5 -9.61 -23.83 -5.08
CA GLU A 5 -9.00 -23.39 -6.33
C GLU A 5 -7.95 -22.34 -6.05
N HIS A 6 -8.18 -21.57 -4.99
CA HIS A 6 -7.26 -20.51 -4.50
C HIS A 6 -7.23 -19.30 -5.43
N ASP A 7 -6.75 -19.52 -6.64
CA ASP A 7 -6.51 -18.46 -7.64
C ASP A 7 -7.82 -17.82 -8.16
N ASP A 8 -8.93 -18.36 -7.78
CA ASP A 8 -10.21 -17.78 -8.15
C ASP A 8 -10.87 -17.12 -6.92
N CYS A 9 -10.04 -16.90 -5.89
CA CYS A 9 -10.44 -16.32 -4.62
C CYS A 9 -11.52 -17.07 -3.89
N GLN A 10 -11.32 -18.36 -3.77
CA GLN A 10 -12.21 -19.19 -3.02
C GLN A 10 -11.51 -20.44 -2.54
N VAL A 11 -11.75 -20.75 -1.28
CA VAL A 11 -11.17 -21.89 -0.60
C VAL A 11 -12.19 -22.52 0.30
N THR A 12 -12.14 -23.82 0.43
CA THR A 12 -13.04 -24.52 1.32
C THR A 12 -12.23 -25.15 2.44
N ASN A 13 -12.71 -25.07 3.64
CA ASN A 13 -12.09 -25.75 4.74
C ASN A 13 -12.73 -27.11 4.87
N PRO A 14 -11.98 -28.18 4.55
CA PRO A 14 -12.52 -29.56 4.51
C PRO A 14 -12.98 -30.07 5.87
N SER A 15 -12.49 -29.44 6.89
CA SER A 15 -12.80 -29.82 8.24
C SER A 15 -14.26 -29.51 8.58
N THR A 16 -14.71 -28.33 8.21
CA THR A 16 -16.06 -27.91 8.57
C THR A 16 -16.92 -27.65 7.31
N GLY A 17 -16.35 -27.99 6.16
CA GLY A 17 -17.02 -27.87 4.87
C GLY A 17 -17.48 -26.46 4.57
N HIS A 18 -16.71 -25.48 4.97
CA HIS A 18 -17.09 -24.10 4.73
C HIS A 18 -16.33 -23.54 3.53
N LEU A 19 -17.08 -23.09 2.55
CA LEU A 19 -16.58 -22.52 1.31
C LEU A 19 -16.55 -20.98 1.41
N PHE A 20 -15.37 -20.40 1.38
CA PHE A 20 -15.22 -18.97 1.39
C PHE A 20 -15.17 -18.42 -0.02
N ASP A 21 -16.16 -17.63 -0.38
CA ASP A 21 -16.20 -16.93 -1.66
C ASP A 21 -15.81 -15.50 -1.42
N LEU A 22 -14.68 -15.09 -1.97
CA LEU A 22 -14.23 -13.74 -1.80
C LEU A 22 -14.54 -12.92 -3.03
N SER A 23 -15.23 -13.56 -3.96
CA SER A 23 -15.64 -12.93 -5.21
C SER A 23 -16.67 -11.84 -4.91
N SER A 24 -17.41 -12.07 -3.85
CA SER A 24 -18.41 -11.15 -3.38
C SER A 24 -17.77 -9.80 -2.98
N LEU A 25 -16.50 -9.83 -2.57
CA LEU A 25 -15.80 -8.63 -2.18
C LEU A 25 -14.92 -8.12 -3.30
N SER A 26 -14.92 -8.82 -4.41
CA SER A 26 -14.09 -8.45 -5.53
C SER A 26 -14.65 -7.24 -6.27
N GLY A 27 -13.80 -6.56 -7.01
CA GLY A 27 -14.20 -5.38 -7.75
C GLY A 27 -13.02 -4.76 -8.43
N ARG A 28 -13.26 -4.19 -9.59
CA ARG A 28 -12.22 -3.59 -10.41
C ARG A 28 -12.06 -2.09 -10.11
N ALA A 29 -13.14 -1.45 -9.68
CA ALA A 29 -13.09 -0.04 -9.31
C ALA A 29 -12.43 0.08 -7.95
N GLY A 30 -12.74 -0.86 -7.09
CA GLY A 30 -12.08 -0.97 -5.84
C GLY A 30 -12.79 -0.27 -4.71
N PHE A 31 -12.06 -0.13 -3.65
CA PHE A 31 -12.51 0.49 -2.43
C PHE A 31 -11.50 1.56 -2.06
N THR A 32 -11.93 2.57 -1.35
CA THR A 32 -11.10 3.67 -0.98
C THR A 32 -10.83 3.70 0.52
N ALA A 33 -9.60 3.92 0.89
CA ALA A 33 -9.23 4.07 2.28
C ALA A 33 -8.45 5.36 2.44
N ALA A 34 -8.58 5.97 3.61
CA ALA A 34 -7.95 7.25 3.89
C ALA A 34 -6.50 7.08 4.29
N TYR A 35 -5.65 7.91 3.74
CA TYR A 35 -4.25 7.88 4.04
C TYR A 35 -3.75 9.29 4.30
N SER A 36 -3.10 9.87 3.30
CA SER A 36 -2.53 11.19 3.40
C SER A 36 -3.64 12.24 3.38
N LYS A 37 -3.36 13.45 3.84
CA LYS A 37 -4.34 14.52 3.90
C LYS A 37 -4.99 14.76 2.52
N SER A 38 -4.21 14.69 1.48
CA SER A 38 -4.65 14.99 0.17
C SER A 38 -4.86 13.74 -0.68
N GLY A 39 -4.86 12.56 -0.08
CA GLY A 39 -4.91 11.38 -0.91
C GLY A 39 -5.46 10.14 -0.26
N VAL A 40 -6.12 9.34 -1.07
CA VAL A 40 -6.70 8.07 -0.66
C VAL A 40 -5.94 6.94 -1.34
N VAL A 41 -6.24 5.73 -0.98
CA VAL A 41 -5.64 4.58 -1.63
C VAL A 41 -6.73 3.78 -2.34
N TYR A 42 -6.40 3.26 -3.50
CA TYR A 42 -7.29 2.44 -4.27
C TYR A 42 -6.85 1.01 -4.14
N MET A 43 -7.79 0.18 -3.83
CA MET A 43 -7.50 -1.23 -3.66
C MET A 43 -8.61 -2.07 -4.24
N SER A 44 -8.24 -3.00 -5.06
CA SER A 44 -9.17 -3.88 -5.70
C SER A 44 -8.98 -5.30 -5.17
N ILE A 45 -10.05 -5.93 -4.79
CA ILE A 45 -9.99 -7.27 -4.25
C ILE A 45 -10.12 -8.28 -5.37
N CYS A 46 -9.12 -9.12 -5.53
CA CYS A 46 -9.13 -10.23 -6.48
C CYS A 46 -9.28 -9.74 -7.91
N GLY A 47 -8.58 -8.71 -8.21
CA GLY A 47 -8.63 -8.16 -9.52
C GLY A 47 -7.79 -6.96 -9.61
N GLU A 48 -7.62 -6.47 -10.80
CA GLU A 48 -6.84 -5.29 -11.02
C GLU A 48 -7.72 -4.06 -10.85
N ASN A 49 -7.11 -2.99 -10.49
CA ASN A 49 -7.80 -1.77 -10.25
C ASN A 49 -7.62 -0.86 -11.44
N GLU A 50 -8.71 -0.46 -12.08
CA GLU A 50 -8.63 0.33 -13.31
C GLU A 50 -8.33 1.82 -13.07
N ASN A 51 -7.92 2.17 -11.88
CA ASN A 51 -7.56 3.55 -11.60
C ASN A 51 -6.07 3.76 -11.74
N CYS A 52 -5.34 2.68 -11.83
CA CYS A 52 -3.90 2.75 -11.88
C CYS A 52 -3.42 1.75 -12.97
N PRO A 53 -2.14 1.83 -13.47
CA PRO A 53 -1.55 0.89 -14.48
C PRO A 53 -2.12 -0.57 -14.49
N PRO A 54 -2.27 -1.13 -15.71
CA PRO A 54 -2.83 -2.48 -15.92
C PRO A 54 -2.15 -3.59 -15.12
N GLY A 55 -2.95 -4.36 -14.38
CA GLY A 55 -2.43 -5.48 -13.61
C GLY A 55 -2.10 -5.13 -12.16
N VAL A 56 -2.44 -3.94 -11.72
CA VAL A 56 -2.15 -3.55 -10.36
C VAL A 56 -3.40 -3.71 -9.48
N GLY A 57 -3.20 -4.16 -8.25
CA GLY A 57 -4.30 -4.33 -7.32
C GLY A 57 -4.34 -3.24 -6.25
N ALA A 58 -3.19 -2.67 -5.91
CA ALA A 58 -3.12 -1.61 -4.93
C ALA A 58 -2.31 -0.44 -5.45
N CYS A 59 -2.86 0.75 -5.30
CA CYS A 59 -2.22 1.98 -5.79
C CYS A 59 -2.83 3.16 -5.04
N PHE A 60 -2.03 4.15 -4.68
CA PHE A 60 -2.57 5.32 -4.00
C PHE A 60 -3.05 6.33 -5.05
N GLY A 61 -4.12 7.06 -4.74
CA GLY A 61 -4.78 7.93 -5.70
C GLY A 61 -3.98 9.15 -6.11
N GLN A 62 -3.01 9.54 -5.32
CA GLN A 62 -2.14 10.67 -5.68
C GLN A 62 -0.84 10.20 -6.31
N THR A 63 -0.40 9.04 -5.92
CA THR A 63 0.95 8.64 -6.17
C THR A 63 1.21 8.08 -7.56
N ARG A 64 0.19 7.40 -8.13
CA ARG A 64 0.32 6.64 -9.41
C ARG A 64 1.19 5.39 -9.19
N ILE A 65 1.71 5.21 -7.98
CA ILE A 65 2.69 4.18 -7.69
C ILE A 65 1.99 2.86 -7.34
N SER A 66 2.48 1.80 -7.95
CA SER A 66 2.00 0.46 -7.76
C SER A 66 2.56 -0.10 -6.47
N VAL A 67 1.68 -0.40 -5.53
CA VAL A 67 2.14 -0.92 -4.26
C VAL A 67 1.66 -2.36 -4.05
N GLY A 68 1.09 -2.92 -5.08
CA GLY A 68 0.63 -4.27 -5.00
C GLY A 68 0.14 -4.77 -6.33
N LYS A 69 0.85 -5.72 -6.89
CA LYS A 69 0.49 -6.34 -8.15
C LYS A 69 -0.74 -7.21 -7.94
N ALA A 70 -1.71 -7.10 -8.83
CA ALA A 70 -2.93 -7.86 -8.70
C ALA A 70 -2.66 -9.33 -8.89
N ASN A 71 -3.18 -10.09 -7.99
CA ASN A 71 -3.06 -11.52 -7.97
C ASN A 71 -4.31 -12.00 -7.31
N LYS A 72 -4.61 -13.24 -7.40
CA LYS A 72 -5.83 -13.76 -6.80
C LYS A 72 -5.49 -14.97 -6.01
N ARG A 73 -4.40 -14.92 -5.33
CA ARG A 73 -3.90 -16.08 -4.68
C ARG A 73 -4.39 -16.12 -3.25
N LEU A 74 -5.64 -16.50 -3.16
CA LEU A 74 -6.35 -16.65 -1.89
C LEU A 74 -5.69 -17.76 -1.07
N ARG A 75 -5.32 -17.42 0.13
CA ARG A 75 -4.77 -18.39 1.05
C ARG A 75 -5.57 -18.38 2.35
N TYR A 76 -5.80 -19.55 2.91
CA TYR A 76 -6.58 -19.69 4.11
C TYR A 76 -5.67 -20.16 5.21
N VAL A 77 -5.43 -19.30 6.16
CA VAL A 77 -4.55 -19.62 7.25
C VAL A 77 -5.24 -19.48 8.61
N ASP A 78 -5.85 -20.56 9.04
CA ASP A 78 -6.56 -20.66 10.35
C ASP A 78 -7.61 -19.55 10.50
N GLN A 79 -8.61 -19.65 9.64
CA GLN A 79 -9.81 -18.76 9.57
C GLN A 79 -9.45 -17.34 9.20
N VAL A 80 -8.26 -17.19 8.72
CA VAL A 80 -7.77 -15.97 8.22
C VAL A 80 -7.62 -16.08 6.72
N LEU A 81 -8.30 -15.23 6.03
CA LEU A 81 -8.27 -15.17 4.59
C LEU A 81 -7.26 -14.13 4.22
N GLN A 82 -6.20 -14.52 3.60
CA GLN A 82 -5.17 -13.58 3.31
C GLN A 82 -4.79 -13.57 1.84
N LEU A 83 -4.86 -12.38 1.29
CA LEU A 83 -4.47 -12.08 -0.06
C LEU A 83 -3.19 -11.29 0.00
N VAL A 84 -2.18 -11.71 -0.69
CA VAL A 84 -0.95 -10.99 -0.66
C VAL A 84 -0.65 -10.44 -2.03
N TYR A 85 -0.49 -9.15 -2.09
CA TYR A 85 -0.20 -8.52 -3.35
C TYR A 85 1.24 -8.13 -3.35
N LYS A 86 2.06 -8.97 -3.89
CA LYS A 86 3.48 -8.75 -3.88
C LYS A 86 3.93 -8.33 -5.24
N ASP A 87 5.19 -7.95 -5.33
CA ASP A 87 5.84 -7.52 -6.57
C ASP A 87 5.12 -6.35 -7.20
N GLY A 88 4.89 -5.31 -6.42
CA GLY A 88 4.28 -4.11 -6.96
C GLY A 88 5.24 -3.38 -7.87
N SER A 89 5.65 -2.23 -7.48
CA SER A 89 6.68 -1.55 -8.20
C SER A 89 7.77 -1.00 -7.26
N PRO A 90 8.94 -0.52 -7.79
CA PRO A 90 10.05 0.03 -6.99
C PRO A 90 9.59 0.93 -5.84
N CYS A 91 10.07 0.60 -4.68
CA CYS A 91 9.75 1.29 -3.48
C CYS A 91 10.79 2.40 -3.23
N PRO A 92 10.35 3.66 -3.09
CA PRO A 92 11.24 4.77 -2.73
C PRO A 92 11.68 4.65 -1.26
N SER A 93 10.84 4.05 -0.43
CA SER A 93 11.13 3.84 0.97
C SER A 93 12.40 2.96 1.15
N LYS A 94 12.47 1.88 0.42
CA LYS A 94 13.65 1.04 0.39
C LYS A 94 14.05 0.86 -1.07
N SER A 95 15.16 1.45 -1.44
CA SER A 95 15.56 1.52 -2.80
C SER A 95 16.01 0.13 -3.30
N GLY A 96 15.35 -0.35 -4.34
CA GLY A 96 15.68 -1.63 -4.90
C GLY A 96 14.66 -2.67 -4.54
N LEU A 97 13.79 -2.31 -3.64
CA LEU A 97 12.76 -3.17 -3.15
C LEU A 97 11.45 -2.78 -3.85
N SER A 98 10.44 -3.58 -3.73
CA SER A 98 9.14 -3.29 -4.31
C SER A 98 8.06 -3.46 -3.24
N TYR A 99 7.01 -2.64 -3.32
CA TYR A 99 5.90 -2.67 -2.39
C TYR A 99 5.10 -3.98 -2.43
N LYS A 100 4.32 -4.20 -1.37
CA LYS A 100 3.53 -5.39 -1.19
C LYS A 100 2.40 -5.10 -0.21
N SER A 101 1.21 -5.47 -0.58
CA SER A 101 0.06 -5.26 0.25
C SER A 101 -0.40 -6.60 0.83
N VAL A 102 -0.61 -6.66 2.11
CA VAL A 102 -1.07 -7.86 2.77
C VAL A 102 -2.51 -7.62 3.24
N ILE A 103 -3.43 -8.28 2.59
CA ILE A 103 -4.83 -8.13 2.90
C ILE A 103 -5.31 -9.32 3.73
N SER A 104 -5.58 -9.05 4.97
CA SER A 104 -6.02 -10.06 5.89
C SER A 104 -7.49 -9.83 6.28
N PHE A 105 -8.32 -10.77 5.90
CA PHE A 105 -9.72 -10.77 6.26
C PHE A 105 -9.86 -11.49 7.57
N VAL A 106 -10.41 -10.81 8.54
CA VAL A 106 -10.55 -11.35 9.86
C VAL A 106 -12.05 -11.49 10.19
N CYS A 107 -12.38 -12.59 10.82
CA CYS A 107 -13.73 -12.92 11.22
C CYS A 107 -14.23 -11.95 12.31
N ARG A 108 -15.29 -11.23 12.03
CA ARG A 108 -15.89 -10.34 12.99
C ARG A 108 -17.36 -10.73 13.21
N PRO A 109 -17.67 -11.52 14.25
CA PRO A 109 -19.05 -11.88 14.59
C PRO A 109 -19.82 -10.64 15.06
N GLU A 110 -19.16 -9.80 15.85
CA GLU A 110 -19.69 -8.53 16.35
C GLU A 110 -19.58 -7.42 15.29
N ALA A 111 -19.92 -7.79 14.06
CA ALA A 111 -19.88 -6.94 12.89
C ALA A 111 -20.34 -5.51 13.18
N GLY A 112 -19.50 -4.57 12.85
CA GLY A 112 -19.79 -3.18 13.05
C GLY A 112 -18.99 -2.40 12.07
N PRO A 113 -18.43 -1.25 12.47
CA PRO A 113 -17.61 -0.40 11.56
C PRO A 113 -16.22 -0.99 11.28
N THR A 114 -16.10 -2.26 11.50
CA THR A 114 -14.91 -3.02 11.32
C THR A 114 -14.89 -3.58 9.91
N ASN A 115 -16.04 -3.52 9.27
CA ASN A 115 -16.24 -4.10 7.95
C ASN A 115 -15.84 -3.08 6.89
N ARG A 116 -14.56 -2.80 6.83
CA ARG A 116 -13.97 -1.87 5.89
C ARG A 116 -12.46 -2.05 5.92
N PRO A 117 -11.81 -2.02 4.75
CA PRO A 117 -10.36 -2.19 4.65
C PRO A 117 -9.60 -1.03 5.32
N MET A 118 -8.97 -1.31 6.42
CA MET A 118 -8.25 -0.30 7.15
C MET A 118 -6.75 -0.58 7.13
N LEU A 119 -5.97 0.48 7.01
CA LEU A 119 -4.52 0.44 6.99
C LEU A 119 -4.05 0.29 8.44
N ILE A 120 -3.34 -0.79 8.73
CA ILE A 120 -2.81 -1.03 10.07
C ILE A 120 -1.55 -0.22 10.24
N SER A 121 -0.63 -0.43 9.34
CA SER A 121 0.64 0.20 9.35
C SER A 121 1.34 -0.18 8.07
N LEU A 122 2.30 0.60 7.68
CA LEU A 122 3.12 0.32 6.56
C LEU A 122 4.50 0.12 7.12
N ASP A 123 5.01 -1.09 7.05
CA ASP A 123 6.37 -1.33 7.53
C ASP A 123 7.34 -0.64 6.58
N LYS A 124 7.85 0.47 7.05
CA LYS A 124 8.69 1.41 6.28
C LYS A 124 9.99 0.78 5.79
N GLN A 125 10.44 -0.24 6.47
CA GLN A 125 11.70 -0.87 6.13
C GLN A 125 11.54 -1.90 5.05
N THR A 126 10.47 -2.64 5.13
CA THR A 126 10.26 -3.74 4.24
C THR A 126 9.22 -3.42 3.12
N CYS A 127 8.71 -2.16 3.11
CA CYS A 127 7.75 -1.66 2.08
C CYS A 127 6.50 -2.53 2.02
N THR A 128 6.10 -2.99 3.16
CA THR A 128 4.98 -3.87 3.28
C THR A 128 3.80 -3.14 3.90
N LEU A 129 2.67 -3.18 3.23
CA LEU A 129 1.48 -2.44 3.66
C LEU A 129 0.47 -3.43 4.22
N PHE A 130 0.09 -3.23 5.46
CA PHE A 130 -0.84 -4.15 6.10
C PHE A 130 -2.25 -3.58 6.14
N PHE A 131 -3.21 -4.40 5.77
CA PHE A 131 -4.61 -4.01 5.71
C PHE A 131 -5.47 -5.03 6.46
N SER A 132 -6.51 -4.55 7.10
CA SER A 132 -7.43 -5.40 7.82
C SER A 132 -8.83 -5.16 7.33
N TRP A 133 -9.69 -6.13 7.54
CA TRP A 133 -11.06 -6.07 7.16
C TRP A 133 -11.76 -7.07 8.05
N HIS A 134 -12.52 -6.60 9.00
CA HIS A 134 -13.19 -7.48 9.92
C HIS A 134 -14.63 -7.62 9.51
N THR A 135 -14.94 -8.74 8.93
CA THR A 135 -16.23 -9.01 8.31
C THR A 135 -16.76 -10.40 8.75
N PRO A 136 -18.13 -10.60 8.81
CA PRO A 136 -18.73 -11.91 9.06
C PRO A 136 -18.63 -12.84 7.85
N LEU A 137 -18.18 -12.32 6.71
CA LEU A 137 -18.05 -13.14 5.50
C LEU A 137 -16.94 -14.18 5.71
N ALA A 138 -16.01 -13.84 6.58
CA ALA A 138 -14.89 -14.71 6.91
C ALA A 138 -15.25 -15.57 8.13
N CYS A 139 -16.49 -15.53 8.51
CA CYS A 139 -16.96 -16.24 9.65
C CYS A 139 -17.88 -17.35 9.22
N GLU A 140 -17.85 -18.41 9.96
CA GLU A 140 -18.75 -19.51 9.80
C GLU A 140 -20.06 -19.11 10.45
N PRO A 141 -21.20 -19.25 9.75
CA PRO A 141 -22.50 -18.83 10.28
C PRO A 141 -22.91 -19.63 11.51
N GLU A 142 -23.11 -18.93 12.60
CA GLU A 142 -23.56 -19.51 13.85
C GLU A 142 -25.08 -19.47 13.88
N ALA B 1 19.15 17.74 -18.81
CA ALA B 1 18.68 17.04 -17.62
C ALA B 1 17.91 15.80 -18.02
N TYR B 2 18.62 14.75 -18.32
CA TYR B 2 17.98 13.52 -18.71
C TYR B 2 17.83 12.62 -17.50
N ARG B 3 16.61 12.45 -17.08
CA ARG B 3 16.30 11.58 -15.97
C ARG B 3 16.30 10.16 -16.48
N PRO B 4 16.63 9.17 -15.63
CA PRO B 4 16.69 7.75 -16.02
C PRO B 4 15.31 7.10 -16.22
N SER B 5 14.35 7.94 -16.60
CA SER B 5 12.94 7.63 -16.87
C SER B 5 12.18 6.91 -15.73
N GLU B 6 12.83 6.71 -14.61
CA GLU B 6 12.23 6.00 -13.51
C GLU B 6 11.55 6.97 -12.56
N THR B 7 12.18 8.09 -12.31
CA THR B 7 11.73 9.03 -11.34
C THR B 7 11.23 10.33 -12.01
N LEU B 8 10.08 10.80 -11.60
CA LEU B 8 9.50 12.02 -12.12
C LEU B 8 9.82 13.22 -11.21
N CYS B 9 10.28 14.32 -11.78
CA CYS B 9 10.63 15.48 -11.01
C CYS B 9 9.40 16.31 -10.81
N GLY B 10 9.25 16.86 -9.64
CA GLY B 10 8.10 17.67 -9.35
C GLY B 10 6.99 16.84 -8.78
N GLY B 11 6.31 16.10 -9.64
CA GLY B 11 5.15 15.32 -9.26
C GLY B 11 5.46 14.28 -8.21
N GLU B 12 6.25 13.27 -8.57
CA GLU B 12 6.61 12.21 -7.61
C GLU B 12 7.38 12.79 -6.43
N LEU B 13 8.11 13.86 -6.69
CA LEU B 13 8.84 14.55 -5.65
C LEU B 13 7.94 15.05 -4.55
N VAL B 14 7.05 15.93 -4.90
CA VAL B 14 6.17 16.53 -3.93
C VAL B 14 5.18 15.50 -3.39
N ASP B 15 4.86 14.52 -4.22
CA ASP B 15 3.92 13.47 -3.87
C ASP B 15 4.46 12.48 -2.82
N THR B 16 5.70 12.00 -2.97
CA THR B 16 6.27 11.10 -1.98
C THR B 16 6.42 11.81 -0.64
N LEU B 17 6.83 13.08 -0.73
CA LEU B 17 6.85 13.90 0.43
C LEU B 17 5.48 14.02 1.03
N GLN B 18 4.49 14.31 0.21
CA GLN B 18 3.07 14.36 0.62
C GLN B 18 2.61 13.03 1.24
N PHE B 19 3.21 11.94 0.82
CA PHE B 19 2.86 10.63 1.32
C PHE B 19 3.02 10.55 2.82
N VAL B 20 4.21 10.84 3.35
CA VAL B 20 4.32 10.82 4.83
C VAL B 20 4.26 12.25 5.45
N CYS B 21 4.48 13.24 4.65
CA CYS B 21 4.52 14.61 5.11
C CYS B 21 3.33 15.44 4.58
N GLY B 22 2.18 14.79 4.36
CA GLY B 22 1.01 15.53 3.90
C GLY B 22 0.60 16.62 4.88
N ASP B 23 0.21 16.22 6.07
CA ASP B 23 -0.12 17.15 7.14
C ASP B 23 1.13 17.86 7.67
N ARG B 24 2.24 17.14 7.67
CA ARG B 24 3.53 17.62 8.18
C ARG B 24 4.07 18.78 7.35
N GLY B 25 3.84 18.74 6.08
CA GLY B 25 4.33 19.76 5.22
C GLY B 25 5.57 19.32 4.51
N PHE B 26 5.77 19.82 3.33
CA PHE B 26 6.94 19.50 2.55
C PHE B 26 7.61 20.76 1.99
N TYR B 27 8.94 20.83 2.06
CA TYR B 27 9.68 21.96 1.49
C TYR B 27 10.95 21.45 0.82
N PHE B 28 10.81 20.91 -0.37
CA PHE B 28 11.95 20.42 -1.10
C PHE B 28 12.45 21.51 -2.04
N SER B 29 11.59 22.45 -2.33
CA SER B 29 11.92 23.52 -3.22
C SER B 29 12.59 24.68 -2.47
N ARG B 30 13.89 24.56 -2.29
CA ARG B 30 14.67 25.58 -1.59
C ARG B 30 15.28 26.53 -2.59
N PRO B 31 14.83 27.80 -2.59
CA PRO B 31 15.47 28.82 -3.40
C PRO B 31 16.87 29.12 -2.85
N ALA B 32 16.91 29.46 -1.57
CA ALA B 32 18.11 29.70 -0.86
C ALA B 32 17.82 29.39 0.57
N SER B 33 18.83 29.17 1.32
CA SER B 33 18.80 28.89 2.68
C SER B 33 20.20 29.24 3.10
N ARG B 34 20.45 29.42 4.34
CA ARG B 34 21.72 29.94 4.76
C ARG B 34 22.70 28.82 5.08
N VAL B 35 22.22 27.60 5.01
CA VAL B 35 23.05 26.40 5.20
C VAL B 35 23.02 25.59 3.91
N SER B 36 22.15 26.01 3.05
CA SER B 36 21.96 25.41 1.77
C SER B 36 21.66 26.57 0.84
N ARG B 37 22.73 27.24 0.48
CA ARG B 37 22.65 28.45 -0.34
C ARG B 37 22.51 28.09 -1.82
N ARG B 38 22.52 26.83 -2.08
CA ARG B 38 22.38 26.31 -3.40
C ARG B 38 20.93 25.89 -3.55
N SER B 39 20.39 26.05 -4.73
CA SER B 39 19.02 25.70 -4.95
C SER B 39 18.86 24.20 -5.18
N ARG B 40 18.99 23.46 -4.13
CA ARG B 40 18.82 22.05 -4.16
C ARG B 40 17.98 21.62 -2.97
N GLY B 41 17.07 20.74 -3.22
CA GLY B 41 16.26 20.19 -2.23
C GLY B 41 15.80 18.90 -2.75
N ILE B 42 16.69 17.92 -2.69
CA ILE B 42 16.54 16.50 -3.15
C ILE B 42 16.23 16.33 -4.65
N VAL B 43 15.96 17.43 -5.30
CA VAL B 43 15.64 17.45 -6.71
C VAL B 43 16.79 16.93 -7.59
N GLU B 44 18.04 17.17 -7.20
CA GLU B 44 19.11 16.68 -8.04
C GLU B 44 19.39 15.23 -7.68
N GLU B 45 19.04 14.87 -6.47
CA GLU B 45 19.25 13.53 -5.97
C GLU B 45 18.34 12.56 -6.73
N CYS B 46 17.04 12.78 -6.58
CA CYS B 46 16.04 11.84 -7.10
C CYS B 46 15.83 11.93 -8.62
N CYS B 47 16.17 13.06 -9.25
CA CYS B 47 15.98 13.15 -10.71
C CYS B 47 17.07 12.40 -11.48
N PHE B 48 18.00 11.81 -10.77
CA PHE B 48 19.07 11.02 -11.37
C PHE B 48 19.29 9.68 -10.65
N ARG B 49 19.38 9.72 -9.33
CA ARG B 49 19.56 8.50 -8.55
C ARG B 49 18.24 8.12 -7.88
N SER B 50 18.21 6.94 -7.33
CA SER B 50 17.07 6.47 -6.58
C SER B 50 17.28 6.85 -5.13
N CYS B 51 16.52 7.78 -4.67
CA CYS B 51 16.63 8.28 -3.35
C CYS B 51 15.73 7.47 -2.44
N ASP B 52 16.24 7.10 -1.30
CA ASP B 52 15.49 6.27 -0.40
C ASP B 52 14.82 7.05 0.72
N LEU B 53 13.98 6.36 1.49
CA LEU B 53 13.15 6.99 2.54
C LEU B 53 13.94 7.87 3.49
N ALA B 54 15.13 7.41 3.86
CA ALA B 54 15.94 8.05 4.88
C ALA B 54 16.17 9.52 4.56
N LEU B 55 16.54 9.77 3.31
CA LEU B 55 16.81 11.09 2.80
C LEU B 55 15.58 11.95 2.87
N LEU B 56 14.53 11.50 2.22
CA LEU B 56 13.34 12.29 2.07
C LEU B 56 12.59 12.49 3.38
N GLU B 57 12.61 11.50 4.25
CA GLU B 57 11.91 11.60 5.50
C GLU B 57 12.66 12.49 6.51
N THR B 58 13.99 12.41 6.59
CA THR B 58 14.71 13.31 7.49
C THR B 58 14.83 14.72 6.87
N TYR B 59 14.50 14.84 5.59
CA TYR B 59 14.48 16.09 4.92
C TYR B 59 13.11 16.69 5.18
N CYS B 60 12.09 16.11 4.52
CA CYS B 60 10.66 16.43 4.68
C CYS B 60 10.34 17.94 4.89
N ALA B 61 10.37 18.37 6.13
CA ALA B 61 10.16 19.74 6.49
C ALA B 61 10.89 19.97 7.77
N THR B 62 10.56 19.16 8.72
CA THR B 62 11.24 19.12 9.95
C THR B 62 12.54 18.35 9.76
N PRO B 63 13.64 18.87 10.31
CA PRO B 63 14.97 18.31 10.10
C PRO B 63 15.22 17.01 10.88
N ALA B 64 14.46 16.80 11.91
CA ALA B 64 14.59 15.61 12.73
C ALA B 64 13.23 15.12 13.17
N LYS B 65 12.57 14.37 12.34
CA LYS B 65 11.31 13.77 12.71
C LYS B 65 11.57 12.65 13.72
N SER B 66 10.85 12.67 14.82
CA SER B 66 10.96 11.66 15.82
C SER B 66 9.59 11.00 16.00
N GLU B 67 8.59 11.83 15.96
CA GLU B 67 7.22 11.44 16.07
C GLU B 67 6.48 12.30 15.07
N MET A 1 -15.94 -34.94 -3.58
CA MET A 1 -14.70 -34.18 -3.50
C MET A 1 -14.91 -33.07 -2.50
N LYS A 2 -13.88 -32.27 -2.27
CA LYS A 2 -13.94 -31.17 -1.36
C LYS A 2 -12.90 -30.16 -1.83
N SER A 3 -13.10 -29.73 -3.07
CA SER A 3 -12.18 -28.85 -3.78
C SER A 3 -11.85 -27.57 -3.00
N ASN A 4 -10.67 -27.51 -2.45
CA ASN A 4 -10.22 -26.33 -1.79
C ASN A 4 -9.21 -25.65 -2.71
N GLU A 5 -9.72 -24.69 -3.43
CA GLU A 5 -8.99 -24.02 -4.47
C GLU A 5 -8.14 -22.90 -3.89
N HIS A 6 -7.30 -22.28 -4.71
CA HIS A 6 -6.41 -21.21 -4.22
C HIS A 6 -6.15 -20.13 -5.25
N ASP A 7 -6.52 -20.36 -6.49
CA ASP A 7 -6.18 -19.42 -7.57
C ASP A 7 -7.38 -18.58 -8.00
N ASP A 8 -8.53 -18.80 -7.37
CA ASP A 8 -9.75 -18.08 -7.73
C ASP A 8 -10.31 -17.30 -6.57
N CYS A 9 -9.43 -16.98 -5.60
CA CYS A 9 -9.81 -16.25 -4.38
C CYS A 9 -10.92 -16.98 -3.63
N GLN A 10 -10.81 -18.27 -3.56
CA GLN A 10 -11.80 -19.04 -2.90
C GLN A 10 -11.17 -20.26 -2.35
N VAL A 11 -11.42 -20.50 -1.10
CA VAL A 11 -10.85 -21.60 -0.40
C VAL A 11 -11.89 -22.29 0.43
N THR A 12 -11.86 -23.56 0.43
CA THR A 12 -12.72 -24.33 1.25
C THR A 12 -11.90 -24.86 2.40
N ASN A 13 -12.44 -24.79 3.57
CA ASN A 13 -11.80 -25.36 4.70
C ASN A 13 -12.28 -26.78 4.86
N PRO A 14 -11.40 -27.77 4.72
CA PRO A 14 -11.76 -29.19 4.78
C PRO A 14 -12.24 -29.65 6.17
N SER A 15 -11.99 -28.84 7.17
CA SER A 15 -12.38 -29.17 8.52
C SER A 15 -13.88 -28.96 8.74
N THR A 16 -14.42 -27.86 8.28
CA THR A 16 -15.81 -27.53 8.54
C THR A 16 -16.64 -27.44 7.24
N GLY A 17 -15.97 -27.63 6.11
CA GLY A 17 -16.64 -27.62 4.80
C GLY A 17 -17.18 -26.27 4.42
N HIS A 18 -16.49 -25.25 4.82
CA HIS A 18 -16.91 -23.92 4.53
C HIS A 18 -16.16 -23.39 3.33
N LEU A 19 -16.89 -23.02 2.32
CA LEU A 19 -16.35 -22.48 1.10
C LEU A 19 -16.33 -20.96 1.18
N PHE A 20 -15.17 -20.38 1.25
CA PHE A 20 -15.05 -18.95 1.21
C PHE A 20 -15.06 -18.42 -0.19
N ASP A 21 -16.08 -17.68 -0.49
CA ASP A 21 -16.21 -17.03 -1.78
C ASP A 21 -15.87 -15.58 -1.60
N LEU A 22 -14.66 -15.22 -1.98
CA LEU A 22 -14.20 -13.85 -1.80
C LEU A 22 -14.65 -12.99 -2.93
N SER A 23 -15.24 -13.60 -3.95
CA SER A 23 -15.75 -12.87 -5.10
C SER A 23 -16.94 -11.97 -4.71
N SER A 24 -17.52 -12.25 -3.55
CA SER A 24 -18.55 -11.39 -2.99
C SER A 24 -17.93 -10.04 -2.59
N LEU A 25 -16.65 -10.04 -2.25
CA LEU A 25 -15.97 -8.85 -1.79
C LEU A 25 -15.21 -8.19 -2.93
N SER A 26 -15.11 -8.88 -4.05
CA SER A 26 -14.44 -8.36 -5.22
C SER A 26 -15.13 -7.11 -5.73
N GLY A 27 -14.39 -6.29 -6.40
CA GLY A 27 -14.90 -5.05 -6.89
C GLY A 27 -13.89 -4.43 -7.82
N ARG A 28 -14.32 -4.01 -8.97
CA ARG A 28 -13.42 -3.53 -9.99
C ARG A 28 -13.20 -2.03 -9.91
N ALA A 29 -14.23 -1.28 -9.53
CA ALA A 29 -14.13 0.17 -9.46
C ALA A 29 -13.05 0.58 -8.49
N GLY A 30 -13.17 0.13 -7.29
CA GLY A 30 -12.16 0.33 -6.32
C GLY A 30 -12.69 0.87 -5.06
N PHE A 31 -11.91 0.76 -4.06
CA PHE A 31 -12.20 1.26 -2.76
C PHE A 31 -11.14 2.26 -2.41
N THR A 32 -11.53 3.34 -1.80
CA THR A 32 -10.60 4.39 -1.44
C THR A 32 -10.40 4.42 0.06
N ALA A 33 -9.18 4.32 0.48
CA ALA A 33 -8.85 4.40 1.88
C ALA A 33 -8.01 5.63 2.10
N ALA A 34 -8.28 6.33 3.18
CA ALA A 34 -7.61 7.56 3.50
C ALA A 34 -6.22 7.28 4.00
N TYR A 35 -5.29 8.10 3.60
CA TYR A 35 -3.92 7.88 3.94
C TYR A 35 -3.17 9.21 3.97
N SER A 36 -2.45 9.47 2.91
CA SER A 36 -1.62 10.63 2.79
C SER A 36 -2.52 11.88 2.64
N LYS A 37 -1.94 13.04 3.00
CA LYS A 37 -2.61 14.34 3.07
C LYS A 37 -3.12 14.78 1.70
N SER A 38 -2.52 14.23 0.68
CA SER A 38 -2.86 14.58 -0.67
C SER A 38 -2.92 13.30 -1.53
N GLY A 39 -3.42 12.21 -0.96
CA GLY A 39 -3.49 10.99 -1.72
C GLY A 39 -4.16 9.84 -1.00
N VAL A 40 -5.11 9.23 -1.66
CA VAL A 40 -5.80 8.06 -1.15
C VAL A 40 -5.25 6.83 -1.85
N VAL A 41 -5.49 5.69 -1.27
CA VAL A 41 -5.05 4.45 -1.86
C VAL A 41 -6.23 3.76 -2.57
N TYR A 42 -5.99 3.33 -3.78
CA TYR A 42 -6.96 2.62 -4.57
C TYR A 42 -6.69 1.16 -4.48
N MET A 43 -7.70 0.43 -4.11
CA MET A 43 -7.58 -1.00 -3.95
C MET A 43 -8.79 -1.72 -4.50
N SER A 44 -8.55 -2.78 -5.21
CA SER A 44 -9.58 -3.65 -5.74
C SER A 44 -9.33 -5.08 -5.28
N ILE A 45 -10.37 -5.73 -4.83
CA ILE A 45 -10.26 -7.08 -4.27
C ILE A 45 -10.39 -8.14 -5.35
N CYS A 46 -9.34 -8.96 -5.46
CA CYS A 46 -9.30 -10.15 -6.34
C CYS A 46 -9.34 -9.76 -7.82
N GLY A 47 -8.90 -8.59 -8.09
CA GLY A 47 -8.90 -8.10 -9.43
C GLY A 47 -8.08 -6.87 -9.50
N GLU A 48 -7.90 -6.35 -10.67
CA GLU A 48 -7.09 -5.20 -10.84
C GLU A 48 -7.95 -3.95 -10.86
N ASN A 49 -7.33 -2.86 -10.53
CA ASN A 49 -7.97 -1.58 -10.49
C ASN A 49 -7.51 -0.83 -11.71
N GLU A 50 -8.42 -0.17 -12.41
CA GLU A 50 -8.08 0.45 -13.67
C GLU A 50 -7.76 1.93 -13.52
N ASN A 51 -7.68 2.39 -12.29
CA ASN A 51 -7.32 3.80 -12.02
C ASN A 51 -5.81 3.95 -12.05
N CYS A 52 -5.14 2.85 -12.03
CA CYS A 52 -3.71 2.80 -12.05
C CYS A 52 -3.34 1.76 -13.14
N PRO A 53 -2.08 1.74 -13.67
CA PRO A 53 -1.57 0.74 -14.63
C PRO A 53 -2.21 -0.69 -14.58
N PRO A 54 -2.34 -1.33 -15.76
CA PRO A 54 -2.91 -2.68 -15.89
C PRO A 54 -2.15 -3.72 -15.06
N GLY A 55 -2.88 -4.46 -14.26
CA GLY A 55 -2.29 -5.47 -13.41
C GLY A 55 -2.18 -5.02 -11.98
N VAL A 56 -2.44 -3.76 -11.74
CA VAL A 56 -2.35 -3.18 -10.42
C VAL A 56 -3.58 -3.49 -9.56
N GLY A 57 -3.32 -4.05 -8.40
CA GLY A 57 -4.37 -4.34 -7.45
C GLY A 57 -4.46 -3.27 -6.38
N ALA A 58 -3.31 -2.75 -5.99
CA ALA A 58 -3.24 -1.71 -4.98
C ALA A 58 -2.32 -0.60 -5.47
N CYS A 59 -2.80 0.62 -5.43
CA CYS A 59 -2.04 1.75 -5.94
C CYS A 59 -2.53 3.04 -5.29
N PHE A 60 -1.63 3.93 -4.93
CA PHE A 60 -2.04 5.23 -4.41
C PHE A 60 -2.30 6.18 -5.58
N GLY A 61 -3.30 7.06 -5.44
CA GLY A 61 -3.69 7.93 -6.53
C GLY A 61 -2.90 9.21 -6.55
N GLN A 62 -1.78 9.22 -5.85
CA GLN A 62 -0.92 10.38 -5.78
C GLN A 62 -0.23 10.62 -7.12
N THR A 63 0.71 9.74 -7.49
CA THR A 63 1.30 9.82 -8.81
C THR A 63 1.28 8.44 -9.51
N ARG A 64 0.26 7.65 -9.15
CA ARG A 64 0.03 6.29 -9.71
C ARG A 64 1.17 5.34 -9.30
N ILE A 65 1.39 5.28 -8.00
CA ILE A 65 2.43 4.45 -7.39
C ILE A 65 1.80 3.12 -6.94
N SER A 66 2.24 2.02 -7.54
CA SER A 66 1.67 0.72 -7.27
C SER A 66 2.31 0.10 -6.06
N VAL A 67 1.50 -0.56 -5.26
CA VAL A 67 1.99 -1.20 -4.08
C VAL A 67 1.58 -2.65 -4.04
N GLY A 68 1.16 -3.17 -5.19
CA GLY A 68 0.80 -4.54 -5.24
C GLY A 68 0.12 -4.92 -6.52
N LYS A 69 0.62 -5.97 -7.14
CA LYS A 69 0.04 -6.49 -8.35
C LYS A 69 -1.20 -7.29 -7.98
N ALA A 70 -2.21 -7.21 -8.79
CA ALA A 70 -3.47 -7.88 -8.56
C ALA A 70 -3.34 -9.37 -8.81
N ASN A 71 -3.03 -10.08 -7.79
CA ASN A 71 -2.92 -11.51 -7.86
C ASN A 71 -4.06 -12.12 -7.11
N LYS A 72 -4.23 -13.40 -7.20
CA LYS A 72 -5.33 -14.06 -6.56
C LYS A 72 -4.80 -15.13 -5.66
N ARG A 73 -3.78 -14.77 -4.93
CA ARG A 73 -3.12 -15.70 -4.06
C ARG A 73 -3.83 -15.73 -2.72
N LEU A 74 -4.94 -16.43 -2.70
CA LEU A 74 -5.78 -16.57 -1.51
C LEU A 74 -5.24 -17.71 -0.65
N ARG A 75 -4.93 -17.42 0.57
CA ARG A 75 -4.53 -18.42 1.54
C ARG A 75 -5.39 -18.33 2.79
N TYR A 76 -5.77 -19.46 3.36
CA TYR A 76 -6.54 -19.46 4.59
C TYR A 76 -5.63 -19.89 5.73
N VAL A 77 -5.34 -18.98 6.62
CA VAL A 77 -4.47 -19.25 7.75
C VAL A 77 -5.08 -18.80 9.08
N ASP A 78 -5.71 -19.74 9.77
CA ASP A 78 -6.27 -19.53 11.13
C ASP A 78 -7.29 -18.38 11.16
N GLN A 79 -8.41 -18.62 10.46
CA GLN A 79 -9.59 -17.73 10.33
C GLN A 79 -9.23 -16.39 9.70
N VAL A 80 -8.11 -16.42 9.02
CA VAL A 80 -7.60 -15.31 8.28
C VAL A 80 -7.54 -15.67 6.79
N LEU A 81 -8.22 -14.89 6.01
CA LEU A 81 -8.20 -15.00 4.56
C LEU A 81 -7.19 -14.02 4.08
N GLN A 82 -6.16 -14.49 3.50
CA GLN A 82 -5.10 -13.61 3.12
C GLN A 82 -4.88 -13.59 1.62
N LEU A 83 -4.91 -12.38 1.10
CA LEU A 83 -4.63 -12.07 -0.28
C LEU A 83 -3.36 -11.25 -0.30
N VAL A 84 -2.35 -11.74 -0.91
CA VAL A 84 -1.10 -11.02 -0.95
C VAL A 84 -0.90 -10.40 -2.30
N TYR A 85 -0.63 -9.13 -2.32
CA TYR A 85 -0.37 -8.42 -3.56
C TYR A 85 1.04 -7.89 -3.54
N LYS A 86 1.97 -8.59 -4.12
CA LYS A 86 3.31 -8.10 -4.18
C LYS A 86 3.68 -7.74 -5.60
N ASP A 87 4.87 -7.19 -5.78
CA ASP A 87 5.40 -6.78 -7.08
C ASP A 87 4.62 -5.62 -7.64
N GLY A 88 4.63 -4.56 -6.89
CA GLY A 88 3.98 -3.36 -7.31
C GLY A 88 4.96 -2.49 -8.06
N SER A 89 5.42 -1.47 -7.43
CA SER A 89 6.43 -0.62 -8.00
C SER A 89 7.63 -0.65 -7.07
N PRO A 90 8.85 -0.35 -7.59
CA PRO A 90 10.05 -0.20 -6.79
C PRO A 90 9.82 0.80 -5.69
N CYS A 91 9.99 0.34 -4.50
CA CYS A 91 9.73 1.07 -3.31
C CYS A 91 10.90 2.00 -3.01
N PRO A 92 10.62 3.31 -2.81
CA PRO A 92 11.64 4.30 -2.46
C PRO A 92 12.09 4.15 -1.00
N SER A 93 11.32 3.43 -0.20
CA SER A 93 11.67 3.18 1.19
C SER A 93 12.96 2.32 1.30
N LYS A 94 13.18 1.43 0.35
CA LYS A 94 14.39 0.66 0.32
C LYS A 94 14.69 0.32 -1.14
N SER A 95 15.85 0.75 -1.61
CA SER A 95 16.24 0.69 -2.98
C SER A 95 16.24 -0.75 -3.54
N GLY A 96 15.48 -0.96 -4.60
CA GLY A 96 15.46 -2.26 -5.27
C GLY A 96 14.52 -3.22 -4.63
N LEU A 97 13.55 -2.69 -3.93
CA LEU A 97 12.59 -3.49 -3.27
C LEU A 97 11.23 -3.12 -3.84
N SER A 98 10.21 -3.90 -3.59
CA SER A 98 8.92 -3.64 -4.14
C SER A 98 7.92 -3.56 -3.00
N TYR A 99 6.84 -2.84 -3.22
CA TYR A 99 5.77 -2.74 -2.26
C TYR A 99 4.95 -4.03 -2.27
N LYS A 100 4.16 -4.22 -1.23
CA LYS A 100 3.39 -5.44 -1.07
C LYS A 100 2.25 -5.20 -0.11
N SER A 101 1.10 -5.54 -0.54
CA SER A 101 -0.09 -5.39 0.24
C SER A 101 -0.50 -6.75 0.76
N VAL A 102 -0.68 -6.85 2.05
CA VAL A 102 -1.12 -8.06 2.66
C VAL A 102 -2.53 -7.86 3.16
N ILE A 103 -3.47 -8.32 2.39
CA ILE A 103 -4.87 -8.15 2.69
C ILE A 103 -5.33 -9.34 3.51
N SER A 104 -5.82 -9.06 4.66
CA SER A 104 -6.27 -10.07 5.57
C SER A 104 -7.72 -9.85 6.00
N PHE A 105 -8.54 -10.85 5.77
CA PHE A 105 -9.91 -10.84 6.17
C PHE A 105 -10.04 -11.60 7.47
N VAL A 106 -10.56 -10.94 8.47
CA VAL A 106 -10.64 -11.49 9.80
C VAL A 106 -12.10 -11.74 10.20
N CYS A 107 -12.33 -12.92 10.78
CA CYS A 107 -13.63 -13.32 11.35
C CYS A 107 -14.16 -12.29 12.36
N ARG A 108 -15.24 -11.62 12.00
CA ARG A 108 -15.91 -10.72 12.91
C ARG A 108 -17.39 -11.14 12.99
N PRO A 109 -17.76 -12.05 13.91
CA PRO A 109 -19.12 -12.60 13.98
C PRO A 109 -20.16 -11.61 14.51
N GLU A 110 -19.69 -10.59 15.20
CA GLU A 110 -20.58 -9.57 15.72
C GLU A 110 -20.83 -8.48 14.71
N ALA A 111 -20.06 -8.48 13.61
CA ALA A 111 -20.07 -7.40 12.61
C ALA A 111 -19.60 -6.09 13.28
N GLY A 112 -19.68 -4.98 12.60
CA GLY A 112 -19.33 -3.74 13.20
C GLY A 112 -18.73 -2.75 12.22
N PRO A 113 -18.10 -1.69 12.72
CA PRO A 113 -17.57 -0.60 11.89
C PRO A 113 -16.15 -0.85 11.38
N THR A 114 -15.76 -2.08 11.40
CA THR A 114 -14.47 -2.47 10.95
C THR A 114 -14.60 -3.35 9.72
N ASN A 115 -15.79 -3.35 9.18
CA ASN A 115 -16.12 -4.10 7.97
C ASN A 115 -15.85 -3.16 6.80
N ARG A 116 -14.59 -2.87 6.65
CA ARG A 116 -14.09 -1.92 5.72
C ARG A 116 -12.57 -2.07 5.70
N PRO A 117 -11.93 -1.98 4.53
CA PRO A 117 -10.48 -2.10 4.42
C PRO A 117 -9.74 -1.06 5.29
N MET A 118 -9.16 -1.53 6.36
CA MET A 118 -8.44 -0.71 7.31
C MET A 118 -6.99 -1.08 7.27
N LEU A 119 -6.13 -0.14 7.51
CA LEU A 119 -4.71 -0.42 7.49
C LEU A 119 -4.21 -0.56 8.91
N ILE A 120 -3.36 -1.53 9.11
CA ILE A 120 -2.81 -1.82 10.43
C ILE A 120 -1.62 -0.95 10.68
N SER A 121 -0.59 -1.13 9.87
CA SER A 121 0.66 -0.44 10.00
C SER A 121 1.37 -0.57 8.67
N LEU A 122 2.20 0.38 8.37
CA LEU A 122 3.02 0.34 7.20
C LEU A 122 4.42 0.03 7.62
N ASP A 123 4.89 -1.14 7.31
CA ASP A 123 6.28 -1.43 7.62
C ASP A 123 7.13 -0.86 6.52
N LYS A 124 7.59 0.33 6.77
CA LYS A 124 8.35 1.10 5.79
C LYS A 124 9.79 0.62 5.60
N GLN A 125 10.14 -0.50 6.22
CA GLN A 125 11.45 -1.09 5.98
C GLN A 125 11.33 -2.14 4.92
N THR A 126 10.30 -2.96 5.06
CA THR A 126 10.09 -4.04 4.17
C THR A 126 9.08 -3.67 3.06
N CYS A 127 8.54 -2.42 3.14
CA CYS A 127 7.59 -1.87 2.17
C CYS A 127 6.33 -2.69 2.12
N THR A 128 5.96 -3.20 3.26
CA THR A 128 4.83 -4.05 3.38
C THR A 128 3.67 -3.31 4.03
N LEU A 129 2.52 -3.36 3.38
CA LEU A 129 1.34 -2.65 3.85
C LEU A 129 0.33 -3.67 4.34
N PHE A 130 -0.01 -3.59 5.59
CA PHE A 130 -0.92 -4.54 6.19
C PHE A 130 -2.33 -3.96 6.24
N PHE A 131 -3.28 -4.71 5.75
CA PHE A 131 -4.66 -4.30 5.71
C PHE A 131 -5.54 -5.35 6.38
N SER A 132 -6.57 -4.90 7.07
CA SER A 132 -7.51 -5.72 7.76
C SER A 132 -8.90 -5.38 7.27
N TRP A 133 -9.80 -6.28 7.49
CA TRP A 133 -11.17 -6.15 7.11
C TRP A 133 -11.90 -7.10 8.04
N HIS A 134 -12.67 -6.57 8.93
CA HIS A 134 -13.36 -7.41 9.87
C HIS A 134 -14.76 -7.64 9.37
N THR A 135 -15.01 -8.84 8.97
CA THR A 135 -16.24 -9.20 8.30
C THR A 135 -16.76 -10.56 8.79
N PRO A 136 -18.11 -10.77 8.82
CA PRO A 136 -18.71 -12.04 9.20
C PRO A 136 -18.65 -13.08 8.07
N LEU A 137 -18.19 -12.64 6.88
CA LEU A 137 -18.03 -13.56 5.74
C LEU A 137 -16.91 -14.52 6.05
N ALA A 138 -15.95 -14.03 6.80
CA ALA A 138 -14.74 -14.77 7.09
C ALA A 138 -14.93 -15.68 8.28
N CYS A 139 -16.12 -15.74 8.79
CA CYS A 139 -16.34 -16.55 9.94
C CYS A 139 -17.45 -17.56 9.67
N GLU A 140 -17.32 -18.74 10.20
CA GLU A 140 -18.36 -19.74 10.12
C GLU A 140 -18.73 -20.22 11.52
N PRO A 141 -20.02 -20.35 11.80
CA PRO A 141 -20.49 -20.84 13.10
C PRO A 141 -20.26 -22.35 13.23
N GLU A 142 -19.99 -22.79 14.43
CA GLU A 142 -19.73 -24.19 14.69
C GLU A 142 -21.00 -24.88 15.17
N ALA B 1 18.68 -5.78 -7.32
CA ALA B 1 18.05 -4.75 -8.13
C ALA B 1 18.41 -3.38 -7.58
N TYR B 2 18.99 -2.57 -8.40
CA TYR B 2 19.33 -1.21 -8.05
C TYR B 2 19.27 -0.41 -9.33
N ARG B 3 18.22 0.32 -9.49
CA ARG B 3 17.99 1.06 -10.71
C ARG B 3 18.50 2.49 -10.64
N PRO B 4 19.40 2.87 -11.55
CA PRO B 4 19.87 4.25 -11.69
C PRO B 4 19.01 5.05 -12.67
N SER B 5 17.85 4.53 -12.96
CA SER B 5 16.92 5.09 -13.89
C SER B 5 15.56 4.45 -13.62
N GLU B 6 14.53 4.94 -14.33
CA GLU B 6 13.11 4.53 -14.21
C GLU B 6 12.50 5.16 -13.00
N THR B 7 13.31 5.86 -12.29
CA THR B 7 12.93 6.61 -11.18
C THR B 7 12.61 8.01 -11.67
N LEU B 8 11.41 8.49 -11.42
CA LEU B 8 11.03 9.79 -11.89
C LEU B 8 11.65 10.85 -10.99
N CYS B 9 12.75 11.46 -11.46
CA CYS B 9 13.57 12.45 -10.75
C CYS B 9 12.77 13.62 -10.14
N GLY B 10 11.56 13.85 -10.61
CA GLY B 10 10.75 14.89 -10.08
C GLY B 10 9.45 14.35 -9.57
N GLY B 11 8.67 13.75 -10.48
CA GLY B 11 7.33 13.26 -10.19
C GLY B 11 7.21 12.36 -8.97
N GLU B 12 7.97 11.29 -8.94
CA GLU B 12 7.90 10.33 -7.83
C GLU B 12 8.63 10.87 -6.64
N LEU B 13 9.66 11.64 -6.90
CA LEU B 13 10.44 12.26 -5.86
C LEU B 13 9.59 13.12 -4.96
N VAL B 14 9.00 14.12 -5.53
CA VAL B 14 8.20 15.05 -4.77
C VAL B 14 6.95 14.36 -4.18
N ASP B 15 6.48 13.34 -4.87
CA ASP B 15 5.33 12.63 -4.38
C ASP B 15 5.66 11.71 -3.17
N THR B 16 6.83 11.05 -3.13
CA THR B 16 7.19 10.25 -1.96
C THR B 16 7.47 11.21 -0.77
N LEU B 17 8.02 12.39 -1.10
CA LEU B 17 8.16 13.49 -0.15
C LEU B 17 6.79 13.82 0.45
N GLN B 18 5.82 13.87 -0.41
CA GLN B 18 4.44 14.19 -0.06
C GLN B 18 3.72 13.02 0.61
N PHE B 19 4.21 11.82 0.37
CA PHE B 19 3.65 10.62 0.95
C PHE B 19 3.80 10.65 2.48
N VAL B 20 5.02 10.80 2.96
CA VAL B 20 5.19 10.78 4.40
C VAL B 20 5.30 12.20 4.99
N CYS B 21 5.65 13.18 4.20
CA CYS B 21 5.76 14.53 4.72
C CYS B 21 4.58 15.37 4.28
N GLY B 22 3.51 14.74 3.87
CA GLY B 22 2.31 15.48 3.47
C GLY B 22 1.79 16.37 4.58
N ASP B 23 1.49 15.77 5.71
CA ASP B 23 1.02 16.51 6.89
C ASP B 23 2.14 17.37 7.50
N ARG B 24 3.36 16.83 7.51
CA ARG B 24 4.51 17.50 8.13
C ARG B 24 5.03 18.69 7.33
N GLY B 25 5.03 18.57 6.04
CA GLY B 25 5.59 19.57 5.19
C GLY B 25 6.83 19.04 4.53
N PHE B 26 6.78 18.86 3.25
CA PHE B 26 7.91 18.32 2.54
C PHE B 26 8.81 19.43 2.03
N TYR B 27 10.10 19.28 2.21
CA TYR B 27 11.08 20.26 1.76
C TYR B 27 12.37 19.55 1.39
N PHE B 28 12.76 19.60 0.13
CA PHE B 28 14.04 19.03 -0.28
C PHE B 28 15.01 20.10 -0.81
N SER B 29 14.49 21.25 -1.22
CA SER B 29 15.33 22.31 -1.73
C SER B 29 15.71 23.24 -0.60
N ARG B 30 16.44 22.69 0.34
CA ARG B 30 16.85 23.43 1.51
C ARG B 30 18.33 23.68 1.36
N PRO B 31 18.82 24.88 1.77
CA PRO B 31 20.23 25.28 1.58
C PRO B 31 21.20 24.52 2.51
N ALA B 32 20.61 23.82 3.48
CA ALA B 32 21.31 22.91 4.38
C ALA B 32 22.32 23.60 5.29
N SER B 33 22.18 24.93 5.37
CA SER B 33 23.01 25.79 6.11
C SER B 33 22.64 27.16 5.62
N ARG B 34 23.03 28.15 6.33
CA ARG B 34 22.78 29.51 5.92
C ARG B 34 23.98 29.97 5.07
N VAL B 35 24.91 29.03 4.86
CA VAL B 35 26.04 29.22 3.98
C VAL B 35 25.64 28.78 2.57
N SER B 36 24.45 28.15 2.51
CA SER B 36 23.81 27.69 1.31
C SER B 36 24.71 26.74 0.55
N ARG B 37 25.35 25.86 1.33
CA ARG B 37 26.19 24.76 0.81
C ARG B 37 25.57 24.12 -0.43
N ARG B 38 24.47 23.46 -0.25
CA ARG B 38 23.74 22.90 -1.31
C ARG B 38 22.29 23.20 -1.05
N SER B 39 21.65 23.87 -1.96
CA SER B 39 20.28 24.32 -1.75
C SER B 39 19.30 23.42 -2.50
N ARG B 40 19.62 22.17 -2.51
CA ARG B 40 18.85 21.14 -3.12
C ARG B 40 19.40 19.83 -2.62
N GLY B 41 18.66 18.79 -2.73
CA GLY B 41 19.15 17.50 -2.36
C GLY B 41 18.22 16.45 -2.86
N ILE B 42 18.70 15.20 -2.81
CA ILE B 42 17.99 13.93 -3.16
C ILE B 42 17.47 13.79 -4.61
N VAL B 43 17.06 14.90 -5.22
CA VAL B 43 16.54 14.93 -6.58
C VAL B 43 17.46 14.27 -7.61
N GLU B 44 18.73 14.51 -7.47
CA GLU B 44 19.68 14.05 -8.42
C GLU B 44 20.24 12.72 -7.95
N GLU B 45 20.30 12.58 -6.64
CA GLU B 45 20.70 11.33 -5.99
C GLU B 45 19.79 10.20 -6.46
N CYS B 46 18.50 10.42 -6.38
CA CYS B 46 17.54 9.37 -6.70
C CYS B 46 17.16 9.41 -8.19
N CYS B 47 17.77 10.31 -8.92
CA CYS B 47 17.52 10.41 -10.34
C CYS B 47 18.43 9.44 -11.11
N PHE B 48 19.71 9.52 -10.84
CA PHE B 48 20.68 8.71 -11.57
C PHE B 48 21.19 7.55 -10.73
N ARG B 49 20.51 7.31 -9.64
CA ARG B 49 20.78 6.27 -8.68
C ARG B 49 19.50 5.95 -7.96
N SER B 50 19.57 5.17 -6.92
CA SER B 50 18.38 4.77 -6.23
C SER B 50 18.46 5.21 -4.79
N CYS B 51 17.43 5.86 -4.33
CA CYS B 51 17.38 6.39 -2.99
C CYS B 51 16.57 5.45 -2.11
N ASP B 52 16.89 5.41 -0.83
CA ASP B 52 16.06 4.69 0.10
C ASP B 52 15.46 5.64 1.14
N LEU B 53 14.59 5.14 1.98
CA LEU B 53 13.84 5.92 2.95
C LEU B 53 14.71 6.77 3.84
N ALA B 54 15.81 6.19 4.32
CA ALA B 54 16.66 6.80 5.34
C ALA B 54 17.14 8.18 4.93
N LEU B 55 17.33 8.36 3.66
CA LEU B 55 17.77 9.60 3.10
C LEU B 55 16.64 10.63 3.17
N LEU B 56 15.51 10.32 2.55
CA LEU B 56 14.42 11.24 2.45
C LEU B 56 13.76 11.48 3.80
N GLU B 57 13.75 10.47 4.63
CA GLU B 57 13.17 10.53 5.94
C GLU B 57 13.87 11.60 6.81
N THR B 58 15.18 11.58 6.82
CA THR B 58 15.93 12.52 7.64
C THR B 58 16.24 13.85 6.88
N TYR B 59 15.95 13.90 5.58
CA TYR B 59 16.20 15.08 4.80
C TYR B 59 14.94 15.93 4.72
N CYS B 60 13.81 15.26 4.70
CA CYS B 60 12.54 15.93 4.54
C CYS B 60 12.04 16.46 5.87
N ALA B 61 12.21 17.78 6.04
CA ALA B 61 11.81 18.51 7.25
C ALA B 61 12.66 18.07 8.43
N THR B 62 12.46 18.67 9.57
CA THR B 62 13.26 18.34 10.71
C THR B 62 12.43 18.29 11.97
N PRO B 63 12.34 17.11 12.58
CA PRO B 63 11.43 16.82 13.66
C PRO B 63 11.72 17.59 14.94
N ALA B 64 12.97 17.72 15.27
CA ALA B 64 13.36 18.45 16.44
C ALA B 64 14.49 19.42 16.11
N LYS B 65 14.49 19.90 14.90
CA LYS B 65 15.57 20.76 14.45
C LYS B 65 15.04 22.07 13.91
N SER B 66 13.81 22.04 13.46
CA SER B 66 13.14 23.21 12.92
C SER B 66 11.70 22.85 12.62
N GLU B 67 10.94 22.54 13.64
CA GLU B 67 9.54 22.24 13.47
C GLU B 67 8.74 23.12 14.40
N MET A 1 -6.86 -31.84 1.22
CA MET A 1 -7.78 -31.63 0.10
C MET A 1 -7.01 -31.06 -1.07
N LYS A 2 -7.25 -31.58 -2.25
CA LYS A 2 -6.55 -31.09 -3.41
C LYS A 2 -7.55 -30.57 -4.45
N SER A 3 -8.81 -30.67 -4.12
CA SER A 3 -9.87 -30.09 -4.94
C SER A 3 -9.72 -28.59 -4.87
N ASN A 4 -9.32 -28.13 -3.73
CA ASN A 4 -9.03 -26.75 -3.52
C ASN A 4 -7.74 -26.66 -2.72
N GLU A 5 -6.83 -25.89 -3.22
CA GLU A 5 -5.61 -25.59 -2.53
C GLU A 5 -5.53 -24.09 -2.43
N HIS A 6 -5.67 -23.45 -3.58
CA HIS A 6 -5.72 -22.01 -3.74
C HIS A 6 -6.06 -21.69 -5.18
N ASP A 7 -7.31 -21.49 -5.45
CA ASP A 7 -7.74 -21.24 -6.82
C ASP A 7 -7.60 -19.77 -7.16
N ASP A 8 -8.44 -18.92 -6.60
CA ASP A 8 -8.35 -17.49 -6.88
C ASP A 8 -8.65 -16.73 -5.63
N CYS A 9 -9.92 -16.57 -5.36
CA CYS A 9 -10.40 -15.93 -4.17
C CYS A 9 -11.36 -16.87 -3.52
N GLN A 10 -10.95 -18.10 -3.43
CA GLN A 10 -11.78 -19.14 -2.92
C GLN A 10 -10.93 -20.21 -2.29
N VAL A 11 -11.33 -20.63 -1.12
CA VAL A 11 -10.71 -21.70 -0.39
C VAL A 11 -11.75 -22.40 0.47
N THR A 12 -11.71 -23.68 0.48
CA THR A 12 -12.60 -24.46 1.29
C THR A 12 -11.80 -25.14 2.39
N ASN A 13 -12.30 -25.09 3.58
CA ASN A 13 -11.67 -25.75 4.68
C ASN A 13 -12.21 -27.16 4.80
N PRO A 14 -11.34 -28.18 4.76
CA PRO A 14 -11.74 -29.59 4.75
C PRO A 14 -12.36 -30.06 6.07
N SER A 15 -12.18 -29.29 7.11
CA SER A 15 -12.69 -29.67 8.40
C SER A 15 -14.17 -29.34 8.53
N THR A 16 -14.55 -28.12 8.21
CA THR A 16 -15.93 -27.73 8.39
C THR A 16 -16.70 -27.69 7.04
N GLY A 17 -15.96 -27.77 5.94
CA GLY A 17 -16.56 -27.80 4.61
C GLY A 17 -17.07 -26.46 4.18
N HIS A 18 -16.48 -25.42 4.71
CA HIS A 18 -16.92 -24.09 4.39
C HIS A 18 -16.14 -23.54 3.24
N LEU A 19 -16.86 -23.08 2.27
CA LEU A 19 -16.31 -22.50 1.09
C LEU A 19 -16.21 -20.99 1.29
N PHE A 20 -15.02 -20.48 1.39
CA PHE A 20 -14.83 -19.06 1.45
C PHE A 20 -14.78 -18.50 0.07
N ASP A 21 -15.70 -17.62 -0.21
CA ASP A 21 -15.77 -16.98 -1.48
C ASP A 21 -15.53 -15.51 -1.30
N LEU A 22 -14.45 -15.05 -1.85
CA LEU A 22 -14.09 -13.68 -1.77
C LEU A 22 -14.41 -13.01 -3.11
N SER A 23 -14.92 -13.81 -4.04
CA SER A 23 -15.25 -13.33 -5.39
C SER A 23 -16.44 -12.38 -5.31
N SER A 24 -17.30 -12.66 -4.34
CA SER A 24 -18.47 -11.85 -4.07
C SER A 24 -18.07 -10.43 -3.57
N LEU A 25 -16.80 -10.25 -3.24
CA LEU A 25 -16.29 -8.96 -2.81
C LEU A 25 -15.73 -8.19 -4.00
N SER A 26 -15.73 -8.81 -5.15
CA SER A 26 -15.24 -8.17 -6.33
C SER A 26 -16.41 -7.52 -7.09
N GLY A 27 -16.11 -6.90 -8.20
CA GLY A 27 -17.11 -6.16 -8.94
C GLY A 27 -17.26 -4.78 -8.36
N ARG A 28 -17.74 -4.74 -7.15
CA ARG A 28 -17.87 -3.53 -6.35
C ARG A 28 -16.51 -3.23 -5.66
N ALA A 29 -15.57 -4.15 -5.89
CA ALA A 29 -14.21 -4.21 -5.32
C ALA A 29 -13.39 -2.91 -5.33
N GLY A 30 -13.72 -1.98 -6.18
CA GLY A 30 -13.00 -0.73 -6.20
C GLY A 30 -13.35 0.13 -4.99
N PHE A 31 -12.47 0.18 -4.03
CA PHE A 31 -12.70 0.93 -2.82
C PHE A 31 -11.63 1.99 -2.65
N THR A 32 -12.02 3.07 -2.03
CA THR A 32 -11.14 4.17 -1.77
C THR A 32 -10.90 4.30 -0.25
N ALA A 33 -9.67 4.15 0.16
CA ALA A 33 -9.35 4.30 1.58
C ALA A 33 -8.47 5.54 1.75
N ALA A 34 -8.62 6.21 2.86
CA ALA A 34 -7.92 7.44 3.11
C ALA A 34 -6.54 7.18 3.70
N TYR A 35 -5.62 8.09 3.45
CA TYR A 35 -4.26 7.94 3.93
C TYR A 35 -3.58 9.33 3.95
N SER A 36 -2.75 9.57 2.95
CA SER A 36 -2.01 10.79 2.79
C SER A 36 -2.99 11.97 2.45
N LYS A 37 -2.50 13.20 2.42
CA LYS A 37 -3.38 14.35 2.42
C LYS A 37 -3.71 14.88 1.02
N SER A 38 -3.23 14.23 -0.01
CA SER A 38 -3.50 14.73 -1.34
C SER A 38 -4.06 13.61 -2.22
N GLY A 39 -4.60 12.60 -1.60
CA GLY A 39 -5.17 11.52 -2.34
C GLY A 39 -5.51 10.35 -1.47
N VAL A 40 -6.03 9.32 -2.08
CA VAL A 40 -6.48 8.14 -1.40
C VAL A 40 -5.74 6.94 -1.95
N VAL A 41 -5.98 5.79 -1.38
CA VAL A 41 -5.40 4.58 -1.88
C VAL A 41 -6.48 3.80 -2.63
N TYR A 42 -6.17 3.43 -3.84
CA TYR A 42 -7.06 2.69 -4.68
C TYR A 42 -6.79 1.23 -4.49
N MET A 43 -7.82 0.48 -4.28
CA MET A 43 -7.68 -0.95 -4.05
C MET A 43 -8.84 -1.70 -4.65
N SER A 44 -8.54 -2.83 -5.23
CA SER A 44 -9.54 -3.69 -5.79
C SER A 44 -9.36 -5.15 -5.35
N ILE A 45 -10.42 -5.74 -4.80
CA ILE A 45 -10.40 -7.13 -4.38
C ILE A 45 -10.67 -8.03 -5.58
N CYS A 46 -9.76 -8.97 -5.82
CA CYS A 46 -9.90 -9.96 -6.90
C CYS A 46 -10.01 -9.27 -8.25
N GLY A 47 -9.11 -8.37 -8.49
CA GLY A 47 -9.08 -7.68 -9.74
C GLY A 47 -8.13 -6.54 -9.65
N GLU A 48 -7.89 -5.91 -10.76
CA GLU A 48 -7.02 -4.79 -10.80
C GLU A 48 -7.83 -3.52 -10.83
N ASN A 49 -7.27 -2.48 -10.28
CA ASN A 49 -7.97 -1.24 -10.13
C ASN A 49 -7.71 -0.34 -11.36
N GLU A 50 -8.80 0.21 -11.92
CA GLU A 50 -8.75 1.00 -13.18
C GLU A 50 -8.00 2.34 -13.04
N ASN A 51 -7.63 2.70 -11.85
CA ASN A 51 -6.99 4.01 -11.63
C ASN A 51 -5.50 3.91 -11.70
N CYS A 52 -4.98 2.74 -11.83
CA CYS A 52 -3.55 2.59 -11.86
C CYS A 52 -3.21 1.56 -12.98
N PRO A 53 -1.93 1.50 -13.46
CA PRO A 53 -1.44 0.51 -14.46
C PRO A 53 -2.11 -0.90 -14.38
N PRO A 54 -2.29 -1.56 -15.55
CA PRO A 54 -2.87 -2.91 -15.64
C PRO A 54 -2.07 -3.93 -14.83
N GLY A 55 -2.75 -4.60 -13.93
CA GLY A 55 -2.11 -5.56 -13.07
C GLY A 55 -2.00 -5.03 -11.65
N VAL A 56 -2.36 -3.79 -11.44
CA VAL A 56 -2.30 -3.16 -10.15
C VAL A 56 -3.53 -3.45 -9.32
N GLY A 57 -3.30 -4.04 -8.18
CA GLY A 57 -4.36 -4.34 -7.26
C GLY A 57 -4.46 -3.28 -6.18
N ALA A 58 -3.33 -2.68 -5.83
CA ALA A 58 -3.29 -1.62 -4.84
C ALA A 58 -2.38 -0.51 -5.34
N CYS A 59 -2.81 0.73 -5.21
CA CYS A 59 -2.05 1.86 -5.71
C CYS A 59 -2.46 3.13 -4.98
N PHE A 60 -1.51 4.00 -4.66
CA PHE A 60 -1.88 5.28 -4.07
C PHE A 60 -2.20 6.25 -5.21
N GLY A 61 -3.29 6.98 -5.10
CA GLY A 61 -3.76 7.78 -6.22
C GLY A 61 -2.99 9.05 -6.48
N GLN A 62 -2.11 9.40 -5.56
CA GLN A 62 -1.35 10.64 -5.68
C GLN A 62 -0.33 10.54 -6.81
N THR A 63 0.69 9.74 -6.61
CA THR A 63 1.72 9.58 -7.61
C THR A 63 1.53 8.34 -8.49
N ARG A 64 0.42 7.64 -8.23
CA ARG A 64 0.03 6.43 -8.98
C ARG A 64 1.12 5.36 -8.88
N ILE A 65 1.67 5.23 -7.69
CA ILE A 65 2.67 4.24 -7.38
C ILE A 65 1.95 2.96 -6.95
N SER A 66 2.33 1.85 -7.55
CA SER A 66 1.69 0.59 -7.27
C SER A 66 2.25 -0.04 -6.00
N VAL A 67 1.37 -0.46 -5.15
CA VAL A 67 1.79 -1.04 -3.92
C VAL A 67 1.32 -2.48 -3.80
N GLY A 68 0.91 -3.04 -4.92
CA GLY A 68 0.52 -4.41 -4.91
C GLY A 68 0.03 -4.85 -6.24
N LYS A 69 0.60 -5.90 -6.76
CA LYS A 69 0.18 -6.46 -8.01
C LYS A 69 -1.04 -7.33 -7.73
N ALA A 70 -2.05 -7.20 -8.54
CA ALA A 70 -3.28 -7.91 -8.37
C ALA A 70 -3.11 -9.38 -8.65
N ASN A 71 -2.91 -10.14 -7.62
CA ASN A 71 -2.79 -11.57 -7.71
C ASN A 71 -4.02 -12.20 -7.10
N LYS A 72 -4.12 -13.48 -7.21
CA LYS A 72 -5.27 -14.21 -6.72
C LYS A 72 -4.77 -15.44 -6.03
N ARG A 73 -3.90 -15.21 -5.10
CA ARG A 73 -3.31 -16.26 -4.36
C ARG A 73 -3.91 -16.24 -2.96
N LEU A 74 -5.13 -16.71 -2.87
CA LEU A 74 -5.87 -16.76 -1.60
C LEU A 74 -5.23 -17.80 -0.70
N ARG A 75 -4.88 -17.41 0.49
CA ARG A 75 -4.39 -18.37 1.45
C ARG A 75 -5.21 -18.30 2.74
N TYR A 76 -5.65 -19.46 3.22
CA TYR A 76 -6.42 -19.55 4.43
C TYR A 76 -5.51 -19.98 5.54
N VAL A 77 -5.21 -19.08 6.42
CA VAL A 77 -4.31 -19.35 7.52
C VAL A 77 -4.93 -18.99 8.87
N ASP A 78 -5.57 -19.97 9.48
CA ASP A 78 -6.17 -19.85 10.84
C ASP A 78 -7.21 -18.72 10.89
N GLN A 79 -8.30 -18.95 10.16
CA GLN A 79 -9.49 -18.06 10.04
C GLN A 79 -9.15 -16.72 9.45
N VAL A 80 -7.98 -16.66 8.88
CA VAL A 80 -7.49 -15.52 8.21
C VAL A 80 -7.42 -15.79 6.72
N LEU A 81 -8.13 -14.99 5.98
CA LEU A 81 -8.15 -15.07 4.54
C LEU A 81 -7.18 -14.05 4.04
N GLN A 82 -6.08 -14.49 3.55
CA GLN A 82 -5.07 -13.59 3.13
C GLN A 82 -5.00 -13.49 1.62
N LEU A 83 -5.20 -12.31 1.14
CA LEU A 83 -5.03 -11.96 -0.24
C LEU A 83 -3.77 -11.13 -0.33
N VAL A 84 -2.75 -11.69 -0.87
CA VAL A 84 -1.48 -11.03 -0.91
C VAL A 84 -1.27 -10.34 -2.27
N TYR A 85 -0.88 -9.10 -2.22
CA TYR A 85 -0.58 -8.34 -3.43
C TYR A 85 0.84 -7.85 -3.33
N LYS A 86 1.77 -8.56 -3.91
CA LYS A 86 3.14 -8.17 -3.79
C LYS A 86 3.70 -7.84 -5.13
N ASP A 87 4.94 -7.38 -5.14
CA ASP A 87 5.68 -7.05 -6.38
C ASP A 87 4.93 -6.01 -7.21
N GLY A 88 4.39 -5.01 -6.53
CA GLY A 88 3.69 -3.93 -7.21
C GLY A 88 4.65 -3.10 -8.03
N SER A 89 5.10 -2.03 -7.48
CA SER A 89 6.12 -1.28 -8.14
C SER A 89 7.30 -1.18 -7.19
N PRO A 90 8.53 -0.92 -7.70
CA PRO A 90 9.71 -0.79 -6.87
C PRO A 90 9.53 0.31 -5.84
N CYS A 91 9.96 0.02 -4.64
CA CYS A 91 9.93 0.94 -3.54
C CYS A 91 11.05 1.94 -3.83
N PRO A 92 10.71 3.19 -4.22
CA PRO A 92 11.66 4.18 -4.74
C PRO A 92 12.96 4.28 -3.97
N SER A 93 12.85 4.59 -2.73
CA SER A 93 13.97 4.83 -1.92
C SER A 93 14.52 3.53 -1.26
N LYS A 94 14.07 2.37 -1.73
CA LYS A 94 14.57 1.08 -1.30
C LYS A 94 14.64 0.16 -2.49
N SER A 95 15.57 0.49 -3.34
CA SER A 95 15.86 -0.12 -4.57
C SER A 95 15.94 -1.66 -4.46
N GLY A 96 15.14 -2.33 -5.26
CA GLY A 96 15.11 -3.77 -5.27
C GLY A 96 13.91 -4.31 -4.56
N LEU A 97 13.34 -3.50 -3.70
CA LEU A 97 12.15 -3.91 -2.98
C LEU A 97 10.95 -3.41 -3.74
N SER A 98 9.85 -4.08 -3.60
CA SER A 98 8.64 -3.70 -4.23
C SER A 98 7.53 -3.72 -3.20
N TYR A 99 6.59 -2.81 -3.31
CA TYR A 99 5.50 -2.69 -2.37
C TYR A 99 4.61 -3.91 -2.37
N LYS A 100 3.93 -4.12 -1.26
CA LYS A 100 3.16 -5.30 -1.04
C LYS A 100 2.02 -4.99 -0.11
N SER A 101 0.85 -5.33 -0.50
CA SER A 101 -0.30 -5.15 0.31
C SER A 101 -0.79 -6.50 0.80
N VAL A 102 -0.81 -6.68 2.09
CA VAL A 102 -1.28 -7.90 2.68
C VAL A 102 -2.69 -7.65 3.17
N ILE A 103 -3.65 -8.18 2.45
CA ILE A 103 -5.03 -7.99 2.79
C ILE A 103 -5.48 -9.19 3.62
N SER A 104 -5.74 -8.94 4.86
CA SER A 104 -6.10 -9.96 5.79
C SER A 104 -7.57 -9.84 6.17
N PHE A 105 -8.34 -10.80 5.73
CA PHE A 105 -9.73 -10.89 6.08
C PHE A 105 -9.85 -11.65 7.38
N VAL A 106 -10.40 -11.00 8.37
CA VAL A 106 -10.53 -11.55 9.70
C VAL A 106 -12.01 -11.68 10.08
N CYS A 107 -12.35 -12.79 10.70
CA CYS A 107 -13.71 -13.10 11.13
C CYS A 107 -14.18 -12.18 12.26
N ARG A 108 -15.14 -11.31 11.98
CA ARG A 108 -15.79 -10.57 13.02
C ARG A 108 -17.31 -10.51 12.74
N PRO A 109 -18.15 -11.28 13.46
CA PRO A 109 -19.63 -11.28 13.27
C PRO A 109 -20.30 -9.92 13.60
N GLU A 110 -19.55 -9.04 14.20
CA GLU A 110 -19.99 -7.72 14.65
C GLU A 110 -19.86 -6.69 13.54
N ALA A 111 -20.25 -7.11 12.33
CA ALA A 111 -20.20 -6.33 11.11
C ALA A 111 -20.52 -4.84 11.33
N GLY A 112 -19.57 -4.00 11.02
CA GLY A 112 -19.71 -2.60 11.27
C GLY A 112 -18.51 -1.87 10.80
N PRO A 113 -18.03 -0.89 11.57
CA PRO A 113 -16.89 -0.02 11.18
C PRO A 113 -15.52 -0.73 11.07
N THR A 114 -15.48 -2.01 11.25
CA THR A 114 -14.26 -2.77 11.09
C THR A 114 -14.31 -3.55 9.80
N ASN A 115 -15.45 -3.49 9.15
CA ASN A 115 -15.69 -4.20 7.87
C ASN A 115 -15.35 -3.23 6.73
N ARG A 116 -14.17 -2.70 6.84
CA ARG A 116 -13.62 -1.73 5.97
C ARG A 116 -12.12 -1.95 6.00
N PRO A 117 -11.43 -1.81 4.86
CA PRO A 117 -9.98 -1.99 4.81
C PRO A 117 -9.26 -1.04 5.79
N MET A 118 -8.76 -1.60 6.86
CA MET A 118 -8.13 -0.84 7.90
C MET A 118 -6.61 -0.93 7.75
N LEU A 119 -5.94 0.18 7.74
CA LEU A 119 -4.51 0.23 7.56
C LEU A 119 -3.88 0.07 8.94
N ILE A 120 -3.20 -1.05 9.16
CA ILE A 120 -2.56 -1.34 10.45
C ILE A 120 -1.36 -0.43 10.59
N SER A 121 -0.50 -0.52 9.60
CA SER A 121 0.70 0.23 9.52
C SER A 121 1.37 -0.17 8.22
N LEU A 122 2.41 0.50 7.90
CA LEU A 122 3.15 0.22 6.73
C LEU A 122 4.54 -0.07 7.25
N ASP A 123 4.97 -1.31 7.15
CA ASP A 123 6.32 -1.69 7.55
C ASP A 123 7.28 -1.09 6.54
N LYS A 124 7.68 0.14 6.82
CA LYS A 124 8.59 0.92 5.97
C LYS A 124 9.92 0.20 5.69
N GLN A 125 10.27 -0.76 6.53
CA GLN A 125 11.53 -1.48 6.39
C GLN A 125 11.46 -2.38 5.17
N THR A 126 10.36 -3.09 5.05
CA THR A 126 10.18 -4.04 3.95
C THR A 126 9.28 -3.48 2.82
N CYS A 127 8.69 -2.28 3.04
CA CYS A 127 7.74 -1.63 2.11
C CYS A 127 6.44 -2.46 2.03
N THR A 128 6.08 -3.03 3.16
CA THR A 128 4.92 -3.90 3.29
C THR A 128 3.75 -3.13 3.91
N LEU A 129 2.61 -3.18 3.28
CA LEU A 129 1.42 -2.48 3.76
C LEU A 129 0.44 -3.50 4.31
N PHE A 130 0.08 -3.34 5.56
CA PHE A 130 -0.84 -4.26 6.19
C PHE A 130 -2.25 -3.70 6.26
N PHE A 131 -3.20 -4.50 5.82
CA PHE A 131 -4.60 -4.10 5.80
C PHE A 131 -5.44 -5.16 6.51
N SER A 132 -6.27 -4.72 7.39
CA SER A 132 -7.17 -5.59 8.13
C SER A 132 -8.56 -5.38 7.59
N TRP A 133 -9.43 -6.35 7.75
CA TRP A 133 -10.77 -6.25 7.30
C TRP A 133 -11.56 -7.22 8.16
N HIS A 134 -12.36 -6.71 9.05
CA HIS A 134 -13.08 -7.56 9.97
C HIS A 134 -14.52 -7.72 9.51
N THR A 135 -14.80 -8.85 8.93
CA THR A 135 -16.07 -9.12 8.31
C THR A 135 -16.59 -10.50 8.76
N PRO A 136 -17.94 -10.72 8.84
CA PRO A 136 -18.50 -12.01 9.19
C PRO A 136 -18.53 -12.97 7.99
N LEU A 137 -18.04 -12.50 6.83
CA LEU A 137 -17.91 -13.36 5.65
C LEU A 137 -16.85 -14.43 5.91
N ALA A 138 -15.91 -14.07 6.75
CA ALA A 138 -14.81 -14.93 7.10
C ALA A 138 -15.16 -15.79 8.31
N CYS A 139 -16.42 -15.87 8.60
CA CYS A 139 -16.94 -16.66 9.66
C CYS A 139 -17.88 -17.68 9.04
N GLU A 140 -17.94 -18.87 9.60
CA GLU A 140 -18.85 -19.85 9.07
C GLU A 140 -19.98 -20.12 10.09
N PRO A 141 -21.22 -19.79 9.74
CA PRO A 141 -22.35 -19.99 10.64
C PRO A 141 -22.84 -21.45 10.64
N GLU A 142 -22.34 -22.21 11.62
CA GLU A 142 -22.67 -23.62 11.89
C GLU A 142 -21.52 -24.14 12.75
N ALA B 1 10.43 -2.51 -20.00
CA ALA B 1 10.85 -1.12 -20.12
C ALA B 1 11.06 -0.56 -18.74
N TYR B 2 12.15 -0.95 -18.14
CA TYR B 2 12.47 -0.57 -16.80
C TYR B 2 13.71 0.25 -16.81
N ARG B 3 13.68 1.35 -16.15
CA ARG B 3 14.82 2.21 -16.06
C ARG B 3 15.43 2.06 -14.69
N PRO B 4 16.76 2.14 -14.57
CA PRO B 4 17.45 2.03 -13.29
C PRO B 4 17.30 3.30 -12.47
N SER B 5 16.09 3.70 -12.34
CA SER B 5 15.69 4.87 -11.64
C SER B 5 14.55 4.49 -10.72
N GLU B 6 14.88 3.78 -9.67
CA GLU B 6 13.90 3.45 -8.63
C GLU B 6 13.54 4.72 -7.92
N THR B 7 14.51 5.54 -7.80
CA THR B 7 14.37 6.82 -7.20
C THR B 7 13.97 7.84 -8.28
N LEU B 8 12.69 8.17 -8.36
CA LEU B 8 12.20 9.12 -9.33
C LEU B 8 12.36 10.53 -8.81
N CYS B 9 12.30 11.48 -9.69
CA CYS B 9 12.56 12.87 -9.37
C CYS B 9 11.30 13.69 -9.63
N GLY B 10 11.24 14.89 -9.09
CA GLY B 10 10.11 15.76 -9.32
C GLY B 10 8.99 15.55 -8.32
N GLY B 11 7.79 15.37 -8.84
CA GLY B 11 6.58 15.23 -8.04
C GLY B 11 6.59 14.03 -7.11
N GLU B 12 7.37 13.03 -7.45
CA GLU B 12 7.48 11.81 -6.65
C GLU B 12 8.14 12.13 -5.33
N LEU B 13 9.12 13.02 -5.39
CA LEU B 13 9.88 13.39 -4.22
C LEU B 13 8.99 14.15 -3.26
N VAL B 14 8.29 15.15 -3.76
CA VAL B 14 7.40 15.92 -2.91
C VAL B 14 6.20 15.06 -2.44
N ASP B 15 5.76 14.13 -3.28
CA ASP B 15 4.63 13.30 -2.87
C ASP B 15 4.98 12.30 -1.77
N THR B 16 6.17 11.69 -1.83
CA THR B 16 6.59 10.77 -0.77
C THR B 16 6.75 11.53 0.56
N LEU B 17 7.31 12.75 0.47
CA LEU B 17 7.35 13.67 1.59
C LEU B 17 5.96 13.88 2.16
N GLN B 18 5.03 14.25 1.32
CA GLN B 18 3.66 14.51 1.74
C GLN B 18 2.91 13.23 2.15
N PHE B 19 3.39 12.09 1.72
CA PHE B 19 2.80 10.80 2.06
C PHE B 19 2.82 10.59 3.56
N VAL B 20 4.00 10.54 4.12
CA VAL B 20 4.11 10.29 5.55
C VAL B 20 4.15 11.58 6.35
N CYS B 21 4.62 12.65 5.73
CA CYS B 21 4.75 13.90 6.42
C CYS B 21 3.55 14.80 6.17
N GLY B 22 2.50 14.24 5.60
CA GLY B 22 1.24 14.96 5.45
C GLY B 22 0.71 15.46 6.80
N ASP B 23 0.69 14.58 7.80
CA ASP B 23 0.30 14.94 9.17
C ASP B 23 1.36 15.80 9.86
N ARG B 24 2.54 15.85 9.31
CA ARG B 24 3.66 16.49 9.98
C ARG B 24 3.93 17.90 9.46
N GLY B 25 4.21 17.95 8.21
CA GLY B 25 4.67 19.11 7.53
C GLY B 25 5.86 18.68 6.72
N PHE B 26 6.16 19.32 5.64
CA PHE B 26 7.31 18.92 4.85
C PHE B 26 8.02 20.12 4.26
N TYR B 27 9.34 20.07 4.25
CA TYR B 27 10.18 21.07 3.64
C TYR B 27 11.56 20.47 3.41
N PHE B 28 12.12 20.68 2.25
CA PHE B 28 13.41 20.12 1.91
C PHE B 28 14.13 21.00 0.91
N SER B 29 14.03 22.27 1.10
CA SER B 29 14.72 23.21 0.26
C SER B 29 15.20 24.40 1.05
N ARG B 30 16.13 24.15 1.94
CA ARG B 30 16.69 25.19 2.76
C ARG B 30 18.02 25.57 2.14
N PRO B 31 18.11 26.75 1.52
CA PRO B 31 19.33 27.19 0.86
C PRO B 31 20.48 27.50 1.82
N ALA B 32 20.10 27.81 3.09
CA ALA B 32 21.01 28.07 4.20
C ALA B 32 21.87 29.30 3.97
N SER B 33 21.43 30.12 3.04
CA SER B 33 22.06 31.32 2.62
C SER B 33 21.28 31.74 1.44
N ARG B 34 21.30 32.99 1.15
CA ARG B 34 20.53 33.50 0.05
C ARG B 34 21.34 33.33 -1.24
N VAL B 35 22.53 32.74 -1.08
CA VAL B 35 23.36 32.38 -2.21
C VAL B 35 22.95 30.99 -2.69
N SER B 36 22.12 30.35 -1.87
CA SER B 36 21.55 29.04 -2.14
C SER B 36 22.64 28.01 -2.18
N ARG B 37 23.57 28.15 -1.21
CA ARG B 37 24.66 27.18 -0.96
C ARG B 37 24.12 25.78 -1.03
N ARG B 38 23.10 25.53 -0.25
CA ARG B 38 22.37 24.32 -0.34
C ARG B 38 21.35 24.49 -1.42
N SER B 39 21.60 23.95 -2.56
CA SER B 39 20.67 24.03 -3.62
C SER B 39 19.61 22.95 -3.44
N ARG B 40 18.71 23.22 -2.49
CA ARG B 40 17.64 22.34 -2.05
C ARG B 40 18.22 21.06 -1.38
N GLY B 41 17.40 20.26 -0.74
CA GLY B 41 17.89 19.10 -0.10
C GLY B 41 17.11 17.91 -0.52
N ILE B 42 17.77 16.75 -0.50
CA ILE B 42 17.26 15.40 -0.85
C ILE B 42 16.75 15.25 -2.30
N VAL B 43 16.15 16.29 -2.86
CA VAL B 43 15.60 16.27 -4.18
C VAL B 43 16.60 15.87 -5.25
N GLU B 44 17.79 16.39 -5.19
CA GLU B 44 18.76 16.18 -6.23
C GLU B 44 19.65 15.01 -5.82
N GLU B 45 19.83 14.88 -4.51
CA GLU B 45 20.59 13.81 -3.89
C GLU B 45 19.84 12.45 -4.09
N CYS B 46 18.60 12.52 -4.50
CA CYS B 46 17.83 11.35 -4.84
C CYS B 46 17.42 11.40 -6.32
N CYS B 47 17.55 12.55 -6.94
CA CYS B 47 17.16 12.75 -8.34
C CYS B 47 18.10 12.00 -9.24
N PHE B 48 19.39 12.11 -8.98
CA PHE B 48 20.39 11.46 -9.80
C PHE B 48 21.21 10.47 -8.99
N ARG B 49 20.63 9.99 -7.90
CA ARG B 49 21.31 9.02 -7.04
C ARG B 49 20.28 8.08 -6.48
N SER B 50 20.73 6.97 -5.99
CA SER B 50 19.89 6.03 -5.31
C SER B 50 19.83 6.49 -3.85
N CYS B 51 18.68 6.99 -3.43
CA CYS B 51 18.53 7.51 -2.10
C CYS B 51 17.82 6.47 -1.27
N ASP B 52 18.19 6.39 -0.02
CA ASP B 52 17.55 5.47 0.90
C ASP B 52 16.43 6.19 1.62
N LEU B 53 15.36 5.45 1.89
CA LEU B 53 14.13 5.92 2.57
C LEU B 53 14.44 6.48 3.95
N ALA B 54 15.49 5.98 4.54
CA ALA B 54 15.96 6.41 5.84
C ALA B 54 16.24 7.89 5.86
N LEU B 55 16.82 8.39 4.75
CA LEU B 55 17.17 9.78 4.57
C LEU B 55 15.97 10.70 4.76
N LEU B 56 14.91 10.44 4.02
CA LEU B 56 13.76 11.29 4.08
C LEU B 56 12.98 11.07 5.36
N GLU B 57 13.06 9.88 5.92
CA GLU B 57 12.40 9.59 7.17
C GLU B 57 12.98 10.44 8.30
N THR B 58 14.30 10.46 8.43
CA THR B 58 14.93 11.24 9.50
C THR B 58 15.02 12.74 9.11
N TYR B 59 14.69 13.06 7.86
CA TYR B 59 14.67 14.41 7.42
C TYR B 59 13.26 14.94 7.69
N CYS B 60 12.33 14.58 6.80
CA CYS B 60 10.92 14.99 6.83
C CYS B 60 10.70 16.51 7.06
N ALA B 61 10.79 16.91 8.30
CA ALA B 61 10.63 18.27 8.73
C ALA B 61 11.24 18.33 10.10
N THR B 62 10.88 17.34 10.86
CA THR B 62 11.36 17.09 12.16
C THR B 62 11.71 15.59 12.20
N PRO B 63 12.87 15.27 12.78
CA PRO B 63 13.43 13.93 12.72
C PRO B 63 12.71 12.83 13.49
N ALA B 64 12.09 13.17 14.57
CA ALA B 64 11.41 12.15 15.36
C ALA B 64 10.22 12.73 16.11
N LYS B 65 9.16 13.00 15.40
CA LYS B 65 7.96 13.46 16.03
C LYS B 65 6.98 12.34 16.22
N SER B 66 7.30 11.20 15.64
CA SER B 66 6.51 9.99 15.82
C SER B 66 6.46 9.64 17.32
N GLU B 67 7.63 9.72 17.93
CA GLU B 67 7.82 9.51 19.33
C GLU B 67 9.21 10.02 19.68
N MET A 1 -0.85 -24.70 0.21
CA MET A 1 -1.10 -23.48 -0.54
C MET A 1 -1.33 -23.85 -1.99
N LYS A 2 -2.51 -23.52 -2.51
CA LYS A 2 -2.90 -23.72 -3.92
C LYS A 2 -3.26 -25.15 -4.28
N SER A 3 -2.67 -26.05 -3.59
CA SER A 3 -2.84 -27.46 -3.83
C SER A 3 -3.86 -28.06 -2.85
N ASN A 4 -4.43 -27.22 -2.03
CA ASN A 4 -5.40 -27.64 -1.04
C ASN A 4 -6.80 -27.53 -1.57
N GLU A 5 -7.20 -26.36 -2.05
CA GLU A 5 -8.50 -26.20 -2.64
C GLU A 5 -8.35 -26.06 -4.14
N HIS A 6 -7.62 -25.05 -4.47
CA HIS A 6 -7.37 -24.50 -5.81
C HIS A 6 -6.90 -23.07 -5.54
N ASP A 7 -7.42 -22.56 -4.42
CA ASP A 7 -7.09 -21.31 -3.77
C ASP A 7 -7.28 -20.13 -4.69
N ASP A 8 -8.35 -20.17 -5.43
CA ASP A 8 -8.63 -19.15 -6.44
C ASP A 8 -9.69 -18.19 -5.89
N CYS A 9 -9.29 -17.38 -4.91
CA CYS A 9 -10.18 -16.43 -4.21
C CYS A 9 -11.33 -17.12 -3.47
N GLN A 10 -11.13 -18.39 -3.21
CA GLN A 10 -12.07 -19.18 -2.46
C GLN A 10 -11.32 -20.34 -1.83
N VAL A 11 -11.54 -20.54 -0.56
CA VAL A 11 -10.88 -21.57 0.21
C VAL A 11 -11.84 -22.13 1.24
N THR A 12 -11.73 -23.41 1.50
CA THR A 12 -12.58 -24.06 2.45
C THR A 12 -11.77 -24.53 3.64
N ASN A 13 -12.33 -24.43 4.82
CA ASN A 13 -11.71 -25.02 5.97
C ASN A 13 -12.19 -26.46 6.06
N PRO A 14 -11.27 -27.43 5.88
CA PRO A 14 -11.63 -28.86 5.84
C PRO A 14 -12.08 -29.42 7.20
N SER A 15 -11.95 -28.63 8.22
CA SER A 15 -12.37 -29.05 9.53
C SER A 15 -13.90 -28.90 9.68
N THR A 16 -14.44 -27.79 9.26
CA THR A 16 -15.86 -27.55 9.45
C THR A 16 -16.64 -27.57 8.11
N GLY A 17 -15.91 -27.46 7.00
CA GLY A 17 -16.54 -27.54 5.68
C GLY A 17 -17.11 -26.21 5.23
N HIS A 18 -16.56 -25.12 5.73
CA HIS A 18 -17.05 -23.81 5.36
C HIS A 18 -16.27 -23.26 4.19
N LEU A 19 -16.98 -22.90 3.16
CA LEU A 19 -16.43 -22.40 1.92
C LEU A 19 -16.41 -20.86 1.96
N PHE A 20 -15.25 -20.27 1.92
CA PHE A 20 -15.17 -18.83 1.79
C PHE A 20 -15.07 -18.44 0.34
N ASP A 21 -15.89 -17.50 -0.06
CA ASP A 21 -15.82 -16.95 -1.39
C ASP A 21 -15.55 -15.47 -1.29
N LEU A 22 -14.46 -15.04 -1.87
CA LEU A 22 -14.05 -13.68 -1.78
C LEU A 22 -14.42 -12.92 -3.06
N SER A 23 -15.14 -13.59 -3.93
CA SER A 23 -15.54 -13.01 -5.21
C SER A 23 -16.65 -11.97 -5.00
N SER A 24 -17.37 -12.11 -3.91
CA SER A 24 -18.44 -11.20 -3.55
C SER A 24 -17.86 -9.80 -3.21
N LEU A 25 -16.63 -9.78 -2.71
CA LEU A 25 -15.95 -8.53 -2.38
C LEU A 25 -15.14 -8.02 -3.56
N SER A 26 -15.23 -8.70 -4.67
CA SER A 26 -14.51 -8.31 -5.84
C SER A 26 -15.28 -7.18 -6.55
N GLY A 27 -14.69 -6.69 -7.59
CA GLY A 27 -15.25 -5.59 -8.32
C GLY A 27 -14.17 -4.77 -8.95
N ARG A 28 -14.52 -4.11 -10.02
CA ARG A 28 -13.59 -3.29 -10.78
C ARG A 28 -13.35 -1.96 -10.08
N ALA A 29 -14.38 -1.46 -9.41
CA ALA A 29 -14.28 -0.19 -8.72
C ALA A 29 -13.52 -0.34 -7.42
N GLY A 30 -13.63 -1.51 -6.84
CA GLY A 30 -12.91 -1.79 -5.64
C GLY A 30 -13.52 -1.11 -4.44
N PHE A 31 -12.68 -0.63 -3.57
CA PHE A 31 -13.08 0.07 -2.36
C PHE A 31 -12.04 1.14 -2.08
N THR A 32 -12.49 2.25 -1.56
CA THR A 32 -11.59 3.34 -1.24
C THR A 32 -11.39 3.43 0.27
N ALA A 33 -10.16 3.55 0.67
CA ALA A 33 -9.81 3.67 2.06
C ALA A 33 -8.94 4.90 2.23
N ALA A 34 -9.16 5.62 3.29
CA ALA A 34 -8.41 6.82 3.58
C ALA A 34 -7.09 6.49 4.25
N TYR A 35 -6.07 7.23 3.90
CA TYR A 35 -4.77 7.08 4.48
C TYR A 35 -4.28 8.46 4.95
N SER A 36 -3.40 9.10 4.18
CA SER A 36 -2.91 10.42 4.52
C SER A 36 -3.99 11.48 4.21
N LYS A 37 -3.71 12.73 4.50
CA LYS A 37 -4.67 13.84 4.41
C LYS A 37 -5.37 13.92 3.03
N SER A 38 -4.62 13.78 1.96
CA SER A 38 -5.19 13.84 0.63
C SER A 38 -4.84 12.53 -0.07
N GLY A 39 -4.76 11.48 0.71
CA GLY A 39 -4.31 10.23 0.19
C GLY A 39 -5.27 9.10 0.46
N VAL A 40 -5.88 8.61 -0.57
CA VAL A 40 -6.76 7.47 -0.49
C VAL A 40 -6.09 6.30 -1.17
N VAL A 41 -6.48 5.12 -0.83
CA VAL A 41 -5.94 3.95 -1.47
C VAL A 41 -7.06 3.24 -2.25
N TYR A 42 -6.76 2.90 -3.48
CA TYR A 42 -7.67 2.21 -4.35
C TYR A 42 -7.28 0.77 -4.38
N MET A 43 -8.16 -0.06 -3.93
CA MET A 43 -7.91 -1.47 -3.94
C MET A 43 -9.04 -2.20 -4.57
N SER A 44 -8.70 -3.16 -5.33
CA SER A 44 -9.63 -4.01 -5.96
C SER A 44 -9.41 -5.43 -5.45
N ILE A 45 -10.42 -6.00 -4.86
CA ILE A 45 -10.29 -7.31 -4.28
C ILE A 45 -10.34 -8.37 -5.38
N CYS A 46 -9.27 -9.15 -5.47
CA CYS A 46 -9.19 -10.31 -6.38
C CYS A 46 -9.18 -9.82 -7.82
N GLY A 47 -8.48 -8.73 -8.05
CA GLY A 47 -8.42 -8.17 -9.34
C GLY A 47 -7.63 -6.91 -9.36
N GLU A 48 -7.69 -6.20 -10.45
CA GLU A 48 -6.92 -5.01 -10.63
C GLU A 48 -7.81 -3.78 -10.71
N ASN A 49 -7.24 -2.67 -10.31
CA ASN A 49 -7.94 -1.42 -10.23
C ASN A 49 -7.60 -0.58 -11.45
N GLU A 50 -8.54 0.21 -11.92
CA GLU A 50 -8.42 0.90 -13.19
C GLU A 50 -7.83 2.31 -13.03
N ASN A 51 -7.42 2.68 -11.83
CA ASN A 51 -6.86 4.02 -11.60
C ASN A 51 -5.36 4.02 -11.71
N CYS A 52 -4.78 2.87 -11.82
CA CYS A 52 -3.36 2.75 -11.89
C CYS A 52 -2.97 1.76 -12.97
N PRO A 53 -1.68 1.71 -13.39
CA PRO A 53 -1.14 0.76 -14.37
C PRO A 53 -1.75 -0.66 -14.27
N PRO A 54 -2.43 -1.12 -15.35
CA PRO A 54 -3.09 -2.43 -15.45
C PRO A 54 -2.21 -3.56 -14.89
N GLY A 55 -2.79 -4.36 -14.04
CA GLY A 55 -2.05 -5.43 -13.41
C GLY A 55 -1.86 -5.20 -11.92
N VAL A 56 -2.25 -4.04 -11.43
CA VAL A 56 -2.07 -3.73 -10.03
C VAL A 56 -3.39 -3.80 -9.25
N GLY A 57 -3.34 -4.40 -8.08
CA GLY A 57 -4.52 -4.57 -7.25
C GLY A 57 -4.64 -3.53 -6.16
N ALA A 58 -3.51 -3.09 -5.64
CA ALA A 58 -3.48 -2.08 -4.61
C ALA A 58 -2.66 -0.90 -5.08
N CYS A 59 -3.22 0.28 -5.02
CA CYS A 59 -2.53 1.47 -5.46
C CYS A 59 -3.12 2.67 -4.72
N PHE A 60 -2.32 3.68 -4.45
CA PHE A 60 -2.87 4.87 -3.81
C PHE A 60 -3.30 5.87 -4.88
N GLY A 61 -4.18 6.78 -4.53
CA GLY A 61 -4.75 7.69 -5.49
C GLY A 61 -3.78 8.62 -6.17
N GLN A 62 -3.34 9.63 -5.46
CA GLN A 62 -2.51 10.67 -6.03
C GLN A 62 -1.13 10.17 -6.44
N THR A 63 -0.60 9.25 -5.68
CA THR A 63 0.72 8.73 -5.91
C THR A 63 0.82 7.93 -7.21
N ARG A 64 -0.28 7.20 -7.53
CA ARG A 64 -0.38 6.26 -8.67
C ARG A 64 0.59 5.09 -8.48
N ILE A 65 1.19 4.98 -7.29
CA ILE A 65 2.19 3.99 -6.99
C ILE A 65 1.56 2.61 -6.80
N SER A 66 2.09 1.66 -7.53
CA SER A 66 1.67 0.29 -7.45
C SER A 66 2.22 -0.32 -6.16
N VAL A 67 1.35 -0.76 -5.28
CA VAL A 67 1.81 -1.32 -4.04
C VAL A 67 1.47 -2.81 -3.93
N GLY A 68 1.21 -3.42 -5.06
CA GLY A 68 0.94 -4.83 -5.08
C GLY A 68 0.24 -5.26 -6.35
N LYS A 69 0.88 -6.15 -7.09
CA LYS A 69 0.31 -6.68 -8.32
C LYS A 69 -0.95 -7.48 -8.01
N ALA A 70 -1.93 -7.33 -8.87
CA ALA A 70 -3.19 -7.99 -8.73
C ALA A 70 -3.05 -9.45 -9.04
N ASN A 71 -3.79 -10.25 -8.32
CA ASN A 71 -3.77 -11.67 -8.48
C ASN A 71 -5.04 -12.21 -7.87
N LYS A 72 -5.22 -13.49 -7.93
CA LYS A 72 -6.35 -14.14 -7.33
C LYS A 72 -5.87 -15.35 -6.57
N ARG A 73 -4.83 -15.12 -5.81
CA ARG A 73 -4.14 -16.14 -5.07
C ARG A 73 -4.58 -16.04 -3.63
N LEU A 74 -5.48 -16.90 -3.24
CA LEU A 74 -6.05 -16.83 -1.89
C LEU A 74 -5.27 -17.75 -0.99
N ARG A 75 -4.98 -17.31 0.20
CA ARG A 75 -4.40 -18.16 1.19
C ARG A 75 -5.26 -18.19 2.47
N TYR A 76 -5.67 -19.37 2.90
CA TYR A 76 -6.35 -19.50 4.17
C TYR A 76 -5.34 -19.89 5.17
N VAL A 77 -5.07 -19.03 6.10
CA VAL A 77 -4.08 -19.31 7.09
C VAL A 77 -4.66 -19.07 8.47
N ASP A 78 -5.20 -20.12 9.05
CA ASP A 78 -5.75 -20.14 10.44
C ASP A 78 -6.75 -18.99 10.68
N GLN A 79 -7.89 -19.10 10.01
CA GLN A 79 -9.09 -18.19 10.02
C GLN A 79 -8.81 -16.87 9.32
N VAL A 80 -7.59 -16.69 8.97
CA VAL A 80 -7.17 -15.53 8.27
C VAL A 80 -7.22 -15.78 6.77
N LEU A 81 -8.01 -14.98 6.10
CA LEU A 81 -8.10 -15.00 4.67
C LEU A 81 -7.08 -14.00 4.18
N GLN A 82 -6.02 -14.49 3.62
CA GLN A 82 -4.93 -13.66 3.26
C GLN A 82 -4.76 -13.53 1.76
N LEU A 83 -4.64 -12.32 1.34
CA LEU A 83 -4.35 -11.94 -0.02
C LEU A 83 -3.11 -11.09 -0.01
N VAL A 84 -2.02 -11.64 -0.41
CA VAL A 84 -0.79 -10.91 -0.45
C VAL A 84 -0.57 -10.39 -1.88
N TYR A 85 -0.32 -9.12 -2.00
CA TYR A 85 -0.08 -8.50 -3.28
C TYR A 85 1.33 -8.00 -3.31
N LYS A 86 2.17 -8.72 -3.98
CA LYS A 86 3.57 -8.39 -4.08
C LYS A 86 3.88 -7.94 -5.48
N ASP A 87 5.10 -7.53 -5.70
CA ASP A 87 5.59 -7.11 -7.02
C ASP A 87 4.83 -5.91 -7.55
N GLY A 88 4.73 -4.91 -6.73
CA GLY A 88 4.17 -3.66 -7.15
C GLY A 88 5.25 -2.84 -7.85
N SER A 89 5.33 -1.60 -7.54
CA SER A 89 6.32 -0.75 -8.16
C SER A 89 7.52 -0.58 -7.22
N PRO A 90 8.71 -0.23 -7.76
CA PRO A 90 9.91 0.01 -6.97
C PRO A 90 9.67 1.00 -5.83
N CYS A 91 9.95 0.56 -4.65
CA CYS A 91 9.75 1.33 -3.44
C CYS A 91 10.89 2.34 -3.30
N PRO A 92 10.57 3.65 -3.31
CA PRO A 92 11.56 4.72 -3.14
C PRO A 92 12.23 4.67 -1.76
N SER A 93 11.49 4.20 -0.78
CA SER A 93 11.99 4.06 0.57
C SER A 93 13.18 3.07 0.61
N LYS A 94 12.99 1.92 0.00
CA LYS A 94 13.99 0.88 -0.03
C LYS A 94 14.30 0.61 -1.50
N SER A 95 15.38 1.19 -1.98
CA SER A 95 15.72 1.19 -3.36
C SER A 95 15.88 -0.22 -3.97
N GLY A 96 15.06 -0.52 -4.96
CA GLY A 96 15.15 -1.79 -5.65
C GLY A 96 14.13 -2.76 -5.15
N LEU A 97 13.47 -2.39 -4.09
CA LEU A 97 12.48 -3.22 -3.49
C LEU A 97 11.14 -2.89 -4.12
N SER A 98 10.15 -3.64 -3.84
CA SER A 98 8.86 -3.42 -4.37
C SER A 98 7.84 -3.46 -3.23
N TYR A 99 6.76 -2.72 -3.40
CA TYR A 99 5.69 -2.63 -2.42
C TYR A 99 4.91 -3.92 -2.37
N LYS A 100 4.25 -4.14 -1.26
CA LYS A 100 3.55 -5.37 -1.00
C LYS A 100 2.48 -5.14 0.02
N SER A 101 1.29 -5.50 -0.31
CA SER A 101 0.17 -5.31 0.57
C SER A 101 -0.36 -6.66 1.04
N VAL A 102 -0.57 -6.79 2.32
CA VAL A 102 -1.11 -7.99 2.89
C VAL A 102 -2.53 -7.71 3.34
N ILE A 103 -3.46 -8.26 2.64
CA ILE A 103 -4.84 -8.09 2.96
C ILE A 103 -5.28 -9.28 3.78
N SER A 104 -5.85 -9.00 4.91
CA SER A 104 -6.29 -10.04 5.81
C SER A 104 -7.76 -9.84 6.19
N PHE A 105 -8.57 -10.81 5.85
CA PHE A 105 -9.97 -10.78 6.18
C PHE A 105 -10.20 -11.55 7.46
N VAL A 106 -10.87 -10.92 8.38
CA VAL A 106 -11.14 -11.47 9.69
C VAL A 106 -12.65 -11.49 9.93
N CYS A 107 -13.13 -12.58 10.51
CA CYS A 107 -14.51 -12.76 10.91
C CYS A 107 -15.05 -11.62 11.75
N ARG A 108 -16.09 -10.96 11.24
CA ARG A 108 -16.84 -10.01 12.02
C ARG A 108 -18.33 -10.27 11.77
N PRO A 109 -18.97 -11.14 12.58
CA PRO A 109 -20.36 -11.57 12.34
C PRO A 109 -21.39 -10.46 12.53
N GLU A 110 -21.04 -9.46 13.32
CA GLU A 110 -21.95 -8.36 13.59
C GLU A 110 -21.70 -7.19 12.64
N ALA A 111 -20.66 -7.32 11.78
CA ALA A 111 -20.22 -6.24 10.90
C ALA A 111 -19.80 -5.01 11.75
N GLY A 112 -19.64 -3.87 11.15
CA GLY A 112 -19.36 -2.70 11.89
C GLY A 112 -18.26 -1.87 11.26
N PRO A 113 -17.70 -0.94 12.03
CA PRO A 113 -16.64 0.00 11.56
C PRO A 113 -15.33 -0.68 11.09
N THR A 114 -15.21 -1.96 11.29
CA THR A 114 -14.03 -2.68 10.95
C THR A 114 -14.15 -3.34 9.59
N ASN A 115 -15.29 -3.17 8.97
CA ASN A 115 -15.57 -3.72 7.63
C ASN A 115 -15.10 -2.72 6.59
N ARG A 116 -13.81 -2.50 6.58
CA ARG A 116 -13.15 -1.58 5.72
C ARG A 116 -11.66 -1.75 5.91
N PRO A 117 -10.87 -1.70 4.83
CA PRO A 117 -9.42 -1.94 4.89
C PRO A 117 -8.70 -0.89 5.73
N MET A 118 -8.40 -1.24 6.95
CA MET A 118 -7.70 -0.33 7.81
C MET A 118 -6.22 -0.63 7.83
N LEU A 119 -5.42 0.41 7.70
CA LEU A 119 -3.98 0.32 7.67
C LEU A 119 -3.48 0.05 9.09
N ILE A 120 -2.85 -1.10 9.29
CA ILE A 120 -2.29 -1.46 10.58
C ILE A 120 -0.96 -0.74 10.73
N SER A 121 -0.11 -0.97 9.76
CA SER A 121 1.20 -0.41 9.74
C SER A 121 1.79 -0.56 8.34
N LEU A 122 2.63 0.37 8.00
CA LEU A 122 3.41 0.33 6.81
C LEU A 122 4.85 0.33 7.23
N ASP A 123 5.55 -0.74 7.01
CA ASP A 123 6.95 -0.71 7.36
C ASP A 123 7.77 0.01 6.32
N LYS A 124 8.52 0.93 6.84
CA LYS A 124 9.34 1.84 6.12
C LYS A 124 10.50 1.16 5.37
N GLN A 125 10.99 0.03 5.86
CA GLN A 125 12.16 -0.61 5.23
C GLN A 125 11.79 -1.80 4.38
N THR A 126 10.79 -2.53 4.80
CA THR A 126 10.38 -3.69 4.08
C THR A 126 9.27 -3.36 3.07
N CYS A 127 8.77 -2.10 3.12
CA CYS A 127 7.75 -1.56 2.20
C CYS A 127 6.50 -2.43 2.16
N THR A 128 6.19 -3.03 3.29
CA THR A 128 5.07 -3.90 3.40
C THR A 128 3.89 -3.15 4.05
N LEU A 129 2.73 -3.26 3.44
CA LEU A 129 1.52 -2.57 3.90
C LEU A 129 0.57 -3.61 4.44
N PHE A 130 0.15 -3.45 5.67
CA PHE A 130 -0.77 -4.41 6.28
C PHE A 130 -2.16 -3.82 6.39
N PHE A 131 -3.15 -4.56 5.93
CA PHE A 131 -4.53 -4.12 5.94
C PHE A 131 -5.41 -5.15 6.65
N SER A 132 -6.27 -4.67 7.51
CA SER A 132 -7.21 -5.52 8.20
C SER A 132 -8.60 -5.22 7.66
N TRP A 133 -9.46 -6.20 7.65
CA TRP A 133 -10.79 -6.05 7.13
C TRP A 133 -11.63 -7.06 7.86
N HIS A 134 -12.55 -6.61 8.63
CA HIS A 134 -13.37 -7.51 9.39
C HIS A 134 -14.75 -7.57 8.74
N THR A 135 -15.10 -8.73 8.25
CA THR A 135 -16.31 -8.92 7.46
C THR A 135 -17.03 -10.22 7.88
N PRO A 136 -18.39 -10.28 7.74
CA PRO A 136 -19.17 -11.46 8.08
C PRO A 136 -19.05 -12.59 7.04
N LEU A 137 -18.59 -12.27 5.82
CA LEU A 137 -18.49 -13.33 4.78
C LEU A 137 -17.18 -14.10 4.89
N ALA A 138 -16.37 -13.70 5.84
CA ALA A 138 -15.07 -14.32 6.02
C ALA A 138 -15.00 -14.90 7.40
N CYS A 139 -16.12 -15.27 7.90
CA CYS A 139 -16.20 -15.80 9.21
C CYS A 139 -16.41 -17.29 9.15
N GLU A 140 -15.78 -17.99 10.04
CA GLU A 140 -15.93 -19.39 10.17
C GLU A 140 -16.87 -19.57 11.36
N PRO A 141 -18.01 -20.28 11.13
CA PRO A 141 -19.14 -20.44 12.07
C PRO A 141 -18.80 -20.34 13.54
N GLU A 142 -19.12 -19.21 14.13
CA GLU A 142 -18.93 -18.95 15.53
C GLU A 142 -20.12 -19.46 16.31
N ALA B 1 19.69 4.67 -22.84
CA ALA B 1 18.40 4.63 -22.16
C ALA B 1 18.56 5.18 -20.77
N TYR B 2 17.93 6.28 -20.50
CA TYR B 2 18.00 6.91 -19.21
C TYR B 2 16.60 7.13 -18.71
N ARG B 3 16.37 6.77 -17.49
CA ARG B 3 15.09 6.93 -16.88
C ARG B 3 15.21 7.93 -15.74
N PRO B 4 14.19 8.76 -15.52
CA PRO B 4 14.18 9.74 -14.45
C PRO B 4 13.92 9.12 -13.07
N SER B 5 14.77 8.16 -12.76
CA SER B 5 14.91 7.49 -11.46
C SER B 5 13.67 6.75 -10.96
N GLU B 6 12.67 6.63 -11.83
CA GLU B 6 11.38 5.96 -11.55
C GLU B 6 10.62 6.70 -10.47
N THR B 7 10.94 7.94 -10.38
CA THR B 7 10.34 8.87 -9.49
C THR B 7 9.94 10.11 -10.28
N LEU B 8 8.65 10.41 -10.36
CA LEU B 8 8.20 11.61 -11.05
C LEU B 8 8.73 12.84 -10.29
N CYS B 9 9.64 13.61 -10.93
CA CYS B 9 10.35 14.75 -10.34
C CYS B 9 9.41 15.78 -9.64
N GLY B 10 8.14 15.79 -10.00
CA GLY B 10 7.23 16.70 -9.39
C GLY B 10 6.14 15.97 -8.66
N GLY B 11 5.32 15.25 -9.42
CA GLY B 11 4.14 14.57 -8.90
C GLY B 11 4.42 13.61 -7.77
N GLU B 12 5.32 12.67 -7.99
CA GLU B 12 5.61 11.67 -6.97
C GLU B 12 6.43 12.27 -5.86
N LEU B 13 7.28 13.22 -6.18
CA LEU B 13 8.09 13.89 -5.17
C LEU B 13 7.23 14.53 -4.11
N VAL B 14 6.39 15.42 -4.53
CA VAL B 14 5.57 16.15 -3.61
C VAL B 14 4.53 15.25 -2.92
N ASP B 15 3.99 14.28 -3.65
CA ASP B 15 2.98 13.42 -3.05
C ASP B 15 3.56 12.33 -2.12
N THR B 16 4.81 11.88 -2.32
CA THR B 16 5.41 10.93 -1.37
C THR B 16 5.62 11.65 -0.04
N LEU B 17 6.00 12.92 -0.13
CA LEU B 17 6.05 13.77 1.02
C LEU B 17 4.71 13.90 1.66
N GLN B 18 3.69 14.16 0.88
CA GLN B 18 2.33 14.30 1.40
C GLN B 18 1.88 12.97 2.01
N PHE B 19 2.33 11.88 1.43
CA PHE B 19 2.00 10.54 1.86
C PHE B 19 2.30 10.29 3.34
N VAL B 20 3.53 10.43 3.76
CA VAL B 20 3.79 10.17 5.16
C VAL B 20 3.85 11.45 5.98
N CYS B 21 4.07 12.57 5.33
CA CYS B 21 4.23 13.82 6.06
C CYS B 21 2.96 14.67 6.06
N GLY B 22 1.88 14.19 5.45
CA GLY B 22 0.61 14.95 5.38
C GLY B 22 0.12 15.53 6.72
N ASP B 23 0.33 14.77 7.78
CA ASP B 23 0.00 15.19 9.15
C ASP B 23 0.58 16.58 9.50
N ARG B 24 1.85 16.77 9.19
CA ARG B 24 2.52 18.06 9.44
C ARG B 24 2.55 18.93 8.17
N GLY B 25 2.85 18.32 7.07
CA GLY B 25 2.93 19.00 5.82
C GLY B 25 4.24 18.70 5.16
N PHE B 26 4.36 19.02 3.90
CA PHE B 26 5.61 18.85 3.21
C PHE B 26 6.34 20.18 3.14
N TYR B 27 7.57 20.21 3.55
CA TYR B 27 8.31 21.44 3.60
C TYR B 27 9.67 21.27 2.98
N PHE B 28 9.68 21.16 1.66
CA PHE B 28 10.91 20.97 0.91
C PHE B 28 11.29 22.29 0.23
N SER B 29 10.42 23.27 0.38
CA SER B 29 10.58 24.55 -0.27
C SER B 29 11.09 25.56 0.74
N ARG B 30 12.16 25.19 1.40
CA ARG B 30 12.77 26.03 2.39
C ARG B 30 14.02 26.67 1.78
N PRO B 31 13.99 28.01 1.62
CA PRO B 31 15.09 28.76 0.99
C PRO B 31 16.41 28.66 1.78
N ALA B 32 16.28 28.40 3.11
CA ALA B 32 17.38 28.15 4.05
C ALA B 32 18.34 29.31 4.15
N SER B 33 17.87 30.44 3.70
CA SER B 33 18.56 31.65 3.63
C SER B 33 17.62 32.57 2.92
N ARG B 34 17.81 33.80 3.12
CA ARG B 34 16.94 34.80 2.52
C ARG B 34 17.48 35.14 1.14
N VAL B 35 18.59 34.51 0.80
CA VAL B 35 19.24 34.67 -0.47
C VAL B 35 18.63 33.67 -1.49
N SER B 36 17.73 32.81 -0.97
CA SER B 36 17.06 31.78 -1.75
C SER B 36 18.10 30.76 -2.28
N ARG B 37 19.18 30.62 -1.49
CA ARG B 37 20.29 29.76 -1.80
C ARG B 37 19.83 28.33 -2.01
N ARG B 38 19.06 27.82 -1.09
CA ARG B 38 18.49 26.53 -1.25
C ARG B 38 17.20 26.71 -2.05
N SER B 39 17.24 26.38 -3.31
CA SER B 39 16.11 26.54 -4.18
C SER B 39 15.40 25.20 -4.29
N ARG B 40 14.73 24.86 -3.20
CA ARG B 40 14.06 23.61 -2.96
C ARG B 40 15.03 22.41 -2.94
N GLY B 41 14.93 21.59 -1.92
CA GLY B 41 15.78 20.43 -1.84
C GLY B 41 15.05 19.23 -2.37
N ILE B 42 15.78 18.12 -2.53
CA ILE B 42 15.29 16.78 -3.01
C ILE B 42 14.67 16.73 -4.42
N VAL B 43 14.06 17.82 -4.86
CA VAL B 43 13.44 17.95 -6.17
C VAL B 43 14.33 17.49 -7.34
N GLU B 44 15.56 17.91 -7.34
CA GLU B 44 16.41 17.67 -8.44
C GLU B 44 17.25 16.43 -8.15
N GLU B 45 17.52 16.24 -6.87
CA GLU B 45 18.27 15.09 -6.37
C GLU B 45 17.51 13.80 -6.62
N CYS B 46 16.20 13.81 -6.38
CA CYS B 46 15.39 12.62 -6.57
C CYS B 46 14.86 12.55 -8.01
N CYS B 47 15.15 13.57 -8.80
CA CYS B 47 14.78 13.52 -10.19
C CYS B 47 15.85 12.75 -10.99
N PHE B 48 17.11 13.13 -10.80
CA PHE B 48 18.21 12.52 -11.54
C PHE B 48 18.77 11.28 -10.85
N ARG B 49 18.51 11.15 -9.56
CA ARG B 49 18.95 9.99 -8.80
C ARG B 49 17.76 9.49 -8.03
N SER B 50 17.69 8.24 -7.77
CA SER B 50 16.58 7.70 -7.01
C SER B 50 16.87 8.00 -5.54
N CYS B 51 15.94 8.60 -4.87
CA CYS B 51 16.13 9.06 -3.54
C CYS B 51 15.73 7.98 -2.58
N ASP B 52 16.51 7.81 -1.54
CA ASP B 52 16.19 6.83 -0.54
C ASP B 52 15.24 7.42 0.48
N LEU B 53 14.62 6.56 1.28
CA LEU B 53 13.72 7.01 2.34
C LEU B 53 14.36 8.03 3.25
N ALA B 54 15.59 7.74 3.64
CA ALA B 54 16.32 8.49 4.65
C ALA B 54 16.43 9.97 4.33
N LEU B 55 16.50 10.29 3.06
CA LEU B 55 16.58 11.66 2.63
C LEU B 55 15.27 12.38 2.88
N LEU B 56 14.21 11.85 2.30
CA LEU B 56 12.91 12.51 2.36
C LEU B 56 12.31 12.41 3.75
N GLU B 57 12.72 11.39 4.51
CA GLU B 57 12.25 11.19 5.87
C GLU B 57 12.74 12.34 6.76
N THR B 58 14.04 12.58 6.80
CA THR B 58 14.54 13.63 7.67
C THR B 58 14.35 15.04 7.06
N TYR B 59 14.30 15.15 5.73
CA TYR B 59 14.08 16.45 5.10
C TYR B 59 12.62 16.82 5.34
N CYS B 60 11.72 15.94 4.90
CA CYS B 60 10.25 16.00 5.12
C CYS B 60 9.63 17.38 5.42
N ALA B 61 9.69 17.78 6.66
CA ALA B 61 8.99 18.94 7.10
C ALA B 61 9.78 19.70 8.14
N THR B 62 9.14 20.63 8.76
CA THR B 62 9.67 21.39 9.81
C THR B 62 8.49 21.64 10.73
N PRO B 63 8.72 21.76 12.04
CA PRO B 63 7.67 21.71 13.06
C PRO B 63 6.46 22.64 12.85
N ALA B 64 6.73 23.77 12.22
CA ALA B 64 5.76 24.77 11.77
C ALA B 64 4.92 25.31 12.90
N LYS B 65 5.56 25.40 14.08
CA LYS B 65 4.94 25.79 15.34
C LYS B 65 3.83 24.81 15.79
N SER B 66 3.85 24.41 17.02
CA SER B 66 2.82 23.58 17.55
C SER B 66 1.71 24.48 18.11
N GLU B 67 0.49 24.01 18.10
CA GLU B 67 -0.61 24.80 18.57
C GLU B 67 -0.69 24.66 20.06
#